data_6XZR
#
_entry.id   6XZR
#
_cell.length_a   1.00
_cell.length_b   1.00
_cell.length_c   1.00
_cell.angle_alpha   90.00
_cell.angle_beta   90.00
_cell.angle_gamma   90.00
#
_symmetry.space_group_name_H-M   'P 1'
#
loop_
_entity.id
_entity.type
_entity.pdbx_description
1 polymer "RNA (5'-R(*AP*GP*UP*AP*GP*AP*AP*AP*CP*AP*AP*GP*GP*GP*CP*CP*CP*UP*G)-3')"
2 polymer 'Polymerase acidic protein'
3 polymer 'RNA-directed RNA polymerase catalytic subunit'
4 polymer 'Polymerase basic protein 2'
5 polymer 'LRRcap domain-containing protein'
#
loop_
_entity_poly.entity_id
_entity_poly.type
_entity_poly.pdbx_seq_one_letter_code
_entity_poly.pdbx_strand_id
1 'polyribonucleotide' AGUAGAAACAAGGGUAUUUUUCUUUACUAGUCUACCCUGCUUUUGCU IN1
2 'polypeptide(L)'
;MSKTFAEIAEAFLEPEAVRIAKEAVEEYGDHERKIIQIGIHFQVCCMFCDEYLSTNGSDRFVLIEGRKRGTAVSLQNELC
KSYDLEPLPFLCDIFDREEKQFVEIGITRKADDSYFQSKFGKLGNSCKIFVFSYDGRLDKNCEGPMEEQKLRIFSFLATA
ADFLRKENMFNEIFLPDNEETIIEMKKGKTFLELRDESVPLPFQTYEQMKDYCEKFKGNPRELASKVSQMQSNIKLPIKH
YEQNKFRQIRLPKGPMAPYTHKFLMEEAWMFTKISDPERSRAGEILIDFFKKGNLSAIRPKDKPLQGKYPIHYKNLWNQI
KAAIADRTMVINENDHSEFLGGIGRASKKIPEISLTQDVITTEGLKQSENKLPEPRSFPRWFNAEWMWAIKDSDLTGWVP
MAEYPPADNELEDYAEHLNKTMEGVLQGTNCAREMGKCILTVGALMTECRLFPGKIKVVPIYARSKERKSMQEGLPVPSE
MDCLFGICVKSKSHLNKDDGMYTIITFEFSIREPNLEKHQKYTVFEAGHTTVRMKKGESVIGREVPLYLYCRTTALSKIK
NDWLSKARRCFITTMDTVETICLRESAKAEENLVEKTLNEKQMWIGKKNGELIAQPLREALRVQLVQQFYFCIYNDSQLE
GFCNEQKKILMALEGDKKNKSSFGFNPEGLLEKIEECLINNPMCLFMAQRLNELVIEASKRGAKFFKTD
;
AP1,DP1
3 'polypeptide(L)'
;MEINPYLMFLNNDVTSLISTTYPYTGPPPMSHGSSTKYTLETIKRTYDYSRTSVEKTSKVFNIPRRKFCNCLEDKDELVK
PTGNVDISSLLGLAEMMEKRMGEGFFKHCVMEAETEILKMHFSRLTEGRQTYDWTSERNMPAATALQLTVDAIKETEGPF
KGTTMLEYCNKMIEMLDWKEIKFKKVKTVVRREKDKRSGKEIKTKVPVMGIDSIKHDEFLIRALTINTMAKDGERGKLQR
RAIATPGMIVRPFSKIVETVAQKICEKLKESGLPVGGNEKKAKLKTTVTSLNARMNSDQFAVNITGDNSKWNECQQPEAY
LALLAYITKDSSDLMKDLCSVAPVLFCNKFVKLGQGIRLSNKRKTKEVIIKAEKMGKYKNLMREEYKNLFEPLEKYIQKD
VCFLPGGMLMGMFNMLSTVLGVSTLCYMDEELKAKGCFWTGLQSSDDFVLFAVASNWSNIHWTIRRFNAVCKLIGINMSL
EKSYGSLPELFEFTSMFFDGEFVSNLAMELPAFTTAGVNEGVDFTAAMSIIKTNMINNSLSPSTALMALRICLQEFRATY
RVHPWDSRVKGGRMKIINEFIKTIENKDGLLIADGGKLMNNISTLHIPEEVLKFEKMDEQYRNRVFNPKNPFTNFDKTID
IFRAHGPIRVEENEAVVSTHSFRTRANRTLLNTDMRAMMAEEKRYQMVCDMFKSVFESADINPPIGAMSIGEAIEEKLLE
RAKMKRDIGAIEDSEYEEIKDIIRDAKKARLESR
;
BP1,EP1
4 'polypeptide(L)'
;MSLLLTIAKEYKRLCQDAKAAQMMTVGTVSNYTTFKKWTTSRKEKNPSLRMRWAMSSKFPIIANKRMLEEAQIPKEHNNV
ALWEDTEDVSKRDHVLASASCINYWNFCGPCVNNSEVIKEVYKSRFGRLERRKEIMWKELRFTLVDRQRRRVDTQPVEQR
LRTGEIKDLQMWTLFEDEAPLASKFILDNYGLVKEMRSKFANKPLNKEVVAHMLEKQFNPESRFLPVFGAIRPERMELIH
ALGGETWIQEANTAGISNVDQRKNDIRAVCRKVCLAANASIMNAKSKLVEYIKSTSMRIGETERKLEELILETDDVSPEV
TLCKSALGGQLGKTLSFGPMLLKKISGSGVKVKDTVYIQGVRAVQFEYWSEQEEFYGEYKSATALFSRKERSLEWITIGG
GINEDRKRLLAMCMIFCRDGDYFKDAPATITMADLSTKLGREIPYQYVMMNWIQKSEDNLEALLYSRGIVETNPGKMGSS
MGIDGSKRAIKSLRAVTIQSGKIDMPESKEKIHLELSDNLEAFDSSGRIVATILDLPSDKKVTFQDVSFQHPDLAVLRDE
KTAITKGYEALIKRLGTGDNDIPSLIAKKDYLSLYNLPEVKLMAPLIRPNRKGVYSRVARKLVSTQVTTGHYSLHELIKV
LPFTYFAPKQGMFEGRLFFSNDSFVEPGVNNNVFSWSKADSSKIYCHGIAIRVPLVVGDEHMDTSLALLEGFSVCENDPR
APMVTRQDLIDVGFGQKVRLFVGQGSVRTFKRTASQRAASSDVNKNVKKIKMSNENLYFQGELKTAALAQHDEAVDNKFN
KEQQNAFYEILHLPNLNEEQRNAFIQSLKDDPSQSANLLAEAKKLNDAQAPKVDNKFNKEQQNAFYEILHLPNLNEEQRN
AFIQSLKADPSQSANLLAEAKKLNGAQAPKVDANSAGKST
;
CP1,FP1
5 'polypeptide(L)'
;HHHHHHLEVLFQGPMDMKKRIHLELRNRTPSDVKELVLDNCRSYEGKIEGLTDEFEELEFLSTINVGLASVANLPKLNKL
KKLELSDNRVSGGLEVLAEKCPNLTHLNLSGNKIKDLGTIEPLKKLENLKSLDLFNCEVTNLNDYRENVFKLLPQLTYLD
GYDRDDKEAPDSDAEGYVEGLDDEEEDEDVLSLVKDRDDKEAPDSDAEGYVEGLDDEEEDEDEEEYDDDAQVVEDEEDEE
EEEEGEEEDVSGEEEEDEEGYNDGDVDDDEDEEEPDEERGQKRKREPEDEGDEDD
;
GP1
#
# COMPACT_ATOMS: atom_id res chain seq x y z
N SER B 2 -22.40 31.77 14.51
CA SER B 2 -23.40 31.96 15.54
C SER B 2 -22.87 32.83 16.67
N LYS B 3 -23.50 32.72 17.84
CA LYS B 3 -23.13 33.42 19.06
C LYS B 3 -23.38 34.91 18.98
N THR B 4 -23.85 35.42 17.84
CA THR B 4 -24.15 36.83 17.70
C THR B 4 -24.81 37.03 16.34
N PHE B 5 -25.73 37.99 16.28
CA PHE B 5 -26.47 38.23 15.05
C PHE B 5 -25.55 38.66 13.93
N ALA B 6 -24.45 39.34 14.25
CA ALA B 6 -23.54 39.81 13.22
C ALA B 6 -22.87 38.65 12.50
N GLU B 7 -22.35 37.69 13.25
CA GLU B 7 -21.76 36.51 12.63
C GLU B 7 -22.76 35.80 11.76
N ILE B 8 -24.03 35.76 12.19
CA ILE B 8 -25.07 35.12 11.40
C ILE B 8 -25.23 35.85 10.07
N ALA B 9 -25.48 37.16 10.15
CA ALA B 9 -25.64 37.95 8.95
C ALA B 9 -24.47 37.79 8.01
N GLU B 10 -23.27 37.61 8.56
CA GLU B 10 -22.09 37.41 7.72
C GLU B 10 -22.17 36.13 6.91
N ALA B 11 -23.14 35.25 7.20
CA ALA B 11 -23.22 33.98 6.50
C ALA B 11 -23.63 34.17 5.05
N PHE B 12 -24.62 35.04 4.80
CA PHE B 12 -25.13 35.26 3.46
C PHE B 12 -25.02 36.70 3.00
N LEU B 13 -24.43 37.58 3.81
CA LEU B 13 -24.23 38.96 3.45
C LEU B 13 -22.74 39.27 3.34
N GLU B 14 -22.45 40.41 2.76
CA GLU B 14 -21.08 40.89 2.69
C GLU B 14 -20.70 41.58 3.99
N PRO B 15 -19.54 41.28 4.57
CA PRO B 15 -19.18 41.90 5.85
C PRO B 15 -19.21 43.41 5.81
N GLU B 16 -19.04 44.00 4.64
CA GLU B 16 -19.08 45.46 4.54
C GLU B 16 -20.44 46.00 4.97
N ALA B 17 -21.51 45.48 4.37
CA ALA B 17 -22.85 45.91 4.76
C ALA B 17 -23.14 45.56 6.20
N VAL B 18 -22.57 44.47 6.69
CA VAL B 18 -22.72 44.13 8.10
C VAL B 18 -22.18 45.25 8.98
N ARG B 19 -20.93 45.63 8.75
CA ARG B 19 -20.33 46.71 9.52
C ARG B 19 -21.13 48.00 9.37
N ILE B 20 -21.63 48.26 8.17
CA ILE B 20 -22.40 49.48 7.93
C ILE B 20 -23.64 49.50 8.81
N ALA B 21 -24.46 48.45 8.72
CA ALA B 21 -25.68 48.40 9.52
C ALA B 21 -25.36 48.39 11.01
N LYS B 22 -24.22 47.83 11.39
CA LYS B 22 -23.82 47.83 12.79
C LYS B 22 -23.57 49.25 13.28
N GLU B 23 -22.75 49.99 12.54
CA GLU B 23 -22.51 51.39 12.88
C GLU B 23 -23.81 52.17 12.89
N ALA B 24 -24.74 51.83 12.00
CA ALA B 24 -26.01 52.55 11.95
C ALA B 24 -26.82 52.32 13.21
N VAL B 25 -27.04 51.05 13.57
CA VAL B 25 -27.81 50.75 14.77
C VAL B 25 -27.14 51.34 15.99
N GLU B 26 -25.81 51.37 16.01
CA GLU B 26 -25.10 52.02 17.11
C GLU B 26 -25.42 53.51 17.14
N GLU B 27 -25.47 54.13 15.97
CA GLU B 27 -25.86 55.54 15.88
C GLU B 27 -27.22 55.75 16.50
N TYR B 28 -28.23 54.99 16.04
CA TYR B 28 -29.56 55.11 16.63
C TYR B 28 -29.68 54.35 17.94
N GLY B 29 -28.65 53.61 18.33
CA GLY B 29 -28.68 52.91 19.61
C GLY B 29 -29.86 51.98 19.75
N ASP B 30 -30.25 51.28 18.68
CA ASP B 30 -31.36 50.36 18.73
C ASP B 30 -30.86 48.94 18.99
N HIS B 31 -31.81 48.05 19.23
CA HIS B 31 -31.47 46.66 19.50
C HIS B 31 -30.71 46.07 18.32
N GLU B 32 -29.58 45.43 18.62
CA GLU B 32 -28.71 44.89 17.58
C GLU B 32 -29.30 43.69 16.87
N ARG B 33 -30.52 43.26 17.21
CA ARG B 33 -31.17 42.21 16.44
C ARG B 33 -31.64 42.71 15.09
N LYS B 34 -31.57 44.02 14.83
CA LYS B 34 -32.03 44.62 13.60
C LYS B 34 -30.91 44.79 12.59
N ILE B 35 -29.76 44.18 12.84
CA ILE B 35 -28.65 44.25 11.90
C ILE B 35 -29.07 43.67 10.56
N ILE B 36 -29.98 42.71 10.56
CA ILE B 36 -30.25 41.95 9.35
C ILE B 36 -31.05 42.78 8.37
N GLN B 37 -32.25 43.22 8.77
CA GLN B 37 -33.10 43.98 7.87
C GLN B 37 -32.30 45.07 7.19
N ILE B 38 -31.56 45.84 7.98
CA ILE B 38 -30.89 47.01 7.43
C ILE B 38 -29.87 46.58 6.39
N GLY B 39 -29.05 45.59 6.74
CA GLY B 39 -28.08 45.13 5.78
C GLY B 39 -28.73 44.73 4.48
N ILE B 40 -29.86 44.05 4.57
CA ILE B 40 -30.53 43.61 3.35
C ILE B 40 -30.92 44.82 2.53
N HIS B 41 -31.59 45.79 3.18
CA HIS B 41 -31.98 46.99 2.46
C HIS B 41 -30.75 47.60 1.81
N PHE B 42 -29.66 47.72 2.58
CA PHE B 42 -28.49 48.36 2.04
C PHE B 42 -27.96 47.59 0.84
N GLN B 43 -27.86 46.27 0.99
CA GLN B 43 -27.32 45.49 -0.11
C GLN B 43 -28.21 45.61 -1.33
N VAL B 44 -29.52 45.67 -1.12
CA VAL B 44 -30.42 45.85 -2.24
C VAL B 44 -30.06 47.13 -2.98
N CYS B 45 -29.94 48.23 -2.23
CA CYS B 45 -29.58 49.49 -2.85
C CYS B 45 -28.33 49.32 -3.68
N CYS B 46 -27.32 48.66 -3.12
CA CYS B 46 -26.09 48.44 -3.87
C CYS B 46 -26.39 47.72 -5.19
N MET B 47 -26.99 46.54 -5.09
CA MET B 47 -27.28 45.75 -6.28
C MET B 47 -28.29 46.43 -7.17
N PHE B 48 -28.88 47.54 -6.72
CA PHE B 48 -29.71 48.34 -7.62
C PHE B 48 -28.83 49.20 -8.51
N CYS B 49 -27.86 49.90 -7.91
CA CYS B 49 -27.04 50.84 -8.66
C CYS B 49 -26.36 50.15 -9.83
N ASP B 50 -25.73 49.00 -9.56
CA ASP B 50 -25.22 48.12 -10.59
C ASP B 50 -24.35 48.84 -11.61
N GLU B 51 -23.58 49.83 -11.14
CA GLU B 51 -22.63 50.51 -12.00
C GLU B 51 -23.27 50.94 -13.30
N TYR B 52 -24.51 51.40 -13.21
CA TYR B 52 -25.22 51.86 -14.38
C TYR B 52 -24.77 53.28 -14.72
N LEU B 53 -24.84 53.62 -16.00
CA LEU B 53 -24.32 54.88 -16.49
C LEU B 53 -25.36 55.61 -17.33
N SER B 54 -25.21 56.93 -17.39
CA SER B 54 -26.09 57.78 -18.16
C SER B 54 -25.50 58.04 -19.55
N THR B 55 -26.23 58.83 -20.34
CA THR B 55 -25.76 59.16 -21.68
C THR B 55 -24.41 59.87 -21.64
N ASN B 56 -24.13 60.62 -20.57
CA ASN B 56 -22.91 61.40 -20.46
C ASN B 56 -21.76 60.60 -19.88
N GLY B 57 -21.86 59.27 -19.89
CA GLY B 57 -20.80 58.45 -19.33
C GLY B 57 -20.59 58.62 -17.84
N SER B 58 -21.57 59.17 -17.13
CA SER B 58 -21.45 59.39 -15.70
C SER B 58 -22.38 58.45 -14.95
N ASP B 59 -22.14 58.31 -13.66
CA ASP B 59 -22.99 57.48 -12.84
C ASP B 59 -24.41 58.00 -12.84
N ARG B 60 -25.36 57.08 -12.85
CA ARG B 60 -26.77 57.44 -12.92
C ARG B 60 -27.38 57.56 -11.52
N PHE B 61 -27.07 56.61 -10.63
CA PHE B 61 -27.64 56.58 -9.30
C PHE B 61 -26.59 56.98 -8.26
N VAL B 62 -27.05 57.65 -7.20
CA VAL B 62 -26.17 58.10 -6.12
C VAL B 62 -26.77 57.67 -4.79
N LEU B 63 -26.01 56.86 -4.05
CA LEU B 63 -26.50 56.32 -2.79
C LEU B 63 -26.70 57.42 -1.74
N ILE B 64 -27.72 57.25 -0.90
CA ILE B 64 -27.94 58.14 0.25
C ILE B 64 -28.17 57.39 1.55
N GLU B 65 -28.41 56.09 1.46
CA GLU B 65 -28.83 55.31 2.62
C GLU B 65 -27.70 55.12 3.62
N GLY B 66 -26.59 54.55 3.17
CA GLY B 66 -25.49 54.24 4.06
C GLY B 66 -24.92 55.44 4.76
N ARG B 67 -25.11 56.64 4.22
CA ARG B 67 -24.54 57.83 4.82
C ARG B 67 -25.28 58.20 6.10
N LYS B 68 -24.64 59.04 6.90
CA LYS B 68 -25.25 59.58 8.10
C LYS B 68 -26.53 60.33 7.78
N ARG B 69 -27.32 60.59 8.82
CA ARG B 69 -28.60 61.26 8.61
C ARG B 69 -28.39 62.73 8.24
N GLY B 70 -27.59 63.45 9.00
CA GLY B 70 -27.35 64.85 8.70
C GLY B 70 -26.70 65.02 7.33
N THR B 71 -25.66 64.23 7.05
CA THR B 71 -25.03 64.29 5.75
C THR B 71 -25.99 63.91 4.64
N ALA B 72 -26.83 62.90 4.90
CA ALA B 72 -27.80 62.49 3.89
C ALA B 72 -28.77 63.62 3.57
N VAL B 73 -29.25 64.31 4.59
CA VAL B 73 -30.17 65.41 4.35
C VAL B 73 -29.47 66.56 3.64
N SER B 74 -28.21 66.80 3.99
CA SER B 74 -27.44 67.83 3.31
C SER B 74 -27.35 67.55 1.81
N LEU B 75 -27.00 66.31 1.46
CA LEU B 75 -26.91 65.94 0.04
C LEU B 75 -28.28 66.02 -0.63
N GLN B 76 -29.32 65.56 0.07
CA GLN B 76 -30.66 65.64 -0.50
C GLN B 76 -31.01 67.08 -0.87
N ASN B 77 -30.79 68.00 0.06
CA ASN B 77 -31.10 69.40 -0.22
C ASN B 77 -30.20 69.95 -1.31
N GLU B 78 -28.92 69.58 -1.29
CA GLU B 78 -28.01 70.00 -2.35
C GLU B 78 -28.55 69.62 -3.72
N LEU B 79 -29.05 68.39 -3.86
CA LEU B 79 -29.56 67.95 -5.15
C LEU B 79 -30.87 68.62 -5.49
N CYS B 80 -31.77 68.73 -4.51
CA CYS B 80 -33.03 69.44 -4.76
C CYS B 80 -32.76 70.87 -5.22
N LYS B 81 -31.66 71.46 -4.80
CA LYS B 81 -31.34 72.83 -5.21
C LYS B 81 -30.67 72.85 -6.58
N SER B 82 -29.59 72.11 -6.74
CA SER B 82 -28.85 72.11 -8.00
C SER B 82 -29.77 71.83 -9.17
N TYR B 83 -30.40 70.66 -9.17
CA TYR B 83 -31.31 70.28 -10.24
C TYR B 83 -32.65 71.00 -10.18
N ASP B 84 -32.84 71.89 -9.20
CA ASP B 84 -34.06 72.66 -9.07
C ASP B 84 -35.28 71.76 -8.85
N LEU B 85 -35.22 71.01 -7.74
CA LEU B 85 -36.30 70.14 -7.34
C LEU B 85 -36.85 70.58 -5.99
N GLU B 86 -38.07 70.14 -5.69
CA GLU B 86 -38.69 70.48 -4.43
C GLU B 86 -38.13 69.62 -3.31
N PRO B 87 -37.84 70.19 -2.14
CA PRO B 87 -37.32 69.38 -1.04
C PRO B 87 -38.40 68.49 -0.46
N LEU B 88 -38.03 67.25 -0.18
CA LEU B 88 -38.99 66.31 0.37
C LEU B 88 -39.06 66.45 1.89
N PRO B 89 -40.21 66.16 2.50
CA PRO B 89 -40.29 66.21 3.96
C PRO B 89 -39.42 65.16 4.62
N PHE B 90 -39.41 63.95 4.08
CA PHE B 90 -38.70 62.82 4.66
C PHE B 90 -37.46 62.50 3.85
N LEU B 91 -36.65 61.60 4.40
CA LEU B 91 -35.42 61.17 3.77
C LEU B 91 -35.70 60.00 2.83
N CYS B 92 -34.78 59.79 1.89
CA CYS B 92 -34.92 58.72 0.91
C CYS B 92 -33.68 57.84 0.92
N ASP B 93 -33.61 56.91 -0.03
CA ASP B 93 -32.54 55.93 -0.10
C ASP B 93 -31.64 56.10 -1.32
N ILE B 94 -32.22 56.44 -2.47
CA ILE B 94 -31.45 56.58 -3.70
C ILE B 94 -32.07 57.69 -4.53
N PHE B 95 -31.24 58.30 -5.38
CA PHE B 95 -31.69 59.33 -6.29
C PHE B 95 -31.09 59.07 -7.66
N ASP B 96 -31.89 59.27 -8.69
CA ASP B 96 -31.47 59.08 -10.06
C ASP B 96 -31.34 60.43 -10.75
N ARG B 97 -30.57 60.45 -11.84
CA ARG B 97 -30.29 61.67 -12.58
C ARG B 97 -30.99 61.72 -13.92
N GLU B 98 -31.10 60.59 -14.61
CA GLU B 98 -31.81 60.57 -15.89
C GLU B 98 -33.27 60.98 -15.76
N GLU B 99 -33.84 60.83 -14.56
CA GLU B 99 -35.20 61.27 -14.31
C GLU B 99 -35.29 62.38 -13.28
N LYS B 100 -34.29 62.53 -12.43
CA LYS B 100 -34.22 63.64 -11.47
C LYS B 100 -35.38 63.58 -10.48
N GLN B 101 -35.57 62.40 -9.89
CA GLN B 101 -36.55 62.22 -8.83
C GLN B 101 -36.08 61.08 -7.94
N PHE B 102 -36.13 61.32 -6.63
CA PHE B 102 -35.65 60.33 -5.68
C PHE B 102 -36.45 59.03 -5.82
N VAL B 103 -35.92 57.98 -5.22
CA VAL B 103 -36.56 56.68 -5.24
C VAL B 103 -36.41 56.04 -3.87
N GLU B 104 -37.49 55.43 -3.39
CA GLU B 104 -37.52 54.75 -2.11
C GLU B 104 -37.75 53.26 -2.32
N ILE B 105 -37.04 52.44 -1.55
CA ILE B 105 -37.14 50.99 -1.65
C ILE B 105 -37.74 50.44 -0.37
N GLY B 106 -38.63 49.46 -0.52
CA GLY B 106 -39.21 48.79 0.61
C GLY B 106 -39.16 47.29 0.44
N ILE B 107 -39.34 46.58 1.56
CA ILE B 107 -39.33 45.13 1.58
C ILE B 107 -40.28 44.65 2.66
N THR B 108 -40.88 43.50 2.42
CA THR B 108 -41.77 42.89 3.40
C THR B 108 -41.94 41.41 3.08
N ARG B 109 -42.46 40.68 4.06
CA ARG B 109 -42.71 39.26 3.93
C ARG B 109 -44.17 38.94 3.69
N LYS B 110 -45.08 39.73 4.26
CA LYS B 110 -46.50 39.46 4.12
C LYS B 110 -46.93 39.67 2.67
N ALA B 111 -47.68 38.71 2.13
CA ALA B 111 -48.15 38.77 0.76
C ALA B 111 -49.42 39.63 0.70
N ASP B 112 -49.22 40.92 0.93
CA ASP B 112 -50.32 41.87 0.93
C ASP B 112 -49.76 43.27 0.67
N ASP B 113 -50.66 44.16 0.28
CA ASP B 113 -50.31 45.53 -0.09
C ASP B 113 -50.21 46.47 1.10
N SER B 114 -50.38 45.97 2.31
CA SER B 114 -50.48 46.84 3.48
C SER B 114 -49.29 47.78 3.58
N TYR B 115 -48.09 47.24 3.40
CA TYR B 115 -46.90 48.07 3.51
C TYR B 115 -46.88 49.14 2.42
N PHE B 116 -47.28 48.75 1.21
CA PHE B 116 -47.28 49.68 0.10
C PHE B 116 -48.40 50.69 0.23
N GLN B 117 -49.51 50.30 0.86
CA GLN B 117 -50.60 51.24 1.05
C GLN B 117 -50.24 52.27 2.10
N SER B 118 -49.61 51.83 3.19
CA SER B 118 -49.17 52.77 4.21
C SER B 118 -48.14 53.73 3.63
N LYS B 119 -47.16 53.20 2.90
CA LYS B 119 -46.13 54.07 2.33
C LYS B 119 -46.72 55.05 1.33
N PHE B 120 -47.64 54.58 0.48
CA PHE B 120 -48.24 55.46 -0.51
C PHE B 120 -49.11 56.52 0.13
N GLY B 121 -49.76 56.19 1.24
CA GLY B 121 -50.50 57.20 1.97
C GLY B 121 -49.57 58.22 2.59
N LYS B 122 -48.42 57.76 3.09
CA LYS B 122 -47.49 58.66 3.75
C LYS B 122 -46.83 59.59 2.75
N LEU B 123 -46.59 59.11 1.53
CA LEU B 123 -45.86 59.88 0.53
C LEU B 123 -46.65 60.14 -0.74
N GLY B 124 -47.89 59.69 -0.83
CA GLY B 124 -48.68 59.90 -2.03
C GLY B 124 -47.98 59.45 -3.29
N ASN B 125 -47.69 60.39 -4.18
CA ASN B 125 -47.04 60.11 -5.46
C ASN B 125 -45.83 61.00 -5.67
N SER B 126 -45.20 61.45 -4.58
CA SER B 126 -44.08 62.37 -4.70
C SER B 126 -42.94 61.75 -5.49
N CYS B 127 -42.49 60.57 -5.08
CA CYS B 127 -41.34 59.92 -5.68
C CYS B 127 -41.69 58.48 -6.01
N LYS B 128 -40.71 57.75 -6.53
CA LYS B 128 -40.90 56.37 -6.97
C LYS B 128 -40.65 55.42 -5.82
N ILE B 129 -41.60 54.51 -5.60
CA ILE B 129 -41.53 53.53 -4.52
C ILE B 129 -41.62 52.14 -5.11
N PHE B 130 -40.77 51.25 -4.62
CA PHE B 130 -40.72 49.85 -5.05
C PHE B 130 -40.63 48.99 -3.82
N VAL B 131 -41.62 48.12 -3.61
CA VAL B 131 -41.59 47.17 -2.50
C VAL B 131 -41.61 45.77 -3.09
N PHE B 132 -40.60 44.99 -2.76
CA PHE B 132 -40.48 43.60 -3.18
C PHE B 132 -40.94 42.69 -2.05
N SER B 133 -41.20 41.44 -2.41
CA SER B 133 -41.58 40.42 -1.46
C SER B 133 -40.64 39.23 -1.61
N TYR B 134 -40.28 38.62 -0.49
CA TYR B 134 -39.40 37.46 -0.52
C TYR B 134 -39.98 36.31 -1.32
N ASP B 135 -41.28 36.33 -1.58
CA ASP B 135 -41.96 35.25 -2.27
C ASP B 135 -42.39 35.64 -3.68
N GLY B 136 -41.68 36.59 -4.29
CA GLY B 136 -41.94 36.96 -5.67
C GLY B 136 -43.18 37.79 -5.88
N ARG B 137 -43.20 38.99 -5.33
CA ARG B 137 -44.23 39.98 -5.60
C ARG B 137 -43.59 41.35 -5.66
N LEU B 138 -44.32 42.30 -6.26
CA LEU B 138 -43.81 43.64 -6.45
C LEU B 138 -44.97 44.62 -6.45
N ASP B 139 -44.81 45.72 -5.73
CA ASP B 139 -45.81 46.79 -5.72
C ASP B 139 -45.08 48.12 -5.87
N LYS B 140 -45.59 48.96 -6.77
CA LYS B 140 -44.92 50.20 -7.11
C LYS B 140 -45.96 51.25 -7.47
N ASN B 141 -45.46 52.44 -7.83
CA ASN B 141 -46.30 53.58 -8.18
C ASN B 141 -45.92 54.17 -9.52
N CYS B 142 -45.23 53.40 -10.36
CA CYS B 142 -44.64 53.91 -11.59
C CYS B 142 -44.25 52.71 -12.45
N GLU B 143 -43.50 52.97 -13.51
CA GLU B 143 -43.04 51.91 -14.38
C GLU B 143 -42.06 50.99 -13.66
N GLY B 144 -42.01 49.75 -14.12
CA GLY B 144 -41.16 48.75 -13.51
C GLY B 144 -39.70 49.05 -13.68
N PRO B 145 -38.87 48.56 -12.77
CA PRO B 145 -37.42 48.80 -12.90
C PRO B 145 -36.81 48.02 -14.05
N MET B 146 -35.49 48.11 -14.19
CA MET B 146 -34.79 47.33 -15.19
C MET B 146 -34.92 45.84 -14.88
N GLU B 147 -34.87 45.03 -15.94
CA GLU B 147 -35.05 43.60 -15.78
C GLU B 147 -33.97 43.00 -14.88
N GLU B 148 -32.71 43.19 -15.25
CA GLU B 148 -31.60 42.63 -14.50
C GLU B 148 -31.72 42.95 -13.01
N GLN B 149 -32.09 44.20 -12.70
CA GLN B 149 -32.29 44.58 -11.30
C GLN B 149 -33.30 43.66 -10.63
N LYS B 150 -34.45 43.46 -11.28
CA LYS B 150 -35.50 42.63 -10.70
C LYS B 150 -35.00 41.21 -10.48
N LEU B 151 -34.34 40.63 -11.48
CA LEU B 151 -33.85 39.27 -11.36
C LEU B 151 -32.90 39.13 -10.18
N ARG B 152 -31.91 40.00 -10.13
CA ARG B 152 -30.87 39.91 -9.11
C ARG B 152 -31.43 40.14 -7.72
N ILE B 153 -32.45 41.00 -7.61
CA ILE B 153 -33.06 41.28 -6.33
C ILE B 153 -33.90 40.10 -5.88
N PHE B 154 -34.75 39.57 -6.76
CA PHE B 154 -35.61 38.46 -6.35
C PHE B 154 -34.78 37.26 -5.99
N SER B 155 -33.70 37.00 -6.72
CA SER B 155 -32.84 35.87 -6.42
C SER B 155 -32.19 36.03 -5.04
N PHE B 156 -31.61 37.21 -4.79
CA PHE B 156 -31.01 37.44 -3.49
C PHE B 156 -32.02 37.26 -2.36
N LEU B 157 -33.21 37.82 -2.54
CA LEU B 157 -34.23 37.72 -1.49
C LEU B 157 -34.66 36.28 -1.27
N ALA B 158 -34.76 35.50 -2.33
CA ALA B 158 -35.14 34.10 -2.19
C ALA B 158 -34.11 33.33 -1.37
N THR B 159 -32.84 33.50 -1.71
CA THR B 159 -31.79 32.83 -0.94
C THR B 159 -31.85 33.24 0.53
N ALA B 160 -31.99 34.55 0.78
CA ALA B 160 -32.01 35.02 2.17
C ALA B 160 -33.20 34.44 2.92
N ALA B 161 -34.37 34.39 2.28
CA ALA B 161 -35.55 33.87 2.94
C ALA B 161 -35.39 32.40 3.27
N ASP B 162 -34.83 31.63 2.34
CA ASP B 162 -34.58 30.23 2.62
C ASP B 162 -33.67 30.08 3.83
N PHE B 163 -32.57 30.84 3.85
CA PHE B 163 -31.66 30.76 4.99
C PHE B 163 -32.39 31.07 6.29
N LEU B 164 -33.13 32.17 6.33
CA LEU B 164 -33.81 32.57 7.55
C LEU B 164 -34.80 31.49 8.01
N ARG B 165 -35.68 31.06 7.11
CA ARG B 165 -36.60 29.98 7.45
C ARG B 165 -35.87 28.77 7.98
N LYS B 166 -34.67 28.50 7.47
CA LYS B 166 -33.87 27.40 8.01
C LYS B 166 -33.40 27.72 9.42
N GLU B 167 -33.20 28.99 9.74
CA GLU B 167 -32.74 29.40 11.06
C GLU B 167 -33.89 29.81 11.98
N ASN B 168 -35.14 29.67 11.56
CA ASN B 168 -36.31 29.99 12.36
C ASN B 168 -36.41 31.48 12.69
N MET B 169 -35.67 32.32 11.99
CA MET B 169 -35.68 33.75 12.24
C MET B 169 -36.55 34.51 11.23
N PHE B 170 -37.29 33.79 10.39
CA PHE B 170 -38.19 34.41 9.42
C PHE B 170 -39.51 34.71 10.10
N ASN B 171 -39.46 35.67 11.02
CA ASN B 171 -40.63 36.08 11.77
C ASN B 171 -40.63 37.59 11.92
N GLU B 172 -41.68 38.11 12.52
CA GLU B 172 -41.82 39.55 12.70
C GLU B 172 -40.68 40.10 13.53
N ILE B 173 -40.14 39.28 14.43
CA ILE B 173 -39.08 39.72 15.34
C ILE B 173 -37.92 40.30 14.54
N PHE B 174 -37.34 39.49 13.67
CA PHE B 174 -36.21 39.92 12.87
C PHE B 174 -36.63 40.68 11.62
N LEU B 175 -37.83 40.46 11.12
CA LEU B 175 -38.34 41.12 9.92
C LEU B 175 -39.64 41.83 10.24
N PRO B 176 -39.62 42.79 11.15
CA PRO B 176 -40.83 43.53 11.48
C PRO B 176 -41.13 44.62 10.46
N ASP B 177 -42.37 45.07 10.51
CA ASP B 177 -42.78 46.25 9.76
C ASP B 177 -42.44 47.50 10.56
N ASN B 178 -42.87 48.66 10.09
CA ASN B 178 -42.60 49.90 10.79
C ASN B 178 -43.20 49.90 12.19
N GLU B 179 -44.43 49.42 12.32
CA GLU B 179 -45.14 49.52 13.60
C GLU B 179 -44.65 48.49 14.60
N GLU B 180 -44.64 47.21 14.20
CA GLU B 180 -44.32 46.11 15.12
C GLU B 180 -42.80 46.04 15.36
N THR B 181 -42.26 47.14 15.87
CA THR B 181 -40.84 47.27 16.16
C THR B 181 -40.56 47.32 17.65
N ILE B 182 -41.56 47.04 18.48
CA ILE B 182 -41.42 47.07 19.94
C ILE B 182 -41.89 45.71 20.45
N ILE B 183 -40.95 44.82 20.63
CA ILE B 183 -41.22 43.50 21.20
C ILE B 183 -40.97 43.57 22.70
N GLU B 184 -41.89 42.98 23.47
CA GLU B 184 -41.77 43.04 24.92
C GLU B 184 -42.58 41.91 25.52
N MET B 185 -42.08 41.39 26.63
CA MET B 185 -42.81 40.38 27.39
C MET B 185 -44.13 40.95 27.87
N LYS B 186 -45.22 40.23 27.58
CA LYS B 186 -46.56 40.69 27.94
C LYS B 186 -46.76 40.49 29.43
N LYS B 187 -46.20 41.43 30.20
CA LYS B 187 -46.34 41.39 31.65
C LYS B 187 -47.80 41.61 32.03
N GLY B 188 -48.41 40.59 32.62
CA GLY B 188 -49.81 40.65 33.01
C GLY B 188 -50.00 41.33 34.33
N LYS B 189 -51.05 40.92 35.04
CA LYS B 189 -51.40 41.49 36.34
C LYS B 189 -50.96 40.58 37.48
N THR B 190 -51.29 39.29 37.39
CA THR B 190 -51.00 38.37 38.48
C THR B 190 -49.50 38.22 38.67
N PHE B 191 -48.77 38.05 37.57
CA PHE B 191 -47.32 37.90 37.64
C PHE B 191 -46.68 39.09 38.36
N LEU B 192 -47.12 40.30 38.07
CA LEU B 192 -46.60 41.47 38.76
C LEU B 192 -46.98 41.45 40.22
N GLU B 193 -48.23 41.10 40.53
CA GLU B 193 -48.65 41.02 41.91
C GLU B 193 -47.75 40.10 42.71
N LEU B 194 -47.30 39.00 42.09
CA LEU B 194 -46.41 38.09 42.80
C LEU B 194 -45.00 38.65 42.89
N ARG B 195 -44.48 39.14 41.77
CA ARG B 195 -43.12 39.64 41.75
C ARG B 195 -42.91 40.73 42.79
N ASP B 196 -43.89 41.61 42.96
CA ASP B 196 -43.82 42.62 44.01
C ASP B 196 -44.04 42.04 45.39
N GLU B 197 -44.30 40.74 45.49
CA GLU B 197 -44.56 40.04 46.77
C GLU B 197 -43.40 39.11 47.14
N SER B 198 -42.52 38.71 46.19
CA SER B 198 -41.38 37.84 46.45
C SER B 198 -40.10 38.62 46.72
N VAL B 199 -40.19 39.95 46.85
CA VAL B 199 -39.02 40.79 47.02
C VAL B 199 -38.44 40.53 48.42
N PRO B 200 -37.13 40.69 48.61
CA PRO B 200 -36.57 40.61 49.95
C PRO B 200 -37.23 41.62 50.88
N LEU B 201 -36.87 41.51 52.17
CA LEU B 201 -37.59 42.25 53.19
C LEU B 201 -37.44 43.76 53.06
N PRO B 202 -36.23 44.32 53.05
CA PRO B 202 -36.11 45.79 53.08
C PRO B 202 -36.86 46.48 51.96
N PHE B 203 -36.91 45.87 50.78
CA PHE B 203 -37.67 46.40 49.66
C PHE B 203 -39.08 45.83 49.66
N GLN B 204 -39.98 46.57 49.00
CA GLN B 204 -41.37 46.14 48.86
C GLN B 204 -41.87 46.21 47.43
N THR B 205 -41.03 46.61 46.47
CA THR B 205 -41.42 46.66 45.07
C THR B 205 -40.20 46.38 44.23
N TYR B 206 -40.40 45.62 43.15
CA TYR B 206 -39.27 45.23 42.30
C TYR B 206 -38.50 46.44 41.83
N GLU B 207 -39.15 47.60 41.75
CA GLU B 207 -38.48 48.81 41.30
C GLU B 207 -37.36 49.22 42.23
N GLN B 208 -37.62 49.18 43.54
CA GLN B 208 -36.58 49.54 44.51
C GLN B 208 -35.40 48.59 44.41
N MET B 209 -35.68 47.28 44.32
CA MET B 209 -34.59 46.32 44.20
C MET B 209 -33.80 46.55 42.93
N LYS B 210 -34.48 46.84 41.83
CA LYS B 210 -33.78 47.08 40.58
C LYS B 210 -32.90 48.32 40.67
N ASP B 211 -33.41 49.37 41.31
CA ASP B 211 -32.61 50.58 41.45
C ASP B 211 -31.43 50.38 42.38
N TYR B 212 -31.58 49.53 43.40
CA TYR B 212 -30.48 49.27 44.32
C TYR B 212 -29.43 48.36 43.70
N CYS B 213 -29.83 47.45 42.82
CA CYS B 213 -28.88 46.53 42.22
C CYS B 213 -28.17 47.15 41.02
N GLU B 214 -28.91 47.88 40.18
CA GLU B 214 -28.28 48.50 39.02
C GLU B 214 -27.24 49.54 39.40
N LYS B 215 -27.36 50.13 40.60
CA LYS B 215 -26.44 51.15 41.06
C LYS B 215 -25.57 50.69 42.22
N PHE B 216 -25.65 49.43 42.61
CA PHE B 216 -24.88 48.94 43.75
C PHE B 216 -23.39 49.20 43.53
N LYS B 217 -22.76 49.76 44.56
CA LYS B 217 -21.33 50.04 44.55
C LYS B 217 -20.67 49.26 45.69
N GLY B 218 -19.39 48.92 45.48
CA GLY B 218 -18.68 48.11 46.44
C GLY B 218 -18.11 48.95 47.58
N ASN B 219 -18.36 48.50 48.81
CA ASN B 219 -17.82 49.12 50.02
C ASN B 219 -17.05 48.03 50.76
N PRO B 220 -15.78 47.82 50.42
CA PRO B 220 -15.04 46.68 51.00
C PRO B 220 -14.99 46.69 52.52
N ARG B 221 -15.06 47.86 53.15
CA ARG B 221 -14.83 47.94 54.58
C ARG B 221 -15.95 47.28 55.36
N GLU B 222 -17.19 47.62 55.04
CA GLU B 222 -18.32 46.98 55.73
C GLU B 222 -18.34 45.49 55.47
N LEU B 223 -17.95 45.07 54.26
CA LEU B 223 -17.89 43.66 53.95
C LEU B 223 -16.89 42.95 54.83
N ALA B 224 -15.68 43.50 54.95
CA ALA B 224 -14.66 42.90 55.80
C ALA B 224 -15.10 42.88 57.25
N SER B 225 -15.81 43.92 57.68
CA SER B 225 -16.26 43.98 59.06
C SER B 225 -17.27 42.87 59.34
N LYS B 226 -18.25 42.70 58.45
CA LYS B 226 -19.21 41.62 58.62
C LYS B 226 -18.52 40.26 58.54
N VAL B 227 -17.51 40.14 57.67
CA VAL B 227 -16.77 38.89 57.58
C VAL B 227 -16.14 38.56 58.93
N SER B 228 -15.41 39.51 59.50
CA SER B 228 -14.76 39.27 60.78
C SER B 228 -15.78 38.97 61.88
N GLN B 229 -16.89 39.71 61.88
CA GLN B 229 -17.91 39.47 62.89
C GLN B 229 -18.41 38.04 62.81
N MET B 230 -18.78 37.60 61.60
CA MET B 230 -19.22 36.23 61.43
C MET B 230 -18.12 35.24 61.76
N GLN B 231 -16.86 35.66 61.60
CA GLN B 231 -15.71 34.82 61.90
C GLN B 231 -15.46 34.70 63.39
N SER B 232 -16.08 35.56 64.20
CA SER B 232 -15.90 35.53 65.65
C SER B 232 -17.02 34.78 66.35
N ASN B 233 -18.24 34.88 65.85
CA ASN B 233 -19.38 34.19 66.44
C ASN B 233 -19.52 32.75 65.97
N ILE B 234 -18.49 32.22 65.30
CA ILE B 234 -18.51 30.85 64.79
C ILE B 234 -17.56 29.96 65.59
N LYS B 235 -16.27 30.31 65.62
CA LYS B 235 -15.27 29.54 66.36
C LYS B 235 -15.13 28.14 65.76
N LEU B 236 -14.84 28.11 64.47
CA LEU B 236 -14.66 26.86 63.76
C LEU B 236 -13.52 26.04 64.36
N PRO B 237 -13.78 24.84 64.85
CA PRO B 237 -12.69 24.03 65.39
C PRO B 237 -11.83 23.42 64.30
N ILE B 238 -10.53 23.38 64.56
CA ILE B 238 -9.56 22.73 63.69
C ILE B 238 -8.79 21.74 64.53
N LYS B 239 -8.68 20.51 64.06
CA LYS B 239 -8.13 19.42 64.86
C LYS B 239 -7.12 18.64 64.02
N HIS B 240 -5.84 18.88 64.29
CA HIS B 240 -4.80 18.03 63.72
C HIS B 240 -4.89 16.64 64.32
N TYR B 241 -4.95 15.63 63.45
CA TYR B 241 -5.17 14.27 63.91
C TYR B 241 -4.09 13.81 64.89
N GLU B 242 -2.86 14.28 64.70
CA GLU B 242 -1.77 13.82 65.56
C GLU B 242 -2.08 14.07 67.03
N GLN B 243 -2.67 15.22 67.33
CA GLN B 243 -3.03 15.53 68.70
C GLN B 243 -4.33 14.87 69.11
N ASN B 244 -5.33 14.90 68.24
CA ASN B 244 -6.64 14.32 68.49
C ASN B 244 -6.74 13.03 67.68
N LYS B 245 -6.49 11.91 68.34
CA LYS B 245 -6.42 10.64 67.65
C LYS B 245 -7.81 10.04 67.46
N PHE B 246 -7.87 9.03 66.58
CA PHE B 246 -9.10 8.32 66.28
C PHE B 246 -9.28 7.15 67.24
N ARG B 247 -10.39 7.14 67.97
CA ARG B 247 -10.70 5.99 68.80
C ARG B 247 -11.06 4.79 67.92
N GLN B 248 -11.20 3.64 68.55
CA GLN B 248 -11.67 2.47 67.85
C GLN B 248 -13.17 2.56 67.62
N ILE B 249 -13.66 1.71 66.74
CA ILE B 249 -15.06 1.67 66.38
C ILE B 249 -15.80 0.75 67.36
N ARG B 250 -17.00 1.16 67.74
CA ARG B 250 -17.79 0.43 68.73
C ARG B 250 -18.86 -0.37 67.99
N LEU B 251 -18.60 -1.66 67.84
CA LEU B 251 -19.56 -2.53 67.19
C LEU B 251 -20.76 -2.77 68.10
N PRO B 252 -21.90 -3.10 67.54
CA PRO B 252 -23.07 -3.37 68.38
C PRO B 252 -22.90 -4.63 69.19
N LYS B 253 -23.89 -4.96 70.02
CA LYS B 253 -23.82 -6.11 70.91
C LYS B 253 -25.12 -6.88 70.85
N GLY B 254 -25.01 -8.20 70.95
CA GLY B 254 -26.15 -9.07 70.85
C GLY B 254 -25.74 -10.41 70.25
N PRO B 255 -26.69 -11.13 69.70
CA PRO B 255 -26.35 -12.41 69.05
C PRO B 255 -25.45 -12.23 67.84
N MET B 256 -25.03 -13.33 67.25
CA MET B 256 -24.12 -13.32 66.12
C MET B 256 -24.87 -13.23 64.80
N ALA B 257 -24.21 -12.65 63.82
CA ALA B 257 -24.79 -12.51 62.50
C ALA B 257 -24.78 -13.85 61.77
N PRO B 258 -25.93 -14.39 61.38
CA PRO B 258 -25.93 -15.71 60.75
C PRO B 258 -25.76 -15.65 59.24
N TYR B 259 -25.71 -16.83 58.63
CA TYR B 259 -25.61 -16.94 57.18
C TYR B 259 -26.80 -16.25 56.52
N THR B 260 -26.54 -15.57 55.41
CA THR B 260 -27.58 -14.80 54.74
C THR B 260 -27.65 -15.16 53.26
N HIS B 261 -26.51 -15.55 52.68
CA HIS B 261 -26.49 -15.93 51.28
C HIS B 261 -27.48 -17.07 51.04
N LYS B 262 -28.11 -17.05 49.86
CA LYS B 262 -29.15 -18.01 49.56
C LYS B 262 -28.62 -19.44 49.52
N PHE B 263 -27.43 -19.63 48.97
CA PHE B 263 -26.86 -20.95 48.80
C PHE B 263 -25.72 -21.18 49.78
N LEU B 264 -25.48 -22.47 50.06
CA LEU B 264 -24.35 -22.85 50.89
C LEU B 264 -23.09 -22.93 50.05
N MET B 265 -21.97 -22.60 50.67
CA MET B 265 -20.68 -22.62 50.01
C MET B 265 -19.74 -23.66 50.60
N GLU B 266 -19.49 -23.62 51.90
CA GLU B 266 -18.54 -24.53 52.52
C GLU B 266 -19.17 -25.85 52.94
N GLU B 267 -20.36 -25.80 53.54
CA GLU B 267 -21.03 -27.00 54.02
C GLU B 267 -21.77 -27.75 52.93
N ALA B 268 -21.61 -27.36 51.67
CA ALA B 268 -22.39 -27.92 50.58
C ALA B 268 -21.80 -29.24 50.11
N TRP B 269 -22.66 -30.23 49.93
CA TRP B 269 -22.28 -31.50 49.33
C TRP B 269 -23.00 -31.68 48.01
N MET B 270 -22.32 -32.32 47.06
CA MET B 270 -22.84 -32.42 45.70
C MET B 270 -22.63 -33.83 45.15
N PHE B 271 -23.56 -34.23 44.28
CA PHE B 271 -23.44 -35.45 43.50
C PHE B 271 -23.05 -35.10 42.08
N THR B 272 -22.09 -35.84 41.54
CA THR B 272 -21.53 -35.55 40.24
C THR B 272 -21.83 -36.66 39.26
N LYS B 273 -21.85 -36.29 37.97
CA LYS B 273 -21.96 -37.25 36.90
C LYS B 273 -21.24 -36.68 35.68
N ILE B 274 -21.21 -37.46 34.62
CA ILE B 274 -20.61 -37.02 33.37
C ILE B 274 -21.68 -36.37 32.52
N SER B 275 -21.26 -35.34 31.77
CA SER B 275 -22.17 -34.52 30.98
C SER B 275 -22.19 -35.03 29.54
N ASP B 276 -23.40 -35.20 29.01
CA ASP B 276 -23.57 -35.52 27.61
C ASP B 276 -24.07 -34.29 26.87
N PRO B 277 -23.48 -33.94 25.73
CA PRO B 277 -23.88 -32.69 25.07
C PRO B 277 -25.34 -32.66 24.68
N GLU B 278 -25.94 -33.81 24.42
CA GLU B 278 -27.34 -33.84 24.01
C GLU B 278 -28.24 -33.37 25.14
N ARG B 279 -28.13 -33.98 26.32
CA ARG B 279 -28.91 -33.59 27.49
C ARG B 279 -28.11 -32.55 28.25
N SER B 280 -28.48 -31.28 28.05
CA SER B 280 -27.79 -30.16 28.69
C SER B 280 -28.70 -29.25 29.48
N ARG B 281 -30.01 -29.34 29.30
CA ARG B 281 -30.92 -28.50 30.06
C ARG B 281 -31.05 -28.99 31.49
N ALA B 282 -31.64 -28.13 32.34
CA ALA B 282 -31.75 -28.45 33.75
C ALA B 282 -32.81 -29.53 33.99
N GLY B 283 -34.00 -29.33 33.44
CA GLY B 283 -35.09 -30.28 33.59
C GLY B 283 -34.72 -31.68 33.16
N GLU B 284 -33.61 -31.81 32.44
CA GLU B 284 -33.10 -33.11 32.00
C GLU B 284 -32.08 -33.68 32.98
N ILE B 285 -31.09 -32.87 33.36
CA ILE B 285 -30.06 -33.32 34.29
C ILE B 285 -30.69 -33.70 35.62
N LEU B 286 -31.70 -32.93 36.05
CA LEU B 286 -32.37 -33.23 37.31
C LEU B 286 -33.03 -34.60 37.28
N ILE B 287 -33.30 -35.15 36.10
CA ILE B 287 -33.87 -36.48 35.97
C ILE B 287 -32.76 -37.51 35.85
N ASP B 288 -31.74 -37.19 35.07
CA ASP B 288 -30.60 -38.08 34.93
C ASP B 288 -30.04 -38.44 36.31
N PHE B 289 -29.78 -37.43 37.13
CA PHE B 289 -29.37 -37.69 38.51
C PHE B 289 -30.43 -38.44 39.30
N PHE B 290 -31.69 -38.36 38.89
CA PHE B 290 -32.76 -39.01 39.63
C PHE B 290 -32.85 -40.50 39.36
N LYS B 291 -32.44 -40.94 38.17
CA LYS B 291 -32.61 -42.35 37.83
C LYS B 291 -31.67 -43.25 38.62
N LYS B 292 -30.41 -42.84 38.78
CA LYS B 292 -29.44 -43.70 39.44
C LYS B 292 -29.87 -44.10 40.85
N GLY B 293 -30.79 -43.36 41.46
CA GLY B 293 -31.41 -43.77 42.70
C GLY B 293 -30.93 -43.08 43.95
N ASN B 294 -29.82 -42.33 43.88
CA ASN B 294 -29.33 -41.65 45.07
C ASN B 294 -30.27 -40.51 45.45
N LEU B 295 -30.66 -39.68 44.48
CA LEU B 295 -31.62 -38.62 44.77
C LEU B 295 -32.90 -39.18 45.35
N SER B 296 -33.30 -40.39 44.95
CA SER B 296 -34.47 -41.04 45.51
C SER B 296 -34.15 -41.85 46.75
N ALA B 297 -32.87 -42.24 46.93
CA ALA B 297 -32.49 -42.96 48.13
C ALA B 297 -32.75 -42.12 49.38
N ILE B 298 -32.75 -40.80 49.24
CA ILE B 298 -32.97 -39.93 50.39
C ILE B 298 -34.35 -40.18 50.96
N ARG B 299 -34.45 -40.09 52.28
CA ARG B 299 -35.72 -40.27 52.96
C ARG B 299 -35.63 -39.69 54.37
N PRO B 300 -35.75 -38.37 54.51
CA PRO B 300 -35.60 -37.76 55.83
C PRO B 300 -36.67 -38.25 56.80
N LYS B 301 -36.49 -37.87 58.05
CA LYS B 301 -37.38 -38.27 59.13
C LYS B 301 -38.08 -37.04 59.70
N ASP B 302 -39.14 -37.31 60.47
CA ASP B 302 -39.99 -36.28 61.03
C ASP B 302 -39.35 -35.54 62.20
N LYS B 303 -38.15 -35.93 62.62
CA LYS B 303 -37.51 -35.32 63.78
C LYS B 303 -36.36 -34.43 63.33
N PRO B 304 -36.53 -33.12 63.33
CA PRO B 304 -35.45 -32.23 62.92
C PRO B 304 -34.50 -31.89 64.06
N LEU B 305 -33.23 -31.70 63.69
CA LEU B 305 -32.26 -31.25 64.67
C LEU B 305 -32.57 -29.82 65.11
N GLN B 306 -33.02 -28.99 64.18
CA GLN B 306 -33.37 -27.61 64.49
C GLN B 306 -34.26 -27.09 63.37
N GLY B 307 -34.91 -25.97 63.64
CA GLY B 307 -35.77 -25.32 62.68
C GLY B 307 -37.22 -25.36 63.12
N LYS B 308 -38.10 -25.01 62.17
CA LYS B 308 -39.53 -24.95 62.42
C LYS B 308 -40.28 -25.44 61.20
N TYR B 309 -41.57 -25.70 61.40
CA TYR B 309 -42.47 -26.18 60.35
C TYR B 309 -41.85 -27.33 59.56
N PRO B 310 -41.33 -28.36 60.23
CA PRO B 310 -40.69 -29.46 59.49
C PRO B 310 -41.66 -30.26 58.65
N ILE B 311 -42.93 -30.35 59.06
CA ILE B 311 -43.90 -31.16 58.31
C ILE B 311 -44.09 -30.59 56.91
N HIS B 312 -44.21 -29.27 56.81
CA HIS B 312 -44.37 -28.64 55.50
C HIS B 312 -43.17 -28.95 54.61
N TYR B 313 -41.97 -28.83 55.15
CA TYR B 313 -40.78 -29.12 54.37
C TYR B 313 -40.77 -30.57 53.89
N LYS B 314 -41.16 -31.48 54.78
CA LYS B 314 -41.15 -32.90 54.42
C LYS B 314 -42.13 -33.20 53.30
N ASN B 315 -43.36 -32.70 53.45
CA ASN B 315 -44.35 -32.91 52.40
C ASN B 315 -43.90 -32.28 51.10
N LEU B 316 -43.26 -31.11 51.16
CA LEU B 316 -42.79 -30.47 49.94
C LEU B 316 -41.71 -31.31 49.27
N TRP B 317 -40.82 -31.91 50.06
CA TRP B 317 -39.79 -32.75 49.48
C TRP B 317 -40.40 -33.99 48.81
N ASN B 318 -41.40 -34.59 49.47
CA ASN B 318 -42.05 -35.75 48.87
C ASN B 318 -42.74 -35.36 47.56
N GLN B 319 -43.41 -34.22 47.55
CA GLN B 319 -44.06 -33.75 46.33
C GLN B 319 -43.05 -33.48 45.23
N ILE B 320 -41.88 -32.96 45.60
CA ILE B 320 -40.82 -32.72 44.62
C ILE B 320 -40.40 -34.04 43.99
N LYS B 321 -40.17 -35.06 44.82
CA LYS B 321 -39.79 -36.35 44.28
C LYS B 321 -40.87 -36.88 43.35
N ALA B 322 -42.13 -36.76 43.75
CA ALA B 322 -43.23 -37.24 42.91
C ALA B 322 -43.23 -36.53 41.57
N ALA B 323 -43.15 -35.20 41.59
CA ALA B 323 -43.15 -34.45 40.34
C ALA B 323 -42.00 -34.85 39.45
N ILE B 324 -40.81 -35.01 40.02
CA ILE B 324 -39.67 -35.48 39.23
C ILE B 324 -39.99 -36.81 38.57
N ALA B 325 -40.62 -37.72 39.32
CA ALA B 325 -40.99 -39.00 38.74
C ALA B 325 -41.97 -38.84 37.59
N ASP B 326 -42.84 -37.84 37.66
CA ASP B 326 -43.81 -37.59 36.60
C ASP B 326 -43.22 -36.91 35.39
N ARG B 327 -41.92 -36.65 35.37
CA ARG B 327 -41.24 -35.97 34.28
C ARG B 327 -41.77 -34.56 34.03
N THR B 328 -42.53 -34.02 34.97
CA THR B 328 -43.09 -32.67 34.86
C THR B 328 -42.64 -31.87 36.07
N MET B 329 -41.77 -30.88 35.83
CA MET B 329 -41.29 -30.03 36.92
C MET B 329 -42.37 -29.05 37.33
N VAL B 330 -43.43 -29.57 37.93
CA VAL B 330 -44.56 -28.76 38.37
C VAL B 330 -45.06 -29.29 39.71
N ILE B 331 -45.70 -28.42 40.46
CA ILE B 331 -46.23 -28.76 41.78
C ILE B 331 -47.62 -28.17 41.92
N ASN B 332 -48.45 -28.87 42.68
CA ASN B 332 -49.83 -28.45 42.91
C ASN B 332 -49.90 -27.52 44.10
N GLU B 333 -51.01 -26.77 44.16
CA GLU B 333 -51.22 -25.80 45.23
C GLU B 333 -51.99 -26.48 46.34
N ASN B 334 -51.30 -26.82 47.41
CA ASN B 334 -51.90 -27.40 48.60
C ASN B 334 -51.71 -26.43 49.77
N ASP B 335 -52.15 -26.86 50.95
CA ASP B 335 -52.00 -26.03 52.13
C ASP B 335 -50.53 -25.82 52.48
N HIS B 336 -49.73 -26.88 52.38
CA HIS B 336 -48.31 -26.78 52.73
C HIS B 336 -47.61 -25.76 51.85
N SER B 337 -47.60 -26.01 50.54
CA SER B 337 -46.97 -25.07 49.62
C SER B 337 -47.57 -23.68 49.78
N GLU B 338 -48.88 -23.58 49.94
CA GLU B 338 -49.52 -22.29 50.15
C GLU B 338 -48.94 -21.58 51.35
N PHE B 339 -48.56 -22.32 52.39
CA PHE B 339 -47.98 -21.69 53.57
C PHE B 339 -46.54 -21.29 53.31
N LEU B 340 -45.79 -22.13 52.62
CA LEU B 340 -44.38 -21.83 52.40
C LEU B 340 -44.18 -20.80 51.30
N GLY B 341 -45.11 -20.72 50.36
CA GLY B 341 -44.99 -19.79 49.26
C GLY B 341 -45.64 -18.45 49.50
N GLY B 342 -46.17 -18.21 50.70
CA GLY B 342 -46.86 -16.95 50.94
C GLY B 342 -47.93 -16.64 49.94
N ILE B 343 -48.68 -17.64 49.51
CA ILE B 343 -49.63 -17.47 48.43
C ILE B 343 -50.68 -16.44 48.80
N GLY B 344 -51.45 -16.71 49.85
CA GLY B 344 -52.55 -15.86 50.25
C GLY B 344 -52.27 -14.90 51.36
N ARG B 345 -51.02 -14.78 51.81
CA ARG B 345 -50.70 -13.87 52.90
C ARG B 345 -50.33 -12.49 52.38
N ALA B 346 -51.19 -11.95 51.53
CA ALA B 346 -51.12 -10.57 51.09
C ALA B 346 -52.28 -9.80 51.72
N SER B 347 -52.00 -8.59 52.17
CA SER B 347 -52.99 -7.84 52.91
C SER B 347 -54.24 -7.60 52.07
N LYS B 348 -55.35 -7.37 52.76
CA LYS B 348 -56.63 -7.10 52.14
C LYS B 348 -56.97 -5.62 52.30
N LYS B 349 -57.55 -5.03 51.25
CA LYS B 349 -57.75 -3.59 51.19
C LYS B 349 -59.09 -3.21 51.77
N ILE B 350 -59.15 -2.01 52.31
CA ILE B 350 -60.35 -1.49 52.99
C ILE B 350 -60.47 0.00 52.70
N PRO B 351 -61.33 0.41 51.76
CA PRO B 351 -61.45 1.84 51.47
C PRO B 351 -61.97 2.63 52.66
N GLU B 352 -61.61 3.91 52.70
CA GLU B 352 -62.07 4.78 53.78
C GLU B 352 -63.51 5.22 53.58
N ILE B 353 -63.94 5.43 52.33
CA ILE B 353 -65.32 5.78 52.07
C ILE B 353 -66.25 4.77 52.72
N SER B 354 -65.81 3.51 52.83
CA SER B 354 -66.56 2.47 53.51
C SER B 354 -66.15 2.33 54.96
N LEU B 355 -65.47 3.31 55.55
CA LEU B 355 -64.97 3.22 56.95
C LEU B 355 -65.61 4.32 57.80
N THR B 356 -65.88 4.04 59.09
CA THR B 356 -66.49 4.98 60.06
C THR B 356 -65.66 4.90 61.34
N GLN B 357 -65.84 5.83 62.29
CA GLN B 357 -65.12 5.78 63.59
C GLN B 357 -65.46 4.46 64.28
N ASP B 358 -66.69 3.98 64.14
CA ASP B 358 -67.13 2.68 64.73
C ASP B 358 -66.27 1.53 64.20
N VAL B 359 -65.97 1.47 62.89
CA VAL B 359 -65.19 0.35 62.26
C VAL B 359 -63.79 0.29 62.88
N ILE B 360 -63.14 1.44 63.13
CA ILE B 360 -61.77 1.49 63.71
C ILE B 360 -61.76 0.89 65.12
N THR B 361 -62.77 1.17 65.96
CA THR B 361 -62.83 0.70 67.37
C THR B 361 -62.92 -0.83 67.44
N THR B 362 -63.65 -1.48 66.54
CA THR B 362 -63.81 -2.93 66.48
C THR B 362 -62.46 -3.62 66.42
N GLU B 363 -61.68 -3.29 65.38
CA GLU B 363 -60.34 -3.83 65.20
C GLU B 363 -59.38 -2.67 65.06
N GLY B 364 -58.43 -2.55 65.99
CA GLY B 364 -57.48 -1.46 65.97
C GLY B 364 -56.77 -1.36 64.63
N LEU B 365 -56.84 -0.18 64.02
CA LEU B 365 -56.24 0.06 62.71
C LEU B 365 -55.20 1.17 62.80
N LYS B 366 -54.36 1.13 63.82
CA LYS B 366 -53.38 2.19 64.00
C LYS B 366 -52.37 2.17 62.85
N GLN B 367 -51.58 3.23 62.79
CA GLN B 367 -50.51 3.30 61.81
C GLN B 367 -49.47 2.21 62.10
N SER B 368 -49.04 1.54 61.04
CA SER B 368 -48.08 0.46 61.19
C SER B 368 -46.82 0.95 61.88
N GLU B 369 -46.37 0.19 62.88
CA GLU B 369 -45.15 0.51 63.62
C GLU B 369 -44.01 -0.26 62.97
N ASN B 370 -43.27 0.42 62.10
CA ASN B 370 -42.18 -0.23 61.40
C ASN B 370 -41.17 -0.79 62.39
N LYS B 371 -40.83 -2.06 62.23
CA LYS B 371 -39.87 -2.74 63.09
C LYS B 371 -38.55 -2.81 62.33
N LEU B 372 -37.75 -1.75 62.45
CA LEU B 372 -36.46 -1.71 61.80
C LEU B 372 -35.63 -2.91 62.24
N PRO B 373 -34.62 -3.27 61.45
CA PRO B 373 -33.78 -4.41 61.84
C PRO B 373 -33.16 -4.20 63.21
N GLU B 374 -32.73 -5.30 63.80
CA GLU B 374 -32.10 -5.28 65.11
C GLU B 374 -30.61 -5.54 64.97
N PRO B 375 -29.82 -5.12 65.95
CA PRO B 375 -28.36 -5.27 65.83
C PRO B 375 -27.91 -6.71 65.91
N ARG B 376 -26.62 -6.92 65.76
CA ARG B 376 -26.01 -8.24 65.83
C ARG B 376 -24.62 -8.10 66.41
N SER B 377 -23.86 -9.18 66.39
CA SER B 377 -22.51 -9.23 66.91
C SER B 377 -21.55 -9.67 65.81
N PHE B 378 -20.29 -9.79 66.19
CA PHE B 378 -19.27 -10.16 65.22
C PHE B 378 -19.37 -11.64 64.90
N PRO B 379 -19.41 -12.02 63.63
CA PRO B 379 -19.47 -13.44 63.27
C PRO B 379 -18.09 -14.08 63.30
N ARG B 380 -18.03 -15.28 63.87
CA ARG B 380 -16.78 -16.03 64.02
C ARG B 380 -16.60 -17.08 62.94
N TRP B 381 -17.55 -17.21 62.03
CA TRP B 381 -17.51 -18.19 60.96
C TRP B 381 -17.07 -17.60 59.62
N PHE B 382 -16.84 -16.30 59.57
CA PHE B 382 -16.50 -15.67 58.29
C PHE B 382 -15.10 -16.01 57.85
N ASN B 383 -14.14 -16.00 58.77
CA ASN B 383 -12.78 -16.35 58.41
C ASN B 383 -12.69 -17.77 57.87
N ALA B 384 -13.50 -18.68 58.40
CA ALA B 384 -13.49 -20.05 57.92
C ALA B 384 -13.91 -20.11 56.45
N GLU B 385 -15.01 -19.45 56.11
CA GLU B 385 -15.45 -19.41 54.73
C GLU B 385 -14.40 -18.73 53.84
N TRP B 386 -13.79 -17.66 54.34
CA TRP B 386 -12.81 -16.95 53.55
C TRP B 386 -11.61 -17.83 53.24
N MET B 387 -11.20 -18.65 54.21
CA MET B 387 -10.07 -19.53 54.02
C MET B 387 -10.41 -20.75 53.19
N TRP B 388 -11.67 -21.19 53.24
CA TRP B 388 -12.09 -22.32 52.43
C TRP B 388 -12.26 -21.93 50.97
N ALA B 389 -12.72 -20.70 50.71
CA ALA B 389 -12.93 -20.23 49.35
C ALA B 389 -11.64 -19.84 48.65
N ILE B 390 -10.50 -20.11 49.26
CA ILE B 390 -9.22 -19.80 48.64
C ILE B 390 -8.54 -21.04 48.07
N LYS B 391 -8.98 -22.23 48.47
CA LYS B 391 -8.32 -23.45 48.06
C LYS B 391 -8.98 -24.03 46.82
N ASP B 392 -8.26 -24.94 46.18
CA ASP B 392 -8.76 -25.59 44.98
C ASP B 392 -10.00 -26.41 45.29
N SER B 393 -10.63 -26.93 44.23
CA SER B 393 -11.89 -27.64 44.33
C SER B 393 -11.86 -29.02 43.67
N ASP B 394 -10.69 -29.51 43.29
CA ASP B 394 -10.50 -30.80 42.63
C ASP B 394 -10.88 -30.71 41.15
N LEU B 395 -11.41 -29.58 40.70
CA LEU B 395 -11.77 -29.40 39.29
C LEU B 395 -11.52 -27.96 38.91
N THR B 396 -11.89 -27.62 37.68
CA THR B 396 -11.75 -26.27 37.17
C THR B 396 -12.84 -26.03 36.13
N GLY B 397 -12.69 -24.97 35.36
CA GLY B 397 -13.71 -24.62 34.39
C GLY B 397 -15.08 -24.41 34.99
N TRP B 398 -15.14 -24.01 36.25
CA TRP B 398 -16.44 -23.83 36.90
C TRP B 398 -17.22 -22.70 36.26
N VAL B 399 -16.54 -21.62 35.90
CA VAL B 399 -17.18 -20.43 35.33
C VAL B 399 -16.94 -20.43 33.83
N PRO B 400 -17.97 -20.46 33.00
CA PRO B 400 -17.77 -20.44 31.55
C PRO B 400 -17.11 -19.15 31.08
N MET B 401 -16.27 -19.28 30.06
CA MET B 401 -15.58 -18.15 29.47
C MET B 401 -15.46 -18.35 27.98
N ALA B 402 -15.38 -17.25 27.25
CA ALA B 402 -15.34 -17.29 25.80
C ALA B 402 -13.92 -17.63 25.34
N GLU B 403 -13.67 -17.49 24.04
CA GLU B 403 -12.41 -17.86 23.42
C GLU B 403 -11.51 -16.65 23.24
N TYR B 404 -10.26 -16.92 22.91
CA TYR B 404 -9.29 -15.87 22.67
C TYR B 404 -9.14 -15.61 21.18
N PRO B 405 -9.18 -14.36 20.73
CA PRO B 405 -9.06 -14.09 19.32
C PRO B 405 -7.62 -14.19 18.86
N PRO B 406 -7.36 -14.03 17.57
CA PRO B 406 -5.99 -14.07 17.08
C PRO B 406 -5.15 -12.93 17.61
N ALA B 407 -3.87 -12.91 17.23
CA ALA B 407 -2.96 -11.86 17.66
C ALA B 407 -1.99 -11.56 16.53
N ASP B 408 -1.53 -10.32 16.49
CA ASP B 408 -0.64 -9.89 15.41
C ASP B 408 0.60 -9.17 15.95
N ASN B 409 0.48 -8.54 17.11
CA ASN B 409 1.56 -7.78 17.71
C ASN B 409 1.84 -8.28 19.11
N GLU B 410 2.99 -7.86 19.64
CA GLU B 410 3.43 -8.32 20.95
C GLU B 410 2.41 -7.96 22.02
N LEU B 411 1.71 -6.85 21.85
CA LEU B 411 0.78 -6.38 22.85
C LEU B 411 -0.31 -7.42 23.14
N GLU B 412 -0.97 -7.89 22.08
CA GLU B 412 -2.02 -8.87 22.26
C GLU B 412 -1.48 -10.18 22.81
N ASP B 413 -0.25 -10.54 22.43
CA ASP B 413 0.38 -11.74 22.99
C ASP B 413 0.53 -11.60 24.50
N TYR B 414 1.08 -10.49 24.95
CA TYR B 414 1.22 -10.23 26.38
C TYR B 414 -0.12 -10.30 27.08
N ALA B 415 -1.12 -9.64 26.52
CA ALA B 415 -2.44 -9.62 27.15
C ALA B 415 -2.99 -11.04 27.28
N GLU B 416 -2.90 -11.81 26.20
CA GLU B 416 -3.42 -13.17 26.22
C GLU B 416 -2.69 -14.02 27.24
N HIS B 417 -1.36 -13.91 27.28
CA HIS B 417 -0.57 -14.69 28.23
C HIS B 417 -1.01 -14.40 29.67
N LEU B 418 -1.04 -13.11 30.02
CA LEU B 418 -1.41 -12.75 31.38
C LEU B 418 -2.82 -13.21 31.71
N ASN B 419 -3.75 -13.02 30.77
CA ASN B 419 -5.13 -13.40 31.01
C ASN B 419 -5.25 -14.91 31.21
N LYS B 420 -4.48 -15.68 30.45
CA LYS B 420 -4.51 -17.13 30.60
C LYS B 420 -4.01 -17.54 31.97
N THR B 421 -2.88 -16.97 32.39
CA THR B 421 -2.37 -17.27 33.73
C THR B 421 -3.44 -17.00 34.79
N MET B 422 -4.01 -15.80 34.77
CA MET B 422 -4.96 -15.45 35.81
C MET B 422 -6.20 -16.34 35.77
N GLU B 423 -6.73 -16.60 34.58
CA GLU B 423 -7.94 -17.41 34.48
C GLU B 423 -7.67 -18.84 34.95
N GLY B 424 -6.53 -19.40 34.56
CA GLY B 424 -6.20 -20.74 35.02
C GLY B 424 -6.02 -20.82 36.52
N VAL B 425 -5.45 -19.76 37.11
CA VAL B 425 -5.28 -19.75 38.56
C VAL B 425 -6.63 -19.66 39.25
N LEU B 426 -7.55 -18.85 38.72
CA LEU B 426 -8.78 -18.57 39.44
C LEU B 426 -9.83 -19.64 39.24
N GLN B 427 -9.89 -20.27 38.07
CA GLN B 427 -10.95 -21.22 37.77
C GLN B 427 -10.90 -22.48 38.62
N GLY B 428 -9.85 -22.66 39.42
CA GLY B 428 -9.71 -23.88 40.19
C GLY B 428 -10.18 -23.77 41.62
N THR B 429 -10.50 -22.56 42.05
CA THR B 429 -10.86 -22.31 43.44
C THR B 429 -12.28 -22.79 43.73
N ASN B 430 -12.71 -22.56 44.97
CA ASN B 430 -14.08 -22.88 45.38
C ASN B 430 -15.04 -21.73 45.14
N CYS B 431 -14.60 -20.50 45.40
CA CYS B 431 -15.45 -19.36 45.10
C CYS B 431 -15.93 -19.42 43.67
N ALA B 432 -15.09 -19.94 42.77
CA ALA B 432 -15.45 -20.05 41.37
C ALA B 432 -16.65 -20.97 41.16
N ARG B 433 -16.70 -22.10 41.87
CA ARG B 433 -17.82 -23.00 41.66
C ARG B 433 -19.10 -22.38 42.15
N GLU B 434 -19.02 -21.60 43.23
CA GLU B 434 -20.19 -20.90 43.73
C GLU B 434 -20.65 -19.86 42.72
N MET B 435 -19.72 -19.18 42.08
CA MET B 435 -20.09 -18.21 41.06
C MET B 435 -20.81 -18.88 39.90
N GLY B 436 -20.26 -19.98 39.41
CA GLY B 436 -20.92 -20.70 38.32
C GLY B 436 -22.28 -21.23 38.72
N LYS B 437 -22.38 -21.79 39.94
CA LYS B 437 -23.64 -22.25 40.47
C LYS B 437 -24.68 -21.14 40.46
N CYS B 438 -24.34 -20.00 41.04
CA CYS B 438 -25.25 -18.86 41.08
C CYS B 438 -25.66 -18.46 39.67
N ILE B 439 -24.67 -18.33 38.78
CA ILE B 439 -24.95 -17.95 37.40
C ILE B 439 -26.03 -18.84 36.80
N LEU B 440 -25.76 -20.15 36.77
CA LEU B 440 -26.64 -21.04 36.05
C LEU B 440 -28.00 -21.18 36.72
N THR B 441 -28.01 -21.31 38.04
CA THR B 441 -29.28 -21.45 38.74
C THR B 441 -30.14 -20.20 38.57
N VAL B 442 -29.52 -19.02 38.62
CA VAL B 442 -30.29 -17.79 38.46
C VAL B 442 -30.79 -17.66 37.03
N GLY B 443 -29.98 -18.08 36.06
CA GLY B 443 -30.46 -18.08 34.70
C GLY B 443 -31.70 -18.94 34.54
N ALA B 444 -31.64 -20.15 35.08
CA ALA B 444 -32.80 -21.03 35.00
C ALA B 444 -34.01 -20.43 35.69
N LEU B 445 -33.82 -19.87 36.87
CA LEU B 445 -34.93 -19.29 37.61
C LEU B 445 -35.53 -18.11 36.88
N MET B 446 -34.70 -17.28 36.27
CA MET B 446 -35.19 -16.14 35.51
C MET B 446 -36.00 -16.59 34.32
N THR B 447 -35.48 -17.57 33.58
CA THR B 447 -36.23 -18.13 32.47
C THR B 447 -37.59 -18.63 32.92
N GLU B 448 -37.62 -19.37 34.02
CA GLU B 448 -38.89 -19.91 34.51
C GLU B 448 -39.84 -18.79 34.89
N CYS B 449 -39.36 -17.83 35.67
CA CYS B 449 -40.20 -16.71 36.07
C CYS B 449 -40.76 -15.99 34.86
N ARG B 450 -40.03 -15.99 33.76
CA ARG B 450 -40.54 -15.32 32.56
C ARG B 450 -41.58 -16.16 31.84
N LEU B 451 -41.38 -17.48 31.81
CA LEU B 451 -42.24 -18.35 31.01
C LEU B 451 -43.41 -18.92 31.79
N PHE B 452 -43.18 -19.38 33.02
CA PHE B 452 -44.18 -20.10 33.79
C PHE B 452 -44.46 -19.39 35.11
N PRO B 453 -45.04 -18.21 35.06
CA PRO B 453 -45.56 -17.59 36.27
C PRO B 453 -46.89 -18.22 36.68
N GLY B 454 -47.38 -17.79 37.83
CA GLY B 454 -48.61 -18.35 38.37
C GLY B 454 -48.57 -19.85 38.48
N LYS B 455 -47.37 -20.43 38.51
CA LYS B 455 -47.19 -21.86 38.55
C LYS B 455 -45.95 -22.19 39.35
N ILE B 456 -46.09 -23.06 40.34
CA ILE B 456 -44.96 -23.49 41.14
C ILE B 456 -44.16 -24.50 40.34
N LYS B 457 -42.86 -24.26 40.22
CA LYS B 457 -41.99 -25.07 39.41
C LYS B 457 -40.92 -25.72 40.27
N VAL B 458 -40.01 -26.43 39.60
CA VAL B 458 -38.90 -27.11 40.26
C VAL B 458 -37.66 -26.86 39.42
N VAL B 459 -36.65 -26.24 40.03
CA VAL B 459 -35.41 -25.92 39.33
C VAL B 459 -34.25 -26.46 40.15
N PRO B 460 -33.26 -27.09 39.53
CA PRO B 460 -32.12 -27.61 40.28
C PRO B 460 -31.07 -26.55 40.58
N ILE B 461 -30.23 -26.88 41.53
CA ILE B 461 -29.05 -26.08 41.86
C ILE B 461 -27.85 -26.91 41.43
N TYR B 462 -27.23 -26.52 40.32
CA TYR B 462 -26.22 -27.33 39.69
C TYR B 462 -25.10 -26.45 39.17
N ALA B 463 -24.16 -27.08 38.49
CA ALA B 463 -23.03 -26.40 37.88
C ALA B 463 -22.34 -27.37 36.95
N ARG B 464 -21.45 -26.84 36.12
CA ARG B 464 -20.70 -27.62 35.16
C ARG B 464 -19.22 -27.31 35.30
N SER B 465 -18.40 -28.35 35.21
CA SER B 465 -16.97 -28.18 35.40
C SER B 465 -16.23 -29.24 34.59
N LYS B 466 -14.92 -29.27 34.76
CA LYS B 466 -14.07 -30.21 34.03
C LYS B 466 -12.97 -30.68 34.96
N GLU B 467 -12.80 -31.99 35.04
CA GLU B 467 -11.76 -32.56 35.88
C GLU B 467 -10.40 -32.06 35.45
N ARG B 468 -9.50 -31.91 36.41
CA ARG B 468 -8.20 -31.33 36.11
C ARG B 468 -7.42 -32.21 35.14
N LYS B 469 -6.35 -31.64 34.61
CA LYS B 469 -5.53 -32.28 33.58
C LYS B 469 -4.28 -32.82 34.24
N SER B 470 -4.17 -34.15 34.30
CA SER B 470 -2.96 -34.80 34.74
C SER B 470 -1.94 -34.80 33.59
N MET B 471 -0.83 -35.51 33.76
CA MET B 471 0.14 -35.63 32.70
C MET B 471 -0.42 -36.47 31.57
N GLN B 472 0.33 -36.55 30.47
CA GLN B 472 -0.11 -37.34 29.32
C GLN B 472 -0.37 -38.79 29.72
N GLU B 473 0.29 -39.27 30.78
CA GLU B 473 0.09 -40.63 31.24
C GLU B 473 -1.39 -40.85 31.60
N GLY B 474 -1.77 -42.12 31.67
CA GLY B 474 -3.13 -42.44 32.01
C GLY B 474 -4.09 -42.00 30.91
N LEU B 475 -5.36 -41.90 31.30
CA LEU B 475 -6.41 -41.52 30.37
C LEU B 475 -6.23 -40.05 29.99
N PRO B 476 -5.92 -39.73 28.73
CA PRO B 476 -5.79 -38.32 28.36
C PRO B 476 -7.13 -37.65 28.17
N VAL B 477 -7.13 -36.42 27.67
CA VAL B 477 -8.35 -35.67 27.36
C VAL B 477 -9.34 -35.81 28.52
N PRO B 478 -9.09 -35.18 29.66
CA PRO B 478 -10.04 -35.29 30.78
C PRO B 478 -11.45 -34.91 30.36
N SER B 479 -12.42 -35.47 31.05
CA SER B 479 -13.82 -35.31 30.69
C SER B 479 -14.44 -34.13 31.43
N GLU B 480 -15.70 -33.87 31.13
CA GLU B 480 -16.48 -32.85 31.81
C GLU B 480 -17.35 -33.49 32.89
N MET B 481 -18.02 -32.63 33.66
CA MET B 481 -18.80 -33.09 34.79
C MET B 481 -19.94 -32.14 35.05
N ASP B 482 -21.10 -32.70 35.36
CA ASP B 482 -22.25 -31.97 35.86
C ASP B 482 -22.40 -32.27 37.34
N CYS B 483 -22.40 -31.23 38.16
CA CYS B 483 -22.52 -31.38 39.60
C CYS B 483 -23.85 -30.80 40.05
N LEU B 484 -24.41 -31.43 41.09
CA LEU B 484 -25.70 -31.05 41.64
C LEU B 484 -25.56 -30.91 43.14
N PHE B 485 -25.84 -29.71 43.65
CA PHE B 485 -25.72 -29.43 45.06
C PHE B 485 -27.04 -29.52 45.81
N GLY B 486 -28.16 -29.33 45.13
CA GLY B 486 -29.44 -29.37 45.80
C GLY B 486 -30.55 -29.02 44.86
N ILE B 487 -31.70 -28.68 45.44
CA ILE B 487 -32.91 -28.37 44.69
C ILE B 487 -33.39 -26.98 45.06
N CYS B 488 -34.05 -26.33 44.12
CA CYS B 488 -34.64 -25.01 44.33
C CYS B 488 -36.06 -25.01 43.80
N VAL B 489 -36.87 -24.12 44.35
CA VAL B 489 -38.29 -24.03 43.98
C VAL B 489 -38.72 -22.58 44.06
N LYS B 490 -39.51 -22.16 43.08
CA LYS B 490 -40.03 -20.80 43.02
C LYS B 490 -41.51 -20.80 43.36
N SER B 491 -42.09 -19.61 43.45
CA SER B 491 -43.49 -19.47 43.84
C SER B 491 -44.08 -18.22 43.18
N LYS B 492 -44.71 -18.42 42.03
CA LYS B 492 -45.57 -17.41 41.40
C LYS B 492 -44.87 -16.05 41.35
N SER B 493 -43.80 -16.02 40.55
CA SER B 493 -43.03 -14.80 40.36
C SER B 493 -43.75 -13.88 39.38
N HIS B 494 -44.88 -13.33 39.84
CA HIS B 494 -45.64 -12.35 39.07
C HIS B 494 -44.97 -10.99 39.24
N LEU B 495 -43.84 -10.83 38.54
CA LEU B 495 -43.03 -9.63 38.65
C LEU B 495 -43.69 -8.48 37.88
N ASN B 496 -44.81 -8.03 38.42
CA ASN B 496 -45.53 -6.93 37.79
C ASN B 496 -44.65 -5.70 37.66
N LYS B 497 -43.68 -5.56 38.55
CA LYS B 497 -42.89 -4.34 38.64
C LYS B 497 -41.52 -4.69 39.20
N ASP B 498 -40.51 -3.93 38.79
CA ASP B 498 -39.19 -4.12 39.33
C ASP B 498 -39.20 -3.94 40.84
N ASP B 499 -38.18 -4.48 41.49
CA ASP B 499 -38.02 -4.49 42.95
C ASP B 499 -38.99 -5.45 43.63
N GLY B 500 -39.82 -6.17 42.88
CA GLY B 500 -40.75 -7.10 43.46
C GLY B 500 -40.05 -8.25 44.16
N MET B 501 -40.84 -9.19 44.67
CA MET B 501 -40.30 -10.28 45.45
C MET B 501 -41.02 -11.58 45.09
N TYR B 502 -40.25 -12.61 44.80
CA TYR B 502 -40.76 -13.93 44.49
C TYR B 502 -40.04 -14.97 45.33
N THR B 503 -40.74 -15.49 46.33
CA THR B 503 -40.14 -16.40 47.30
C THR B 503 -39.69 -17.70 46.64
N ILE B 504 -38.44 -18.07 46.88
CA ILE B 504 -37.92 -19.35 46.42
C ILE B 504 -37.76 -20.24 47.65
N ILE B 505 -37.51 -21.52 47.39
CA ILE B 505 -37.18 -22.46 48.45
C ILE B 505 -35.92 -23.22 48.06
N THR B 506 -35.13 -23.57 49.06
CA THR B 506 -33.81 -24.15 48.86
C THR B 506 -33.69 -25.44 49.64
N PHE B 507 -33.50 -26.55 48.93
CA PHE B 507 -33.19 -27.85 49.50
C PHE B 507 -31.76 -28.19 49.13
N GLU B 508 -30.87 -28.21 50.12
CA GLU B 508 -29.45 -28.44 49.87
C GLU B 508 -28.96 -29.67 50.63
N PHE B 509 -27.83 -30.18 50.17
CA PHE B 509 -27.24 -31.40 50.69
C PHE B 509 -25.93 -31.08 51.41
N SER B 510 -25.74 -31.68 52.59
CA SER B 510 -24.54 -31.46 53.37
C SER B 510 -24.22 -32.71 54.17
N ILE B 511 -23.02 -32.75 54.72
CA ILE B 511 -22.54 -33.87 55.50
C ILE B 511 -21.96 -33.37 56.82
N ARG B 512 -22.28 -32.12 57.17
CA ARG B 512 -21.74 -31.48 58.35
C ARG B 512 -22.87 -30.95 59.20
N GLU B 513 -22.89 -31.33 60.46
CA GLU B 513 -23.95 -30.90 61.35
C GLU B 513 -23.92 -29.38 61.48
N PRO B 514 -25.04 -28.78 61.88
CA PRO B 514 -25.13 -27.33 61.89
C PRO B 514 -24.73 -26.69 63.21
N ASN B 515 -24.72 -25.36 63.23
CA ASN B 515 -24.55 -24.58 64.44
C ASN B 515 -25.73 -23.65 64.59
N LEU B 516 -26.22 -23.51 65.83
CA LEU B 516 -27.40 -22.69 66.07
C LEU B 516 -27.15 -21.24 65.70
N GLU B 517 -25.97 -20.73 66.03
CA GLU B 517 -25.66 -19.32 65.75
C GLU B 517 -25.64 -19.07 64.25
N LYS B 518 -24.93 -19.91 63.50
CA LYS B 518 -24.74 -19.67 62.09
C LYS B 518 -25.95 -20.12 61.27
N HIS B 519 -26.24 -21.41 61.30
CA HIS B 519 -27.34 -21.97 60.53
C HIS B 519 -28.65 -21.85 61.31
N GLN B 520 -28.98 -20.60 61.63
CA GLN B 520 -30.17 -20.34 62.45
C GLN B 520 -31.45 -20.46 61.63
N LYS B 521 -31.45 -19.94 60.41
CA LYS B 521 -32.66 -19.92 59.61
C LYS B 521 -32.96 -21.27 59.01
N TYR B 522 -31.95 -22.08 58.78
CA TYR B 522 -32.14 -23.38 58.15
C TYR B 522 -32.90 -24.33 59.07
N THR B 523 -33.42 -25.39 58.48
CA THR B 523 -34.17 -26.44 59.18
C THR B 523 -33.64 -27.78 58.70
N VAL B 524 -32.72 -28.34 59.44
CA VAL B 524 -31.96 -29.51 59.00
C VAL B 524 -32.73 -30.78 59.34
N PHE B 525 -32.53 -31.80 58.51
CA PHE B 525 -33.09 -33.12 58.72
C PHE B 525 -31.98 -34.15 58.54
N GLU B 526 -32.11 -35.26 59.25
CA GLU B 526 -31.21 -36.40 59.09
C GLU B 526 -31.79 -37.32 58.02
N ALA B 527 -31.10 -37.40 56.88
CA ALA B 527 -31.61 -38.16 55.74
C ALA B 527 -31.16 -39.62 55.77
N GLY B 528 -29.85 -39.84 55.79
CA GLY B 528 -29.33 -41.18 55.78
C GLY B 528 -27.83 -41.20 55.59
N HIS B 529 -27.35 -42.03 54.68
CA HIS B 529 -25.92 -42.21 54.45
C HIS B 529 -25.60 -42.07 52.99
N THR B 530 -24.33 -41.77 52.71
CA THR B 530 -23.83 -41.68 51.35
C THR B 530 -22.36 -42.03 51.34
N THR B 531 -21.86 -42.38 50.17
CA THR B 531 -20.50 -42.88 50.01
C THR B 531 -19.54 -41.72 49.73
N VAL B 532 -18.33 -42.06 49.34
CA VAL B 532 -17.30 -41.08 49.02
C VAL B 532 -16.48 -41.55 47.82
N ARG B 543 -16.14 -44.43 51.44
CA ARG B 543 -16.84 -45.06 52.54
C ARG B 543 -18.15 -44.36 52.84
N GLU B 544 -18.95 -44.92 53.74
CA GLU B 544 -20.25 -44.38 54.08
C GLU B 544 -20.13 -43.30 55.15
N VAL B 545 -21.01 -42.32 55.06
CA VAL B 545 -21.04 -41.18 55.98
C VAL B 545 -22.48 -40.72 56.12
N PRO B 546 -22.88 -40.21 57.30
CA PRO B 546 -24.25 -39.71 57.44
C PRO B 546 -24.54 -38.59 56.46
N LEU B 547 -25.80 -38.18 56.44
CA LEU B 547 -26.26 -37.16 55.51
C LEU B 547 -27.23 -36.23 56.23
N TYR B 548 -27.16 -34.96 55.86
CA TYR B 548 -28.05 -33.94 56.40
C TYR B 548 -28.73 -33.23 55.25
N LEU B 549 -29.82 -32.54 55.57
CA LEU B 549 -30.62 -31.84 54.56
C LEU B 549 -30.97 -30.45 55.08
N TYR B 550 -30.23 -29.44 54.63
CA TYR B 550 -30.51 -28.07 55.00
C TYR B 550 -31.63 -27.50 54.15
N CYS B 551 -32.62 -26.92 54.82
CA CYS B 551 -33.80 -26.40 54.15
C CYS B 551 -34.18 -25.06 54.74
N ARG B 552 -34.60 -24.12 53.89
CA ARG B 552 -34.98 -22.79 54.34
C ARG B 552 -35.91 -22.17 53.31
N THR B 553 -36.12 -20.86 53.44
CA THR B 553 -36.96 -20.09 52.54
C THR B 553 -36.39 -18.70 52.40
N THR B 554 -36.56 -18.13 51.21
CA THR B 554 -36.06 -16.78 50.91
C THR B 554 -36.76 -16.30 49.65
N ALA B 555 -36.28 -15.18 49.10
CA ALA B 555 -36.90 -14.57 47.94
C ALA B 555 -35.85 -13.86 47.10
N LEU B 556 -36.29 -13.35 45.95
CA LEU B 556 -35.41 -12.66 45.02
C LEU B 556 -36.21 -11.63 44.23
N SER B 557 -35.53 -10.98 43.30
CA SER B 557 -36.11 -9.93 42.48
C SER B 557 -35.47 -9.95 41.10
N LYS B 558 -36.03 -9.18 40.18
CA LYS B 558 -35.41 -9.04 38.87
C LYS B 558 -34.01 -8.45 39.03
N ILE B 559 -33.90 -7.43 39.87
CA ILE B 559 -32.64 -6.70 40.01
C ILE B 559 -31.56 -7.65 40.50
N LYS B 560 -31.87 -8.42 41.54
CA LYS B 560 -30.85 -9.28 42.12
C LYS B 560 -30.50 -10.37 41.13
N ASN B 561 -31.50 -10.92 40.45
CA ASN B 561 -31.23 -12.01 39.53
C ASN B 561 -30.25 -11.53 38.48
N ASP B 562 -30.53 -10.34 37.93
CA ASP B 562 -29.72 -9.82 36.84
C ASP B 562 -28.29 -9.59 37.32
N TRP B 563 -28.14 -8.96 38.48
CA TRP B 563 -26.80 -8.62 38.94
C TRP B 563 -26.01 -9.85 39.34
N LEU B 564 -26.67 -10.84 39.95
CA LEU B 564 -26.01 -12.09 40.29
C LEU B 564 -25.56 -12.84 39.05
N SER B 565 -26.37 -12.81 38.00
CA SER B 565 -25.99 -13.50 36.78
C SER B 565 -24.78 -12.85 36.14
N LYS B 566 -24.62 -11.55 36.35
CA LYS B 566 -23.46 -10.81 35.87
C LYS B 566 -22.43 -10.71 36.99
N ALA B 567 -21.87 -11.87 37.32
CA ALA B 567 -20.91 -12.00 38.40
C ALA B 567 -19.50 -12.27 37.90
N ARG B 568 -19.23 -11.93 36.64
CA ARG B 568 -17.91 -12.09 36.06
C ARG B 568 -17.09 -10.81 36.11
N ARG B 569 -17.58 -9.78 36.81
CA ARG B 569 -16.87 -8.51 36.88
C ARG B 569 -15.69 -8.57 37.84
N CYS B 570 -15.77 -9.43 38.85
CA CYS B 570 -14.67 -9.58 39.79
C CYS B 570 -13.37 -9.90 39.07
N PHE B 571 -13.43 -10.74 38.04
CA PHE B 571 -12.26 -11.01 37.23
C PHE B 571 -11.68 -9.71 36.67
N ILE B 572 -12.55 -8.85 36.15
CA ILE B 572 -12.09 -7.61 35.53
C ILE B 572 -11.38 -6.74 36.56
N THR B 573 -12.01 -6.56 37.72
CA THR B 573 -11.42 -5.70 38.74
C THR B 573 -10.06 -6.24 39.18
N THR B 574 -10.00 -7.55 39.43
CA THR B 574 -8.77 -8.15 39.91
C THR B 574 -7.66 -8.02 38.88
N MET B 575 -7.97 -8.32 37.63
CA MET B 575 -7.01 -8.16 36.55
C MET B 575 -6.52 -6.72 36.48
N ASP B 576 -7.42 -5.76 36.62
CA ASP B 576 -7.02 -4.37 36.58
C ASP B 576 -5.99 -4.07 37.66
N THR B 577 -6.32 -4.41 38.90
CA THR B 577 -5.39 -4.15 40.01
C THR B 577 -4.02 -4.76 39.75
N VAL B 578 -4.01 -6.03 39.37
CA VAL B 578 -2.75 -6.75 39.23
C VAL B 578 -1.91 -6.20 38.09
N GLU B 579 -2.53 -6.03 36.92
CA GLU B 579 -1.81 -5.50 35.78
C GLU B 579 -1.27 -4.11 36.08
N THR B 580 -2.03 -3.31 36.81
CA THR B 580 -1.55 -1.99 37.20
C THR B 580 -0.28 -2.11 38.02
N ILE B 581 -0.31 -2.91 39.08
CA ILE B 581 0.87 -3.08 39.92
C ILE B 581 2.06 -3.51 39.08
N CYS B 582 1.87 -4.53 38.25
CA CYS B 582 3.00 -5.08 37.51
C CYS B 582 3.56 -4.08 36.51
N LEU B 583 2.69 -3.35 35.80
CA LEU B 583 3.17 -2.39 34.82
C LEU B 583 3.89 -1.23 35.48
N ARG B 584 3.37 -0.81 36.64
CA ARG B 584 3.96 0.31 37.42
C ARG B 584 5.35 -0.10 37.89
N GLU B 585 5.56 -1.36 38.34
CA GLU B 585 6.86 -1.85 38.75
C GLU B 585 7.78 -2.05 37.56
N SER B 586 7.23 -2.39 36.40
CA SER B 586 8.05 -2.62 35.22
C SER B 586 8.52 -1.33 34.59
N ALA B 587 7.76 -0.24 34.73
CA ALA B 587 8.12 1.00 34.08
C ALA B 587 9.25 1.71 34.83
N LYS B 588 9.25 1.66 36.16
CA LYS B 588 10.29 2.32 36.92
C LYS B 588 11.68 1.80 36.56
N ALA B 589 11.76 0.61 35.96
CA ALA B 589 13.03 0.03 35.57
C ALA B 589 13.18 -0.17 34.08
N GLU B 590 12.13 0.07 33.29
CA GLU B 590 12.19 -0.06 31.84
C GLU B 590 12.61 -1.47 31.43
N GLU B 591 11.84 -2.44 31.89
CA GLU B 591 12.14 -3.84 31.61
C GLU B 591 10.92 -4.68 31.95
N ASN B 592 10.81 -5.83 31.30
CA ASN B 592 9.66 -6.71 31.50
C ASN B 592 9.76 -7.36 32.86
N LEU B 593 9.06 -6.80 33.84
CA LEU B 593 9.02 -7.34 35.20
C LEU B 593 7.57 -7.61 35.53
N VAL B 594 7.08 -8.77 35.13
CA VAL B 594 5.70 -9.15 35.36
C VAL B 594 5.68 -10.50 36.07
N GLU B 595 6.30 -11.50 35.44
CA GLU B 595 6.40 -12.80 36.08
C GLU B 595 7.14 -12.69 37.40
N LYS B 596 8.21 -11.89 37.44
CA LYS B 596 8.94 -11.69 38.68
C LYS B 596 8.05 -11.02 39.72
N THR B 597 7.29 -10.01 39.28
CA THR B 597 6.41 -9.31 40.19
C THR B 597 5.29 -10.21 40.71
N LEU B 598 4.89 -11.20 39.91
CA LEU B 598 3.84 -12.11 40.35
C LEU B 598 4.38 -13.20 41.27
N ASN B 599 5.61 -13.65 41.06
CA ASN B 599 6.18 -14.74 41.83
C ASN B 599 6.96 -14.28 43.04
N GLU B 600 7.37 -13.01 43.11
CA GLU B 600 8.26 -12.53 44.15
C GLU B 600 7.61 -11.50 45.06
N LYS B 601 7.07 -10.43 44.50
CA LYS B 601 6.50 -9.36 45.31
C LYS B 601 5.52 -9.91 46.32
N GLN B 602 5.77 -9.62 47.59
CA GLN B 602 4.99 -10.14 48.68
C GLN B 602 3.93 -9.16 49.12
N MET B 603 2.78 -9.69 49.53
CA MET B 603 1.65 -8.91 49.98
C MET B 603 1.17 -9.46 51.31
N TRP B 604 0.97 -8.57 52.27
CA TRP B 604 0.42 -8.98 53.56
C TRP B 604 -0.98 -9.54 53.37
N ILE B 605 -1.26 -10.62 54.09
CA ILE B 605 -2.55 -11.31 54.04
C ILE B 605 -3.24 -11.31 55.39
N GLY B 606 -2.54 -11.75 56.42
CA GLY B 606 -3.17 -11.83 57.72
C GLY B 606 -2.14 -12.08 58.81
N LYS B 607 -2.65 -12.38 60.00
CA LYS B 607 -1.85 -12.61 61.17
C LYS B 607 -2.04 -14.03 61.67
N LYS B 608 -0.97 -14.59 62.23
CA LYS B 608 -1.03 -15.90 62.85
C LYS B 608 -0.02 -15.96 63.98
N ASN B 609 -0.47 -16.33 65.17
CA ASN B 609 0.39 -16.38 66.35
C ASN B 609 0.96 -15.01 66.65
N GLY B 610 0.15 -13.97 66.44
CA GLY B 610 0.56 -12.61 66.68
C GLY B 610 1.58 -12.08 65.70
N GLU B 611 1.95 -12.85 64.69
CA GLU B 611 2.90 -12.42 63.67
C GLU B 611 2.17 -12.22 62.36
N LEU B 612 2.80 -11.46 61.47
CA LEU B 612 2.23 -11.20 60.16
C LEU B 612 2.53 -12.34 59.20
N ILE B 613 1.72 -12.43 58.16
CA ILE B 613 1.83 -13.47 57.15
C ILE B 613 1.84 -12.82 55.78
N ALA B 614 2.55 -13.46 54.85
CA ALA B 614 2.69 -12.91 53.52
C ALA B 614 2.81 -14.06 52.51
N GLN B 615 2.46 -13.74 51.28
CA GLN B 615 2.60 -14.68 50.17
C GLN B 615 2.60 -13.89 48.87
N PRO B 616 3.14 -14.45 47.81
CA PRO B 616 3.23 -13.72 46.55
C PRO B 616 1.87 -13.31 46.02
N LEU B 617 1.88 -12.28 45.17
CA LEU B 617 0.65 -11.76 44.59
C LEU B 617 -0.08 -12.85 43.83
N ARG B 618 0.67 -13.74 43.19
CA ARG B 618 0.09 -14.82 42.41
C ARG B 618 -0.92 -15.63 43.22
N GLU B 619 -0.74 -15.68 44.54
CA GLU B 619 -1.66 -16.38 45.42
C GLU B 619 -2.56 -15.44 46.20
N ALA B 620 -2.24 -14.14 46.23
CA ALA B 620 -3.09 -13.18 46.91
C ALA B 620 -4.24 -12.70 46.05
N LEU B 621 -4.16 -12.88 44.73
CA LEU B 621 -5.29 -12.53 43.88
C LEU B 621 -6.59 -13.11 44.40
N ARG B 622 -6.53 -14.29 45.00
CA ARG B 622 -7.74 -14.97 45.43
C ARG B 622 -8.45 -14.18 46.53
N VAL B 623 -7.69 -13.51 47.38
CA VAL B 623 -8.29 -12.71 48.45
C VAL B 623 -9.10 -11.57 47.86
N GLN B 624 -8.52 -10.83 46.93
CA GLN B 624 -9.24 -9.74 46.28
C GLN B 624 -10.45 -10.27 45.54
N LEU B 625 -10.32 -11.43 44.90
CA LEU B 625 -11.44 -12.00 44.17
C LEU B 625 -12.60 -12.30 45.11
N VAL B 626 -12.29 -12.92 46.25
CA VAL B 626 -13.34 -13.22 47.22
C VAL B 626 -13.95 -11.94 47.77
N GLN B 627 -13.13 -10.92 47.97
CA GLN B 627 -13.64 -9.65 48.45
C GLN B 627 -14.67 -9.10 47.48
N GLN B 628 -14.34 -9.11 46.19
CA GLN B 628 -15.25 -8.61 45.18
C GLN B 628 -16.51 -9.47 45.10
N PHE B 629 -16.36 -10.79 45.19
CA PHE B 629 -17.52 -11.67 45.17
C PHE B 629 -18.47 -11.34 46.32
N TYR B 630 -17.93 -11.16 47.51
CA TYR B 630 -18.78 -10.84 48.65
C TYR B 630 -19.43 -9.47 48.47
N PHE B 631 -18.69 -8.50 47.98
CA PHE B 631 -19.30 -7.22 47.66
C PHE B 631 -20.48 -7.40 46.73
N CYS B 632 -20.37 -8.34 45.79
CA CYS B 632 -21.48 -8.59 44.88
C CYS B 632 -22.62 -9.31 45.58
N ILE B 633 -22.32 -10.07 46.62
CA ILE B 633 -23.31 -10.90 47.30
C ILE B 633 -24.03 -10.10 48.37
N TYR B 634 -23.29 -9.61 49.36
CA TYR B 634 -23.88 -8.94 50.51
C TYR B 634 -24.16 -7.47 50.26
N ASN B 635 -24.23 -7.02 49.02
CA ASN B 635 -24.41 -5.60 48.75
C ASN B 635 -25.74 -5.13 49.30
N ASP B 636 -25.70 -4.00 50.00
CA ASP B 636 -26.88 -3.39 50.60
C ASP B 636 -26.57 -1.92 50.84
N SER B 637 -27.53 -1.22 51.42
CA SER B 637 -27.32 0.18 51.76
C SER B 637 -26.30 0.33 52.89
N GLN B 638 -26.31 -0.61 53.84
CA GLN B 638 -25.38 -0.54 54.96
C GLN B 638 -23.94 -0.60 54.47
N LEU B 639 -23.61 -1.63 53.70
CA LEU B 639 -22.27 -1.76 53.16
C LEU B 639 -21.92 -0.56 52.29
N GLU B 640 -22.91 -0.03 51.57
CA GLU B 640 -22.67 1.15 50.74
C GLU B 640 -22.18 2.31 51.59
N GLY B 641 -22.96 2.67 52.61
CA GLY B 641 -22.55 3.77 53.47
C GLY B 641 -21.21 3.54 54.12
N PHE B 642 -20.97 2.32 54.61
CA PHE B 642 -19.70 2.00 55.24
C PHE B 642 -18.55 2.24 54.26
N CYS B 643 -18.55 1.52 53.15
CA CYS B 643 -17.48 1.67 52.17
C CYS B 643 -17.36 3.10 51.65
N ASN B 644 -18.41 3.90 51.78
CA ASN B 644 -18.31 5.28 51.35
C ASN B 644 -17.66 6.16 52.41
N GLU B 645 -17.81 5.80 53.68
CA GLU B 645 -17.31 6.60 54.78
C GLU B 645 -15.95 6.16 55.29
N GLN B 646 -15.42 5.03 54.82
CA GLN B 646 -14.13 4.55 55.28
C GLN B 646 -12.96 5.20 54.56
N LYS B 647 -13.19 5.86 53.43
CA LYS B 647 -12.09 6.42 52.67
C LYS B 647 -11.34 7.47 53.46
N LYS B 648 -12.06 8.25 54.27
CA LYS B 648 -11.40 9.29 55.07
C LYS B 648 -10.31 8.70 55.94
N ILE B 649 -10.60 7.55 56.55
CA ILE B 649 -9.63 6.90 57.43
C ILE B 649 -8.40 6.50 56.64
N LEU B 650 -8.59 5.97 55.43
CA LEU B 650 -7.46 5.54 54.62
C LEU B 650 -6.62 6.72 54.18
N MET B 651 -7.27 7.83 53.84
CA MET B 651 -6.52 9.02 53.44
C MET B 651 -5.73 9.57 54.61
N ALA B 652 -6.33 9.57 55.81
CA ALA B 652 -5.60 9.99 56.99
C ALA B 652 -4.40 9.08 57.23
N LEU B 653 -4.59 7.78 57.03
CA LEU B 653 -3.48 6.84 57.18
C LEU B 653 -2.35 7.18 56.22
N GLU B 654 -2.69 7.41 54.95
CA GLU B 654 -1.67 7.77 53.98
C GLU B 654 -0.95 9.04 54.38
N GLY B 655 -1.71 10.05 54.82
CA GLY B 655 -1.09 11.26 55.32
C GLY B 655 -0.11 10.98 56.44
N ASP B 656 -0.46 10.03 57.30
CA ASP B 656 0.45 9.66 58.39
C ASP B 656 1.72 9.01 57.84
N LYS B 657 1.58 8.19 56.81
CA LYS B 657 2.74 7.51 56.25
C LYS B 657 3.74 8.49 55.63
N LYS B 658 3.26 9.61 55.11
CA LYS B 658 4.12 10.56 54.40
C LYS B 658 4.40 11.83 55.21
N ASN B 659 4.13 11.80 56.51
CA ASN B 659 4.46 12.91 57.39
C ASN B 659 3.71 14.18 57.00
N LYS B 660 2.56 14.02 56.35
CA LYS B 660 1.72 15.15 55.99
C LYS B 660 0.81 15.47 57.17
N SER B 661 0.95 16.67 57.73
CA SER B 661 0.25 17.03 58.95
C SER B 661 -1.22 17.24 58.62
N SER B 662 -1.94 16.14 58.55
CA SER B 662 -3.37 16.18 58.27
C SER B 662 -4.12 16.84 59.42
N PHE B 663 -5.37 17.19 59.16
CA PHE B 663 -6.22 17.78 60.17
C PHE B 663 -7.67 17.58 59.77
N GLY B 664 -8.56 17.87 60.70
CA GLY B 664 -9.98 17.66 60.48
C GLY B 664 -10.78 18.56 61.39
N PHE B 665 -12.08 18.57 61.15
CA PHE B 665 -13.01 19.45 61.86
C PHE B 665 -13.82 18.73 62.92
N ASN B 666 -14.24 17.48 62.67
CA ASN B 666 -15.04 16.75 63.65
C ASN B 666 -15.00 15.26 63.37
N PRO B 667 -13.93 14.56 63.75
CA PRO B 667 -13.87 13.11 63.48
C PRO B 667 -14.89 12.29 64.23
N GLU B 668 -15.27 12.70 65.44
CA GLU B 668 -16.25 11.94 66.20
C GLU B 668 -17.53 11.74 65.40
N GLY B 669 -17.99 12.79 64.71
CA GLY B 669 -19.16 12.65 63.87
C GLY B 669 -18.95 11.65 62.76
N LEU B 670 -17.73 11.56 62.24
CA LEU B 670 -17.44 10.57 61.20
C LEU B 670 -17.56 9.17 61.76
N LEU B 671 -16.97 8.93 62.93
CA LEU B 671 -17.08 7.61 63.55
C LEU B 671 -18.54 7.27 63.82
N GLU B 672 -19.32 8.25 64.27
CA GLU B 672 -20.74 8.02 64.53
C GLU B 672 -21.46 7.61 63.25
N LYS B 673 -21.27 8.39 62.18
CA LYS B 673 -21.90 8.06 60.92
C LYS B 673 -21.53 6.65 60.46
N ILE B 674 -20.26 6.28 60.62
CA ILE B 674 -19.84 4.94 60.21
C ILE B 674 -20.56 3.89 61.04
N GLU B 675 -20.43 3.97 62.37
CA GLU B 675 -21.04 2.96 63.22
C GLU B 675 -22.55 2.94 63.12
N GLU B 676 -23.18 3.96 62.53
CA GLU B 676 -24.63 3.96 62.39
C GLU B 676 -25.13 2.92 61.40
N CYS B 677 -24.35 2.62 60.35
CA CYS B 677 -24.81 1.73 59.28
C CYS B 677 -24.30 0.31 59.45
N LEU B 678 -23.91 -0.08 60.65
CA LEU B 678 -23.43 -1.43 60.94
C LEU B 678 -24.51 -2.18 61.71
N ILE B 679 -25.32 -2.93 60.98
CA ILE B 679 -26.41 -3.68 61.57
C ILE B 679 -26.66 -4.99 60.82
N ASN B 680 -26.55 -6.10 61.53
CA ASN B 680 -27.01 -7.40 61.02
C ASN B 680 -26.53 -7.67 59.60
N ASN B 681 -25.37 -7.13 59.23
CA ASN B 681 -24.75 -7.43 57.94
C ASN B 681 -23.33 -7.91 58.20
N PRO B 682 -23.08 -9.21 58.09
CA PRO B 682 -21.77 -9.75 58.50
C PRO B 682 -20.59 -9.04 57.86
N MET B 683 -20.70 -8.69 56.58
CA MET B 683 -19.56 -8.14 55.86
C MET B 683 -19.11 -6.83 56.50
N CYS B 684 -20.04 -5.94 56.81
CA CYS B 684 -19.67 -4.68 57.43
C CYS B 684 -18.93 -4.91 58.75
N LEU B 685 -19.46 -5.80 59.59
CA LEU B 685 -18.84 -6.05 60.88
C LEU B 685 -17.43 -6.60 60.71
N PHE B 686 -17.27 -7.57 59.81
CA PHE B 686 -15.98 -8.17 59.57
C PHE B 686 -14.97 -7.12 59.11
N MET B 687 -15.36 -6.32 58.12
CA MET B 687 -14.43 -5.34 57.58
C MET B 687 -14.11 -4.25 58.60
N ALA B 688 -15.06 -3.92 59.47
CA ALA B 688 -14.80 -2.91 60.50
C ALA B 688 -13.81 -3.42 61.53
N GLN B 689 -14.02 -4.66 62.00
CA GLN B 689 -13.05 -5.23 62.93
C GLN B 689 -11.67 -5.30 62.30
N ARG B 690 -11.61 -5.66 61.02
CA ARG B 690 -10.33 -5.74 60.34
C ARG B 690 -9.70 -4.37 60.17
N LEU B 691 -10.51 -3.34 59.98
CA LEU B 691 -9.97 -1.97 59.88
C LEU B 691 -9.41 -1.52 61.22
N ASN B 692 -10.10 -1.84 62.30
CA ASN B 692 -9.56 -1.57 63.64
C ASN B 692 -8.22 -2.26 63.83
N GLU B 693 -8.15 -3.54 63.44
CA GLU B 693 -6.88 -4.27 63.56
C GLU B 693 -5.80 -3.62 62.70
N LEU B 694 -6.19 -3.09 61.54
CA LEU B 694 -5.23 -2.41 60.67
C LEU B 694 -4.64 -1.20 61.39
N VAL B 695 -5.50 -0.30 61.88
CA VAL B 695 -5.00 0.89 62.54
C VAL B 695 -4.18 0.52 63.76
N ILE B 696 -4.55 -0.55 64.45
CA ILE B 696 -3.75 -0.99 65.59
C ILE B 696 -2.36 -1.41 65.15
N GLU B 697 -2.29 -2.31 64.17
CA GLU B 697 -0.99 -2.79 63.71
C GLU B 697 -0.14 -1.65 63.17
N ALA B 698 -0.77 -0.62 62.62
CA ALA B 698 -0.01 0.49 62.09
C ALA B 698 0.42 1.46 63.18
N SER B 699 -0.34 1.52 64.28
CA SER B 699 0.07 2.37 65.40
C SER B 699 1.47 2.02 65.86
N LYS B 700 1.89 0.78 65.66
CA LYS B 700 3.27 0.38 65.91
C LYS B 700 4.23 1.07 64.95
N ARG B 701 3.72 1.74 63.93
CA ARG B 701 4.56 2.40 62.94
C ARG B 701 4.05 3.78 62.56
N GLY B 702 2.94 4.23 63.14
CA GLY B 702 2.34 5.50 62.76
C GLY B 702 1.52 6.07 63.89
N ALA B 703 1.24 7.37 63.78
CA ALA B 703 0.48 8.09 64.77
C ALA B 703 -0.95 8.28 64.28
N LYS B 704 -1.71 9.11 64.98
CA LYS B 704 -3.08 9.50 64.65
C LYS B 704 -4.09 8.42 64.97
N PHE B 705 -3.79 7.52 65.90
CA PHE B 705 -4.74 6.47 66.25
C PHE B 705 -4.60 6.12 67.72
N PHE B 706 -5.73 6.00 68.39
CA PHE B 706 -5.79 5.66 69.80
C PHE B 706 -6.10 4.18 69.95
N LYS B 707 -5.69 3.63 71.09
CA LYS B 707 -5.94 2.23 71.38
C LYS B 707 -6.99 2.07 72.48
N MET C 1 -5.39 -19.34 60.88
CA MET C 1 -4.93 -17.96 60.58
C MET C 1 -6.13 -17.03 60.43
N GLU C 2 -5.91 -15.75 60.75
CA GLU C 2 -6.90 -14.71 60.57
C GLU C 2 -6.50 -13.84 59.41
N ILE C 3 -7.47 -13.48 58.58
CA ILE C 3 -7.20 -12.77 57.34
C ILE C 3 -7.60 -11.31 57.49
N ASN C 4 -6.86 -10.44 56.81
CA ASN C 4 -7.14 -9.03 56.76
C ASN C 4 -6.58 -8.46 55.46
N PRO C 5 -7.42 -8.11 54.49
CA PRO C 5 -6.88 -7.59 53.22
C PRO C 5 -6.30 -6.20 53.36
N TYR C 6 -6.86 -5.37 54.23
CA TYR C 6 -6.37 -4.00 54.38
C TYR C 6 -4.88 -3.95 54.64
N LEU C 7 -4.27 -5.05 55.07
CA LEU C 7 -2.85 -5.06 55.35
C LEU C 7 -2.02 -4.67 54.14
N MET C 8 -2.58 -4.80 52.93
CA MET C 8 -1.80 -4.41 51.75
C MET C 8 -1.62 -2.91 51.65
N PHE C 9 -2.33 -2.13 52.46
CA PHE C 9 -2.23 -0.68 52.44
C PHE C 9 -1.01 -0.15 53.17
N LEU C 10 -0.15 -1.03 53.69
CA LEU C 10 1.06 -0.60 54.38
C LEU C 10 2.24 -0.49 53.43
N ASN C 11 2.59 -1.60 52.78
CA ASN C 11 3.69 -1.65 51.84
C ASN C 11 3.32 -1.17 50.46
N ASN C 12 2.16 -0.52 50.31
CA ASN C 12 1.69 -0.05 49.02
C ASN C 12 0.94 1.25 49.22
N ASP C 13 0.75 1.97 48.11
CA ASP C 13 0.04 3.22 48.16
C ASP C 13 -1.43 2.98 48.46
N VAL C 14 -2.19 4.07 48.54
CA VAL C 14 -3.61 3.99 48.79
C VAL C 14 -4.44 4.31 47.55
N THR C 15 -3.98 5.21 46.68
CA THR C 15 -4.76 5.54 45.50
C THR C 15 -4.82 4.36 44.53
N SER C 16 -3.68 3.69 44.33
CA SER C 16 -3.62 2.62 43.33
C SER C 16 -4.43 1.41 43.73
N LEU C 17 -5.13 1.48 44.85
CA LEU C 17 -5.96 0.38 45.31
C LEU C 17 -7.31 0.85 45.81
N ILE C 18 -7.60 2.15 45.72
CA ILE C 18 -8.85 2.65 46.29
C ILE C 18 -10.04 2.03 45.57
N SER C 19 -9.87 1.67 44.30
CA SER C 19 -10.94 1.03 43.55
C SER C 19 -11.45 -0.23 44.24
N THR C 20 -10.58 -0.91 45.00
CA THR C 20 -11.00 -2.14 45.64
C THR C 20 -12.14 -1.93 46.63
N THR C 21 -12.29 -0.72 47.17
CA THR C 21 -13.33 -0.47 48.15
C THR C 21 -14.70 -0.31 47.50
N TYR C 22 -14.78 0.43 46.40
CA TYR C 22 -16.05 0.68 45.75
C TYR C 22 -16.76 -0.64 45.45
N PRO C 23 -17.90 -0.91 46.09
CA PRO C 23 -18.68 -2.12 45.81
C PRO C 23 -19.63 -1.95 44.64
N TYR C 24 -19.12 -1.45 43.52
CA TYR C 24 -19.93 -1.24 42.34
C TYR C 24 -20.08 -2.51 41.52
N THR C 25 -19.62 -3.63 42.04
CA THR C 25 -19.76 -4.92 41.41
C THR C 25 -21.06 -5.61 41.81
N GLY C 26 -21.89 -4.98 42.62
CA GLY C 26 -23.12 -5.57 43.08
C GLY C 26 -24.30 -4.65 42.90
N PRO C 27 -25.50 -5.18 43.11
CA PRO C 27 -26.71 -4.38 42.90
C PRO C 27 -26.80 -3.26 43.92
N PRO C 28 -27.15 -2.05 43.49
CA PRO C 28 -27.36 -0.97 44.44
C PRO C 28 -28.75 -1.02 45.03
N PRO C 29 -28.99 -0.29 46.11
CA PRO C 29 -30.32 -0.30 46.73
C PRO C 29 -31.32 0.52 45.94
N MET C 30 -32.54 0.68 46.46
CA MET C 30 -33.54 1.48 45.80
C MET C 30 -33.07 2.91 45.60
N SER C 35 -41.58 9.43 48.93
CA SER C 35 -42.42 9.19 50.09
C SER C 35 -42.96 10.51 50.62
N THR C 36 -43.35 10.53 51.89
CA THR C 36 -43.83 11.73 52.56
C THR C 36 -43.03 12.08 53.78
N LYS C 37 -42.59 11.08 54.55
CA LYS C 37 -41.78 11.35 55.71
C LYS C 37 -40.51 12.09 55.32
N TYR C 38 -39.86 11.63 54.25
CA TYR C 38 -38.68 12.31 53.74
C TYR C 38 -39.00 13.74 53.35
N THR C 39 -40.11 13.94 52.65
CA THR C 39 -40.48 15.28 52.20
C THR C 39 -40.81 16.18 53.38
N LEU C 40 -41.53 15.65 54.36
CA LEU C 40 -41.88 16.46 55.52
C LEU C 40 -40.64 16.85 56.30
N GLU C 41 -39.72 15.91 56.50
CA GLU C 41 -38.47 16.24 57.17
C GLU C 41 -37.71 17.29 56.38
N THR C 42 -37.73 17.19 55.06
CA THR C 42 -37.03 18.17 54.23
C THR C 42 -37.64 19.56 54.41
N ILE C 43 -38.97 19.65 54.36
CA ILE C 43 -39.65 20.92 54.57
C ILE C 43 -39.28 21.49 55.92
N LYS C 44 -39.26 20.64 56.94
CA LYS C 44 -38.94 21.09 58.28
C LYS C 44 -37.53 21.64 58.34
N ARG C 45 -36.57 20.89 57.82
CA ARG C 45 -35.18 21.34 57.82
C ARG C 45 -35.04 22.65 57.06
N THR C 46 -35.83 22.82 56.00
CA THR C 46 -35.74 24.06 55.21
C THR C 46 -36.21 25.24 56.04
N TYR C 47 -37.43 25.17 56.57
CA TYR C 47 -37.89 26.24 57.44
C TYR C 47 -36.88 26.48 58.57
N ASP C 48 -36.46 25.41 59.23
CA ASP C 48 -35.61 25.54 60.41
C ASP C 48 -34.32 26.27 60.08
N TYR C 49 -33.71 25.93 58.95
CA TYR C 49 -32.41 26.49 58.61
C TYR C 49 -32.49 28.00 58.46
N SER C 50 -33.56 28.51 57.87
CA SER C 50 -33.74 29.95 57.91
C SER C 50 -33.80 30.31 59.38
N ARG C 51 -32.95 31.22 59.79
CA ARG C 51 -32.76 31.48 61.21
C ARG C 51 -33.49 32.75 61.61
N THR C 52 -34.81 32.68 61.53
CA THR C 52 -35.67 33.84 61.78
C THR C 52 -37.09 33.33 61.97
N SER C 53 -38.00 34.28 62.21
CA SER C 53 -39.40 33.96 62.39
C SER C 53 -40.31 34.98 61.72
N VAL C 54 -39.75 35.97 61.00
CA VAL C 54 -40.57 36.95 60.31
C VAL C 54 -41.45 36.27 59.29
N GLU C 55 -42.65 36.81 59.09
CA GLU C 55 -43.58 36.25 58.15
C GLU C 55 -44.50 37.33 57.62
N LYS C 56 -44.98 37.13 56.41
CA LYS C 56 -45.98 38.03 55.83
C LYS C 56 -47.19 37.22 55.41
N THR C 57 -48.13 37.85 54.72
CA THR C 57 -49.33 37.16 54.24
C THR C 57 -49.54 37.49 52.78
N SER C 58 -49.71 36.45 51.97
CA SER C 58 -49.89 36.62 50.53
C SER C 58 -51.33 37.03 50.25
N LYS C 59 -51.50 38.23 49.70
CA LYS C 59 -52.83 38.67 49.30
C LYS C 59 -53.45 37.73 48.28
N VAL C 60 -52.64 36.96 47.57
CA VAL C 60 -53.14 36.05 46.55
C VAL C 60 -53.74 34.80 47.19
N PHE C 61 -52.93 34.07 47.94
CA PHE C 61 -53.37 32.83 48.57
C PHE C 61 -53.82 33.02 50.01
N ASN C 62 -53.46 34.14 50.66
CA ASN C 62 -53.77 34.35 52.06
C ASN C 62 -53.09 33.28 52.93
N ILE C 63 -51.78 33.20 52.79
CA ILE C 63 -50.98 32.16 53.42
C ILE C 63 -49.77 32.81 54.08
N PRO C 64 -49.32 32.33 55.25
CA PRO C 64 -48.09 32.85 55.83
C PRO C 64 -46.90 32.56 54.92
N ARG C 65 -46.08 33.58 54.73
CA ARG C 65 -44.89 33.53 53.88
C ARG C 65 -43.63 33.90 54.67
N ARG C 66 -42.95 32.89 55.22
CA ARG C 66 -41.68 33.14 55.87
C ARG C 66 -40.73 33.82 54.88
N LYS C 67 -40.20 34.97 55.26
CA LYS C 67 -39.26 35.69 54.41
C LYS C 67 -37.84 35.45 54.92
N PHE C 68 -36.99 34.84 54.10
CA PHE C 68 -35.63 34.52 54.55
C PHE C 68 -34.61 35.14 53.60
N CYS C 69 -34.37 36.43 53.77
CA CYS C 69 -33.33 37.12 53.02
C CYS C 69 -33.03 38.47 53.66
N ASN C 70 -31.82 38.62 54.20
CA ASN C 70 -31.42 39.83 54.91
C ASN C 70 -32.16 39.99 56.24
N CYS C 71 -32.57 38.88 56.85
CA CYS C 71 -33.29 38.89 58.12
C CYS C 71 -32.66 37.94 59.12
N LEU C 72 -31.34 37.91 59.17
CA LEU C 72 -30.68 36.90 59.99
C LEU C 72 -30.98 37.12 61.47
N GLU C 73 -31.30 36.02 62.16
CA GLU C 73 -31.47 36.01 63.60
C GLU C 73 -30.97 34.67 64.11
N ASP C 74 -30.99 34.52 65.43
CA ASP C 74 -30.65 33.25 66.08
C ASP C 74 -29.24 32.82 65.67
N LYS C 75 -28.26 33.64 66.05
CA LYS C 75 -26.87 33.39 65.70
C LYS C 75 -26.21 32.49 66.72
N ASP C 76 -26.71 31.27 66.80
CA ASP C 76 -26.16 30.25 67.68
C ASP C 76 -25.94 28.98 66.88
N GLU C 77 -24.83 28.30 67.14
CA GLU C 77 -24.47 27.09 66.43
C GLU C 77 -24.34 27.36 64.93
N LEU C 78 -23.78 28.51 64.59
CA LEU C 78 -23.62 28.88 63.20
C LEU C 78 -22.88 27.82 62.40
N VAL C 79 -22.10 26.98 63.06
CA VAL C 79 -21.47 25.85 62.36
C VAL C 79 -22.51 25.06 61.61
N LYS C 80 -23.73 25.04 62.12
CA LYS C 80 -24.82 24.31 61.49
C LYS C 80 -25.36 25.11 60.33
N PRO C 81 -26.19 24.50 59.49
CA PRO C 81 -26.64 25.17 58.27
C PRO C 81 -27.45 26.42 58.58
N THR C 82 -27.46 27.33 57.60
CA THR C 82 -28.25 28.54 57.66
C THR C 82 -28.62 28.93 56.24
N GLY C 83 -29.86 29.36 56.05
CA GLY C 83 -30.34 29.71 54.73
C GLY C 83 -30.64 31.18 54.55
N ASN C 84 -30.02 32.03 55.36
CA ASN C 84 -30.18 33.47 55.25
C ASN C 84 -29.03 34.07 54.47
N VAL C 85 -29.35 35.09 53.68
CA VAL C 85 -28.39 35.70 52.78
C VAL C 85 -28.42 37.21 52.98
N ASP C 86 -27.26 37.82 52.81
CA ASP C 86 -27.10 39.27 52.85
C ASP C 86 -26.76 39.70 51.43
N ILE C 87 -27.76 40.26 50.73
CA ILE C 87 -27.59 40.59 49.31
C ILE C 87 -26.38 41.47 49.08
N SER C 88 -26.06 42.34 50.03
CA SER C 88 -24.93 43.25 49.85
C SER C 88 -23.65 42.49 49.56
N SER C 89 -23.36 41.47 50.38
CA SER C 89 -22.14 40.71 50.18
C SER C 89 -22.15 39.98 48.85
N LEU C 90 -23.33 39.46 48.47
CA LEU C 90 -23.45 38.78 47.19
C LEU C 90 -23.10 39.70 46.04
N LEU C 91 -23.67 40.91 46.04
CA LEU C 91 -23.40 41.86 44.98
C LEU C 91 -21.94 42.29 44.99
N GLY C 92 -21.35 42.44 46.17
CA GLY C 92 -19.95 42.79 46.24
C GLY C 92 -19.07 41.72 45.62
N LEU C 93 -19.36 40.45 45.92
CA LEU C 93 -18.58 39.36 45.35
C LEU C 93 -18.75 39.30 43.85
N ALA C 94 -19.98 39.51 43.36
CA ALA C 94 -20.21 39.52 41.93
C ALA C 94 -19.42 40.64 41.26
N GLU C 95 -19.38 41.81 41.89
CA GLU C 95 -18.62 42.92 41.34
C GLU C 95 -17.14 42.60 41.29
N MET C 96 -16.63 41.97 42.34
CA MET C 96 -15.22 41.58 42.36
C MET C 96 -14.91 40.59 41.26
N MET C 97 -15.79 39.62 41.05
CA MET C 97 -15.57 38.65 39.98
C MET C 97 -15.57 39.33 38.62
N GLU C 98 -16.53 40.21 38.37
CA GLU C 98 -16.55 40.94 37.12
C GLU C 98 -15.26 41.73 36.93
N LYS C 99 -14.85 42.45 37.98
CA LYS C 99 -13.60 43.21 37.92
C LYS C 99 -12.44 42.31 37.51
N ARG C 100 -12.36 41.11 38.08
CA ARG C 100 -11.31 40.19 37.68
C ARG C 100 -11.41 39.84 36.21
N MET C 101 -12.60 39.43 35.77
CA MET C 101 -12.77 38.97 34.40
C MET C 101 -12.78 40.12 33.39
N GLY C 102 -13.01 41.34 33.83
CA GLY C 102 -13.06 42.49 32.96
C GLY C 102 -14.47 43.01 32.76
N GLU C 103 -14.54 44.21 32.19
CA GLU C 103 -15.81 44.85 31.93
C GLU C 103 -16.47 44.28 30.69
N GLY C 104 -17.75 44.58 30.53
CA GLY C 104 -18.50 44.06 29.39
C GLY C 104 -18.58 42.55 29.36
N PHE C 105 -18.55 41.90 30.52
CA PHE C 105 -18.54 40.45 30.60
C PHE C 105 -19.96 39.89 30.73
N PHE C 106 -20.65 40.27 31.81
CA PHE C 106 -22.03 39.82 31.99
C PHE C 106 -22.90 40.24 30.81
N LYS C 107 -22.68 41.45 30.30
CA LYS C 107 -23.43 41.92 29.15
C LYS C 107 -23.18 41.05 27.93
N HIS C 108 -21.90 40.74 27.67
CA HIS C 108 -21.57 39.87 26.54
C HIS C 108 -22.25 38.51 26.67
N CYS C 109 -22.28 37.95 27.88
CA CYS C 109 -22.89 36.65 28.06
C CYS C 109 -24.39 36.70 27.82
N VAL C 110 -25.07 37.68 28.42
CA VAL C 110 -26.52 37.77 28.20
C VAL C 110 -26.81 38.01 26.72
N MET C 111 -25.92 38.71 26.02
CA MET C 111 -26.11 38.91 24.59
C MET C 111 -26.00 37.59 23.85
N GLU C 112 -24.97 36.80 24.15
CA GLU C 112 -24.84 35.49 23.52
C GLU C 112 -26.06 34.62 23.79
N ALA C 113 -26.65 34.76 24.96
CA ALA C 113 -27.84 33.97 25.28
C ALA C 113 -29.05 34.45 24.48
N GLU C 114 -29.30 35.76 24.49
CA GLU C 114 -30.40 36.31 23.72
C GLU C 114 -30.27 35.97 22.25
N THR C 115 -29.04 35.75 21.77
CA THR C 115 -28.85 35.35 20.39
C THR C 115 -29.50 34.00 20.09
N GLU C 116 -29.77 33.20 21.10
CA GLU C 116 -30.38 31.88 20.94
C GLU C 116 -31.82 31.82 21.42
N ILE C 117 -32.12 32.48 22.54
CA ILE C 117 -33.46 32.41 23.09
C ILE C 117 -34.49 32.84 22.07
N LEU C 118 -34.13 33.77 21.18
CA LEU C 118 -35.10 34.32 20.25
C LEU C 118 -35.40 33.36 19.11
N LYS C 119 -34.36 32.79 18.50
CA LYS C 119 -34.57 31.89 17.37
C LYS C 119 -35.01 30.50 17.78
N MET C 120 -35.03 30.18 19.08
CA MET C 120 -35.34 28.83 19.50
C MET C 120 -36.79 28.48 19.20
N HIS C 121 -37.00 27.25 18.74
CA HIS C 121 -38.34 26.75 18.53
C HIS C 121 -38.89 26.17 19.83
N PHE C 122 -40.21 26.24 19.98
CA PHE C 122 -40.85 25.79 21.21
C PHE C 122 -41.03 24.29 21.25
N SER C 123 -40.44 23.56 20.32
CA SER C 123 -40.51 22.10 20.31
C SER C 123 -39.34 21.45 21.03
N ARG C 124 -38.32 22.23 21.38
CA ARG C 124 -37.18 21.70 22.11
C ARG C 124 -37.49 21.47 23.59
N LEU C 125 -38.72 21.72 24.01
CA LEU C 125 -39.14 21.39 25.36
C LEU C 125 -39.52 19.92 25.51
N THR C 126 -39.64 19.20 24.41
CA THR C 126 -39.94 17.77 24.49
C THR C 126 -38.76 16.98 25.01
N GLU C 127 -37.54 17.44 24.75
CA GLU C 127 -36.35 16.75 25.20
C GLU C 127 -36.08 17.11 26.65
N GLY C 128 -35.80 16.09 27.46
CA GLY C 128 -35.55 16.30 28.87
C GLY C 128 -36.23 15.24 29.72
N ARG C 129 -36.02 15.33 31.03
CA ARG C 129 -36.63 14.37 31.94
C ARG C 129 -38.12 14.65 32.08
N GLN C 130 -38.79 13.76 32.80
CA GLN C 130 -40.23 13.83 32.95
C GLN C 130 -40.66 15.17 33.54
N THR C 131 -41.95 15.46 33.36
CA THR C 131 -42.57 16.65 33.92
C THR C 131 -43.90 16.27 34.54
N TYR C 132 -44.48 17.23 35.26
CA TYR C 132 -45.73 17.03 35.98
C TYR C 132 -46.86 17.71 35.21
N ASP C 133 -47.69 16.92 34.56
CA ASP C 133 -48.86 17.47 33.89
C ASP C 133 -49.77 18.16 34.89
N TRP C 134 -50.43 19.22 34.43
CA TRP C 134 -51.30 20.01 35.28
C TRP C 134 -52.78 19.73 35.03
N THR C 135 -53.10 18.65 34.33
CA THR C 135 -54.47 18.25 34.09
C THR C 135 -54.80 16.92 34.76
N SER C 136 -54.02 15.88 34.47
CA SER C 136 -54.17 14.60 35.11
C SER C 136 -53.42 14.51 36.43
N GLU C 137 -52.51 15.45 36.69
CA GLU C 137 -51.75 15.49 37.93
C GLU C 137 -50.92 14.22 38.10
N ARG C 138 -50.08 13.98 37.10
CA ARG C 138 -49.17 12.83 37.11
C ARG C 138 -47.93 13.18 36.30
N ASN C 139 -46.92 12.33 36.44
CA ASN C 139 -45.62 12.56 35.82
C ASN C 139 -45.57 11.83 34.49
N MET C 140 -45.75 12.56 33.40
CA MET C 140 -45.59 12.06 32.05
C MET C 140 -44.33 12.65 31.43
N PRO C 141 -43.90 12.12 30.29
CA PRO C 141 -42.80 12.75 29.57
C PRO C 141 -43.17 14.16 29.14
N ALA C 142 -42.17 14.87 28.61
CA ALA C 142 -42.37 16.27 28.27
C ALA C 142 -43.17 16.42 26.99
N ALA C 143 -42.96 15.53 26.02
CA ALA C 143 -43.66 15.64 24.75
C ALA C 143 -45.17 15.62 24.94
N THR C 144 -45.65 14.62 25.68
CA THR C 144 -47.08 14.48 25.87
C THR C 144 -47.65 15.65 26.66
N ALA C 145 -46.91 16.14 27.67
CA ALA C 145 -47.38 17.27 28.46
C ALA C 145 -47.52 18.50 27.58
N LEU C 146 -46.52 18.76 26.75
CA LEU C 146 -46.58 19.89 25.84
C LEU C 146 -47.76 19.75 24.89
N GLN C 147 -47.96 18.55 24.34
CA GLN C 147 -49.10 18.30 23.47
C GLN C 147 -50.41 18.65 24.17
N LEU C 148 -50.58 18.17 25.39
CA LEU C 148 -51.82 18.40 26.12
C LEU C 148 -52.02 19.87 26.42
N THR C 149 -50.96 20.56 26.82
CA THR C 149 -51.08 21.99 27.10
C THR C 149 -51.48 22.76 25.85
N VAL C 150 -50.87 22.44 24.72
CA VAL C 150 -51.22 23.11 23.47
C VAL C 150 -52.68 22.84 23.10
N ASP C 151 -53.09 21.57 23.22
CA ASP C 151 -54.46 21.24 22.89
C ASP C 151 -55.45 21.97 23.79
N ALA C 152 -55.12 22.12 25.07
CA ALA C 152 -55.99 22.85 25.98
C ALA C 152 -56.07 24.32 25.58
N ILE C 153 -54.92 24.93 25.33
CA ILE C 153 -54.90 26.32 24.87
C ILE C 153 -55.83 26.47 23.68
N LYS C 154 -55.70 25.57 22.71
CA LYS C 154 -56.47 25.68 21.48
C LYS C 154 -57.96 25.54 21.76
N GLU C 155 -58.32 24.52 22.54
CA GLU C 155 -59.72 24.30 22.85
C GLU C 155 -60.32 25.43 23.68
N THR C 156 -59.48 26.22 24.34
CA THR C 156 -59.98 27.32 25.16
C THR C 156 -60.31 28.55 24.32
N GLU C 157 -59.32 29.07 23.60
CA GLU C 157 -59.46 30.32 22.86
C GLU C 157 -59.20 30.18 21.37
N GLY C 158 -58.20 29.39 20.99
CA GLY C 158 -57.84 29.25 19.60
C GLY C 158 -56.46 28.66 19.44
N PRO C 159 -56.20 28.07 18.27
CA PRO C 159 -54.93 27.36 18.06
C PRO C 159 -53.73 28.28 18.21
N PHE C 160 -52.65 27.71 18.71
CA PHE C 160 -51.42 28.45 18.94
C PHE C 160 -50.64 28.52 17.64
N LYS C 161 -50.72 29.67 16.97
CA LYS C 161 -49.99 29.87 15.72
C LYS C 161 -48.50 30.06 15.94
N GLY C 162 -48.08 30.32 17.17
CA GLY C 162 -46.69 30.60 17.45
C GLY C 162 -45.74 29.55 16.95
N THR C 163 -44.48 29.95 16.74
CA THR C 163 -43.46 29.03 16.27
C THR C 163 -42.13 29.20 16.99
N THR C 164 -42.08 30.03 18.02
CA THR C 164 -40.86 30.28 18.76
C THR C 164 -41.16 30.22 20.26
N MET C 165 -40.12 30.46 21.07
CA MET C 165 -40.25 30.33 22.51
C MET C 165 -40.92 31.55 23.12
N LEU C 166 -40.61 32.74 22.59
CA LEU C 166 -41.11 33.96 23.18
C LEU C 166 -42.64 34.02 23.17
N GLU C 167 -43.24 33.61 22.06
CA GLU C 167 -44.69 33.62 21.98
C GLU C 167 -45.29 32.64 22.97
N TYR C 168 -44.66 31.48 23.14
CA TYR C 168 -45.13 30.52 24.13
C TYR C 168 -45.07 31.10 25.53
N CYS C 169 -43.99 31.81 25.85
CA CYS C 169 -43.88 32.43 27.17
C CYS C 169 -44.96 33.47 27.38
N ASN C 170 -45.19 34.32 26.38
CA ASN C 170 -46.23 35.33 26.51
C ASN C 170 -47.59 34.68 26.67
N LYS C 171 -47.83 33.57 25.98
CA LYS C 171 -49.09 32.86 26.11
C LYS C 171 -49.26 32.31 27.51
N MET C 172 -48.20 31.72 28.06
CA MET C 172 -48.24 31.26 29.45
C MET C 172 -48.60 32.40 30.39
N ILE C 173 -47.92 33.54 30.23
CA ILE C 173 -48.19 34.70 31.06
C ILE C 173 -49.66 35.05 31.01
N GLU C 174 -50.20 35.20 29.80
CA GLU C 174 -51.61 35.51 29.65
C GLU C 174 -52.48 34.48 30.34
N MET C 175 -52.13 33.21 30.19
CA MET C 175 -52.91 32.14 30.81
C MET C 175 -52.87 32.19 32.31
N LEU C 176 -51.91 32.90 32.90
CA LEU C 176 -51.94 33.10 34.34
C LEU C 176 -52.94 34.16 34.76
N ASP C 177 -53.60 34.82 33.83
CA ASP C 177 -54.59 35.85 34.14
C ASP C 177 -55.97 35.54 33.60
N TRP C 178 -56.19 34.36 33.03
CA TRP C 178 -57.50 33.98 32.54
C TRP C 178 -58.43 33.67 33.71
N LYS C 179 -59.64 33.23 33.37
CA LYS C 179 -60.68 32.97 34.35
C LYS C 179 -61.37 31.63 34.18
N GLU C 180 -61.14 30.94 33.07
CA GLU C 180 -61.74 29.63 32.86
C GLU C 180 -60.96 28.90 31.78
N ILE C 181 -60.43 27.74 32.11
CA ILE C 181 -59.57 26.97 31.23
C ILE C 181 -60.26 25.65 30.91
N LYS C 182 -60.14 25.22 29.67
CA LYS C 182 -60.66 23.94 29.21
C LYS C 182 -59.53 23.02 28.83
N PHE C 183 -59.84 21.72 28.80
CA PHE C 183 -58.90 20.70 28.39
C PHE C 183 -59.67 19.40 28.26
N LYS C 184 -59.07 18.44 27.55
CA LYS C 184 -59.76 17.21 27.23
C LYS C 184 -59.66 16.20 28.36
N LYS C 185 -60.68 15.36 28.45
CA LYS C 185 -60.70 14.25 29.41
C LYS C 185 -61.94 13.42 29.11
N VAL C 186 -61.96 12.22 29.68
CA VAL C 186 -63.06 11.29 29.45
C VAL C 186 -64.37 11.87 29.96
N ILE C 211 -63.84 16.69 29.52
CA ILE C 211 -63.66 18.02 28.94
C ILE C 211 -63.92 18.99 30.09
N ASP C 212 -63.43 18.61 31.27
CA ASP C 212 -63.60 19.43 32.45
C ASP C 212 -62.93 20.78 32.29
N SER C 213 -63.46 21.78 33.00
CA SER C 213 -62.92 23.12 33.03
C SER C 213 -62.64 23.51 34.47
N ILE C 214 -61.76 24.50 34.65
CA ILE C 214 -61.36 24.94 35.97
C ILE C 214 -61.26 26.46 36.00
N LYS C 215 -61.06 26.99 37.20
CA LYS C 215 -61.02 28.41 37.46
C LYS C 215 -59.58 28.90 37.51
N HIS C 216 -59.41 30.15 37.94
CA HIS C 216 -58.10 30.79 37.94
C HIS C 216 -57.22 30.32 39.09
N ASP C 217 -57.75 30.37 40.32
CA ASP C 217 -56.94 30.04 41.49
C ASP C 217 -56.46 28.59 41.44
N GLU C 218 -57.36 27.67 41.11
CA GLU C 218 -57.00 26.26 41.09
C GLU C 218 -55.93 25.99 40.04
N PHE C 219 -56.10 26.55 38.85
CA PHE C 219 -55.11 26.37 37.79
C PHE C 219 -53.78 26.98 38.19
N LEU C 220 -53.82 28.13 38.86
CA LEU C 220 -52.58 28.77 39.31
C LEU C 220 -51.82 27.86 40.25
N ILE C 221 -52.49 27.37 41.29
CA ILE C 221 -51.83 26.49 42.24
C ILE C 221 -51.35 25.23 41.56
N ARG C 222 -52.15 24.69 40.63
CA ARG C 222 -51.80 23.47 39.95
C ARG C 222 -50.65 23.67 38.97
N ALA C 223 -50.39 24.91 38.57
CA ALA C 223 -49.27 25.19 37.70
C ALA C 223 -47.99 25.35 38.49
N LEU C 224 -48.02 26.20 39.52
CA LEU C 224 -46.86 26.31 40.39
C LEU C 224 -46.55 25.00 41.11
N THR C 225 -47.48 24.05 41.08
CA THR C 225 -47.27 22.75 41.69
C THR C 225 -46.00 22.10 41.17
N ILE C 226 -45.38 21.29 42.03
CA ILE C 226 -44.20 20.53 41.69
C ILE C 226 -44.29 19.15 42.34
N ASN C 227 -43.77 18.15 41.64
CA ASN C 227 -43.79 16.77 42.09
C ASN C 227 -42.36 16.29 42.28
N THR C 228 -42.22 15.08 42.80
CA THR C 228 -40.93 14.49 43.09
C THR C 228 -40.83 13.12 42.43
N MET C 229 -39.60 12.73 42.14
CA MET C 229 -39.32 11.40 41.58
C MET C 229 -38.18 10.78 42.36
N ALA C 230 -38.32 9.48 42.64
CA ALA C 230 -37.34 8.74 43.42
C ALA C 230 -36.32 8.03 42.55
N LYS C 231 -36.03 8.56 41.36
CA LYS C 231 -35.14 7.87 40.45
C LYS C 231 -33.71 7.82 40.99
N ASP C 232 -33.09 8.98 41.14
CA ASP C 232 -31.70 9.07 41.56
C ASP C 232 -30.87 7.98 40.89
N GLY C 233 -30.92 7.98 39.56
CA GLY C 233 -30.29 6.91 38.79
C GLY C 233 -28.89 6.61 39.25
N GLU C 234 -28.06 7.64 39.37
CA GLU C 234 -26.68 7.44 39.80
C GLU C 234 -26.60 7.14 41.29
N ARG C 235 -25.70 6.23 41.65
CA ARG C 235 -25.43 6.00 43.07
C ARG C 235 -24.88 7.26 43.72
N GLY C 236 -23.71 7.69 43.28
CA GLY C 236 -23.10 8.90 43.80
C GLY C 236 -23.22 9.02 45.30
N LYS C 237 -23.91 10.06 45.73
CA LYS C 237 -24.16 10.30 47.14
C LYS C 237 -25.50 9.66 47.51
N LEU C 238 -25.44 8.64 48.37
CA LEU C 238 -26.66 7.95 48.79
C LEU C 238 -27.68 8.90 49.40
N GLN C 239 -27.22 10.04 49.93
CA GLN C 239 -28.17 11.03 50.46
C GLN C 239 -29.15 11.46 49.38
N ARG C 240 -28.70 11.59 48.14
CA ARG C 240 -29.57 11.89 47.02
C ARG C 240 -30.48 10.70 46.78
N ARG C 241 -31.74 10.81 47.19
CA ARG C 241 -32.71 9.75 46.98
C ARG C 241 -33.98 10.28 46.36
N ALA C 242 -33.92 11.41 45.66
CA ALA C 242 -35.09 12.02 45.04
C ALA C 242 -34.60 13.07 44.04
N ILE C 243 -35.55 13.63 43.31
CA ILE C 243 -35.27 14.68 42.34
C ILE C 243 -36.58 15.35 41.97
N ALA C 244 -36.50 16.59 41.54
CA ALA C 244 -37.69 17.41 41.31
C ALA C 244 -38.24 17.19 39.91
N THR C 245 -39.50 17.58 39.73
CA THR C 245 -40.19 17.47 38.45
C THR C 245 -41.21 18.58 38.34
N PRO C 246 -40.79 19.76 37.91
CA PRO C 246 -41.74 20.87 37.77
C PRO C 246 -42.74 20.67 36.65
N GLY C 247 -43.65 21.62 36.51
CA GLY C 247 -44.66 21.58 35.47
C GLY C 247 -44.12 22.00 34.13
N MET C 248 -45.04 22.47 33.29
CA MET C 248 -44.71 22.95 31.95
C MET C 248 -44.72 24.47 31.84
N ILE C 249 -45.23 25.17 32.87
CA ILE C 249 -45.24 26.63 32.86
C ILE C 249 -43.94 27.22 33.39
N VAL C 250 -42.96 26.38 33.73
CA VAL C 250 -41.71 26.82 34.32
C VAL C 250 -40.50 26.35 33.54
N ARG C 251 -40.72 25.55 32.50
CA ARG C 251 -39.59 24.97 31.79
C ARG C 251 -38.85 26.01 30.95
N PRO C 252 -39.51 26.86 30.16
CA PRO C 252 -38.75 27.76 29.29
C PRO C 252 -37.95 28.80 30.04
N PHE C 253 -38.52 29.39 31.08
CA PHE C 253 -37.77 30.36 31.88
C PHE C 253 -36.58 29.70 32.55
N SER C 254 -36.77 28.48 33.04
CA SER C 254 -35.65 27.74 33.62
C SER C 254 -34.57 27.52 32.59
N LYS C 255 -34.97 27.20 31.35
CA LYS C 255 -33.99 27.02 30.29
C LYS C 255 -33.23 28.30 30.01
N ILE C 256 -33.93 29.43 30.01
CA ILE C 256 -33.28 30.71 29.79
C ILE C 256 -32.22 30.96 30.85
N VAL C 257 -32.59 30.76 32.11
CA VAL C 257 -31.65 31.02 33.21
C VAL C 257 -30.46 30.08 33.11
N GLU C 258 -30.71 28.80 32.82
CA GLU C 258 -29.61 27.86 32.70
C GLU C 258 -28.71 28.23 31.54
N THR C 259 -29.28 28.75 30.46
CA THR C 259 -28.47 29.14 29.31
C THR C 259 -27.52 30.28 29.67
N VAL C 260 -28.06 31.32 30.32
CA VAL C 260 -27.20 32.44 30.70
C VAL C 260 -26.14 31.97 31.70
N ALA C 261 -26.53 31.11 32.65
CA ALA C 261 -25.58 30.60 33.62
C ALA C 261 -24.48 29.80 32.95
N GLN C 262 -24.82 29.03 31.93
CA GLN C 262 -23.82 28.26 31.21
C GLN C 262 -22.86 29.17 30.46
N LYS C 263 -23.42 30.16 29.75
CA LYS C 263 -22.56 31.10 29.04
C LYS C 263 -21.62 31.82 29.98
N ILE C 264 -22.04 32.03 31.22
CA ILE C 264 -21.16 32.65 32.20
C ILE C 264 -20.10 31.65 32.66
N CYS C 265 -20.54 30.48 33.12
CA CYS C 265 -19.63 29.53 33.73
C CYS C 265 -18.52 29.13 32.76
N GLU C 266 -18.87 28.88 31.49
CA GLU C 266 -17.86 28.42 30.54
C GLU C 266 -16.67 29.37 30.49
N LYS C 267 -16.90 30.67 30.66
CA LYS C 267 -15.79 31.62 30.59
C LYS C 267 -14.82 31.44 31.75
N LEU C 268 -15.30 30.93 32.88
CA LEU C 268 -14.49 30.88 34.07
C LEU C 268 -13.63 29.63 34.09
N LYS C 269 -12.49 29.72 34.77
CA LYS C 269 -11.60 28.59 34.96
C LYS C 269 -11.80 27.93 36.30
N GLU C 270 -12.38 28.63 37.26
CA GLU C 270 -12.61 28.12 38.60
C GLU C 270 -13.87 27.28 38.69
N SER C 271 -14.39 26.82 37.56
CA SER C 271 -15.58 25.99 37.50
C SER C 271 -15.31 24.78 36.62
N GLY C 272 -15.89 23.65 37.00
CA GLY C 272 -15.72 22.42 36.25
C GLY C 272 -17.01 21.69 35.98
N LEU C 273 -18.13 22.42 36.03
CA LEU C 273 -19.42 21.75 35.91
C LEU C 273 -19.70 21.28 34.50
N PRO C 274 -19.64 22.13 33.46
CA PRO C 274 -20.01 21.64 32.11
C PRO C 274 -19.00 20.65 31.55
N VAL C 275 -17.72 20.87 31.81
CA VAL C 275 -16.67 20.02 31.26
C VAL C 275 -16.73 18.67 31.93
N GLY C 276 -16.00 17.70 31.39
CA GLY C 276 -15.95 16.38 31.95
C GLY C 276 -14.66 15.64 31.68
N GLY C 277 -14.04 15.16 32.74
CA GLY C 277 -12.88 14.30 32.62
C GLY C 277 -11.58 15.09 32.48
N ASN C 278 -10.91 14.91 31.35
CA ASN C 278 -9.57 15.46 31.17
C ASN C 278 -9.53 16.95 31.40
N GLU C 279 -10.64 17.65 31.15
CA GLU C 279 -10.65 19.10 31.26
C GLU C 279 -10.35 19.54 32.68
N LYS C 280 -11.11 19.03 33.64
CA LYS C 280 -10.90 19.42 35.03
C LYS C 280 -9.56 18.96 35.54
N LYS C 281 -9.06 17.81 35.08
CA LYS C 281 -7.73 17.38 35.46
C LYS C 281 -6.67 18.39 35.02
N ALA C 282 -6.76 18.81 33.76
CA ALA C 282 -5.82 19.82 33.28
C ALA C 282 -5.96 21.11 34.07
N LYS C 283 -7.19 21.50 34.38
CA LYS C 283 -7.42 22.69 35.20
C LYS C 283 -6.66 22.58 36.51
N LEU C 284 -6.86 21.47 37.22
CA LEU C 284 -6.22 21.30 38.52
C LEU C 284 -4.71 21.30 38.40
N LYS C 285 -4.18 20.65 37.38
CA LYS C 285 -2.73 20.57 37.26
C LYS C 285 -2.12 21.94 36.98
N THR C 286 -2.75 22.70 36.09
CA THR C 286 -2.26 24.06 35.82
C THR C 286 -2.39 24.92 37.08
N THR C 287 -3.48 24.76 37.82
CA THR C 287 -3.65 25.49 39.06
C THR C 287 -2.54 25.18 40.05
N VAL C 288 -2.18 23.91 40.16
CA VAL C 288 -1.14 23.51 41.09
C VAL C 288 0.21 24.08 40.68
N THR C 289 0.52 24.04 39.39
CA THR C 289 1.77 24.61 38.93
C THR C 289 1.83 26.11 39.22
N SER C 290 0.77 26.83 38.89
CA SER C 290 0.73 28.26 39.18
C SER C 290 0.94 28.51 40.67
N LEU C 291 0.27 27.72 41.51
CA LEU C 291 0.41 27.89 42.95
C LEU C 291 1.86 27.71 43.38
N ASN C 292 2.44 26.57 43.02
CA ASN C 292 3.81 26.28 43.44
C ASN C 292 4.79 27.31 42.91
N ALA C 293 4.47 27.96 41.79
CA ALA C 293 5.36 28.97 41.25
C ALA C 293 5.19 30.32 41.94
N ARG C 294 3.97 30.63 42.39
CA ARG C 294 3.74 31.94 42.98
C ARG C 294 4.34 32.06 44.37
N MET C 295 4.03 31.11 45.24
CA MET C 295 4.41 31.26 46.64
C MET C 295 5.93 31.32 46.77
N ASN C 296 6.39 32.18 47.68
CA ASN C 296 7.82 32.39 47.89
C ASN C 296 8.37 31.26 48.75
N SER C 297 9.59 31.41 49.22
CA SER C 297 10.23 30.39 50.05
C SER C 297 9.68 30.38 51.47
N ASP C 298 9.10 31.48 51.93
CA ASP C 298 8.58 31.58 53.29
C ASP C 298 7.10 31.27 53.37
N GLN C 299 6.55 30.55 52.40
CA GLN C 299 5.14 30.20 52.37
C GLN C 299 4.98 28.72 52.13
N PHE C 300 3.86 28.17 52.59
CA PHE C 300 3.52 26.77 52.36
C PHE C 300 2.03 26.68 52.08
N ALA C 301 1.66 25.70 51.26
CA ALA C 301 0.30 25.53 50.80
C ALA C 301 -0.41 24.39 51.51
N VAL C 302 -1.71 24.32 51.30
CA VAL C 302 -2.55 23.31 51.91
C VAL C 302 -3.73 23.04 50.98
N ASN C 303 -4.26 21.82 51.05
CA ASN C 303 -5.41 21.42 50.26
C ASN C 303 -6.55 21.03 51.19
N ILE C 304 -7.75 21.01 50.62
CA ILE C 304 -8.94 20.61 51.36
C ILE C 304 -9.91 19.94 50.40
N THR C 305 -10.59 18.91 50.88
CA THR C 305 -11.64 18.24 50.14
C THR C 305 -12.96 18.54 50.83
N GLY C 306 -13.80 19.33 50.17
CA GLY C 306 -15.03 19.81 50.74
C GLY C 306 -16.23 19.14 50.10
N ASP C 307 -17.28 18.97 50.90
CA ASP C 307 -18.53 18.40 50.42
C ASP C 307 -19.66 19.15 51.12
N ASN C 308 -20.16 20.19 50.45
CA ASN C 308 -21.21 21.00 51.03
C ASN C 308 -22.41 20.14 51.38
N SER C 309 -23.19 20.62 52.33
CA SER C 309 -24.37 19.92 52.82
C SER C 309 -25.61 20.79 52.63
N LYS C 310 -26.74 20.13 52.39
CA LYS C 310 -28.01 20.82 52.25
C LYS C 310 -27.98 21.84 51.12
N TRP C 311 -27.20 21.54 50.08
CA TRP C 311 -27.05 22.48 48.97
C TRP C 311 -28.39 22.94 48.43
N ASN C 312 -29.28 22.00 48.13
CA ASN C 312 -30.58 22.34 47.57
C ASN C 312 -31.57 22.79 48.62
N GLU C 313 -31.12 23.04 49.84
CA GLU C 313 -31.99 23.46 50.94
C GLU C 313 -31.53 24.76 51.56
N CYS C 314 -30.50 25.40 51.02
CA CYS C 314 -30.00 26.66 51.55
C CYS C 314 -29.93 27.71 50.45
N GLN C 315 -29.69 27.26 49.21
CA GLN C 315 -29.75 28.18 48.09
C GLN C 315 -31.14 28.79 48.01
N GLN C 316 -31.20 30.10 47.94
CA GLN C 316 -32.48 30.78 47.90
C GLN C 316 -32.69 31.45 46.56
N PRO C 317 -33.90 31.37 46.00
CA PRO C 317 -34.16 32.01 44.70
C PRO C 317 -34.26 33.51 44.78
N GLU C 318 -34.46 34.09 45.97
CA GLU C 318 -34.53 35.55 46.08
C GLU C 318 -33.18 36.16 45.78
N ALA C 319 -32.11 35.57 46.31
CA ALA C 319 -30.77 36.03 45.98
C ALA C 319 -30.49 35.87 44.50
N TYR C 320 -30.97 34.78 43.90
CA TYR C 320 -30.81 34.60 42.47
C TYR C 320 -31.52 35.70 41.71
N LEU C 321 -32.70 36.10 42.16
CA LEU C 321 -33.44 37.17 41.50
C LEU C 321 -32.67 38.48 41.57
N ALA C 322 -32.20 38.84 42.76
CA ALA C 322 -31.42 40.07 42.89
C ALA C 322 -30.17 40.02 42.03
N LEU C 323 -29.51 38.86 41.97
CA LEU C 323 -28.28 38.72 41.21
C LEU C 323 -28.55 38.86 39.71
N LEU C 324 -29.61 38.24 39.21
CA LEU C 324 -29.94 38.36 37.81
C LEU C 324 -30.35 39.78 37.45
N ALA C 325 -30.98 40.48 38.40
CA ALA C 325 -31.29 41.88 38.16
C ALA C 325 -30.01 42.71 38.08
N TYR C 326 -29.05 42.42 38.95
CA TYR C 326 -27.77 43.13 38.88
C TYR C 326 -27.04 42.84 37.58
N ILE C 327 -27.19 41.63 37.05
CA ILE C 327 -26.53 41.28 35.80
C ILE C 327 -27.19 42.00 34.63
N THR C 328 -28.50 41.81 34.47
CA THR C 328 -29.27 42.44 33.40
C THR C 328 -29.62 43.88 33.75
N LYS C 329 -28.57 44.70 33.87
CA LYS C 329 -28.75 46.12 34.12
C LYS C 329 -28.36 46.99 32.94
N ASP C 330 -27.38 46.57 32.16
CA ASP C 330 -26.94 47.31 30.99
C ASP C 330 -27.44 46.71 29.69
N SER C 331 -28.06 45.53 29.73
CA SER C 331 -28.55 44.88 28.53
C SER C 331 -29.93 45.41 28.19
N SER C 332 -30.58 44.77 27.22
CA SER C 332 -31.89 45.20 26.76
C SER C 332 -32.93 45.08 27.87
N ASP C 333 -34.05 45.78 27.68
CA ASP C 333 -35.16 45.74 28.62
C ASP C 333 -35.99 44.48 28.48
N LEU C 334 -35.60 43.58 27.58
CA LEU C 334 -36.33 42.33 27.37
C LEU C 334 -35.84 41.23 28.29
N MET C 335 -34.52 41.02 28.32
CA MET C 335 -33.98 39.97 29.18
C MET C 335 -34.27 40.25 30.65
N LYS C 336 -34.38 41.52 31.03
CA LYS C 336 -34.66 41.85 32.41
C LYS C 336 -35.97 41.25 32.89
N ASP C 337 -36.94 41.14 32.00
CA ASP C 337 -38.25 40.64 32.37
C ASP C 337 -38.34 39.13 32.32
N LEU C 338 -37.61 38.50 31.40
CA LEU C 338 -37.68 37.05 31.28
C LEU C 338 -36.96 36.37 32.44
N CYS C 339 -35.70 36.74 32.66
CA CYS C 339 -34.92 36.09 33.71
C CYS C 339 -35.58 36.23 35.07
N SER C 340 -36.38 37.27 35.28
CA SER C 340 -37.00 37.55 36.56
C SER C 340 -38.24 36.71 36.83
N VAL C 341 -38.56 35.74 35.98
CA VAL C 341 -39.79 34.96 36.12
C VAL C 341 -39.55 33.73 36.99
N ALA C 342 -38.67 32.84 36.52
CA ALA C 342 -38.42 31.60 37.23
C ALA C 342 -38.07 31.83 38.69
N PRO C 343 -37.31 32.86 39.05
CA PRO C 343 -37.07 33.12 40.47
C PRO C 343 -38.34 33.31 41.26
N VAL C 344 -39.24 34.21 40.84
CA VAL C 344 -40.45 34.42 41.61
C VAL C 344 -41.32 33.18 41.63
N LEU C 345 -41.28 32.39 40.56
CA LEU C 345 -42.08 31.17 40.54
C LEU C 345 -41.57 30.16 41.55
N PHE C 346 -40.25 30.02 41.66
CA PHE C 346 -39.68 29.19 42.72
C PHE C 346 -39.83 29.82 44.10
N CYS C 347 -40.04 31.14 44.17
CA CYS C 347 -40.34 31.78 45.44
C CYS C 347 -41.79 31.58 45.86
N ASN C 348 -42.64 31.07 44.97
CA ASN C 348 -44.03 30.81 45.31
C ASN C 348 -44.44 29.41 44.86
N LYS C 349 -43.57 28.44 45.06
CA LYS C 349 -43.78 27.08 44.62
C LYS C 349 -44.55 26.25 45.64
N PHE C 350 -45.25 25.24 45.15
CA PHE C 350 -45.96 24.27 45.96
C PHE C 350 -45.36 22.88 45.75
N VAL C 351 -45.42 22.08 46.81
CA VAL C 351 -44.86 20.74 46.80
C VAL C 351 -45.98 19.73 46.91
N LYS C 352 -45.70 18.52 46.44
CA LYS C 352 -46.69 17.46 46.29
C LYS C 352 -46.34 16.32 47.24
N LEU C 353 -47.28 15.97 48.11
CA LEU C 353 -47.12 14.85 49.03
C LEU C 353 -47.60 13.57 48.36
N GLY C 354 -46.78 12.53 48.43
CA GLY C 354 -46.98 11.33 47.62
C GLY C 354 -47.42 10.13 48.45
N GLN C 355 -48.53 9.54 48.04
CA GLN C 355 -48.99 8.20 48.40
C GLN C 355 -49.54 8.14 49.81
N GLY C 356 -49.44 9.20 50.59
CA GLY C 356 -49.97 9.18 51.94
C GLY C 356 -49.47 8.05 52.81
N ILE C 357 -50.08 7.89 53.99
CA ILE C 357 -49.71 6.86 54.95
C ILE C 357 -50.46 5.58 54.68
N ARG C 358 -50.01 4.51 55.33
CA ARG C 358 -50.63 3.19 55.24
C ARG C 358 -51.11 2.76 56.62
N LEU C 359 -52.34 2.28 56.69
CA LEU C 359 -52.91 1.80 57.94
C LEU C 359 -53.05 0.28 57.93
N SER C 360 -53.11 -0.30 59.12
CA SER C 360 -53.16 -1.75 59.25
C SER C 360 -53.55 -2.10 60.67
N ASN C 361 -53.91 -3.37 60.86
CA ASN C 361 -54.24 -3.93 62.15
C ASN C 361 -53.02 -4.66 62.72
N LYS C 362 -53.22 -5.32 63.86
CA LYS C 362 -52.11 -5.98 64.54
C LYS C 362 -51.58 -7.16 63.72
N ARG C 363 -52.46 -8.13 63.41
CA ARG C 363 -52.03 -9.29 62.64
C ARG C 363 -51.61 -8.92 61.23
N LYS C 364 -51.86 -7.69 60.78
CA LYS C 364 -51.53 -7.22 59.45
C LYS C 364 -52.34 -7.93 58.37
N THR C 365 -53.37 -8.67 58.75
CA THR C 365 -54.22 -9.31 57.75
C THR C 365 -54.86 -8.28 56.84
N LYS C 366 -55.65 -7.38 57.42
CA LYS C 366 -56.22 -6.28 56.66
C LYS C 366 -55.20 -5.16 56.51
N GLU C 367 -55.55 -4.19 55.68
CA GLU C 367 -54.69 -3.03 55.48
C GLU C 367 -55.44 -1.90 54.78
N VAL C 368 -55.42 -0.72 55.39
CA VAL C 368 -56.08 0.45 54.82
C VAL C 368 -55.01 1.35 54.23
N ILE C 369 -55.36 2.01 53.14
CA ILE C 369 -54.49 2.96 52.47
C ILE C 369 -55.14 4.33 52.49
N ILE C 370 -54.34 5.37 52.70
CA ILE C 370 -54.83 6.72 52.86
C ILE C 370 -53.91 7.66 52.10
N LYS C 371 -54.47 8.78 51.67
CA LYS C 371 -53.75 9.77 50.89
C LYS C 371 -53.42 10.98 51.75
N ALA C 372 -52.67 11.90 51.15
CA ALA C 372 -52.19 13.06 51.88
C ALA C 372 -53.34 13.94 52.34
N GLU C 373 -54.22 14.30 51.41
CA GLU C 373 -55.32 15.20 51.72
C GLU C 373 -56.16 14.73 52.90
N LYS C 374 -56.09 13.44 53.23
CA LYS C 374 -56.86 12.91 54.34
C LYS C 374 -56.09 12.87 55.65
N MET C 375 -54.77 12.89 55.59
CA MET C 375 -53.97 12.81 56.81
C MET C 375 -54.38 13.87 57.82
N GLY C 376 -54.88 15.01 57.33
CA GLY C 376 -55.39 16.03 58.23
C GLY C 376 -56.61 15.57 59.02
N LYS C 377 -57.26 14.51 58.58
CA LYS C 377 -58.43 13.97 59.27
C LYS C 377 -58.03 12.95 60.33
N TYR C 378 -57.37 11.88 59.91
CA TYR C 378 -56.93 10.84 60.83
C TYR C 378 -55.54 11.15 61.38
N LYS C 379 -55.34 12.37 61.88
CA LYS C 379 -54.06 12.76 62.45
C LYS C 379 -53.85 12.19 63.84
N ASN C 380 -54.83 11.51 64.40
CA ASN C 380 -54.72 10.95 65.74
C ASN C 380 -54.31 9.50 65.75
N LEU C 381 -54.57 8.75 64.68
CA LEU C 381 -54.24 7.35 64.59
C LEU C 381 -52.85 7.11 64.00
N MET C 382 -51.96 8.09 64.12
CA MET C 382 -50.62 8.01 63.57
C MET C 382 -49.59 8.07 64.69
N ARG C 383 -48.38 7.64 64.37
CA ARG C 383 -47.30 7.68 65.34
C ARG C 383 -47.05 9.09 65.81
N GLU C 384 -46.62 9.22 67.07
CA GLU C 384 -46.39 10.54 67.65
C GLU C 384 -45.39 11.34 66.83
N GLU C 385 -44.45 10.66 66.17
CA GLU C 385 -43.48 11.36 65.33
C GLU C 385 -44.17 12.09 64.19
N TYR C 386 -45.03 11.37 63.44
CA TYR C 386 -45.77 12.00 62.37
C TYR C 386 -46.62 13.16 62.88
N LYS C 387 -47.17 13.02 64.08
CA LYS C 387 -48.00 14.10 64.63
C LYS C 387 -47.15 15.33 64.92
N ASN C 388 -46.00 15.14 65.56
CA ASN C 388 -45.13 16.26 65.86
C ASN C 388 -44.58 16.88 64.59
N LEU C 389 -44.46 16.10 63.52
CA LEU C 389 -43.92 16.59 62.27
C LEU C 389 -44.98 17.17 61.33
N PHE C 390 -46.25 16.91 61.60
CA PHE C 390 -47.34 17.26 60.69
C PHE C 390 -48.17 18.42 61.18
N GLU C 391 -48.61 18.39 62.43
CA GLU C 391 -49.40 19.49 62.98
C GLU C 391 -48.72 20.84 62.80
N PRO C 392 -47.42 20.99 63.04
CA PRO C 392 -46.79 22.29 62.80
C PRO C 392 -46.96 22.74 61.37
N LEU C 393 -46.81 21.81 60.42
CA LEU C 393 -46.98 22.11 59.01
C LEU C 393 -48.42 21.85 58.57
N GLU C 394 -49.35 22.44 59.29
CA GLU C 394 -50.77 22.33 58.96
C GLU C 394 -51.34 23.62 58.42
N LYS C 395 -50.72 24.76 58.70
CA LYS C 395 -51.14 26.03 58.12
C LYS C 395 -50.50 26.27 56.76
N TYR C 396 -49.22 25.96 56.63
CA TYR C 396 -48.57 26.03 55.31
C TYR C 396 -49.17 25.02 54.35
N ILE C 397 -49.91 24.05 54.85
CA ILE C 397 -50.43 22.96 54.03
C ILE C 397 -51.75 23.37 53.41
N GLN C 398 -51.95 22.93 52.18
CA GLN C 398 -53.25 22.95 51.53
C GLN C 398 -53.53 21.54 51.01
N LYS C 399 -54.57 21.37 50.20
CA LYS C 399 -54.93 20.04 49.75
C LYS C 399 -53.73 19.36 49.11
N ASP C 400 -53.23 18.31 49.76
CA ASP C 400 -52.13 17.50 49.26
C ASP C 400 -50.97 18.33 48.72
N VAL C 401 -50.77 19.53 49.27
CA VAL C 401 -49.64 20.37 48.91
C VAL C 401 -49.29 21.28 50.07
N CYS C 402 -48.02 21.70 50.09
CA CYS C 402 -47.51 22.65 51.06
C CYS C 402 -46.94 23.84 50.32
N PHE C 403 -47.10 25.02 50.90
CA PHE C 403 -46.64 26.27 50.28
C PHE C 403 -45.24 26.57 50.77
N LEU C 404 -44.25 26.02 50.07
CA LEU C 404 -42.86 26.28 50.38
C LEU C 404 -42.45 27.56 49.66
N PRO C 405 -42.27 28.68 50.36
CA PRO C 405 -41.98 29.94 49.68
C PRO C 405 -40.51 30.15 49.34
N GLY C 406 -39.68 29.16 49.51
CA GLY C 406 -38.26 29.32 49.26
C GLY C 406 -37.55 28.00 49.17
N GLY C 407 -36.28 28.02 49.52
CA GLY C 407 -35.46 26.84 49.38
C GLY C 407 -35.19 26.54 47.92
N MET C 408 -34.92 25.28 47.64
CA MET C 408 -34.64 24.84 46.29
C MET C 408 -34.84 23.33 46.23
N LEU C 409 -34.43 22.73 45.12
CA LEU C 409 -34.55 21.30 44.94
C LEU C 409 -33.42 20.81 44.04
N MET C 410 -33.34 19.49 43.89
CA MET C 410 -32.26 18.89 43.14
C MET C 410 -32.49 19.05 41.65
N GLY C 411 -31.41 19.31 40.93
CA GLY C 411 -31.44 19.42 39.49
C GLY C 411 -32.04 20.68 38.94
N MET C 412 -32.73 21.48 39.77
CA MET C 412 -33.37 22.68 39.25
C MET C 412 -32.35 23.69 38.74
N PHE C 413 -31.48 24.19 39.62
CA PHE C 413 -30.46 25.18 39.26
C PHE C 413 -29.11 24.70 39.79
N ASN C 414 -28.30 24.14 38.91
CA ASN C 414 -26.96 23.69 39.24
C ASN C 414 -25.90 24.71 38.84
N MET C 415 -25.97 25.24 37.62
CA MET C 415 -24.94 26.14 37.14
C MET C 415 -24.96 27.48 37.87
N LEU C 416 -26.16 27.98 38.17
CA LEU C 416 -26.26 29.25 38.87
C LEU C 416 -25.66 29.16 40.27
N SER C 417 -25.91 28.06 40.96
CA SER C 417 -25.31 27.85 42.27
C SER C 417 -23.80 27.74 42.16
N THR C 418 -23.32 27.11 41.10
CA THR C 418 -21.88 27.01 40.89
C THR C 418 -21.26 28.39 40.70
N VAL C 419 -21.94 29.26 39.95
CA VAL C 419 -21.47 30.63 39.79
C VAL C 419 -21.44 31.33 41.14
N LEU C 420 -22.54 31.23 41.88
CA LEU C 420 -22.61 31.86 43.19
C LEU C 420 -21.46 31.39 44.08
N GLY C 421 -21.08 30.13 43.95
CA GLY C 421 -20.00 29.61 44.78
C GLY C 421 -18.64 30.11 44.33
N VAL C 422 -18.39 30.12 43.04
CA VAL C 422 -17.09 30.55 42.53
C VAL C 422 -16.82 32.00 42.91
N SER C 423 -17.87 32.80 43.12
CA SER C 423 -17.67 34.18 43.55
C SER C 423 -16.84 34.28 44.82
N THR C 424 -16.81 33.21 45.62
CA THR C 424 -16.07 33.26 46.88
C THR C 424 -14.58 33.06 46.64
N LEU C 425 -14.22 32.03 45.87
CA LEU C 425 -12.82 31.74 45.61
C LEU C 425 -12.08 32.94 45.01
N CYS C 426 -12.81 33.90 44.46
CA CYS C 426 -12.24 35.12 43.91
C CYS C 426 -12.03 36.22 44.95
N TYR C 427 -12.44 35.99 46.19
CA TYR C 427 -12.38 37.04 47.20
C TYR C 427 -10.94 37.43 47.52
N MET C 428 -10.78 38.68 47.92
CA MET C 428 -9.48 39.20 48.36
C MET C 428 -9.73 40.43 49.21
N ASP C 429 -8.81 40.69 50.13
CA ASP C 429 -8.97 41.78 51.07
C ASP C 429 -7.59 42.28 51.48
N GLU C 430 -7.58 43.40 52.22
CA GLU C 430 -6.33 43.96 52.69
C GLU C 430 -5.70 43.10 53.77
N GLU C 431 -6.53 42.47 54.61
CA GLU C 431 -5.99 41.65 55.69
C GLU C 431 -5.27 40.43 55.14
N LEU C 432 -5.82 39.80 54.11
CA LEU C 432 -5.20 38.60 53.57
C LEU C 432 -3.80 38.89 53.03
N LYS C 433 -3.58 40.09 52.53
CA LYS C 433 -2.28 40.46 51.99
C LYS C 433 -1.36 41.03 53.05
N ALA C 434 -1.92 41.68 54.08
CA ALA C 434 -1.09 42.15 55.18
C ALA C 434 -0.34 40.99 55.83
N LYS C 435 -0.88 39.77 55.72
CA LYS C 435 -0.25 38.58 56.24
C LYS C 435 0.31 37.70 55.14
N GLY C 436 0.21 38.12 53.88
CA GLY C 436 0.66 37.31 52.78
C GLY C 436 -0.13 36.02 52.63
N CYS C 437 -1.45 36.12 52.66
CA CYS C 437 -2.34 34.97 52.61
C CYS C 437 -3.31 35.14 51.47
N PHE C 438 -3.58 34.03 50.78
CA PHE C 438 -4.55 34.06 49.69
C PHE C 438 -4.97 32.63 49.37
N TRP C 439 -6.21 32.47 48.95
CA TRP C 439 -6.76 31.18 48.59
C TRP C 439 -7.30 31.21 47.16
N THR C 440 -7.34 30.03 46.57
CA THR C 440 -8.01 29.81 45.29
C THR C 440 -8.57 28.39 45.31
N GLY C 441 -9.00 27.91 44.16
CA GLY C 441 -9.48 26.54 44.10
C GLY C 441 -10.36 26.32 42.88
N LEU C 442 -11.22 25.32 43.00
CA LEU C 442 -12.08 24.89 41.91
C LEU C 442 -13.31 24.25 42.50
N GLN C 443 -14.49 24.68 42.06
CA GLN C 443 -15.75 24.22 42.63
C GLN C 443 -16.70 23.75 41.55
N SER C 444 -17.29 22.58 41.78
CA SER C 444 -18.51 22.14 41.11
C SER C 444 -19.65 22.13 42.13
N SER C 445 -20.80 21.67 41.66
CA SER C 445 -22.00 21.71 42.49
C SER C 445 -21.79 20.96 43.80
N ASP C 446 -21.90 21.68 44.92
CA ASP C 446 -21.81 21.09 46.25
C ASP C 446 -20.54 20.26 46.43
N ASP C 447 -19.53 20.48 45.61
CA ASP C 447 -18.27 19.77 45.73
C ASP C 447 -17.16 20.69 45.24
N PHE C 448 -16.21 20.99 46.12
CA PHE C 448 -15.17 21.95 45.82
C PHE C 448 -13.82 21.44 46.28
N VAL C 449 -12.79 22.21 45.94
CA VAL C 449 -11.42 21.97 46.37
C VAL C 449 -10.79 23.32 46.66
N LEU C 450 -10.05 23.38 47.76
CA LEU C 450 -9.50 24.63 48.26
C LEU C 450 -7.98 24.53 48.36
N PHE C 451 -7.33 25.66 48.10
CA PHE C 451 -5.88 25.78 48.16
C PHE C 451 -5.55 27.05 48.94
N ALA C 452 -5.20 26.89 50.21
CA ALA C 452 -4.85 28.01 51.07
C ALA C 452 -3.34 28.14 51.15
N VAL C 453 -2.88 29.38 51.28
CA VAL C 453 -1.46 29.67 51.39
C VAL C 453 -1.23 30.71 52.47
N ALA C 454 -0.14 30.57 53.19
CA ALA C 454 0.22 31.47 54.28
C ALA C 454 1.65 31.13 54.70
N SER C 455 2.12 31.78 55.76
CA SER C 455 3.47 31.60 56.25
C SER C 455 3.54 30.82 57.56
N ASN C 456 2.40 30.60 58.23
CA ASN C 456 2.35 29.90 59.50
C ASN C 456 0.95 29.31 59.69
N TRP C 457 0.88 28.24 60.48
CA TRP C 457 -0.39 27.56 60.68
C TRP C 457 -1.41 28.47 61.34
N SER C 458 -0.96 29.31 62.27
CA SER C 458 -1.88 30.24 62.93
C SER C 458 -2.61 31.10 61.92
N ASN C 459 -1.98 31.42 60.80
CA ASN C 459 -2.61 32.20 59.75
C ASN C 459 -3.41 31.32 58.79
N ILE C 460 -2.98 30.08 58.57
CA ILE C 460 -3.77 29.15 57.78
C ILE C 460 -5.15 28.99 58.40
N HIS C 461 -5.19 28.76 59.70
CA HIS C 461 -6.46 28.59 60.39
C HIS C 461 -7.34 29.83 60.23
N TRP C 462 -6.75 31.01 60.40
CA TRP C 462 -7.50 32.24 60.27
C TRP C 462 -8.05 32.39 58.86
N THR C 463 -7.23 32.03 57.86
CA THR C 463 -7.68 32.11 56.47
C THR C 463 -8.85 31.19 56.23
N ILE C 464 -8.77 29.97 56.73
CA ILE C 464 -9.86 29.01 56.51
C ILE C 464 -11.13 29.48 57.20
N ARG C 465 -11.00 30.02 58.40
CA ARG C 465 -12.17 30.53 59.10
C ARG C 465 -12.79 31.70 58.34
N ARG C 466 -11.95 32.55 57.76
CA ARG C 466 -12.46 33.65 56.94
C ARG C 466 -13.23 33.14 55.75
N PHE C 467 -12.69 32.13 55.07
CA PHE C 467 -13.38 31.55 53.93
C PHE C 467 -14.73 30.97 54.35
N ASN C 468 -14.74 30.21 55.44
CA ASN C 468 -15.99 29.65 55.94
C ASN C 468 -17.00 30.74 56.24
N ALA C 469 -16.54 31.85 56.82
CA ALA C 469 -17.45 32.94 57.14
C ALA C 469 -18.06 33.55 55.89
N VAL C 470 -17.21 33.88 54.92
CA VAL C 470 -17.72 34.49 53.70
C VAL C 470 -18.68 33.55 52.98
N CYS C 471 -18.44 32.24 53.08
CA CYS C 471 -19.40 31.30 52.48
C CYS C 471 -20.68 31.24 53.28
N LYS C 472 -20.59 31.39 54.61
CA LYS C 472 -21.79 31.38 55.43
C LYS C 472 -22.66 32.60 55.13
N LEU C 473 -22.05 33.70 54.72
CA LEU C 473 -22.83 34.90 54.46
C LEU C 473 -23.77 34.77 53.27
N ILE C 474 -23.67 33.69 52.50
CA ILE C 474 -24.49 33.52 51.32
C ILE C 474 -25.15 32.15 51.35
N GLY C 475 -25.31 31.60 52.54
CA GLY C 475 -25.97 30.33 52.71
C GLY C 475 -25.16 29.12 52.32
N ILE C 476 -23.91 29.28 51.87
CA ILE C 476 -23.07 28.15 51.50
C ILE C 476 -22.41 27.64 52.78
N ASN C 477 -22.89 26.51 53.28
CA ASN C 477 -22.34 25.90 54.48
C ASN C 477 -21.26 24.90 54.11
N MET C 478 -20.82 24.11 55.09
CA MET C 478 -19.82 23.09 54.85
C MET C 478 -19.99 21.96 55.86
N SER C 479 -19.80 20.74 55.40
CA SER C 479 -19.92 19.56 56.25
C SER C 479 -18.58 19.31 56.94
N LEU C 480 -18.61 19.29 58.26
CA LEU C 480 -17.39 19.17 59.05
C LEU C 480 -16.88 17.75 59.12
N GLU C 481 -17.73 16.76 58.85
CA GLU C 481 -17.33 15.37 58.94
C GLU C 481 -16.74 14.87 57.64
N LYS C 482 -17.45 15.09 56.53
CA LYS C 482 -16.97 14.64 55.23
C LYS C 482 -15.81 15.47 54.71
N SER C 483 -15.48 16.58 55.36
CA SER C 483 -14.42 17.46 54.92
C SER C 483 -13.17 17.26 55.75
N TYR C 484 -12.03 17.20 55.07
CA TYR C 484 -10.75 17.06 55.74
C TYR C 484 -9.69 17.74 54.90
N GLY C 485 -8.51 17.90 55.49
CA GLY C 485 -7.42 18.59 54.83
C GLY C 485 -6.09 17.89 55.07
N SER C 486 -5.08 18.38 54.38
CA SER C 486 -3.74 17.80 54.43
C SER C 486 -2.81 18.72 53.64
N LEU C 487 -1.55 18.31 53.56
CA LEU C 487 -0.57 19.05 52.79
C LEU C 487 -0.92 19.00 51.31
N PRO C 488 -0.24 19.79 50.48
CA PRO C 488 -0.77 20.12 49.15
C PRO C 488 -1.27 18.95 48.31
N GLU C 489 -0.43 17.97 48.01
CA GLU C 489 -0.76 16.99 46.98
C GLU C 489 -1.36 15.74 47.62
N LEU C 490 -2.59 15.91 48.10
CA LEU C 490 -3.43 14.80 48.52
C LEU C 490 -4.86 15.31 48.63
N PHE C 491 -5.71 14.94 47.68
CA PHE C 491 -7.09 15.40 47.70
C PHE C 491 -7.92 14.54 46.75
N GLU C 492 -9.22 14.82 46.73
CA GLU C 492 -10.16 14.09 45.90
C GLU C 492 -11.21 15.06 45.37
N PHE C 493 -11.74 14.73 44.19
CA PHE C 493 -12.72 15.59 43.55
C PHE C 493 -13.55 14.74 42.58
N THR C 494 -14.81 14.49 42.92
CA THR C 494 -15.73 13.75 42.08
C THR C 494 -15.18 12.35 41.78
N SER C 495 -14.91 11.60 42.85
CA SER C 495 -14.47 10.22 42.75
C SER C 495 -13.12 10.08 42.06
N MET C 496 -12.36 11.16 41.93
CA MET C 496 -11.03 11.13 41.35
C MET C 496 -10.04 11.58 42.40
N PHE C 497 -9.22 10.64 42.87
CA PHE C 497 -8.18 10.93 43.85
C PHE C 497 -6.92 11.38 43.14
N PHE C 498 -6.25 12.37 43.72
CA PHE C 498 -5.13 13.03 43.07
C PHE C 498 -3.89 12.94 43.94
N ASP C 499 -2.77 12.67 43.29
CA ASP C 499 -1.45 12.68 43.89
C ASP C 499 -0.48 13.08 42.78
N GLY C 500 0.80 12.79 42.98
CA GLY C 500 1.76 12.96 41.90
C GLY C 500 1.23 12.43 40.58
N GLU C 501 0.55 11.30 40.62
CA GLU C 501 -0.12 10.74 39.45
C GLU C 501 -1.62 11.02 39.52
N PHE C 502 -2.37 10.37 38.64
CA PHE C 502 -3.82 10.46 38.62
C PHE C 502 -4.37 9.04 38.57
N VAL C 503 -5.21 8.70 39.53
CA VAL C 503 -5.75 7.35 39.63
C VAL C 503 -7.14 7.34 39.04
N SER C 504 -7.29 6.64 37.91
CA SER C 504 -8.61 6.35 37.36
C SER C 504 -9.27 5.30 38.24
N ASN C 505 -10.35 5.68 38.92
CA ASN C 505 -11.06 4.74 39.79
C ASN C 505 -11.33 3.43 39.06
N LEU C 506 -11.82 3.52 37.83
CA LEU C 506 -12.00 2.37 36.96
C LEU C 506 -13.19 1.52 37.37
N ALA C 507 -13.78 1.82 38.53
CA ALA C 507 -15.03 1.21 38.94
C ALA C 507 -16.21 2.12 38.68
N MET C 508 -15.97 3.42 38.52
CA MET C 508 -17.05 4.33 38.16
C MET C 508 -17.69 3.94 36.85
N GLU C 509 -16.93 3.30 35.95
CA GLU C 509 -17.41 2.94 34.63
C GLU C 509 -17.65 1.45 34.47
N LEU C 510 -17.49 0.66 35.53
CA LEU C 510 -17.68 -0.78 35.42
C LEU C 510 -19.04 -1.16 34.85
N PRO C 511 -20.15 -0.56 35.24
CA PRO C 511 -21.44 -0.94 34.65
C PRO C 511 -21.51 -0.72 33.15
N ALA C 512 -20.71 0.21 32.63
CA ALA C 512 -20.73 0.46 31.19
C ALA C 512 -20.25 -0.73 30.38
N PHE C 513 -19.49 -1.65 31.00
CA PHE C 513 -19.01 -2.84 30.31
C PHE C 513 -20.12 -3.90 30.25
N THR C 514 -21.25 -3.47 29.71
CA THR C 514 -22.45 -4.28 29.64
C THR C 514 -23.18 -3.97 28.36
N THR C 515 -23.95 -4.93 27.88
CA THR C 515 -24.74 -4.72 26.68
C THR C 515 -25.84 -3.71 26.97
N ALA C 516 -25.91 -2.66 26.14
CA ALA C 516 -26.86 -1.58 26.37
C ALA C 516 -28.29 -2.11 26.42
N GLY C 517 -28.67 -2.93 25.44
CA GLY C 517 -30.02 -3.44 25.38
C GLY C 517 -30.84 -2.84 24.26
N VAL C 518 -30.20 -2.63 23.11
CA VAL C 518 -30.83 -2.03 21.95
C VAL C 518 -31.11 -3.07 20.88
N ASN C 519 -30.07 -3.72 20.38
CA ASN C 519 -30.20 -4.72 19.34
C ASN C 519 -28.88 -5.51 19.29
N GLU C 520 -28.76 -6.39 18.30
CA GLU C 520 -27.59 -7.25 18.22
C GLU C 520 -26.42 -6.53 17.55
N GLY C 521 -26.66 -5.96 16.36
CA GLY C 521 -25.58 -5.29 15.65
C GLY C 521 -24.80 -4.33 16.51
N VAL C 522 -25.50 -3.61 17.39
CA VAL C 522 -25.01 -2.35 17.93
C VAL C 522 -24.19 -2.57 19.19
N ASP C 523 -24.77 -3.30 20.14
CA ASP C 523 -24.20 -3.42 21.48
C ASP C 523 -22.72 -3.77 21.44
N PHE C 524 -22.31 -4.63 20.51
CA PHE C 524 -20.92 -5.05 20.47
C PHE C 524 -20.00 -3.90 20.10
N THR C 525 -20.35 -3.16 19.05
CA THR C 525 -19.55 -2.01 18.65
C THR C 525 -19.54 -0.94 19.75
N ALA C 526 -20.69 -0.73 20.39
CA ALA C 526 -20.75 0.24 21.47
C ALA C 526 -19.83 -0.15 22.63
N ALA C 527 -19.84 -1.43 22.99
CA ALA C 527 -18.97 -1.89 24.07
C ALA C 527 -17.50 -1.73 23.70
N MET C 528 -17.14 -2.06 22.46
CA MET C 528 -15.76 -1.88 22.05
C MET C 528 -15.35 -0.41 22.09
N SER C 529 -16.27 0.48 21.69
CA SER C 529 -15.96 1.90 21.75
C SER C 529 -15.75 2.35 23.19
N ILE C 530 -16.59 1.88 24.10
CA ILE C 530 -16.42 2.23 25.51
C ILE C 530 -15.09 1.75 26.03
N ILE C 531 -14.72 0.52 25.68
CA ILE C 531 -13.44 -0.02 26.10
C ILE C 531 -12.30 0.82 25.58
N LYS C 532 -12.41 1.27 24.33
CA LYS C 532 -11.37 2.11 23.75
C LYS C 532 -11.24 3.42 24.52
N THR C 533 -12.37 4.06 24.80
CA THR C 533 -12.34 5.31 25.54
C THR C 533 -11.71 5.11 26.91
N ASN C 534 -12.03 4.01 27.58
CA ASN C 534 -11.42 3.73 28.87
C ASN C 534 -9.91 3.59 28.73
N MET C 535 -9.46 2.82 27.75
CA MET C 535 -8.03 2.63 27.54
C MET C 535 -7.33 3.95 27.27
N ILE C 536 -8.04 4.89 26.65
CA ILE C 536 -7.42 6.16 26.30
C ILE C 536 -7.37 7.10 27.50
N ASN C 537 -8.49 7.25 28.19
CA ASN C 537 -8.61 8.21 29.28
C ASN C 537 -8.33 7.59 30.64
N ASN C 538 -9.10 6.57 31.00
CA ASN C 538 -9.02 5.96 32.31
C ASN C 538 -7.84 5.02 32.46
N SER C 539 -6.91 5.04 31.51
CA SER C 539 -5.69 4.24 31.60
C SER C 539 -5.99 2.75 31.77
N LEU C 540 -7.11 2.29 31.20
CA LEU C 540 -7.41 0.87 31.26
C LEU C 540 -6.32 0.08 30.57
N SER C 541 -5.86 -0.97 31.24
CA SER C 541 -4.73 -1.74 30.75
C SER C 541 -5.16 -2.75 29.69
N PRO C 542 -4.21 -3.27 28.91
CA PRO C 542 -4.56 -4.14 27.79
C PRO C 542 -5.27 -5.42 28.20
N SER C 543 -4.63 -6.21 29.07
CA SER C 543 -5.20 -7.50 29.43
C SER C 543 -6.58 -7.33 30.04
N THR C 544 -6.77 -6.27 30.84
CA THR C 544 -8.08 -5.99 31.39
C THR C 544 -9.09 -5.73 30.28
N ALA C 545 -8.68 -5.00 29.24
CA ALA C 545 -9.57 -4.74 28.13
C ALA C 545 -9.95 -6.01 27.41
N LEU C 546 -8.98 -6.90 27.23
CA LEU C 546 -9.26 -8.17 26.58
C LEU C 546 -10.26 -8.99 27.40
N MET C 547 -10.03 -9.06 28.71
CA MET C 547 -10.96 -9.77 29.58
C MET C 547 -12.36 -9.18 29.47
N ALA C 548 -12.46 -7.85 29.50
CA ALA C 548 -13.77 -7.22 29.40
C ALA C 548 -14.43 -7.52 28.06
N LEU C 549 -13.64 -7.57 27.00
CA LEU C 549 -14.17 -7.91 25.69
C LEU C 549 -14.77 -9.31 25.71
N ARG C 550 -14.03 -10.27 26.25
CA ARG C 550 -14.54 -11.64 26.28
C ARG C 550 -15.78 -11.75 27.15
N ILE C 551 -15.82 -11.01 28.26
CA ILE C 551 -16.97 -11.05 29.15
C ILE C 551 -18.21 -10.47 28.48
N CYS C 552 -18.06 -9.30 27.84
CA CYS C 552 -19.18 -8.71 27.14
C CYS C 552 -19.65 -9.61 26.00
N LEU C 553 -18.72 -10.29 25.35
CA LEU C 553 -19.10 -11.22 24.30
C LEU C 553 -19.93 -12.37 24.85
N GLN C 554 -19.50 -12.93 25.99
CA GLN C 554 -20.27 -14.01 26.60
C GLN C 554 -21.65 -13.54 26.99
N GLU C 555 -21.75 -12.35 27.58
CA GLU C 555 -23.05 -11.83 27.99
C GLU C 555 -23.94 -11.56 26.80
N PHE C 556 -23.34 -11.10 25.69
CA PHE C 556 -24.10 -10.90 24.47
C PHE C 556 -24.65 -12.21 23.95
N ARG C 557 -23.81 -13.23 23.88
CA ARG C 557 -24.25 -14.54 23.42
C ARG C 557 -25.35 -15.10 24.31
N ALA C 558 -25.25 -14.84 25.61
CA ALA C 558 -26.23 -15.39 26.55
C ALA C 558 -27.56 -14.66 26.49
N THR C 559 -27.52 -13.33 26.36
CA THR C 559 -28.74 -12.55 26.39
C THR C 559 -29.66 -12.90 25.23
N TYR C 560 -29.12 -12.90 24.02
CA TYR C 560 -29.91 -13.14 22.82
C TYR C 560 -30.06 -14.63 22.51
N ARG C 561 -29.72 -15.50 23.46
CA ARG C 561 -29.96 -16.94 23.34
C ARG C 561 -29.31 -17.52 22.09
N VAL C 562 -28.05 -17.17 21.88
CA VAL C 562 -27.30 -17.60 20.71
C VAL C 562 -25.92 -18.06 21.14
N HIS C 563 -25.37 -19.00 20.39
CA HIS C 563 -24.06 -19.57 20.67
C HIS C 563 -23.41 -19.97 19.37
N PRO C 564 -22.12 -20.31 19.39
CA PRO C 564 -21.43 -20.69 18.16
C PRO C 564 -21.98 -21.99 17.58
N TRP C 565 -21.50 -22.29 16.38
CA TRP C 565 -21.88 -23.51 15.68
C TRP C 565 -21.14 -24.72 16.23
N ASP C 566 -19.82 -24.58 16.44
CA ASP C 566 -19.04 -25.68 16.97
C ASP C 566 -19.57 -26.14 18.33
N SER C 567 -20.23 -25.24 19.05
CA SER C 567 -20.81 -25.60 20.33
C SER C 567 -21.90 -26.65 20.14
N ARG C 568 -22.33 -27.22 21.26
CA ARG C 568 -23.35 -28.26 21.26
C ARG C 568 -24.67 -27.77 21.83
N VAL C 569 -24.82 -26.46 22.03
CA VAL C 569 -26.03 -25.94 22.63
C VAL C 569 -27.23 -26.21 21.73
N LYS C 570 -28.37 -26.46 22.36
CA LYS C 570 -29.64 -26.66 21.67
C LYS C 570 -30.60 -25.53 22.02
N GLY C 571 -31.56 -25.34 21.14
CA GLY C 571 -32.54 -24.27 21.31
C GLY C 571 -33.06 -23.81 19.97
N GLY C 572 -33.93 -22.83 20.02
CA GLY C 572 -34.58 -22.32 18.83
C GLY C 572 -33.64 -21.95 17.72
N ARG C 573 -32.84 -20.91 17.92
CA ARG C 573 -32.00 -20.40 16.85
C ARG C 573 -30.96 -21.43 16.44
N MET C 574 -30.29 -22.03 17.41
CA MET C 574 -29.21 -22.96 17.11
C MET C 574 -29.69 -24.11 16.25
N LYS C 575 -30.97 -24.45 16.34
CA LYS C 575 -31.50 -25.54 15.55
C LYS C 575 -31.39 -25.23 14.06
N ILE C 576 -32.04 -24.16 13.61
CA ILE C 576 -31.97 -23.77 12.21
C ILE C 576 -30.54 -23.41 11.83
N ILE C 577 -29.75 -22.91 12.78
CA ILE C 577 -28.34 -22.65 12.53
C ILE C 577 -27.65 -23.91 12.05
N ASN C 578 -27.70 -24.96 12.88
CA ASN C 578 -27.07 -26.22 12.50
C ASN C 578 -27.72 -26.83 11.26
N GLU C 579 -29.00 -26.54 11.03
CA GLU C 579 -29.67 -27.04 9.85
C GLU C 579 -29.02 -26.48 8.58
N PHE C 580 -29.04 -25.16 8.43
CA PHE C 580 -28.58 -24.52 7.21
C PHE C 580 -27.07 -24.28 7.19
N ILE C 581 -26.34 -24.65 8.25
CA ILE C 581 -24.90 -24.38 8.27
C ILE C 581 -24.20 -25.05 7.09
N LYS C 582 -24.75 -26.14 6.58
CA LYS C 582 -24.07 -26.89 5.53
C LYS C 582 -23.83 -26.03 4.30
N THR C 583 -24.67 -25.04 4.05
CA THR C 583 -24.56 -24.21 2.86
C THR C 583 -23.34 -23.30 2.90
N ILE C 584 -22.63 -23.22 4.02
CA ILE C 584 -21.52 -22.30 4.18
C ILE C 584 -20.23 -23.02 3.86
N GLU C 585 -19.20 -22.24 3.54
CA GLU C 585 -17.87 -22.78 3.29
C GLU C 585 -16.77 -22.09 4.09
N ASN C 586 -17.04 -20.92 4.68
CA ASN C 586 -16.05 -20.21 5.48
C ASN C 586 -16.78 -19.57 6.65
N LYS C 587 -16.71 -20.22 7.81
CA LYS C 587 -17.38 -19.69 9.00
C LYS C 587 -16.68 -18.45 9.55
N ASP C 588 -15.42 -18.22 9.18
CA ASP C 588 -14.71 -17.06 9.67
C ASP C 588 -15.41 -15.76 9.29
N GLY C 589 -16.27 -15.79 8.26
CA GLY C 589 -17.02 -14.64 7.85
C GLY C 589 -18.39 -14.51 8.47
N LEU C 590 -18.76 -15.47 9.31
CA LEU C 590 -20.07 -15.41 9.95
C LEU C 590 -20.10 -14.34 11.03
N LEU C 591 -21.31 -14.00 11.44
CA LEU C 591 -21.52 -13.05 12.51
C LEU C 591 -21.79 -13.78 13.82
N ILE C 592 -21.59 -13.05 14.91
CA ILE C 592 -21.77 -13.65 16.24
C ILE C 592 -23.22 -14.06 16.43
N ALA C 593 -24.15 -13.21 16.00
CA ALA C 593 -25.56 -13.51 16.12
C ALA C 593 -26.02 -14.61 15.19
N ASP C 594 -25.14 -15.15 14.36
CA ASP C 594 -25.47 -16.22 13.44
C ASP C 594 -24.46 -17.34 13.54
N GLY C 595 -24.00 -17.61 14.77
CA GLY C 595 -23.06 -18.68 15.01
C GLY C 595 -21.70 -18.37 14.45
N GLY C 596 -21.17 -17.21 14.80
CA GLY C 596 -19.86 -16.79 14.35
C GLY C 596 -18.90 -16.65 15.52
N LYS C 597 -17.62 -16.79 15.22
CA LYS C 597 -16.59 -16.64 16.23
C LYS C 597 -16.07 -15.20 16.27
N LEU C 598 -15.22 -14.95 17.25
CA LEU C 598 -14.66 -13.62 17.49
C LEU C 598 -13.42 -13.41 16.63
N MET C 599 -13.41 -12.32 15.87
CA MET C 599 -12.24 -11.86 15.12
C MET C 599 -12.13 -10.36 15.40
N ASN C 600 -11.44 -10.03 16.49
CA ASN C 600 -11.27 -8.65 16.93
C ASN C 600 -10.34 -8.65 18.13
N ASN C 601 -9.63 -7.54 18.34
CA ASN C 601 -8.70 -7.47 19.46
C ASN C 601 -8.42 -6.00 19.75
N ILE C 602 -7.38 -5.76 20.55
CA ILE C 602 -7.05 -4.41 20.97
C ILE C 602 -6.87 -3.50 19.76
N SER C 603 -6.02 -3.93 18.82
CA SER C 603 -5.72 -3.16 17.63
C SER C 603 -6.90 -3.07 16.66
N THR C 604 -8.06 -3.63 17.00
CA THR C 604 -9.22 -3.58 16.12
C THR C 604 -10.50 -3.24 16.87
N LEU C 605 -10.39 -2.37 17.88
CA LEU C 605 -11.57 -1.93 18.62
C LEU C 605 -12.32 -0.82 17.91
N HIS C 606 -11.66 -0.09 17.01
CA HIS C 606 -12.29 0.98 16.26
C HIS C 606 -12.84 0.50 14.92
N ILE C 607 -13.16 -0.78 14.81
CA ILE C 607 -13.62 -1.36 13.55
C ILE C 607 -14.73 -2.37 13.86
N PRO C 608 -15.95 -2.15 13.39
CA PRO C 608 -17.01 -3.14 13.62
C PRO C 608 -16.68 -4.46 12.93
N GLU C 609 -17.25 -5.55 13.47
CA GLU C 609 -16.99 -6.86 12.89
C GLU C 609 -17.58 -6.95 11.48
N GLU C 610 -18.76 -6.38 11.27
CA GLU C 610 -19.39 -6.45 9.96
C GLU C 610 -18.44 -5.97 8.87
N VAL C 611 -17.63 -4.98 9.19
CA VAL C 611 -16.66 -4.48 8.22
C VAL C 611 -15.47 -5.39 8.14
N LEU C 612 -15.11 -6.02 9.26
CA LEU C 612 -13.90 -6.83 9.30
C LEU C 612 -14.09 -8.20 8.64
N LYS C 613 -15.33 -8.61 8.43
CA LYS C 613 -15.63 -9.90 7.82
C LYS C 613 -16.18 -9.78 6.40
N PHE C 614 -16.49 -8.57 5.95
CA PHE C 614 -17.12 -8.40 4.65
C PHE C 614 -16.34 -9.05 3.53
N GLU C 615 -15.02 -9.09 3.66
CA GLU C 615 -14.15 -9.62 2.62
C GLU C 615 -14.07 -11.14 2.61
N LYS C 616 -14.81 -11.81 3.48
CA LYS C 616 -14.76 -13.26 3.53
C LYS C 616 -16.12 -13.92 3.63
N MET C 617 -17.20 -13.15 3.81
CA MET C 617 -18.52 -13.74 3.81
C MET C 617 -18.79 -14.43 2.48
N ASP C 618 -19.86 -15.20 2.46
CA ASP C 618 -20.33 -15.81 1.22
C ASP C 618 -21.35 -14.88 0.56
N GLU C 619 -21.25 -14.75 -0.76
CA GLU C 619 -22.08 -13.79 -1.48
C GLU C 619 -23.54 -13.96 -1.13
N GLN C 620 -23.99 -15.20 -1.00
CA GLN C 620 -25.39 -15.45 -0.63
C GLN C 620 -25.71 -14.84 0.72
N TYR C 621 -24.95 -15.22 1.74
CA TYR C 621 -25.15 -14.69 3.09
C TYR C 621 -24.95 -13.18 3.10
N ARG C 622 -23.87 -12.72 2.45
CA ARG C 622 -23.57 -11.30 2.43
C ARG C 622 -24.74 -10.50 1.88
N ASN C 623 -25.35 -11.00 0.81
CA ASN C 623 -26.44 -10.28 0.15
C ASN C 623 -27.75 -10.42 0.92
N ARG C 624 -27.97 -11.57 1.57
CA ARG C 624 -29.17 -11.74 2.36
C ARG C 624 -29.15 -10.91 3.62
N VAL C 625 -27.97 -10.51 4.09
CA VAL C 625 -27.87 -9.69 5.29
C VAL C 625 -28.02 -8.23 4.93
N PHE C 626 -27.17 -7.73 4.04
CA PHE C 626 -27.16 -6.33 3.67
C PHE C 626 -28.14 -6.05 2.53
N ASN C 627 -29.40 -6.40 2.78
CA ASN C 627 -30.50 -6.10 1.88
C ASN C 627 -31.34 -5.00 2.48
N PRO C 628 -31.65 -3.94 1.74
CA PRO C 628 -32.49 -2.88 2.30
C PRO C 628 -33.92 -3.30 2.55
N LYS C 629 -34.41 -4.32 1.84
CA LYS C 629 -35.78 -4.79 2.01
C LYS C 629 -35.79 -5.85 3.11
N ASN C 630 -35.88 -5.37 4.34
CA ASN C 630 -35.95 -6.24 5.49
C ASN C 630 -37.22 -5.95 6.28
N PRO C 631 -37.97 -6.97 6.70
CA PRO C 631 -39.12 -6.72 7.57
C PRO C 631 -38.75 -6.37 8.99
N PHE C 632 -37.47 -6.22 9.31
CA PHE C 632 -37.03 -5.97 10.68
C PHE C 632 -36.34 -4.63 10.86
N THR C 633 -35.57 -4.19 9.88
CA THR C 633 -34.67 -3.07 10.06
C THR C 633 -35.43 -1.80 10.43
N ASN C 634 -34.95 -1.13 11.48
CA ASN C 634 -35.45 0.17 11.89
C ASN C 634 -34.27 1.04 12.30
N PHE C 635 -34.40 2.34 12.06
CA PHE C 635 -33.34 3.29 12.34
C PHE C 635 -33.60 3.99 13.67
N ASP C 636 -32.53 4.24 14.41
CA ASP C 636 -32.59 4.78 15.76
C ASP C 636 -31.95 6.14 15.91
N LYS C 637 -30.84 6.39 15.24
CA LYS C 637 -30.11 7.66 15.34
C LYS C 637 -29.42 7.76 16.69
N GLU C 652 -22.75 7.86 19.97
CA GLU C 652 -23.74 8.05 18.91
C GLU C 652 -23.94 6.75 18.15
N ASN C 653 -24.60 6.83 16.99
CA ASN C 653 -24.94 5.65 16.21
C ASN C 653 -23.80 5.29 15.25
N GLU C 654 -22.62 5.06 15.83
CA GLU C 654 -21.48 4.56 15.07
C GLU C 654 -21.62 3.05 14.97
N ALA C 655 -22.40 2.62 13.97
CA ALA C 655 -22.69 1.21 13.81
C ALA C 655 -23.08 0.94 12.37
N VAL C 656 -23.17 -0.34 12.04
CA VAL C 656 -23.61 -0.79 10.73
C VAL C 656 -25.06 -1.23 10.84
N VAL C 657 -25.77 -1.15 9.72
CA VAL C 657 -27.17 -1.53 9.64
C VAL C 657 -27.28 -2.85 8.88
N SER C 658 -28.17 -3.70 9.33
CA SER C 658 -28.38 -5.01 8.72
C SER C 658 -29.68 -5.57 9.27
N THR C 659 -29.97 -6.83 8.94
CA THR C 659 -31.18 -7.46 9.42
C THR C 659 -31.22 -7.52 10.95
N HIS C 660 -30.05 -7.58 11.58
CA HIS C 660 -29.98 -7.72 13.02
C HIS C 660 -30.35 -6.44 13.76
N SER C 661 -30.48 -5.32 13.05
CA SER C 661 -30.82 -4.05 13.69
C SER C 661 -32.33 -3.92 13.74
N PHE C 662 -32.92 -4.66 14.67
CA PHE C 662 -34.36 -4.74 14.82
C PHE C 662 -34.83 -3.80 15.93
N ARG C 663 -36.13 -3.81 16.16
CA ARG C 663 -36.75 -3.07 17.24
C ARG C 663 -37.55 -4.04 18.10
N THR C 664 -37.57 -3.77 19.40
CA THR C 664 -38.20 -4.68 20.32
C THR C 664 -39.72 -4.50 20.31
N ARG C 665 -40.39 -5.52 20.81
CA ARG C 665 -41.83 -5.44 21.01
C ARG C 665 -42.15 -4.31 21.98
N ALA C 666 -43.41 -3.89 21.97
CA ALA C 666 -43.89 -2.84 22.85
C ALA C 666 -44.70 -3.44 24.00
N ASN C 667 -44.64 -2.76 25.14
CA ASN C 667 -45.37 -3.20 26.31
C ASN C 667 -46.86 -3.26 26.01
N ARG C 668 -47.59 -3.98 26.86
CA ARG C 668 -49.03 -4.16 26.68
C ARG C 668 -49.82 -3.99 27.96
N THR C 669 -49.19 -3.63 29.08
CA THR C 669 -49.94 -3.42 30.31
C THR C 669 -51.00 -2.35 30.12
N LEU C 670 -50.66 -1.28 29.41
CA LEU C 670 -51.62 -0.23 29.08
C LEU C 670 -52.82 -0.76 28.33
N LEU C 671 -52.71 -1.94 27.71
CA LEU C 671 -53.83 -2.49 26.94
C LEU C 671 -55.10 -2.53 27.79
N ASN C 672 -54.96 -2.82 29.08
CA ASN C 672 -56.12 -2.93 29.95
C ASN C 672 -56.57 -1.56 30.46
N THR C 673 -55.62 -0.72 30.86
CA THR C 673 -55.95 0.62 31.32
C THR C 673 -56.66 1.39 30.22
N ASP C 674 -57.57 2.27 30.62
CA ASP C 674 -58.31 3.11 29.68
C ASP C 674 -57.52 4.38 29.38
N MET C 675 -56.32 4.16 28.84
CA MET C 675 -55.46 5.23 28.35
C MET C 675 -55.52 5.34 26.84
N ARG C 676 -56.64 4.97 26.25
CA ARG C 676 -56.77 4.82 24.82
C ARG C 676 -57.18 6.12 24.14
N ALA C 677 -58.04 6.90 24.79
CA ALA C 677 -58.47 8.17 24.22
C ALA C 677 -57.28 9.02 23.80
N MET C 678 -56.20 8.97 24.58
CA MET C 678 -55.01 9.76 24.24
C MET C 678 -54.30 9.20 23.01
N MET C 679 -54.38 7.88 22.83
CA MET C 679 -53.75 7.27 21.66
C MET C 679 -54.36 7.77 20.35
N ALA C 680 -55.60 8.26 20.39
CA ALA C 680 -56.28 8.66 19.16
C ALA C 680 -55.53 9.80 18.47
N GLU C 681 -55.27 10.88 19.20
CA GLU C 681 -54.61 12.03 18.59
C GLU C 681 -53.20 11.68 18.13
N GLU C 682 -52.50 10.84 18.89
CA GLU C 682 -51.19 10.39 18.46
C GLU C 682 -51.28 9.62 17.15
N LYS C 683 -52.26 8.73 17.03
CA LYS C 683 -52.44 7.98 15.80
C LYS C 683 -52.75 8.90 14.64
N ARG C 684 -53.56 9.94 14.89
CA ARG C 684 -53.88 10.91 13.84
C ARG C 684 -52.62 11.61 13.35
N TYR C 685 -51.85 12.19 14.29
CA TYR C 685 -50.61 12.84 13.92
C TYR C 685 -49.69 11.89 13.17
N GLN C 686 -49.64 10.63 13.59
CA GLN C 686 -48.75 9.68 12.94
C GLN C 686 -49.17 9.42 11.51
N MET C 687 -50.48 9.24 11.28
CA MET C 687 -50.97 9.07 9.92
C MET C 687 -50.59 10.27 9.07
N VAL C 688 -50.83 11.47 9.57
CA VAL C 688 -50.51 12.67 8.82
C VAL C 688 -49.03 12.70 8.45
N CYS C 689 -48.17 12.46 9.45
CA CYS C 689 -46.74 12.56 9.22
C CYS C 689 -46.27 11.51 8.22
N ASP C 690 -46.76 10.27 8.35
CA ASP C 690 -46.29 9.22 7.46
C ASP C 690 -46.80 9.42 6.05
N MET C 691 -47.98 10.00 5.87
CA MET C 691 -48.43 10.32 4.52
C MET C 691 -47.54 11.41 3.91
N PHE C 692 -47.35 12.50 4.64
CA PHE C 692 -46.46 13.55 4.15
C PHE C 692 -45.12 12.98 3.76
N LYS C 693 -44.62 12.01 4.54
CA LYS C 693 -43.33 11.43 4.23
C LYS C 693 -43.39 10.53 3.01
N SER C 694 -44.50 9.79 2.86
CA SER C 694 -44.70 9.01 1.65
C SER C 694 -44.60 9.90 0.43
N VAL C 695 -45.08 11.13 0.53
CA VAL C 695 -44.91 12.07 -0.58
C VAL C 695 -43.49 12.60 -0.65
N PHE C 696 -42.99 13.13 0.47
CA PHE C 696 -41.65 13.71 0.54
C PHE C 696 -40.77 12.79 1.37
N GLU C 697 -39.79 12.17 0.72
CA GLU C 697 -38.95 11.19 1.39
C GLU C 697 -37.90 11.81 2.30
N SER C 698 -37.56 13.08 2.08
CA SER C 698 -36.49 13.75 2.83
C SER C 698 -37.02 14.58 3.98
N ALA C 699 -38.26 14.33 4.40
CA ALA C 699 -38.84 15.13 5.47
C ALA C 699 -38.04 15.01 6.75
N ASP C 700 -37.51 13.82 7.03
CA ASP C 700 -36.76 13.61 8.26
C ASP C 700 -35.35 14.17 8.16
N ILE C 701 -34.65 13.89 7.06
CA ILE C 701 -33.30 14.40 6.89
C ILE C 701 -33.29 15.91 6.88
N ASN C 702 -33.99 16.51 5.93
CA ASN C 702 -34.01 17.96 5.80
C ASN C 702 -35.32 18.50 6.34
N PRO C 703 -35.32 19.25 7.43
CA PRO C 703 -36.56 19.79 7.96
C PRO C 703 -37.32 20.58 6.92
N PRO C 704 -38.59 20.27 6.70
CA PRO C 704 -39.37 21.02 5.70
C PRO C 704 -39.45 22.50 6.02
N ILE C 705 -39.64 23.30 4.96
CA ILE C 705 -39.76 24.74 5.08
C ILE C 705 -40.59 25.25 3.90
N GLY C 706 -41.15 26.44 4.08
CA GLY C 706 -41.93 27.06 3.02
C GLY C 706 -43.12 27.84 3.53
N ALA C 707 -43.85 28.45 2.62
CA ALA C 707 -45.05 29.22 2.96
C ALA C 707 -46.33 28.44 2.73
N MET C 708 -46.25 27.30 2.05
CA MET C 708 -47.43 26.49 1.80
C MET C 708 -47.84 25.74 3.06
N SER C 709 -49.09 25.33 3.08
CA SER C 709 -49.57 24.39 4.08
C SER C 709 -49.16 22.99 3.65
N ILE C 710 -49.71 21.98 4.30
CA ILE C 710 -49.39 20.60 3.95
C ILE C 710 -50.23 20.14 2.77
N GLY C 711 -51.53 20.43 2.80
CA GLY C 711 -52.40 20.01 1.71
C GLY C 711 -51.97 20.58 0.37
N GLU C 712 -51.60 21.85 0.35
CA GLU C 712 -51.18 22.48 -0.89
C GLU C 712 -49.98 21.76 -1.49
N ALA C 713 -48.94 21.56 -0.69
CA ALA C 713 -47.74 20.89 -1.18
C ALA C 713 -48.05 19.49 -1.65
N ILE C 714 -48.84 18.75 -0.87
CA ILE C 714 -49.19 17.39 -1.26
C ILE C 714 -49.87 17.39 -2.62
N GLU C 715 -50.88 18.24 -2.78
CA GLU C 715 -51.62 18.28 -4.03
C GLU C 715 -50.70 18.59 -5.20
N GLU C 716 -49.91 19.66 -5.07
CA GLU C 716 -49.05 20.07 -6.17
C GLU C 716 -48.08 18.97 -6.54
N LYS C 717 -47.46 18.34 -5.54
CA LYS C 717 -46.49 17.29 -5.82
C LYS C 717 -47.15 16.09 -6.49
N LEU C 718 -48.36 15.74 -6.05
CA LEU C 718 -49.05 14.61 -6.67
C LEU C 718 -49.35 14.88 -8.12
N LEU C 719 -49.86 16.08 -8.42
CA LEU C 719 -50.13 16.42 -9.81
C LEU C 719 -48.84 16.40 -10.63
N GLU C 720 -47.76 16.91 -10.06
CA GLU C 720 -46.49 16.91 -10.76
C GLU C 720 -46.06 15.50 -11.11
N ARG C 721 -46.14 14.59 -10.14
CA ARG C 721 -45.73 13.21 -10.40
C ARG C 721 -46.63 12.56 -11.43
N ALA C 722 -47.94 12.81 -11.34
CA ALA C 722 -48.87 12.25 -12.31
C ALA C 722 -48.51 12.67 -13.72
N LYS C 723 -48.25 13.96 -13.92
CA LYS C 723 -47.86 14.43 -15.24
C LYS C 723 -46.54 13.81 -15.66
N MET C 724 -45.56 13.83 -14.77
CA MET C 724 -44.24 13.29 -15.10
C MET C 724 -44.34 11.86 -15.59
N LYS C 725 -45.24 11.08 -15.00
CA LYS C 725 -45.37 9.69 -15.41
C LYS C 725 -46.19 9.55 -16.68
N ARG C 726 -47.38 10.14 -16.70
CA ARG C 726 -48.25 10.03 -17.87
C ARG C 726 -47.54 10.49 -19.12
N ASP C 727 -46.62 11.44 -19.00
CA ASP C 727 -45.88 11.90 -20.17
C ASP C 727 -45.11 10.74 -20.79
N ILE C 728 -44.36 9.99 -19.98
CA ILE C 728 -43.53 8.91 -20.46
C ILE C 728 -43.91 7.57 -19.82
N GLY C 729 -44.17 7.57 -18.52
CA GLY C 729 -44.39 6.34 -17.80
C GLY C 729 -45.75 5.72 -18.06
N ALA C 730 -45.99 4.60 -17.39
CA ALA C 730 -47.13 3.74 -17.69
C ALA C 730 -48.35 4.27 -16.94
N ILE C 731 -49.00 5.27 -17.54
CA ILE C 731 -50.23 5.83 -16.99
C ILE C 731 -51.11 6.27 -18.15
N GLU C 732 -52.41 6.15 -17.95
CA GLU C 732 -53.40 6.53 -18.96
C GLU C 732 -54.06 7.85 -18.59
N ASP C 733 -54.65 8.48 -19.61
CA ASP C 733 -55.38 9.71 -19.38
C ASP C 733 -56.52 9.50 -18.41
N SER C 734 -57.16 8.33 -18.47
CA SER C 734 -58.25 8.03 -17.55
C SER C 734 -57.76 8.04 -16.09
N GLU C 735 -56.63 7.37 -15.85
CA GLU C 735 -56.08 7.33 -14.49
C GLU C 735 -55.70 8.72 -14.01
N TYR C 736 -55.04 9.50 -14.89
CA TYR C 736 -54.66 10.85 -14.53
C TYR C 736 -55.89 11.67 -14.16
N GLU C 737 -56.95 11.58 -14.96
CA GLU C 737 -58.15 12.35 -14.71
C GLU C 737 -58.83 11.91 -13.42
N GLU C 738 -58.84 10.60 -13.16
CA GLU C 738 -59.42 10.11 -11.91
C GLU C 738 -58.66 10.66 -10.72
N ILE C 739 -57.33 10.63 -10.79
CA ILE C 739 -56.51 11.16 -9.70
C ILE C 739 -56.81 12.64 -9.50
N LYS C 740 -56.88 13.39 -10.60
CA LYS C 740 -57.12 14.82 -10.50
C LYS C 740 -58.49 15.12 -9.89
N ASP C 741 -59.51 14.36 -10.28
CA ASP C 741 -60.84 14.54 -9.72
C ASP C 741 -60.82 14.25 -8.23
N ILE C 742 -60.21 13.14 -7.83
CA ILE C 742 -60.12 12.80 -6.42
C ILE C 742 -59.43 13.92 -5.66
N ILE C 743 -58.34 14.45 -6.21
CA ILE C 743 -57.58 15.47 -5.50
C ILE C 743 -58.39 16.75 -5.34
N ARG C 744 -59.08 17.17 -6.39
CA ARG C 744 -59.87 18.38 -6.28
C ARG C 744 -61.03 18.19 -5.29
N ASP C 745 -61.61 16.99 -5.28
CA ASP C 745 -62.68 16.72 -4.32
C ASP C 745 -62.15 16.75 -2.89
N ALA C 746 -60.97 16.17 -2.67
CA ALA C 746 -60.37 16.21 -1.34
C ALA C 746 -60.06 17.63 -0.92
N LYS C 747 -59.57 18.45 -1.84
CA LYS C 747 -59.30 19.84 -1.54
C LYS C 747 -60.58 20.56 -1.16
N LYS C 748 -61.64 20.35 -1.93
CA LYS C 748 -62.92 20.98 -1.62
C LYS C 748 -63.41 20.57 -0.25
N ALA C 749 -63.33 19.28 0.08
CA ALA C 749 -63.78 18.82 1.38
C ALA C 749 -62.94 19.42 2.50
N ARG C 750 -61.62 19.46 2.32
CA ARG C 750 -60.74 20.03 3.33
C ARG C 750 -61.09 21.49 3.59
N LEU C 751 -61.27 22.27 2.53
CA LEU C 751 -61.56 23.68 2.70
C LEU C 751 -62.99 23.93 3.16
N GLU C 752 -63.89 22.97 2.94
CA GLU C 752 -65.28 23.13 3.32
C GLU C 752 -65.56 22.73 4.76
N SER C 753 -64.84 21.73 5.27
CA SER C 753 -65.08 21.28 6.64
C SER C 753 -65.01 22.45 7.62
N ARG C 754 -64.11 23.38 7.37
CA ARG C 754 -63.94 24.53 8.27
C ARG C 754 -63.52 25.76 7.48
N MET D 1 -48.04 4.92 -9.35
CA MET D 1 -48.98 4.04 -10.09
C MET D 1 -50.22 3.79 -9.23
N SER D 2 -50.75 2.56 -9.29
CA SER D 2 -51.84 2.19 -8.38
C SER D 2 -51.51 2.61 -6.96
N LEU D 3 -50.26 2.48 -6.56
CA LEU D 3 -49.82 3.03 -5.27
C LEU D 3 -50.09 4.52 -5.18
N LEU D 4 -49.77 5.27 -6.24
CA LEU D 4 -50.07 6.69 -6.26
C LEU D 4 -51.55 6.95 -6.03
N LEU D 5 -52.40 6.19 -6.74
CA LEU D 5 -53.84 6.33 -6.55
C LEU D 5 -54.25 5.99 -5.13
N THR D 6 -53.61 5.00 -4.53
CA THR D 6 -53.92 4.64 -3.15
C THR D 6 -53.54 5.77 -2.20
N ILE D 7 -52.39 6.39 -2.44
CA ILE D 7 -51.99 7.53 -1.62
C ILE D 7 -52.99 8.66 -1.76
N ALA D 8 -53.49 8.88 -2.97
CA ALA D 8 -54.49 9.92 -3.18
C ALA D 8 -55.77 9.60 -2.42
N LYS D 9 -56.22 8.34 -2.49
CA LYS D 9 -57.42 7.94 -1.76
C LYS D 9 -57.22 8.12 -0.26
N GLU D 10 -56.04 7.79 0.25
CA GLU D 10 -55.76 7.96 1.66
C GLU D 10 -55.80 9.43 2.04
N TYR D 11 -55.19 10.28 1.21
CA TYR D 11 -55.26 11.71 1.47
C TYR D 11 -56.69 12.20 1.51
N LYS D 12 -57.53 11.70 0.60
CA LYS D 12 -58.93 12.11 0.59
C LYS D 12 -59.64 11.68 1.87
N ARG D 13 -59.52 10.40 2.20
CA ARG D 13 -60.12 9.89 3.44
C ARG D 13 -59.66 10.71 4.63
N LEU D 14 -58.39 11.08 4.67
CA LEU D 14 -57.86 11.80 5.82
C LEU D 14 -58.38 13.22 5.86
N CYS D 15 -58.54 13.85 4.70
CA CYS D 15 -59.12 15.19 4.66
C CYS D 15 -60.59 15.19 5.00
N GLN D 16 -61.28 14.07 4.80
CA GLN D 16 -62.69 14.01 5.18
C GLN D 16 -62.87 14.32 6.66
N ASP D 17 -61.91 13.90 7.49
CA ASP D 17 -61.95 14.27 8.90
C ASP D 17 -61.79 15.78 9.04
N ALA D 18 -62.11 16.28 10.24
CA ALA D 18 -62.04 17.71 10.52
C ALA D 18 -60.73 18.12 11.17
N LYS D 19 -60.25 17.36 12.15
CA LYS D 19 -59.02 17.74 12.84
C LYS D 19 -57.83 17.63 11.90
N ALA D 20 -57.72 16.52 11.18
CA ALA D 20 -56.65 16.36 10.22
C ALA D 20 -56.68 17.48 9.20
N ALA D 21 -57.87 17.88 8.76
CA ALA D 21 -57.98 18.97 7.80
C ALA D 21 -57.50 20.27 8.41
N GLN D 22 -57.92 20.56 9.62
CA GLN D 22 -57.49 21.80 10.27
C GLN D 22 -55.97 21.85 10.40
N MET D 23 -55.35 20.72 10.74
CA MET D 23 -53.90 20.74 10.96
C MET D 23 -53.14 20.77 9.64
N MET D 24 -53.64 20.12 8.61
CA MET D 24 -53.01 20.16 7.31
C MET D 24 -53.30 21.43 6.55
N THR D 25 -54.24 22.25 7.03
CA THR D 25 -54.56 23.53 6.42
C THR D 25 -53.89 24.70 7.12
N VAL D 26 -53.80 24.67 8.43
CA VAL D 26 -53.23 25.77 9.19
C VAL D 26 -51.72 25.67 9.17
N GLY D 27 -51.08 26.83 9.22
CA GLY D 27 -49.64 26.89 9.32
C GLY D 27 -48.94 26.38 8.07
N THR D 28 -47.63 26.34 8.16
CA THR D 28 -46.77 25.91 7.07
C THR D 28 -46.41 24.44 7.26
N VAL D 29 -45.45 23.96 6.46
CA VAL D 29 -45.07 22.57 6.50
C VAL D 29 -44.15 22.27 7.67
N SER D 30 -43.43 23.27 8.16
CA SER D 30 -42.47 23.02 9.24
C SER D 30 -43.14 22.34 10.43
N ASN D 31 -44.43 22.60 10.63
CA ASN D 31 -45.13 21.97 11.74
C ASN D 31 -44.96 20.46 11.74
N TYR D 32 -44.77 19.86 10.55
CA TYR D 32 -44.52 18.43 10.47
C TYR D 32 -43.48 18.00 11.48
N THR D 33 -42.31 18.66 11.46
CA THR D 33 -41.26 18.33 12.40
C THR D 33 -41.80 18.22 13.81
N THR D 34 -42.54 19.24 14.24
CA THR D 34 -43.14 19.21 15.57
C THR D 34 -43.99 17.96 15.75
N PHE D 35 -44.91 17.70 14.82
CA PHE D 35 -45.77 16.53 14.92
C PHE D 35 -44.96 15.25 15.06
N LYS D 36 -43.73 15.24 14.58
CA LYS D 36 -42.91 14.05 14.63
C LYS D 36 -42.50 13.67 16.05
N LYS D 37 -42.67 14.56 17.01
CA LYS D 37 -42.24 14.33 18.38
C LYS D 37 -43.36 13.90 19.29
N TRP D 38 -44.54 14.51 19.17
CA TRP D 38 -45.67 14.14 20.02
C TRP D 38 -46.08 12.69 19.86
N THR D 39 -45.58 11.99 18.84
CA THR D 39 -45.93 10.60 18.59
C THR D 39 -44.74 9.69 18.86
N THR D 40 -45.04 8.43 19.16
CA THR D 40 -44.05 7.39 19.35
C THR D 40 -42.98 7.82 20.36
N SER D 41 -43.45 8.13 21.56
CA SER D 41 -42.59 8.55 22.66
C SER D 41 -42.63 7.50 23.77
N ARG D 42 -41.53 6.75 23.92
CA ARG D 42 -41.43 5.75 24.97
C ARG D 42 -39.99 5.32 25.16
N LYS D 43 -39.50 5.41 26.40
CA LYS D 43 -38.13 5.08 26.75
C LYS D 43 -38.13 4.05 27.88
N GLU D 44 -36.94 3.64 28.29
CA GLU D 44 -36.77 2.67 29.36
C GLU D 44 -35.51 3.02 30.12
N LYS D 45 -35.50 2.66 31.40
CA LYS D 45 -34.38 3.05 32.27
C LYS D 45 -33.15 2.20 32.02
N ASN D 46 -33.27 0.88 32.15
CA ASN D 46 -32.16 -0.05 31.99
C ASN D 46 -32.50 -1.01 30.85
N PRO D 47 -32.29 -0.59 29.61
CA PRO D 47 -32.62 -1.46 28.48
C PRO D 47 -31.94 -2.81 28.53
N SER D 48 -30.77 -2.93 29.14
CA SER D 48 -30.14 -4.25 29.29
C SER D 48 -31.05 -5.22 30.02
N LEU D 49 -31.55 -4.80 31.19
CA LEU D 49 -32.43 -5.63 31.98
C LEU D 49 -33.66 -6.04 31.17
N ARG D 50 -34.38 -5.06 30.62
CA ARG D 50 -35.57 -5.39 29.86
C ARG D 50 -35.26 -6.20 28.61
N MET D 51 -34.03 -6.13 28.10
CA MET D 51 -33.69 -6.93 26.94
C MET D 51 -33.50 -8.39 27.33
N ARG D 52 -32.89 -8.63 28.49
CA ARG D 52 -32.77 -10.00 28.95
C ARG D 52 -34.12 -10.54 29.39
N TRP D 53 -35.00 -9.66 29.84
CA TRP D 53 -36.32 -10.07 30.29
C TRP D 53 -37.29 -10.29 29.13
N ALA D 54 -37.02 -9.67 27.98
CA ALA D 54 -37.86 -9.83 26.81
C ALA D 54 -37.38 -10.96 25.90
N MET D 55 -36.10 -10.96 25.55
CA MET D 55 -35.57 -12.04 24.73
C MET D 55 -35.82 -13.40 25.35
N SER D 56 -36.13 -13.45 26.64
CA SER D 56 -36.57 -14.69 27.28
C SER D 56 -37.98 -15.08 26.90
N SER D 57 -38.65 -14.30 26.07
CA SER D 57 -40.02 -14.57 25.66
C SER D 57 -40.03 -15.32 24.32
N LYS D 58 -41.22 -15.48 23.78
CA LYS D 58 -41.44 -16.26 22.57
C LYS D 58 -41.31 -15.41 21.31
N PHE D 59 -42.03 -14.29 21.27
CA PHE D 59 -42.00 -13.36 20.14
C PHE D 59 -41.74 -11.97 20.66
N PRO D 60 -40.46 -11.62 20.86
CA PRO D 60 -40.13 -10.29 21.37
C PRO D 60 -39.93 -9.23 20.30
N ILE D 61 -39.95 -9.60 19.03
CA ILE D 61 -39.66 -8.68 17.95
C ILE D 61 -40.92 -8.43 17.15
N ILE D 62 -40.96 -7.28 16.50
CA ILE D 62 -41.99 -6.95 15.55
C ILE D 62 -41.40 -7.01 14.15
N ALA D 63 -42.27 -7.04 13.15
CA ALA D 63 -41.79 -7.08 11.77
C ALA D 63 -42.96 -6.83 10.84
N ASN D 64 -42.63 -6.48 9.60
CA ASN D 64 -43.65 -6.30 8.58
C ASN D 64 -44.29 -7.63 8.23
N LYS D 65 -45.51 -7.55 7.70
CA LYS D 65 -46.28 -8.72 7.34
C LYS D 65 -46.22 -9.00 5.84
N ARG D 66 -46.58 -8.01 5.03
CA ARG D 66 -46.58 -8.20 3.59
C ARG D 66 -45.19 -8.56 3.08
N MET D 67 -44.14 -7.99 3.68
CA MET D 67 -42.79 -8.35 3.25
C MET D 67 -42.52 -9.83 3.46
N LEU D 68 -43.12 -10.42 4.49
CA LEU D 68 -42.92 -11.84 4.75
C LEU D 68 -43.71 -12.69 3.76
N GLU D 69 -44.98 -12.32 3.53
CA GLU D 69 -45.78 -13.04 2.55
C GLU D 69 -45.11 -13.02 1.19
N GLU D 70 -44.74 -11.84 0.71
CA GLU D 70 -44.04 -11.74 -0.56
C GLU D 70 -42.74 -12.54 -0.54
N ALA D 71 -42.05 -12.55 0.59
CA ALA D 71 -40.83 -13.35 0.70
C ALA D 71 -41.11 -14.82 0.96
N GLN D 72 -42.37 -15.19 1.17
CA GLN D 72 -42.75 -16.59 1.39
C GLN D 72 -42.12 -17.13 2.67
N ILE D 73 -42.10 -16.31 3.70
CA ILE D 73 -41.54 -16.71 4.98
C ILE D 73 -42.60 -17.52 5.73
N PRO D 74 -42.39 -18.82 5.93
CA PRO D 74 -43.41 -19.63 6.60
C PRO D 74 -43.41 -19.46 8.10
N LYS D 75 -44.24 -20.25 8.77
CA LYS D 75 -44.30 -20.29 10.22
C LYS D 75 -44.19 -21.74 10.67
N GLU D 76 -43.51 -21.96 11.79
CA GLU D 76 -43.26 -23.29 12.31
C GLU D 76 -42.55 -24.15 11.25
N HIS D 77 -41.35 -23.72 10.89
CA HIS D 77 -40.57 -24.41 9.86
C HIS D 77 -40.31 -25.85 10.27
N ASN D 78 -39.57 -26.04 11.36
CA ASN D 78 -39.17 -27.35 11.85
C ASN D 78 -39.57 -27.51 13.31
N ASN D 79 -40.85 -27.19 13.60
CA ASN D 79 -41.41 -27.20 14.94
C ASN D 79 -40.93 -26.03 15.78
N VAL D 80 -40.25 -25.06 15.19
CA VAL D 80 -39.79 -23.86 15.88
C VAL D 80 -40.54 -22.67 15.30
N ALA D 81 -41.18 -21.90 16.17
CA ALA D 81 -42.00 -20.80 15.71
C ALA D 81 -41.16 -19.63 15.23
N LEU D 82 -41.74 -18.84 14.34
CA LEU D 82 -41.07 -17.66 13.81
C LEU D 82 -41.94 -16.41 13.99
N TRP D 83 -43.25 -16.58 13.91
CA TRP D 83 -44.17 -15.47 14.12
C TRP D 83 -45.59 -16.02 14.08
N GLU D 84 -46.53 -15.15 14.45
CA GLU D 84 -47.94 -15.50 14.50
C GLU D 84 -48.74 -14.24 14.18
N ASP D 85 -49.85 -14.42 13.49
CA ASP D 85 -50.59 -13.26 13.00
C ASP D 85 -51.14 -12.48 14.18
N THR D 86 -50.70 -11.24 14.30
CA THR D 86 -51.14 -10.32 15.33
C THR D 86 -50.85 -8.92 14.85
N GLU D 87 -51.17 -7.93 15.68
CA GLU D 87 -50.95 -6.53 15.34
C GLU D 87 -50.39 -5.83 16.57
N ASP D 88 -49.15 -5.37 16.47
CA ASP D 88 -48.60 -4.54 17.53
C ASP D 88 -49.51 -3.33 17.76
N VAL D 89 -49.47 -2.82 18.98
CA VAL D 89 -50.38 -1.74 19.34
C VAL D 89 -49.96 -0.42 18.70
N SER D 90 -48.67 -0.18 18.57
CA SER D 90 -48.20 1.11 18.07
C SER D 90 -48.29 1.17 16.55
N LYS D 91 -47.61 0.25 15.85
CA LYS D 91 -47.58 0.31 14.40
C LYS D 91 -48.94 0.01 13.80
N ARG D 92 -49.58 -1.07 14.24
CA ARG D 92 -50.86 -1.56 13.72
C ARG D 92 -50.71 -2.21 12.36
N ASP D 93 -49.51 -2.19 11.76
CA ASP D 93 -49.25 -2.84 10.49
C ASP D 93 -48.04 -3.74 10.59
N HIS D 94 -47.69 -4.17 11.79
CA HIS D 94 -46.57 -5.06 12.04
C HIS D 94 -47.06 -6.22 12.89
N VAL D 95 -46.28 -7.30 12.86
CA VAL D 95 -46.66 -8.55 13.47
C VAL D 95 -45.50 -9.05 14.32
N LEU D 96 -45.83 -9.63 15.47
CA LEU D 96 -44.80 -10.16 16.36
C LEU D 96 -44.04 -11.28 15.68
N ALA D 97 -42.78 -11.45 16.08
CA ALA D 97 -41.94 -12.49 15.54
C ALA D 97 -40.82 -12.77 16.53
N SER D 98 -39.98 -13.73 16.19
CA SER D 98 -38.87 -14.15 17.03
C SER D 98 -37.56 -13.88 16.31
N ALA D 99 -36.47 -13.99 17.08
CA ALA D 99 -35.15 -13.73 16.52
C ALA D 99 -34.74 -14.78 15.51
N SER D 100 -35.19 -16.03 15.72
CA SER D 100 -34.77 -17.10 14.83
C SER D 100 -35.14 -16.80 13.38
N CYS D 101 -36.27 -16.13 13.17
CA CYS D 101 -36.68 -15.82 11.81
C CYS D 101 -35.60 -15.04 11.08
N ILE D 102 -34.89 -14.17 11.79
CA ILE D 102 -33.84 -13.38 11.13
C ILE D 102 -32.80 -14.31 10.53
N ASN D 103 -32.39 -15.32 11.31
CA ASN D 103 -31.42 -16.27 10.78
C ASN D 103 -31.98 -16.96 9.55
N TYR D 104 -33.26 -17.33 9.62
CA TYR D 104 -33.91 -17.94 8.46
C TYR D 104 -33.73 -17.06 7.24
N TRP D 105 -34.03 -15.76 7.40
CA TRP D 105 -33.87 -14.83 6.29
C TRP D 105 -32.43 -14.85 5.79
N ASN D 106 -31.48 -14.77 6.71
CA ASN D 106 -30.09 -14.70 6.30
C ASN D 106 -29.63 -15.97 5.61
N PHE D 107 -30.30 -17.09 5.84
CA PHE D 107 -29.86 -18.36 5.30
C PHE D 107 -30.63 -18.82 4.07
N CYS D 108 -31.95 -18.70 4.08
CA CYS D 108 -32.77 -19.14 2.97
C CYS D 108 -33.78 -18.06 2.60
N GLY D 109 -33.33 -16.81 2.57
CA GLY D 109 -34.18 -15.70 2.25
C GLY D 109 -33.85 -15.10 0.89
N PRO D 110 -34.52 -14.00 0.55
CA PRO D 110 -34.31 -13.38 -0.76
C PRO D 110 -32.95 -12.70 -0.85
N CYS D 111 -32.29 -12.92 -1.98
CA CYS D 111 -30.95 -12.40 -2.23
C CYS D 111 -30.98 -11.29 -3.27
N VAL D 112 -30.22 -10.24 -3.02
CA VAL D 112 -30.10 -9.14 -3.96
C VAL D 112 -28.98 -9.45 -4.95
N ASN D 113 -28.97 -8.72 -6.06
CA ASN D 113 -28.00 -8.99 -7.11
C ASN D 113 -26.57 -8.68 -6.66
N ASN D 114 -26.37 -7.51 -6.05
CA ASN D 114 -25.04 -7.10 -5.65
C ASN D 114 -25.13 -6.21 -4.42
N SER D 115 -24.04 -6.20 -3.64
CA SER D 115 -24.02 -5.43 -2.40
C SER D 115 -22.68 -4.74 -2.15
N GLU D 116 -21.83 -4.60 -3.17
CA GLU D 116 -20.56 -3.92 -2.95
C GLU D 116 -20.72 -2.44 -2.69
N VAL D 117 -21.91 -1.90 -2.91
CA VAL D 117 -22.16 -0.49 -2.65
C VAL D 117 -21.86 -0.16 -1.20
N ILE D 118 -21.93 -1.15 -0.32
CA ILE D 118 -21.68 -0.91 1.09
C ILE D 118 -20.30 -0.29 1.27
N LYS D 119 -19.32 -0.75 0.49
CA LYS D 119 -17.96 -0.23 0.67
C LYS D 119 -17.91 1.27 0.48
N GLU D 120 -18.82 1.81 -0.32
CA GLU D 120 -18.88 3.25 -0.51
C GLU D 120 -19.63 3.92 0.62
N VAL D 121 -20.68 3.27 1.12
CA VAL D 121 -21.48 3.86 2.18
C VAL D 121 -20.64 4.13 3.41
N TYR D 122 -19.80 3.16 3.79
CA TYR D 122 -19.00 3.24 5.00
C TYR D 122 -17.52 3.41 4.68
N LYS D 123 -17.22 4.22 3.68
CA LYS D 123 -15.84 4.33 3.21
C LYS D 123 -14.88 4.70 4.32
N SER D 124 -15.32 5.51 5.29
CA SER D 124 -14.42 5.94 6.35
C SER D 124 -13.86 4.75 7.11
N ARG D 125 -14.70 3.76 7.39
CA ARG D 125 -14.29 2.64 8.23
C ARG D 125 -13.47 1.62 7.46
N PHE D 126 -13.80 1.40 6.19
CA PHE D 126 -12.92 0.61 5.35
C PHE D 126 -11.56 1.28 5.18
N GLY D 127 -11.55 2.62 5.16
CA GLY D 127 -10.29 3.32 5.15
C GLY D 127 -9.49 3.12 6.42
N ARG D 128 -10.17 3.17 7.57
CA ARG D 128 -9.52 2.80 8.82
C ARG D 128 -8.87 1.43 8.71
N LEU D 129 -9.64 0.45 8.23
CA LEU D 129 -9.13 -0.91 8.14
C LEU D 129 -7.90 -0.99 7.25
N GLU D 130 -7.98 -0.38 6.08
CA GLU D 130 -6.86 -0.44 5.15
C GLU D 130 -5.63 0.25 5.73
N ARG D 131 -5.81 1.44 6.29
CA ARG D 131 -4.71 2.12 6.93
C ARG D 131 -4.06 1.23 7.98
N ARG D 132 -4.87 0.49 8.73
CA ARG D 132 -4.33 -0.44 9.70
C ARG D 132 -3.49 -1.52 9.01
N LYS D 133 -4.02 -2.08 7.93
CA LYS D 133 -3.35 -3.21 7.29
C LYS D 133 -1.99 -2.81 6.74
N GLU D 134 -1.80 -1.53 6.40
CA GLU D 134 -0.55 -1.06 5.82
C GLU D 134 0.42 -0.59 6.87
N ILE D 135 0.33 -1.13 8.08
CA ILE D 135 1.24 -0.76 9.16
C ILE D 135 2.23 -1.89 9.37
N MET D 136 3.44 -1.52 9.79
CA MET D 136 4.49 -2.46 10.15
C MET D 136 4.76 -2.28 11.63
N TRP D 137 4.21 -3.18 12.45
CA TRP D 137 4.39 -3.10 13.89
C TRP D 137 5.84 -3.28 14.28
N LYS D 138 6.14 -3.13 15.57
CA LYS D 138 7.49 -3.22 16.07
C LYS D 138 7.44 -3.72 17.51
N GLU D 139 8.60 -3.74 18.16
CA GLU D 139 8.70 -4.27 19.50
C GLU D 139 7.83 -3.47 20.47
N LEU D 140 7.70 -4.03 21.67
CA LEU D 140 6.97 -3.40 22.76
C LEU D 140 7.95 -3.08 23.89
N ARG D 141 7.79 -1.90 24.48
CA ARG D 141 8.66 -1.49 25.58
C ARG D 141 7.82 -0.85 26.68
N PHE D 142 8.40 -0.80 27.87
CA PHE D 142 7.76 -0.25 29.05
C PHE D 142 8.56 0.93 29.56
N THR D 143 7.86 2.01 29.88
CA THR D 143 8.46 3.22 30.43
C THR D 143 7.35 4.22 30.69
N LEU D 144 7.72 5.31 31.35
CA LEU D 144 6.78 6.39 31.61
C LEU D 144 6.71 7.32 30.40
N VAL D 145 5.54 7.94 30.24
CA VAL D 145 5.24 8.74 29.07
C VAL D 145 4.81 10.13 29.52
N ASP D 146 5.23 11.14 28.74
CA ASP D 146 4.80 12.52 28.96
C ASP D 146 3.61 12.76 28.04
N ARG D 147 2.43 12.45 28.54
CA ARG D 147 1.20 12.58 27.77
C ARG D 147 0.58 13.94 28.04
N GLN D 148 0.60 14.80 27.03
CA GLN D 148 0.01 16.13 27.11
C GLN D 148 -1.42 16.10 26.60
N ARG D 149 -2.28 16.87 27.27
CA ARG D 149 -3.67 16.98 26.88
C ARG D 149 -3.87 18.15 25.93
N ARG D 150 -4.74 17.98 24.95
CA ARG D 150 -4.92 19.00 23.92
C ARG D 150 -6.08 18.61 23.02
N ARG D 151 -6.55 19.59 22.25
CA ARG D 151 -7.62 19.41 21.30
C ARG D 151 -7.05 19.02 19.95
N VAL D 152 -7.55 17.91 19.39
CA VAL D 152 -7.04 17.40 18.13
C VAL D 152 -8.17 16.76 17.32
N ASP D 153 -7.84 16.26 16.14
CA ASP D 153 -8.79 15.59 15.27
C ASP D 153 -8.44 14.11 15.17
N THR D 154 -9.46 13.25 15.19
CA THR D 154 -9.28 11.82 15.18
C THR D 154 -9.75 11.15 13.90
N GLN D 155 -10.45 11.86 13.05
CA GLN D 155 -11.00 11.29 11.82
C GLN D 155 -10.35 11.93 10.62
N PRO D 156 -9.48 11.22 9.89
CA PRO D 156 -8.96 11.77 8.65
C PRO D 156 -10.08 12.01 7.66
N VAL D 157 -10.13 13.22 7.11
CA VAL D 157 -11.22 13.60 6.22
C VAL D 157 -10.67 14.55 5.18
N GLU D 158 -11.08 14.33 3.94
CA GLU D 158 -10.71 15.18 2.82
C GLU D 158 -11.86 16.11 2.47
N GLN D 159 -11.53 17.38 2.23
CA GLN D 159 -12.52 18.40 1.93
C GLN D 159 -13.48 18.55 3.10
N ARG D 160 -12.92 18.91 4.24
CA ARG D 160 -13.74 19.15 5.42
C ARG D 160 -14.63 20.36 5.19
N LEU D 161 -15.91 20.21 5.51
CA LEU D 161 -16.93 21.19 5.21
C LEU D 161 -17.65 21.62 6.48
N ARG D 162 -18.63 22.46 6.28
CA ARG D 162 -19.53 22.92 7.31
C ARG D 162 -20.80 22.08 7.27
N THR D 163 -21.80 22.46 8.07
CA THR D 163 -23.06 21.76 8.09
C THR D 163 -24.01 22.27 7.02
N GLY D 164 -24.06 23.59 6.82
CA GLY D 164 -24.90 24.15 5.78
C GLY D 164 -24.50 23.68 4.40
N GLU D 165 -23.23 23.40 4.20
CA GLU D 165 -22.75 22.89 2.93
C GLU D 165 -23.06 21.41 2.76
N ILE D 166 -23.28 20.69 3.86
CA ILE D 166 -23.48 19.26 3.82
C ILE D 166 -24.95 18.93 3.64
N LYS D 167 -25.82 19.71 4.27
CA LYS D 167 -27.26 19.44 4.20
C LYS D 167 -27.75 19.51 2.75
N ASP D 168 -27.27 20.49 1.99
CA ASP D 168 -27.65 20.61 0.59
C ASP D 168 -27.05 19.48 -0.24
N LEU D 169 -25.81 19.11 0.08
CA LEU D 169 -25.14 18.06 -0.68
C LEU D 169 -25.89 16.74 -0.58
N GLN D 170 -26.40 16.41 0.60
CA GLN D 170 -27.16 15.17 0.75
C GLN D 170 -28.41 15.19 -0.12
N MET D 171 -29.13 16.31 -0.11
CA MET D 171 -30.37 16.42 -0.87
C MET D 171 -30.10 16.33 -2.37
N TRP D 172 -29.02 16.95 -2.84
CA TRP D 172 -28.72 16.98 -4.26
C TRP D 172 -28.16 15.66 -4.76
N THR D 173 -27.76 14.75 -3.87
CA THR D 173 -27.24 13.45 -4.26
C THR D 173 -28.27 12.35 -4.16
N LEU D 174 -29.29 12.52 -3.34
CA LEU D 174 -30.29 11.49 -3.08
C LEU D 174 -31.68 11.92 -3.48
N PHE D 175 -32.13 13.08 -3.02
CA PHE D 175 -33.48 13.58 -3.28
C PHE D 175 -33.32 14.85 -4.11
N GLU D 176 -33.23 14.68 -5.42
CA GLU D 176 -33.10 15.81 -6.33
C GLU D 176 -34.46 16.41 -6.67
N ASP D 177 -35.48 15.58 -6.83
CA ASP D 177 -36.81 16.10 -7.12
C ASP D 177 -37.27 17.04 -6.02
N GLU D 178 -36.91 16.73 -4.77
CA GLU D 178 -37.24 17.56 -3.63
C GLU D 178 -36.15 18.56 -3.31
N ALA D 179 -35.31 18.89 -4.27
CA ALA D 179 -34.16 19.73 -4.01
C ALA D 179 -34.56 21.20 -3.90
N PRO D 180 -33.83 21.97 -3.11
CA PRO D 180 -34.08 23.41 -3.03
C PRO D 180 -33.36 24.17 -4.14
N LEU D 181 -33.41 25.50 -4.08
CA LEU D 181 -32.67 26.30 -5.02
C LEU D 181 -31.19 25.98 -4.94
N ALA D 182 -30.50 26.15 -6.06
CA ALA D 182 -29.08 25.84 -6.11
C ALA D 182 -28.29 26.85 -5.29
N SER D 183 -27.51 26.36 -4.34
CA SER D 183 -26.64 27.22 -3.56
C SER D 183 -25.27 27.34 -4.24
N LYS D 184 -24.52 28.34 -3.79
CA LYS D 184 -23.24 28.63 -4.43
C LYS D 184 -22.28 27.45 -4.30
N PHE D 185 -22.28 26.79 -3.15
CA PHE D 185 -21.38 25.67 -2.93
C PHE D 185 -21.58 24.59 -3.99
N ILE D 186 -22.80 24.43 -4.49
CA ILE D 186 -23.06 23.44 -5.52
C ILE D 186 -22.48 23.89 -6.85
N LEU D 187 -22.93 25.06 -7.33
CA LEU D 187 -22.44 25.57 -8.60
C LEU D 187 -20.93 25.57 -8.66
N ASP D 188 -20.28 25.80 -7.53
CA ASP D 188 -18.82 25.79 -7.50
C ASP D 188 -18.29 24.36 -7.52
N ASN D 189 -18.83 23.51 -6.65
CA ASN D 189 -18.39 22.13 -6.54
C ASN D 189 -19.39 21.24 -7.26
N TYR D 190 -19.25 21.19 -8.58
CA TYR D 190 -20.12 20.39 -9.43
C TYR D 190 -19.63 18.96 -9.57
N GLY D 191 -18.34 18.80 -9.89
CA GLY D 191 -17.81 17.46 -10.09
C GLY D 191 -17.93 16.59 -8.86
N LEU D 192 -17.71 17.18 -7.69
CA LEU D 192 -17.89 16.45 -6.44
C LEU D 192 -19.28 15.85 -6.34
N VAL D 193 -20.30 16.69 -6.54
CA VAL D 193 -21.69 16.23 -6.50
C VAL D 193 -21.91 15.14 -7.54
N LYS D 194 -21.38 15.34 -8.75
CA LYS D 194 -21.55 14.35 -9.80
C LYS D 194 -20.98 13.01 -9.37
N GLU D 195 -19.81 13.02 -8.73
CA GLU D 195 -19.20 11.79 -8.26
C GLU D 195 -20.07 11.12 -7.22
N MET D 196 -20.43 11.86 -6.17
CA MET D 196 -21.25 11.28 -5.12
C MET D 196 -22.58 10.77 -5.64
N ARG D 197 -23.05 11.31 -6.75
CA ARG D 197 -24.33 10.88 -7.31
C ARG D 197 -24.18 9.66 -8.21
N SER D 198 -23.04 9.53 -8.88
CA SER D 198 -22.85 8.41 -9.79
C SER D 198 -22.93 7.08 -9.08
N LYS D 199 -22.61 7.05 -7.78
CA LYS D 199 -22.51 5.82 -7.03
C LYS D 199 -23.84 5.41 -6.41
N PHE D 200 -24.60 6.39 -5.90
CA PHE D 200 -25.85 6.13 -5.20
C PHE D 200 -27.05 6.32 -6.11
N ALA D 201 -26.91 5.97 -7.37
CA ALA D 201 -27.96 6.15 -8.37
C ALA D 201 -28.35 4.80 -8.96
N ASN D 202 -29.65 4.59 -9.13
CA ASN D 202 -30.18 3.35 -9.67
C ASN D 202 -29.80 2.17 -8.78
N LYS D 203 -29.93 2.34 -7.48
CA LYS D 203 -29.57 1.31 -6.52
C LYS D 203 -30.67 1.14 -5.50
N PRO D 204 -30.89 -0.09 -5.02
CA PRO D 204 -31.83 -0.32 -3.92
C PRO D 204 -31.16 -0.05 -2.59
N LEU D 205 -31.61 1.00 -1.89
CA LEU D 205 -30.92 1.45 -0.69
C LEU D 205 -31.89 2.13 0.26
N ASN D 206 -31.52 2.14 1.53
CA ASN D 206 -32.15 3.00 2.52
C ASN D 206 -31.35 4.29 2.58
N LYS D 207 -32.01 5.41 2.32
CA LYS D 207 -31.29 6.66 2.05
C LYS D 207 -30.91 7.41 3.31
N GLU D 208 -31.75 7.35 4.34
CA GLU D 208 -31.41 8.00 5.61
C GLU D 208 -30.06 7.52 6.12
N VAL D 209 -29.83 6.21 6.04
CA VAL D 209 -28.56 5.65 6.49
C VAL D 209 -27.41 6.26 5.70
N VAL D 210 -27.60 6.39 4.39
CA VAL D 210 -26.56 6.95 3.54
C VAL D 210 -26.25 8.38 3.95
N ALA D 211 -27.30 9.17 4.23
CA ALA D 211 -27.07 10.55 4.64
C ALA D 211 -26.28 10.62 5.94
N HIS D 212 -26.64 9.76 6.90
CA HIS D 212 -25.89 9.76 8.15
C HIS D 212 -24.43 9.41 7.91
N MET D 213 -24.19 8.40 7.08
CA MET D 213 -22.82 8.00 6.81
C MET D 213 -22.05 9.13 6.13
N LEU D 214 -22.70 9.88 5.24
CA LEU D 214 -22.01 11.00 4.61
C LEU D 214 -21.65 12.08 5.63
N GLU D 215 -22.58 12.36 6.55
CA GLU D 215 -22.26 13.29 7.63
C GLU D 215 -21.00 12.85 8.36
N LYS D 216 -20.90 11.55 8.67
CA LYS D 216 -19.70 11.07 9.33
C LYS D 216 -18.48 11.17 8.42
N GLN D 217 -18.66 10.92 7.13
CA GLN D 217 -17.56 11.02 6.17
C GLN D 217 -17.04 12.43 6.03
N PHE D 218 -17.78 13.44 6.49
CA PHE D 218 -17.34 14.82 6.37
C PHE D 218 -17.18 15.51 7.72
N ASN D 219 -17.03 14.75 8.78
CA ASN D 219 -16.90 15.30 10.13
C ASN D 219 -15.55 14.91 10.72
N PRO D 220 -14.66 15.84 10.99
CA PRO D 220 -13.45 15.52 11.76
C PRO D 220 -13.78 15.54 13.24
N GLU D 221 -13.73 14.36 13.86
CA GLU D 221 -14.09 14.23 15.27
C GLU D 221 -13.02 14.89 16.12
N SER D 222 -13.36 16.04 16.69
CA SER D 222 -12.43 16.80 17.52
C SER D 222 -12.61 16.41 18.98
N ARG D 223 -11.50 16.09 19.63
CA ARG D 223 -11.52 15.61 21.00
C ARG D 223 -10.39 16.26 21.79
N PHE D 224 -10.59 16.34 23.10
CA PHE D 224 -9.57 16.84 24.02
C PHE D 224 -9.03 15.62 24.75
N LEU D 225 -7.85 15.17 24.34
CA LEU D 225 -7.30 13.91 24.77
C LEU D 225 -5.85 14.06 25.20
N PRO D 226 -5.35 13.13 26.00
CA PRO D 226 -3.90 13.01 26.18
C PRO D 226 -3.25 12.43 24.94
N VAL D 227 -2.03 12.90 24.66
CA VAL D 227 -1.36 12.58 23.42
C VAL D 227 0.14 12.50 23.67
N PHE D 228 0.81 11.68 22.88
CA PHE D 228 2.26 11.56 22.95
C PHE D 228 2.79 11.33 21.55
N GLY D 229 3.96 11.89 21.27
CA GLY D 229 4.55 11.74 19.97
C GLY D 229 3.93 12.66 18.95
N ALA D 230 4.12 12.31 17.68
CA ALA D 230 3.59 13.10 16.60
C ALA D 230 2.08 13.23 16.72
N ILE D 231 1.52 14.19 15.98
CA ILE D 231 0.11 14.48 15.99
C ILE D 231 -0.40 14.34 14.57
N ARG D 232 -1.13 13.25 14.31
CA ARG D 232 -1.71 13.03 13.01
C ARG D 232 -2.99 12.23 13.19
N PRO D 233 -4.04 12.55 12.44
CA PRO D 233 -5.28 11.78 12.59
C PRO D 233 -5.10 10.29 12.38
N GLU D 234 -4.18 9.91 11.48
CA GLU D 234 -3.96 8.50 11.21
C GLU D 234 -3.57 7.74 12.48
N ARG D 235 -2.90 8.41 13.41
CA ARG D 235 -2.51 7.79 14.66
C ARG D 235 -3.60 7.92 15.72
N MET D 236 -4.16 9.11 15.88
CA MET D 236 -5.15 9.35 16.92
C MET D 236 -6.35 8.42 16.80
N GLU D 237 -6.63 7.88 15.62
CA GLU D 237 -7.77 6.98 15.49
C GLU D 237 -7.53 5.64 16.16
N LEU D 238 -6.27 5.29 16.42
CA LEU D 238 -5.92 4.04 17.08
C LEU D 238 -4.90 4.26 18.20
N ILE D 239 -4.78 5.49 18.67
CA ILE D 239 -3.85 5.85 19.75
C ILE D 239 -3.94 4.83 20.88
N HIS D 240 -5.14 4.30 21.11
CA HIS D 240 -5.34 3.33 22.18
C HIS D 240 -4.44 2.12 22.04
N ALA D 241 -3.90 1.86 20.85
CA ALA D 241 -3.09 0.68 20.59
C ALA D 241 -1.68 1.06 20.18
N LEU D 242 -1.20 2.19 20.67
CA LEU D 242 0.17 2.63 20.43
C LEU D 242 0.94 2.87 21.71
N GLY D 243 0.28 3.31 22.78
CA GLY D 243 0.96 3.53 24.04
C GLY D 243 0.04 4.08 25.10
N GLY D 244 0.36 3.77 26.36
CA GLY D 244 -0.38 4.29 27.48
C GLY D 244 0.53 5.01 28.45
N GLU D 245 0.16 5.01 29.73
CA GLU D 245 0.97 5.68 30.74
C GLU D 245 2.26 4.93 31.03
N THR D 246 2.31 3.62 30.76
CA THR D 246 3.42 2.80 31.16
C THR D 246 3.99 1.92 30.06
N TRP D 247 3.40 1.93 28.87
CA TRP D 247 3.81 1.01 27.81
C TRP D 247 3.70 1.71 26.47
N ILE D 248 4.44 1.19 25.49
CA ILE D 248 4.46 1.75 24.16
C ILE D 248 4.66 0.65 23.13
N GLN D 249 3.74 0.57 22.17
CA GLN D 249 3.84 -0.35 21.05
C GLN D 249 4.36 0.44 19.86
N GLU D 250 5.67 0.44 19.69
CA GLU D 250 6.28 1.18 18.59
C GLU D 250 5.70 0.73 17.26
N ALA D 251 5.57 1.68 16.34
CA ALA D 251 5.08 1.37 15.00
C ALA D 251 5.24 2.61 14.14
N ASN D 252 5.58 2.39 12.87
CA ASN D 252 5.79 3.46 11.91
C ASN D 252 4.51 3.67 11.11
N THR D 253 4.02 4.90 11.10
CA THR D 253 2.77 5.26 10.45
C THR D 253 2.92 6.58 9.72
N ALA D 254 4.06 6.79 9.10
CA ALA D 254 4.35 8.07 8.48
C ALA D 254 3.77 8.16 7.07
N GLY D 255 3.86 7.08 6.31
CA GLY D 255 3.46 7.13 4.92
C GLY D 255 2.01 6.74 4.67
N ILE D 256 1.08 7.51 5.23
CA ILE D 256 -0.34 7.23 5.05
C ILE D 256 -1.12 8.52 5.21
N SER D 257 -2.16 8.68 4.40
CA SER D 257 -3.21 9.68 4.44
C SER D 257 -2.76 11.04 3.93
N ASN D 258 -1.47 11.27 3.70
CA ASN D 258 -0.97 12.46 3.00
C ASN D 258 -1.76 13.73 3.37
N VAL D 259 -1.80 14.01 4.67
CA VAL D 259 -2.61 15.13 5.16
C VAL D 259 -1.77 16.38 5.30
N ASP D 260 -0.76 16.35 6.17
CA ASP D 260 -0.04 17.56 6.52
C ASP D 260 0.62 18.23 5.32
N GLN D 261 0.85 17.49 4.24
CA GLN D 261 1.40 18.10 3.04
C GLN D 261 0.47 19.18 2.51
N ARG D 262 -0.83 18.90 2.52
CA ARG D 262 -1.80 19.88 2.05
C ARG D 262 -1.74 21.15 2.90
N LYS D 263 -1.64 20.98 4.22
CA LYS D 263 -1.62 22.13 5.10
C LYS D 263 -0.36 22.96 4.90
N ASN D 264 0.79 22.31 4.76
CA ASN D 264 2.02 23.07 4.57
C ASN D 264 2.02 23.78 3.23
N ASP D 265 1.45 23.14 2.20
CA ASP D 265 1.31 23.82 0.92
C ASP D 265 0.42 25.05 1.04
N ILE D 266 -0.71 24.90 1.73
CA ILE D 266 -1.62 26.02 1.93
C ILE D 266 -0.90 27.16 2.62
N ARG D 267 -0.15 26.85 3.68
CA ARG D 267 0.53 27.89 4.43
C ARG D 267 1.61 28.55 3.59
N ALA D 268 2.29 27.78 2.75
CA ALA D 268 3.27 28.35 1.85
C ALA D 268 2.63 29.33 0.89
N VAL D 269 1.50 28.94 0.32
CA VAL D 269 0.78 29.82 -0.60
C VAL D 269 0.35 31.09 0.11
N CYS D 270 -0.17 30.96 1.32
CA CYS D 270 -0.57 32.13 2.09
C CYS D 270 0.59 33.06 2.33
N ARG D 271 1.75 32.50 2.71
CA ARG D 271 2.93 33.32 2.92
C ARG D 271 3.32 34.06 1.65
N LYS D 272 3.32 33.34 0.53
CA LYS D 272 3.69 33.95 -0.75
C LYS D 272 2.79 35.15 -1.05
N VAL D 273 1.48 34.95 -1.01
CA VAL D 273 0.57 36.02 -1.37
C VAL D 273 0.64 37.16 -0.37
N CYS D 274 0.87 36.85 0.92
CA CYS D 274 1.00 37.90 1.91
C CYS D 274 2.20 38.79 1.59
N LEU D 275 3.33 38.17 1.26
CA LEU D 275 4.50 38.95 0.87
C LEU D 275 4.20 39.78 -0.37
N ALA D 276 3.57 39.16 -1.38
CA ALA D 276 3.22 39.87 -2.59
C ALA D 276 2.44 41.14 -2.27
N ALA D 277 1.35 41.01 -1.52
CA ALA D 277 0.54 42.17 -1.17
C ALA D 277 1.33 43.16 -0.33
N ASN D 278 2.25 42.67 0.50
CA ASN D 278 3.08 43.59 1.29
C ASN D 278 3.95 44.44 0.39
N ALA D 279 4.32 43.93 -0.77
CA ALA D 279 5.10 44.75 -1.70
C ALA D 279 4.42 46.08 -1.98
N SER D 280 3.09 46.13 -1.88
CA SER D 280 2.36 47.38 -2.05
C SER D 280 2.59 48.29 -0.85
N ILE D 281 2.05 49.50 -0.94
CA ILE D 281 2.19 50.49 0.12
C ILE D 281 0.87 51.08 0.57
N MET D 282 -0.19 51.03 -0.23
CA MET D 282 -1.44 51.69 0.11
C MET D 282 -2.67 50.83 -0.13
N ASN D 283 -2.54 49.70 -0.82
CA ASN D 283 -3.70 48.87 -1.13
C ASN D 283 -3.39 47.39 -0.91
N ALA D 284 -2.36 47.08 -0.13
CA ALA D 284 -2.02 45.69 0.15
C ALA D 284 -3.23 44.88 0.56
N LYS D 285 -4.22 45.54 1.17
CA LYS D 285 -5.45 44.85 1.57
C LYS D 285 -6.19 44.32 0.35
N SER D 286 -6.59 45.23 -0.54
CA SER D 286 -7.31 44.83 -1.75
C SER D 286 -6.43 43.97 -2.64
N LYS D 287 -5.13 44.27 -2.70
CA LYS D 287 -4.22 43.44 -3.48
C LYS D 287 -4.28 42.00 -2.99
N LEU D 288 -4.24 41.82 -1.67
CA LEU D 288 -4.26 40.49 -1.11
C LEU D 288 -5.59 39.80 -1.38
N VAL D 289 -6.69 40.52 -1.23
CA VAL D 289 -8.00 39.92 -1.48
C VAL D 289 -8.11 39.49 -2.93
N GLU D 290 -7.61 40.31 -3.86
CA GLU D 290 -7.64 39.96 -5.26
C GLU D 290 -6.79 38.72 -5.54
N TYR D 291 -5.56 38.72 -5.01
CA TYR D 291 -4.71 37.55 -5.16
C TYR D 291 -5.41 36.30 -4.65
N ILE D 292 -6.17 36.44 -3.56
CA ILE D 292 -6.91 35.31 -3.01
C ILE D 292 -7.93 34.83 -4.01
N LYS D 293 -8.89 35.69 -4.35
CA LYS D 293 -9.99 35.28 -5.21
C LYS D 293 -9.52 34.95 -6.62
N SER D 294 -8.31 35.37 -6.99
CA SER D 294 -7.74 35.07 -8.30
C SER D 294 -6.87 33.83 -8.28
N THR D 295 -7.16 32.90 -7.37
CA THR D 295 -6.29 31.74 -7.17
C THR D 295 -7.14 30.53 -6.82
N SER D 296 -6.65 29.36 -7.22
CA SER D 296 -7.29 28.10 -6.90
C SER D 296 -6.22 27.03 -6.76
N MET D 297 -6.64 25.86 -6.32
CA MET D 297 -5.71 24.77 -6.10
C MET D 297 -6.48 23.45 -6.16
N ARG D 298 -5.73 22.39 -6.46
CA ARG D 298 -6.29 21.06 -6.62
C ARG D 298 -6.19 20.30 -5.32
N ILE D 299 -7.21 19.50 -5.04
CA ILE D 299 -7.25 18.63 -3.88
C ILE D 299 -7.59 17.24 -4.39
N GLY D 300 -6.60 16.35 -4.37
CA GLY D 300 -6.82 15.02 -4.90
C GLY D 300 -7.14 15.15 -6.37
N GLU D 301 -8.40 14.97 -6.72
CA GLU D 301 -8.87 15.10 -8.09
C GLU D 301 -9.48 16.46 -8.38
N THR D 302 -10.19 17.04 -7.43
CA THR D 302 -10.99 18.24 -7.65
C THR D 302 -10.13 19.49 -7.49
N GLU D 303 -10.63 20.59 -8.07
CA GLU D 303 -10.04 21.91 -7.91
C GLU D 303 -10.95 22.74 -7.03
N ARG D 304 -10.40 23.29 -5.95
CA ARG D 304 -11.14 24.08 -4.99
C ARG D 304 -10.61 25.51 -4.96
N LYS D 305 -11.49 26.44 -4.65
CA LYS D 305 -11.08 27.83 -4.49
C LYS D 305 -10.40 28.04 -3.14
N LEU D 306 -9.34 28.84 -3.17
CA LEU D 306 -8.54 29.05 -1.97
C LEU D 306 -9.37 29.59 -0.82
N GLU D 307 -10.06 30.70 -1.05
CA GLU D 307 -10.85 31.32 -0.01
C GLU D 307 -11.84 30.35 0.61
N GLU D 308 -12.17 29.27 -0.10
CA GLU D 308 -13.10 28.30 0.44
C GLU D 308 -12.40 27.34 1.39
N LEU D 309 -11.19 26.91 1.05
CA LEU D 309 -10.45 26.04 1.95
C LEU D 309 -10.02 26.78 3.20
N ILE D 310 -9.61 28.05 3.05
CA ILE D 310 -9.10 28.80 4.19
C ILE D 310 -10.15 28.93 5.27
N LEU D 311 -11.41 29.07 4.87
CA LEU D 311 -12.50 29.22 5.85
C LEU D 311 -12.97 27.89 6.42
N GLU D 312 -12.36 26.78 6.03
CA GLU D 312 -12.72 25.48 6.56
C GLU D 312 -11.65 24.90 7.47
N THR D 313 -10.39 25.31 7.30
CA THR D 313 -9.29 24.77 8.09
C THR D 313 -9.22 25.45 9.45
N ASP D 314 -8.32 24.94 10.30
CA ASP D 314 -8.12 25.46 11.63
C ASP D 314 -6.65 25.57 11.97
N ASP D 315 -5.80 25.78 10.97
CA ASP D 315 -4.36 25.94 11.19
C ASP D 315 -4.13 27.34 11.76
N VAL D 316 -3.70 27.40 13.01
CA VAL D 316 -3.48 28.69 13.68
C VAL D 316 -2.05 29.10 13.38
N SER D 317 -1.88 29.73 12.23
CA SER D 317 -0.59 30.25 11.82
C SER D 317 -0.70 31.74 11.50
N PRO D 318 0.36 32.51 11.71
CA PRO D 318 0.29 33.94 11.44
C PRO D 318 -0.01 34.27 9.99
N GLU D 319 0.01 33.30 9.09
CA GLU D 319 -0.35 33.53 7.70
C GLU D 319 -1.85 33.29 7.50
N VAL D 320 -2.33 32.11 7.86
CA VAL D 320 -3.74 31.79 7.71
C VAL D 320 -4.59 32.80 8.47
N THR D 321 -4.10 33.27 9.61
CA THR D 321 -4.85 34.23 10.40
C THR D 321 -5.15 35.49 9.61
N LEU D 322 -4.12 36.06 8.99
CA LEU D 322 -4.30 37.28 8.21
C LEU D 322 -5.36 37.07 7.13
N CYS D 323 -5.20 36.03 6.31
CA CYS D 323 -6.16 35.76 5.25
C CYS D 323 -7.56 35.65 5.80
N LYS D 324 -7.77 34.76 6.78
CA LYS D 324 -9.10 34.61 7.36
C LYS D 324 -9.62 35.92 7.91
N SER D 325 -8.73 36.85 8.24
CA SER D 325 -9.16 38.16 8.73
C SER D 325 -9.62 39.04 7.57
N ALA D 326 -8.88 39.04 6.47
CA ALA D 326 -9.26 39.84 5.32
C ALA D 326 -10.63 39.44 4.81
N LEU D 327 -10.89 38.14 4.73
CA LEU D 327 -12.17 37.62 4.27
C LEU D 327 -13.24 37.67 5.35
N GLY D 328 -13.00 38.36 6.45
CA GLY D 328 -13.98 38.43 7.50
C GLY D 328 -14.27 37.11 8.15
N GLY D 329 -13.33 36.18 8.10
CA GLY D 329 -13.52 34.87 8.70
C GLY D 329 -13.22 34.88 10.18
N GLN D 330 -14.20 34.48 10.98
CA GLN D 330 -13.97 34.41 12.42
C GLN D 330 -12.99 33.29 12.74
N LEU D 331 -12.43 33.36 13.95
CA LEU D 331 -11.36 32.46 14.33
C LEU D 331 -11.25 32.45 15.85
N GLY D 332 -10.32 31.64 16.35
CA GLY D 332 -10.14 31.48 17.77
C GLY D 332 -9.28 32.55 18.39
N LYS D 333 -9.19 32.50 19.71
CA LYS D 333 -8.42 33.48 20.47
C LYS D 333 -7.04 32.87 20.76
N THR D 334 -6.23 32.86 19.72
CA THR D 334 -4.87 32.34 19.79
C THR D 334 -3.92 33.38 19.23
N LEU D 335 -2.81 33.58 19.92
CA LEU D 335 -1.85 34.61 19.57
C LEU D 335 -0.71 34.00 18.77
N SER D 336 0.26 34.85 18.42
CA SER D 336 1.44 34.40 17.71
C SER D 336 2.48 35.50 17.80
N PHE D 337 3.65 35.19 18.36
CA PHE D 337 4.75 36.14 18.50
C PHE D 337 5.99 35.49 17.90
N GLY D 338 6.19 35.69 16.61
CA GLY D 338 7.27 35.03 15.91
C GLY D 338 6.94 33.57 15.69
N PRO D 339 7.91 32.69 15.88
CA PRO D 339 7.65 31.26 15.70
C PRO D 339 6.86 30.66 16.82
N MET D 340 6.89 31.26 18.01
CA MET D 340 6.26 30.66 19.17
C MET D 340 4.74 30.72 19.04
N LEU D 341 4.08 30.06 19.99
CA LEU D 341 2.64 30.10 20.14
C LEU D 341 2.29 30.55 21.56
N LEU D 342 1.13 31.19 21.69
CA LEU D 342 0.70 31.74 22.96
C LEU D 342 -0.79 31.61 23.10
N LYS D 343 -1.25 31.62 24.34
CA LYS D 343 -2.68 31.62 24.63
C LYS D 343 -2.88 32.19 26.02
N LYS D 344 -3.80 33.15 26.14
CA LYS D 344 -4.03 33.81 27.40
C LYS D 344 -5.01 33.01 28.26
N ILE D 345 -4.67 32.87 29.53
CA ILE D 345 -5.49 32.15 30.48
C ILE D 345 -6.33 33.08 31.32
N SER D 346 -5.73 34.14 31.85
CA SER D 346 -6.44 35.10 32.68
C SER D 346 -5.65 36.40 32.71
N GLY D 347 -6.25 37.40 33.35
CA GLY D 347 -5.66 38.71 33.48
C GLY D 347 -6.24 39.71 32.51
N SER D 348 -5.71 40.92 32.58
CA SER D 348 -6.17 42.02 31.75
C SER D 348 -5.06 43.05 31.67
N GLY D 349 -5.38 44.22 31.16
CA GLY D 349 -4.42 45.31 31.11
C GLY D 349 -4.82 46.32 30.06
N VAL D 350 -3.86 47.18 29.73
CA VAL D 350 -4.08 48.25 28.76
C VAL D 350 -2.72 48.78 28.34
N LYS D 351 -2.67 49.35 27.14
CA LYS D 351 -1.40 49.83 26.59
C LYS D 351 -0.85 50.98 27.42
N VAL D 352 0.46 51.15 27.32
CA VAL D 352 1.16 52.23 28.01
C VAL D 352 2.42 52.56 27.21
N LYS D 353 2.85 53.81 27.30
CA LYS D 353 3.96 54.31 26.52
C LYS D 353 5.24 54.33 27.34
N ASP D 354 6.36 54.10 26.65
CA ASP D 354 7.67 54.23 27.25
C ASP D 354 8.68 54.39 26.12
N THR D 355 9.89 54.80 26.47
CA THR D 355 10.92 55.08 25.48
C THR D 355 12.24 54.49 25.93
N VAL D 356 13.15 54.33 24.96
CA VAL D 356 14.48 53.82 25.20
C VAL D 356 15.45 54.52 24.27
N TYR D 357 16.72 54.58 24.69
CA TYR D 357 17.78 55.23 23.93
C TYR D 357 18.60 54.16 23.23
N ILE D 358 18.65 54.24 21.90
CA ILE D 358 19.33 53.20 21.12
C ILE D 358 20.83 53.32 21.26
N GLN D 359 21.38 54.44 20.81
CA GLN D 359 22.81 54.72 20.90
C GLN D 359 22.97 56.13 21.45
N GLY D 360 23.69 56.26 22.55
CA GLY D 360 23.76 57.54 23.22
C GLY D 360 22.38 58.00 23.63
N VAL D 361 21.84 58.98 22.91
CA VAL D 361 20.51 59.52 23.16
C VAL D 361 19.75 59.45 21.85
N ARG D 362 18.82 58.49 21.73
CA ARG D 362 17.94 58.40 20.58
C ARG D 362 16.61 57.81 21.08
N ALA D 363 15.68 58.70 21.40
CA ALA D 363 14.41 58.29 21.99
C ALA D 363 13.59 57.52 20.97
N VAL D 364 13.06 56.37 21.39
CA VAL D 364 12.22 55.55 20.55
C VAL D 364 11.08 55.01 21.41
N GLN D 365 9.85 55.26 21.00
CA GLN D 365 8.70 54.82 21.79
C GLN D 365 8.49 53.32 21.65
N PHE D 366 8.23 52.68 22.78
CA PHE D 366 7.85 51.29 22.84
C PHE D 366 6.80 51.13 23.92
N GLU D 367 5.80 50.30 23.65
CA GLU D 367 4.66 50.15 24.53
C GLU D 367 4.74 48.86 25.32
N TYR D 368 3.93 48.79 26.37
CA TYR D 368 3.80 47.60 27.18
C TYR D 368 2.41 47.62 27.81
N TRP D 369 2.08 46.56 28.54
CA TRP D 369 0.79 46.41 29.18
C TRP D 369 0.93 46.58 30.69
N SER D 370 0.04 47.37 31.27
CA SER D 370 0.11 47.74 32.69
C SER D 370 -0.88 46.91 33.48
N GLU D 371 -0.52 45.65 33.72
CA GLU D 371 -1.30 44.80 34.61
C GLU D 371 -0.66 43.43 34.77
N GLN D 372 -1.28 42.57 35.58
CA GLN D 372 -0.83 41.20 35.75
C GLN D 372 -1.61 40.30 34.81
N GLU D 373 -0.90 39.39 34.13
CA GLU D 373 -1.52 38.48 33.19
C GLU D 373 -0.77 37.16 33.19
N GLU D 374 -1.48 36.11 32.76
CA GLU D 374 -0.95 34.76 32.73
C GLU D 374 -1.10 34.17 31.34
N PHE D 375 -0.07 33.46 30.88
CA PHE D 375 0.00 33.02 29.50
C PHE D 375 0.58 31.61 29.43
N TYR D 376 0.00 30.79 28.56
CA TYR D 376 0.61 29.53 28.16
C TYR D 376 1.39 29.71 26.87
N GLY D 377 2.50 29.00 26.77
CA GLY D 377 3.37 29.11 25.62
C GLY D 377 3.90 27.79 25.15
N GLU D 378 4.01 27.63 23.84
CA GLU D 378 4.35 26.34 23.23
C GLU D 378 5.32 26.59 22.09
N TYR D 379 6.56 26.20 22.27
CA TYR D 379 7.57 26.17 21.23
C TYR D 379 7.89 24.72 20.90
N LYS D 380 8.73 24.53 19.90
CA LYS D 380 9.07 23.18 19.45
C LYS D 380 9.48 22.31 20.62
N SER D 381 8.69 21.28 20.89
CA SER D 381 9.00 20.28 21.93
C SER D 381 9.23 20.92 23.29
N ALA D 382 8.59 22.06 23.55
CA ALA D 382 8.78 22.75 24.81
C ALA D 382 7.51 23.51 25.16
N THR D 383 7.16 23.49 26.44
CA THR D 383 5.99 24.19 26.96
C THR D 383 6.41 25.10 28.09
N ALA D 384 5.56 26.09 28.37
CA ALA D 384 5.87 27.03 29.44
C ALA D 384 4.59 27.69 29.92
N LEU D 385 4.60 28.08 31.18
CA LEU D 385 3.50 28.82 31.79
C LEU D 385 4.09 29.96 32.61
N PHE D 386 3.84 31.20 32.21
CA PHE D 386 4.48 32.35 32.83
C PHE D 386 3.46 33.44 33.11
N SER D 387 3.94 34.48 33.79
CA SER D 387 3.14 35.63 34.15
C SER D 387 3.95 36.90 33.96
N ARG D 388 3.29 37.93 33.46
CA ARG D 388 3.89 39.24 33.28
C ARG D 388 3.25 40.22 34.27
N LYS D 389 4.06 41.16 34.74
CA LYS D 389 3.58 42.15 35.69
C LYS D 389 4.32 43.45 35.42
N GLU D 390 3.62 44.42 34.85
CA GLU D 390 4.10 45.78 34.68
C GLU D 390 5.52 45.79 34.10
N ARG D 391 5.60 45.31 32.85
CA ARG D 391 6.85 45.33 32.09
C ARG D 391 7.91 44.43 32.72
N SER D 392 7.49 43.31 33.31
CA SER D 392 8.42 42.39 33.93
C SER D 392 7.85 40.98 33.86
N LEU D 393 8.75 40.01 33.78
CA LEU D 393 8.38 38.60 33.78
C LEU D 393 8.41 38.11 35.22
N GLU D 394 7.23 38.02 35.83
CA GLU D 394 7.15 37.70 37.25
C GLU D 394 7.67 36.30 37.54
N TRP D 395 7.04 35.28 36.96
CA TRP D 395 7.44 33.91 37.15
C TRP D 395 7.22 33.13 35.87
N ILE D 396 7.79 31.94 35.81
CA ILE D 396 7.66 31.07 34.66
C ILE D 396 8.00 29.65 35.07
N THR D 397 7.28 28.70 34.49
CA THR D 397 7.55 27.28 34.66
C THR D 397 7.63 26.63 33.28
N ILE D 398 8.44 25.59 33.19
CA ILE D 398 8.72 24.92 31.93
C ILE D 398 8.64 23.42 32.10
N GLY D 399 8.22 22.73 31.04
CA GLY D 399 8.11 21.29 31.05
C GLY D 399 8.58 20.66 29.75
N GLY D 400 9.54 21.29 29.09
CA GLY D 400 10.03 20.83 27.82
C GLY D 400 10.97 19.65 27.93
N GLY D 401 11.75 19.46 26.88
CA GLY D 401 12.67 18.33 26.82
C GLY D 401 14.00 18.66 26.18
N ILE D 402 14.21 19.91 25.79
CA ILE D 402 15.43 20.33 25.13
C ILE D 402 15.96 21.60 25.76
N ASN D 403 17.28 21.75 25.75
CA ASN D 403 17.91 22.92 26.31
C ASN D 403 17.81 24.11 25.35
N GLU D 404 18.09 23.87 24.07
CA GLU D 404 18.03 24.94 23.08
C GLU D 404 16.63 25.52 22.99
N ASP D 405 15.63 24.64 22.85
CA ASP D 405 14.25 25.09 22.79
C ASP D 405 13.85 25.82 24.06
N ARG D 406 14.29 25.31 25.21
CA ARG D 406 14.01 25.98 26.47
C ARG D 406 14.53 27.41 26.45
N LYS D 407 15.79 27.59 26.05
CA LYS D 407 16.39 28.91 26.08
C LYS D 407 15.68 29.84 25.11
N ARG D 408 15.36 29.35 23.91
CA ARG D 408 14.69 30.20 22.93
C ARG D 408 13.31 30.62 23.42
N LEU D 409 12.56 29.68 24.00
CA LEU D 409 11.26 30.01 24.54
C LEU D 409 11.37 31.05 25.64
N LEU D 410 12.34 30.86 26.55
CA LEU D 410 12.53 31.82 27.62
C LEU D 410 12.84 33.21 27.07
N ALA D 411 13.70 33.27 26.06
CA ALA D 411 14.08 34.58 25.52
C ALA D 411 12.89 35.26 24.85
N MET D 412 12.14 34.50 24.04
CA MET D 412 10.98 35.09 23.39
C MET D 412 9.93 35.51 24.41
N CYS D 413 9.85 34.80 25.54
CA CYS D 413 8.92 35.17 26.59
C CYS D 413 9.36 36.48 27.25
N MET D 414 10.64 36.56 27.62
CA MET D 414 11.17 37.81 28.18
C MET D 414 10.90 38.99 27.26
N ILE D 415 11.08 38.79 25.96
CA ILE D 415 10.79 39.85 25.00
C ILE D 415 9.32 40.21 25.04
N PHE D 416 8.45 39.20 24.93
CA PHE D 416 7.01 39.46 24.92
C PHE D 416 6.56 40.27 26.12
N CYS D 417 7.33 40.23 27.21
CA CYS D 417 6.98 40.97 28.42
C CYS D 417 7.83 42.22 28.62
N ARG D 418 8.73 42.52 27.69
CA ARG D 418 9.57 43.71 27.78
C ARG D 418 10.35 43.73 29.09
N ASP D 419 10.72 42.54 29.59
CA ASP D 419 11.47 42.42 30.83
C ASP D 419 12.96 42.55 30.56
N GLY D 420 13.63 43.33 31.39
CA GLY D 420 15.07 43.51 31.29
C GLY D 420 15.43 44.97 31.10
N ASP D 421 16.74 45.20 31.15
CA ASP D 421 17.27 46.55 30.99
C ASP D 421 17.43 46.94 29.53
N TYR D 422 17.61 45.95 28.65
CA TYR D 422 17.74 46.26 27.23
C TYR D 422 16.58 47.12 26.74
N PHE D 423 15.37 46.78 27.15
CA PHE D 423 14.23 47.63 26.82
C PHE D 423 14.30 48.97 27.51
N LYS D 424 15.15 49.09 28.52
CA LYS D 424 15.40 50.38 29.16
C LYS D 424 16.57 51.10 28.51
N ASP D 425 17.58 50.37 28.06
CA ASP D 425 18.72 50.95 27.37
C ASP D 425 19.26 49.92 26.38
N ALA D 426 18.88 50.08 25.11
CA ALA D 426 19.25 49.12 24.09
C ALA D 426 20.77 49.06 23.92
N PRO D 427 21.26 48.02 23.27
CA PRO D 427 22.72 47.87 23.12
C PRO D 427 23.26 48.74 21.99
N ALA D 428 24.58 48.92 22.02
CA ALA D 428 25.24 49.72 21.00
C ALA D 428 25.17 49.06 19.62
N THR D 429 25.19 47.73 19.57
CA THR D 429 25.29 47.03 18.29
C THR D 429 24.17 47.46 17.35
N ILE D 430 22.96 47.61 17.85
CA ILE D 430 21.84 48.01 17.02
C ILE D 430 21.98 49.48 16.63
N THR D 431 21.43 49.83 15.48
CA THR D 431 21.54 51.19 14.95
C THR D 431 20.19 51.60 14.37
N MET D 432 20.13 52.84 13.89
CA MET D 432 18.89 53.36 13.33
C MET D 432 18.52 52.65 12.04
N ALA D 433 19.51 52.14 11.30
CA ALA D 433 19.22 51.42 10.07
C ALA D 433 18.51 50.11 10.36
N ASP D 434 19.07 49.31 11.26
CA ASP D 434 18.41 48.08 11.68
C ASP D 434 17.11 48.35 12.41
N LEU D 435 16.84 49.60 12.78
CA LEU D 435 15.66 49.91 13.56
C LEU D 435 14.39 49.43 12.88
N SER D 436 14.09 49.98 11.71
CA SER D 436 12.78 49.77 11.10
C SER D 436 12.87 50.22 9.65
N THR D 437 11.71 50.19 8.98
CA THR D 437 11.52 50.84 7.68
C THR D 437 12.53 50.33 6.65
N LYS D 438 12.39 49.05 6.33
CA LYS D 438 13.05 48.52 5.14
C LYS D 438 12.82 49.46 3.97
N LEU D 439 11.57 49.88 3.78
CA LEU D 439 11.23 50.85 2.75
C LEU D 439 10.23 51.87 3.26
N GLY D 440 10.11 52.04 4.58
CA GLY D 440 9.21 53.00 5.16
C GLY D 440 8.34 52.42 6.26
N ARG D 441 8.15 51.10 6.24
CA ARG D 441 7.28 50.44 7.21
C ARG D 441 8.02 50.30 8.54
N GLU D 442 7.52 50.96 9.57
CA GLU D 442 8.19 50.98 10.86
C GLU D 442 8.20 49.59 11.48
N ILE D 443 8.96 49.46 12.58
CA ILE D 443 9.11 48.20 13.29
C ILE D 443 9.24 48.49 14.78
N PRO D 444 8.36 47.94 15.62
CA PRO D 444 8.55 48.10 17.06
C PRO D 444 9.81 47.39 17.54
N TYR D 445 10.41 47.97 18.58
CA TYR D 445 11.64 47.42 19.14
C TYR D 445 11.53 45.94 19.48
N GLN D 446 10.31 45.43 19.69
CA GLN D 446 10.13 44.04 20.04
C GLN D 446 10.70 43.13 18.96
N TYR D 447 10.14 43.19 17.75
CA TYR D 447 10.63 42.36 16.67
C TYR D 447 12.07 42.69 16.31
N VAL D 448 12.48 43.93 16.57
CA VAL D 448 13.88 44.30 16.39
C VAL D 448 14.76 43.37 17.23
N MET D 449 14.53 43.34 18.54
CA MET D 449 15.27 42.45 19.41
C MET D 449 15.09 41.00 18.99
N MET D 450 13.91 40.66 18.47
CA MET D 450 13.69 39.30 17.98
C MET D 450 14.73 38.92 16.93
N ASN D 451 14.76 39.67 15.83
CA ASN D 451 15.74 39.37 14.79
C ASN D 451 17.17 39.52 15.29
N TRP D 452 17.40 40.44 16.23
CA TRP D 452 18.74 40.59 16.80
C TRP D 452 19.17 39.32 17.51
N ILE D 453 18.22 38.62 18.10
CA ILE D 453 18.51 37.35 18.76
C ILE D 453 18.73 36.27 17.73
N GLN D 454 17.80 36.16 16.78
CA GLN D 454 17.93 35.15 15.74
C GLN D 454 19.22 35.30 14.95
N LYS D 455 19.82 36.48 14.97
CA LYS D 455 21.05 36.71 14.22
C LYS D 455 22.21 35.92 14.81
N SER D 456 22.50 36.14 16.09
CA SER D 456 23.64 35.52 16.75
C SER D 456 23.21 34.90 18.07
N GLU D 457 23.83 33.78 18.41
CA GLU D 457 23.57 33.12 19.68
C GLU D 457 24.07 33.94 20.86
N ASP D 458 25.10 34.76 20.64
CA ASP D 458 25.66 35.52 21.75
C ASP D 458 24.73 36.63 22.20
N ASN D 459 23.95 37.20 21.28
CA ASN D 459 22.90 38.11 21.69
C ASN D 459 21.93 37.40 22.64
N LEU D 460 21.58 36.15 22.32
CA LEU D 460 20.70 35.38 23.19
C LEU D 460 21.32 35.15 24.56
N GLU D 461 22.61 34.82 24.58
CA GLU D 461 23.27 34.59 25.86
C GLU D 461 23.26 35.86 26.70
N ALA D 462 23.58 36.99 26.08
CA ALA D 462 23.55 38.26 26.80
C ALA D 462 22.16 38.56 27.31
N LEU D 463 21.14 38.32 26.49
CA LEU D 463 19.77 38.55 26.92
C LEU D 463 19.43 37.72 28.14
N LEU D 464 19.82 36.44 28.13
CA LEU D 464 19.58 35.59 29.29
C LEU D 464 20.31 36.14 30.51
N TYR D 465 21.55 36.59 30.33
CA TYR D 465 22.27 37.22 31.42
C TYR D 465 21.52 38.43 31.95
N SER D 466 20.77 39.12 31.09
CA SER D 466 19.97 40.25 31.57
C SER D 466 19.03 39.81 32.67
N ARG D 467 18.61 38.56 32.67
CA ARG D 467 17.81 38.02 33.76
C ARG D 467 18.71 37.72 34.95
N GLY D 468 18.19 37.98 36.14
CA GLY D 468 18.95 37.78 37.35
C GLY D 468 19.52 36.39 37.48
N ILE D 469 20.76 36.27 37.92
CA ILE D 469 21.40 35.00 38.18
C ILE D 469 21.77 34.96 39.66
N VAL D 470 21.62 33.79 40.27
CA VAL D 470 21.88 33.59 41.68
C VAL D 470 22.44 32.19 41.87
N GLU D 471 22.74 31.85 43.12
CA GLU D 471 23.26 30.54 43.47
C GLU D 471 22.10 29.59 43.73
N THR D 472 22.21 28.38 43.19
CA THR D 472 21.16 27.38 43.33
C THR D 472 21.04 26.96 44.78
N ASN D 473 19.96 27.38 45.43
CA ASN D 473 19.73 27.02 46.82
C ASN D 473 19.57 25.50 46.93
N PRO D 474 19.70 24.97 48.14
CA PRO D 474 19.55 23.51 48.31
C PRO D 474 18.10 23.07 48.11
N GLY D 475 17.95 21.85 47.61
CA GLY D 475 16.62 21.31 47.35
C GLY D 475 16.05 21.73 46.01
N LYS D 476 16.09 23.02 45.71
CA LYS D 476 15.66 23.51 44.41
C LYS D 476 16.63 23.16 43.29
N MET D 477 17.71 22.45 43.60
CA MET D 477 18.68 22.07 42.59
C MET D 477 18.00 21.45 41.37
N GLY D 478 17.02 20.58 41.60
CA GLY D 478 16.34 19.95 40.48
C GLY D 478 15.50 20.93 39.69
N SER D 479 14.84 21.85 40.38
CA SER D 479 14.01 22.86 39.73
C SER D 479 14.83 24.13 39.50
N SER D 480 15.77 24.03 38.56
CA SER D 480 16.65 25.14 38.24
C SER D 480 17.15 24.98 36.83
N MET D 481 17.53 26.10 36.22
CA MET D 481 18.00 26.12 34.85
C MET D 481 19.21 27.02 34.74
N GLY D 482 20.30 26.48 34.21
CA GLY D 482 21.51 27.23 33.97
C GLY D 482 21.39 28.09 32.74
N ILE D 483 22.54 28.51 32.23
CA ILE D 483 22.56 29.32 31.02
C ILE D 483 22.51 28.43 29.78
N ASP D 484 23.05 27.22 29.89
CA ASP D 484 23.00 26.27 28.78
C ASP D 484 21.64 25.58 28.67
N GLY D 485 20.84 25.61 29.73
CA GLY D 485 19.57 24.92 29.72
C GLY D 485 19.67 23.58 30.39
N SER D 486 20.36 23.54 31.52
CA SER D 486 20.58 22.32 32.28
C SER D 486 19.61 22.25 33.45
N LYS D 487 19.08 21.05 33.70
CA LYS D 487 18.08 20.87 34.73
C LYS D 487 18.61 21.17 36.14
N ARG D 488 19.92 21.30 36.30
CA ARG D 488 20.47 21.62 37.60
C ARG D 488 21.87 22.17 37.43
N ALA D 489 22.29 23.00 38.38
CA ALA D 489 23.61 23.60 38.37
C ALA D 489 23.88 24.17 39.75
N ILE D 490 25.05 24.79 39.91
CA ILE D 490 25.39 25.43 41.17
C ILE D 490 24.87 26.87 41.20
N LYS D 491 24.78 27.51 40.04
CA LYS D 491 24.21 28.83 39.93
C LYS D 491 23.24 28.84 38.75
N SER D 492 22.05 29.34 38.99
CA SER D 492 20.98 29.31 37.99
C SER D 492 20.30 30.66 37.92
N LEU D 493 19.40 30.77 36.94
CA LEU D 493 18.73 32.03 36.68
C LEU D 493 17.69 32.32 37.75
N ARG D 494 17.10 33.51 37.66
CA ARG D 494 16.23 34.03 38.69
C ARG D 494 14.77 33.76 38.31
N ALA D 495 13.98 33.37 39.31
CA ALA D 495 12.55 33.17 39.15
C ALA D 495 12.27 32.22 37.99
N VAL D 496 12.75 30.99 38.14
CA VAL D 496 12.56 29.96 37.12
C VAL D 496 12.29 28.65 37.81
N THR D 497 11.45 27.83 37.16
CA THR D 497 11.15 26.49 37.63
C THR D 497 11.11 25.54 36.46
N ILE D 498 11.68 24.36 36.64
CA ILE D 498 11.71 23.33 35.63
C ILE D 498 11.00 22.10 36.18
N GLN D 499 10.61 21.22 35.26
CA GLN D 499 9.98 19.97 35.64
C GLN D 499 9.90 19.09 34.41
N SER D 500 9.79 17.78 34.65
CA SER D 500 9.59 16.81 33.59
C SER D 500 8.10 16.57 33.42
N GLY D 501 7.60 16.74 32.21
CA GLY D 501 6.19 16.61 31.95
C GLY D 501 5.60 17.88 31.39
N LYS D 502 5.13 17.82 30.15
CA LYS D 502 4.59 19.00 29.50
C LYS D 502 3.40 19.53 30.28
N ILE D 503 2.98 20.72 29.91
CA ILE D 503 1.85 21.39 30.53
C ILE D 503 0.59 21.09 29.73
N ASP D 504 -0.53 20.95 30.43
CA ASP D 504 -1.78 20.65 29.77
C ASP D 504 -2.31 21.89 29.05
N MET D 505 -2.42 21.78 27.74
CA MET D 505 -2.85 22.90 26.92
C MET D 505 -4.26 23.32 27.30
N PRO D 506 -4.52 24.60 27.52
CA PRO D 506 -5.88 25.03 27.87
C PRO D 506 -6.86 24.83 26.73
N GLU D 507 -8.11 25.21 26.95
CA GLU D 507 -9.15 25.00 25.96
C GLU D 507 -10.21 26.07 26.10
N SER D 508 -10.79 26.46 24.98
CA SER D 508 -11.88 27.43 24.96
C SER D 508 -12.56 27.37 23.62
N LYS D 509 -13.88 27.17 23.65
CA LYS D 509 -14.69 27.04 22.44
C LYS D 509 -15.29 28.40 22.08
N GLU D 510 -14.40 29.36 21.86
CA GLU D 510 -14.79 30.74 21.61
C GLU D 510 -14.36 31.17 20.21
N LYS D 511 -15.04 32.20 19.71
CA LYS D 511 -14.76 32.76 18.40
C LYS D 511 -14.81 34.27 18.50
N ILE D 512 -14.01 34.93 17.66
CA ILE D 512 -13.89 36.38 17.67
C ILE D 512 -13.78 36.88 16.25
N HIS D 513 -14.36 38.05 16.00
CA HIS D 513 -14.30 38.71 14.71
C HIS D 513 -13.35 39.89 14.84
N LEU D 514 -12.15 39.76 14.28
CA LEU D 514 -11.11 40.76 14.36
C LEU D 514 -10.96 41.48 13.03
N GLU D 515 -10.01 42.40 12.98
CA GLU D 515 -9.73 43.18 11.78
C GLU D 515 -8.22 43.34 11.63
N LEU D 516 -7.83 44.20 10.71
CA LEU D 516 -6.41 44.46 10.46
C LEU D 516 -6.26 45.85 9.86
N SER D 517 -5.01 46.28 9.75
CA SER D 517 -4.67 47.61 9.28
C SER D 517 -4.16 47.57 7.86
N ASP D 518 -3.76 48.72 7.36
CA ASP D 518 -3.14 48.81 6.05
C ASP D 518 -1.70 48.30 6.06
N ASN D 519 -1.14 48.04 7.24
CA ASN D 519 0.20 47.50 7.38
C ASN D 519 0.18 46.02 7.70
N LEU D 520 -0.97 45.36 7.61
CA LEU D 520 -1.08 43.93 7.83
C LEU D 520 -0.78 43.58 9.28
N GLU D 521 -1.49 44.24 10.19
CA GLU D 521 -1.37 43.99 11.62
C GLU D 521 -2.78 43.91 12.18
N ALA D 522 -3.16 42.73 12.64
CA ALA D 522 -4.52 42.49 13.09
C ALA D 522 -4.71 42.96 14.54
N PHE D 523 -5.92 43.42 14.82
CA PHE D 523 -6.30 43.88 16.15
C PHE D 523 -7.56 43.15 16.58
N ASP D 524 -7.73 43.00 17.89
CA ASP D 524 -8.86 42.27 18.46
C ASP D 524 -9.50 43.13 19.54
N SER D 525 -10.41 44.02 19.13
CA SER D 525 -11.19 44.85 20.04
C SER D 525 -10.30 45.50 21.10
N SER D 526 -9.02 45.67 20.81
CA SER D 526 -8.07 46.18 21.77
C SER D 526 -6.78 46.50 21.02
N GLY D 527 -5.84 47.10 21.73
CA GLY D 527 -4.55 47.41 21.16
C GLY D 527 -3.63 46.22 21.04
N ARG D 528 -4.15 45.01 21.23
CA ARG D 528 -3.32 43.82 21.16
C ARG D 528 -3.21 43.34 19.73
N ILE D 529 -2.04 42.81 19.39
CA ILE D 529 -1.74 42.31 18.06
C ILE D 529 -1.69 40.79 18.13
N VAL D 530 -2.43 40.14 17.26
CA VAL D 530 -2.50 38.69 17.24
C VAL D 530 -1.60 38.15 16.14
N ALA D 531 -1.39 38.94 15.09
CA ALA D 531 -0.56 38.48 13.98
C ALA D 531 0.02 39.69 13.25
N THR D 532 0.98 39.39 12.39
CA THR D 532 1.65 40.39 11.56
C THR D 532 2.43 39.65 10.47
N ILE D 533 3.26 40.38 9.74
CA ILE D 533 4.10 39.81 8.70
C ILE D 533 5.56 39.72 9.13
N LEU D 534 5.90 40.14 10.34
CA LEU D 534 7.27 40.04 10.83
C LEU D 534 7.52 38.74 11.57
N ASP D 535 6.49 37.98 11.88
CA ASP D 535 6.62 36.75 12.65
C ASP D 535 6.79 35.52 11.78
N LEU D 536 6.87 35.69 10.47
CA LEU D 536 7.03 34.57 9.54
C LEU D 536 8.41 34.59 8.90
N PRO D 537 8.89 33.45 8.41
CA PRO D 537 10.16 33.42 7.70
C PRO D 537 10.25 34.57 6.69
N SER D 538 11.49 35.00 6.43
CA SER D 538 11.70 36.14 5.55
C SER D 538 11.20 35.84 4.15
N ASP D 539 11.72 34.78 3.53
CA ASP D 539 11.35 34.45 2.17
C ASP D 539 11.99 33.13 1.80
N LYS D 540 11.46 32.50 0.75
CA LYS D 540 11.99 31.25 0.24
C LYS D 540 11.32 30.94 -1.08
N LYS D 541 12.00 30.16 -1.90
CA LYS D 541 11.52 29.78 -3.23
C LYS D 541 10.98 28.36 -3.20
N VAL D 542 9.80 28.17 -3.81
CA VAL D 542 9.15 26.88 -3.85
C VAL D 542 8.41 26.76 -5.18
N THR D 543 8.30 25.53 -5.67
CA THR D 543 7.60 25.24 -6.92
C THR D 543 6.30 24.55 -6.57
N PHE D 544 5.20 25.30 -6.63
CA PHE D 544 3.90 24.79 -6.27
C PHE D 544 3.32 23.94 -7.38
N GLN D 545 2.77 22.80 -7.01
CA GLN D 545 2.18 21.87 -7.96
C GLN D 545 0.66 21.94 -7.87
N ASP D 546 0.01 21.77 -9.02
CA ASP D 546 -1.44 21.74 -9.10
C ASP D 546 -2.05 22.99 -8.48
N VAL D 547 -1.64 24.14 -9.01
CA VAL D 547 -2.10 25.43 -8.55
C VAL D 547 -2.42 26.31 -9.75
N SER D 548 -3.22 27.35 -9.51
CA SER D 548 -3.67 28.25 -10.57
C SER D 548 -3.57 29.68 -10.07
N PHE D 549 -2.53 30.38 -10.49
CA PHE D 549 -2.36 31.79 -10.15
C PHE D 549 -2.85 32.66 -11.32
N GLN D 550 -4.15 32.60 -11.55
CA GLN D 550 -4.77 33.33 -12.64
C GLN D 550 -4.84 34.81 -12.31
N HIS D 551 -3.67 35.45 -12.19
CA HIS D 551 -3.58 36.87 -11.92
C HIS D 551 -2.36 37.41 -12.62
N PRO D 552 -2.42 38.63 -13.17
CA PRO D 552 -1.27 39.16 -13.92
C PRO D 552 0.00 39.22 -13.07
N ASP D 553 -0.07 39.92 -11.94
CA ASP D 553 1.12 40.06 -11.11
C ASP D 553 1.64 38.70 -10.66
N LEU D 554 0.74 37.77 -10.37
CA LEU D 554 1.11 36.42 -9.95
C LEU D 554 1.10 35.48 -11.15
N ALA D 555 1.97 35.78 -12.11
CA ALA D 555 2.05 35.00 -13.33
C ALA D 555 3.45 35.11 -13.89
N VAL D 556 3.87 34.03 -14.55
CA VAL D 556 5.19 33.95 -15.15
C VAL D 556 5.15 33.70 -16.65
N LEU D 557 3.97 33.44 -17.22
CA LEU D 557 3.86 33.16 -18.64
C LEU D 557 4.07 34.42 -19.47
N ARG D 558 4.33 34.21 -20.75
CA ARG D 558 4.60 35.29 -21.67
C ARG D 558 3.28 35.80 -22.28
N ASP D 559 3.40 36.86 -23.08
CA ASP D 559 2.22 37.48 -23.69
C ASP D 559 1.53 36.54 -24.67
N GLU D 560 2.24 35.57 -25.23
CA GLU D 560 1.65 34.71 -26.25
C GLU D 560 0.64 33.74 -25.67
N LYS D 561 1.10 32.89 -24.75
CA LYS D 561 0.19 31.95 -24.11
C LYS D 561 -0.89 32.68 -23.33
N THR D 562 -0.54 33.81 -22.72
CA THR D 562 -1.54 34.59 -22.00
C THR D 562 -2.60 35.13 -22.95
N ALA D 563 -2.19 35.56 -24.15
CA ALA D 563 -3.15 36.02 -25.13
C ALA D 563 -4.08 34.90 -25.55
N ILE D 564 -3.51 33.72 -25.78
CA ILE D 564 -4.33 32.56 -26.13
C ILE D 564 -5.34 32.28 -25.03
N THR D 565 -4.88 32.26 -23.79
CA THR D 565 -5.75 31.96 -22.67
C THR D 565 -6.86 32.99 -22.56
N LYS D 566 -6.54 34.27 -22.72
CA LYS D 566 -7.56 35.31 -22.61
C LYS D 566 -8.55 35.23 -23.76
N GLY D 567 -8.08 34.85 -24.95
CA GLY D 567 -9.02 34.64 -26.04
C GLY D 567 -9.98 33.50 -25.75
N TYR D 568 -9.46 32.40 -25.22
CA TYR D 568 -10.33 31.30 -24.82
C TYR D 568 -11.32 31.75 -23.75
N GLU D 569 -10.84 32.52 -22.78
CA GLU D 569 -11.73 33.02 -21.73
C GLU D 569 -12.87 33.83 -22.31
N ALA D 570 -12.56 34.82 -23.15
CA ALA D 570 -13.61 35.62 -23.78
C ALA D 570 -14.57 34.75 -24.57
N LEU D 571 -14.03 33.77 -25.30
CA LEU D 571 -14.88 32.91 -26.10
C LEU D 571 -15.80 32.08 -25.21
N ILE D 572 -15.35 31.78 -23.99
CA ILE D 572 -16.23 31.05 -23.10
C ILE D 572 -17.25 32.00 -22.51
N LYS D 573 -16.83 33.22 -22.17
CA LYS D 573 -17.77 34.20 -21.63
C LYS D 573 -18.91 34.42 -22.58
N ARG D 574 -18.71 34.13 -23.86
CA ARG D 574 -19.82 34.17 -24.82
C ARG D 574 -20.69 32.93 -24.75
N LEU D 575 -20.47 32.07 -23.76
CA LEU D 575 -21.24 30.86 -23.55
C LEU D 575 -22.48 31.09 -22.69
N GLY D 576 -22.86 32.34 -22.48
CA GLY D 576 -23.99 32.66 -21.63
C GLY D 576 -25.31 32.52 -22.34
N THR D 577 -26.30 33.25 -21.83
CA THR D 577 -27.66 33.24 -22.36
C THR D 577 -27.91 34.46 -23.23
N GLY D 578 -28.93 34.36 -24.04
CA GLY D 578 -29.32 35.41 -24.96
C GLY D 578 -28.92 35.09 -26.38
N ASP D 579 -29.71 35.58 -27.32
CA ASP D 579 -29.37 35.40 -28.72
C ASP D 579 -28.01 36.03 -29.01
N ASN D 580 -27.48 35.72 -30.20
CA ASN D 580 -26.14 36.14 -30.60
C ASN D 580 -25.08 35.33 -29.87
N ASP D 581 -25.49 34.48 -28.94
CA ASP D 581 -24.59 33.58 -28.24
C ASP D 581 -24.66 32.20 -28.88
N ILE D 582 -23.67 31.37 -28.55
CA ILE D 582 -23.51 30.08 -29.22
C ILE D 582 -24.63 29.10 -28.86
N PRO D 583 -25.18 29.12 -27.65
CA PRO D 583 -26.25 28.14 -27.34
C PRO D 583 -27.49 28.32 -28.20
N SER D 584 -28.00 29.56 -28.27
CA SER D 584 -29.16 29.82 -29.09
C SER D 584 -28.90 29.41 -30.54
N LEU D 585 -27.70 29.71 -31.04
CA LEU D 585 -27.37 29.39 -32.42
C LEU D 585 -27.34 27.89 -32.63
N ILE D 586 -26.81 27.13 -31.68
CA ILE D 586 -26.84 25.67 -31.78
C ILE D 586 -28.27 25.18 -31.82
N ALA D 587 -29.11 25.70 -30.92
CA ALA D 587 -30.51 25.32 -30.92
C ALA D 587 -31.16 25.60 -32.27
N LYS D 588 -30.84 26.74 -32.88
CA LYS D 588 -31.32 27.06 -34.21
C LYS D 588 -30.50 26.42 -35.31
N LYS D 589 -29.41 25.74 -34.96
CA LYS D 589 -28.54 25.08 -35.92
C LYS D 589 -27.92 26.07 -36.90
N ASP D 590 -27.69 27.29 -36.43
CA ASP D 590 -27.03 28.32 -37.23
C ASP D 590 -25.51 28.22 -37.06
N TYR D 591 -24.97 27.08 -37.51
CA TYR D 591 -23.54 26.83 -37.39
C TYR D 591 -22.69 27.85 -38.12
N LEU D 592 -23.30 28.70 -38.95
CA LEU D 592 -22.55 29.66 -39.73
C LEU D 592 -22.25 30.93 -38.96
N SER D 593 -23.23 31.45 -38.22
CA SER D 593 -23.03 32.68 -37.48
C SER D 593 -21.90 32.57 -36.46
N LEU D 594 -21.51 31.36 -36.09
CA LEU D 594 -20.40 31.20 -35.17
C LEU D 594 -19.08 31.64 -35.79
N TYR D 595 -18.91 31.36 -37.09
CA TYR D 595 -17.68 31.72 -37.76
C TYR D 595 -17.44 33.22 -37.74
N ASN D 596 -18.50 34.02 -37.65
CA ASN D 596 -18.41 35.46 -37.76
C ASN D 596 -18.39 36.15 -36.41
N LEU D 597 -18.23 35.40 -35.32
CA LEU D 597 -18.16 36.03 -34.02
C LEU D 597 -16.96 36.96 -33.96
N PRO D 598 -16.96 37.91 -33.05
CA PRO D 598 -15.82 38.83 -32.93
C PRO D 598 -14.65 38.21 -32.22
N GLU D 599 -14.93 37.25 -31.34
CA GLU D 599 -13.86 36.66 -30.53
C GLU D 599 -12.92 35.83 -31.38
N VAL D 600 -13.47 34.99 -32.26
CA VAL D 600 -12.63 34.27 -33.21
C VAL D 600 -11.86 35.26 -34.06
N LYS D 601 -12.49 36.39 -34.39
CA LYS D 601 -11.80 37.41 -35.17
C LYS D 601 -10.63 38.02 -34.42
N LEU D 602 -10.69 38.04 -33.08
CA LEU D 602 -9.57 38.56 -32.31
C LEU D 602 -8.50 37.52 -32.07
N MET D 603 -8.86 36.24 -32.04
CA MET D 603 -7.87 35.19 -31.88
C MET D 603 -7.26 34.74 -33.19
N ALA D 604 -7.87 35.09 -34.32
CA ALA D 604 -7.34 34.67 -35.61
C ALA D 604 -5.88 35.04 -35.84
N PRO D 605 -5.42 36.25 -35.51
CA PRO D 605 -4.03 36.61 -35.79
C PRO D 605 -3.03 35.63 -35.19
N LEU D 606 -3.44 34.91 -34.16
CA LEU D 606 -2.57 33.94 -33.51
C LEU D 606 -2.42 32.65 -34.29
N ILE D 607 -3.25 32.43 -35.30
CA ILE D 607 -3.21 31.18 -36.05
C ILE D 607 -1.99 31.18 -36.97
N ARG D 608 -1.42 30.00 -37.16
CA ARG D 608 -0.38 29.85 -38.16
C ARG D 608 -0.91 30.33 -39.51
N PRO D 609 -0.31 31.35 -40.11
CA PRO D 609 -0.92 31.95 -41.30
C PRO D 609 -0.74 31.13 -42.57
N ASN D 610 0.27 30.26 -42.64
CA ASN D 610 0.54 29.54 -43.88
C ASN D 610 -0.37 28.33 -44.06
N ARG D 611 -1.11 27.95 -43.02
CA ARG D 611 -2.00 26.80 -43.09
C ARG D 611 -3.32 27.08 -42.39
N LYS D 612 -3.71 28.34 -42.33
CA LYS D 612 -4.94 28.71 -41.64
C LYS D 612 -6.18 28.27 -42.40
N GLY D 613 -6.10 28.20 -43.73
CA GLY D 613 -7.26 27.79 -44.49
C GLY D 613 -7.60 26.33 -44.29
N VAL D 614 -6.59 25.46 -44.35
CA VAL D 614 -6.86 24.03 -44.23
C VAL D 614 -7.48 23.73 -42.88
N TYR D 615 -6.85 24.24 -41.82
CA TYR D 615 -7.40 24.03 -40.49
C TYR D 615 -8.82 24.56 -40.44
N SER D 616 -9.05 25.71 -41.05
CA SER D 616 -10.37 26.30 -41.00
C SER D 616 -11.39 25.34 -41.57
N ARG D 617 -11.08 24.76 -42.73
CA ARG D 617 -12.00 23.81 -43.32
C ARG D 617 -12.37 22.75 -42.31
N VAL D 618 -11.36 22.10 -41.75
CA VAL D 618 -11.63 20.97 -40.88
C VAL D 618 -12.52 21.42 -39.73
N ALA D 619 -12.22 22.57 -39.16
CA ALA D 619 -12.98 23.00 -38.00
C ALA D 619 -14.44 23.15 -38.40
N ARG D 620 -14.70 23.85 -39.50
CA ARG D 620 -16.08 24.06 -39.89
C ARG D 620 -16.75 22.73 -40.12
N LYS D 621 -16.03 21.79 -40.72
CA LYS D 621 -16.61 20.49 -40.96
C LYS D 621 -17.10 19.90 -39.65
N LEU D 622 -16.20 19.77 -38.68
CA LEU D 622 -16.60 19.15 -37.43
C LEU D 622 -17.82 19.84 -36.88
N VAL D 623 -17.84 21.17 -36.92
CA VAL D 623 -18.91 21.89 -36.28
C VAL D 623 -20.24 21.49 -36.91
N SER D 624 -20.31 21.53 -38.24
CA SER D 624 -21.56 21.18 -38.89
C SER D 624 -21.99 19.79 -38.48
N THR D 625 -21.05 18.85 -38.48
CA THR D 625 -21.40 17.47 -38.18
C THR D 625 -22.00 17.37 -36.78
N GLN D 626 -21.42 18.11 -35.83
CA GLN D 626 -21.95 18.06 -34.47
C GLN D 626 -23.26 18.80 -34.36
N VAL D 627 -23.43 19.88 -35.12
CA VAL D 627 -24.58 20.74 -34.91
C VAL D 627 -25.81 20.20 -35.61
N THR D 628 -25.63 19.66 -36.82
CA THR D 628 -26.78 19.22 -37.60
C THR D 628 -27.57 18.16 -36.85
N THR D 629 -26.89 17.23 -36.18
CA THR D 629 -27.57 16.16 -35.48
C THR D 629 -28.03 16.61 -34.10
N GLY D 630 -27.09 16.99 -33.25
CA GLY D 630 -27.40 17.33 -31.88
C GLY D 630 -26.50 16.61 -30.89
N HIS D 631 -25.71 15.66 -31.39
CA HIS D 631 -24.79 14.90 -30.54
C HIS D 631 -23.43 15.58 -30.58
N TYR D 632 -23.25 16.56 -29.70
CA TYR D 632 -22.03 17.35 -29.65
C TYR D 632 -21.41 17.31 -28.27
N SER D 633 -20.14 17.72 -28.21
CA SER D 633 -19.39 17.86 -26.97
C SER D 633 -18.89 19.29 -26.90
N LEU D 634 -19.45 20.06 -25.97
CA LEU D 634 -19.15 21.48 -25.88
C LEU D 634 -17.66 21.75 -25.71
N HIS D 635 -16.89 20.77 -25.24
CA HIS D 635 -15.49 20.99 -24.96
C HIS D 635 -14.60 20.90 -26.20
N GLU D 636 -15.18 20.64 -27.37
CA GLU D 636 -14.44 20.57 -28.63
C GLU D 636 -14.70 21.78 -29.53
N LEU D 637 -15.93 22.28 -29.55
CA LEU D 637 -16.22 23.48 -30.31
C LEU D 637 -15.44 24.67 -29.76
N ILE D 638 -15.51 24.87 -28.46
CA ILE D 638 -14.78 25.94 -27.79
C ILE D 638 -13.30 25.84 -28.13
N LYS D 639 -12.85 24.65 -28.53
CA LYS D 639 -11.45 24.45 -28.87
C LYS D 639 -11.15 24.77 -30.33
N VAL D 640 -12.02 24.34 -31.26
CA VAL D 640 -11.69 24.45 -32.68
C VAL D 640 -12.24 25.71 -33.35
N LEU D 641 -13.21 26.39 -32.72
CA LEU D 641 -13.80 27.57 -33.34
C LEU D 641 -12.79 28.62 -33.81
N PRO D 642 -11.74 28.95 -33.06
CA PRO D 642 -10.86 30.04 -33.47
C PRO D 642 -10.29 29.89 -34.86
N PHE D 643 -10.39 28.72 -35.47
CA PHE D 643 -9.83 28.48 -36.79
C PHE D 643 -10.84 28.66 -37.92
N THR D 644 -12.12 28.75 -37.61
CA THR D 644 -13.16 28.84 -38.63
C THR D 644 -13.33 30.23 -39.21
N TYR D 645 -12.51 31.20 -38.82
CA TYR D 645 -12.73 32.56 -39.28
C TYR D 645 -12.30 32.73 -40.73
N PHE D 646 -11.28 32.01 -41.17
CA PHE D 646 -10.72 32.20 -42.49
C PHE D 646 -11.47 31.35 -43.52
N ALA D 647 -10.99 31.39 -44.75
CA ALA D 647 -11.66 30.68 -45.84
C ALA D 647 -11.07 29.30 -46.02
N PRO D 648 -11.89 28.29 -46.30
CA PRO D 648 -11.37 26.95 -46.54
C PRO D 648 -10.42 26.93 -47.73
N LYS D 649 -9.63 25.85 -47.79
CA LYS D 649 -8.71 25.63 -48.89
C LYS D 649 -8.48 24.13 -49.00
N GLN D 650 -7.49 23.75 -49.79
CA GLN D 650 -7.17 22.35 -50.03
C GLN D 650 -5.78 22.03 -49.49
N GLY D 651 -5.63 20.84 -48.96
CA GLY D 651 -4.35 20.42 -48.39
C GLY D 651 -4.54 19.21 -47.51
N MET D 652 -3.40 18.67 -47.08
CA MET D 652 -3.39 17.46 -46.25
C MET D 652 -3.34 17.86 -44.78
N PHE D 653 -4.34 17.45 -44.03
CA PHE D 653 -4.39 17.69 -42.59
C PHE D 653 -3.67 16.57 -41.87
N GLU D 654 -2.53 16.89 -41.25
CA GLU D 654 -1.75 15.88 -40.57
C GLU D 654 -2.46 15.37 -39.32
N GLY D 655 -3.16 16.24 -38.61
CA GLY D 655 -3.87 15.84 -37.41
C GLY D 655 -3.78 16.83 -36.27
N ARG D 656 -2.95 17.86 -36.40
CA ARG D 656 -2.74 18.85 -35.35
C ARG D 656 -3.06 20.24 -35.89
N LEU D 657 -3.39 21.14 -34.97
CA LEU D 657 -3.72 22.53 -35.29
C LEU D 657 -2.75 23.44 -34.55
N PHE D 658 -1.85 24.07 -35.29
CA PHE D 658 -0.80 24.89 -34.73
C PHE D 658 -1.18 26.36 -34.72
N PHE D 659 -0.73 27.05 -33.68
CA PHE D 659 -0.80 28.50 -33.61
C PHE D 659 0.50 29.08 -34.18
N SER D 660 0.70 30.38 -33.98
CA SER D 660 1.91 31.04 -34.46
C SER D 660 3.07 30.92 -33.49
N ASN D 661 2.88 30.25 -32.36
CA ASN D 661 3.91 30.13 -31.33
C ASN D 661 4.33 28.68 -31.11
N ASP D 662 4.20 27.85 -32.13
CA ASP D 662 4.64 26.46 -32.05
C ASP D 662 3.94 25.73 -30.90
N SER D 663 2.69 26.09 -30.66
CA SER D 663 1.85 25.40 -29.68
C SER D 663 0.56 25.01 -30.36
N PHE D 664 0.20 23.74 -30.24
CA PHE D 664 -0.92 23.17 -30.96
C PHE D 664 -1.97 22.62 -30.01
N VAL D 665 -3.13 22.29 -30.59
CA VAL D 665 -4.19 21.55 -29.91
C VAL D 665 -4.69 20.48 -30.85
N GLU D 666 -5.07 19.34 -30.27
CA GLU D 666 -5.52 18.22 -31.07
C GLU D 666 -6.98 17.92 -30.80
N PRO D 667 -7.79 17.70 -31.85
CA PRO D 667 -9.23 17.52 -31.66
C PRO D 667 -9.65 16.13 -31.21
N GLY D 668 -9.67 15.88 -29.91
CA GLY D 668 -10.17 14.62 -29.40
C GLY D 668 -9.38 14.08 -28.23
N VAL D 669 -8.11 14.48 -28.15
CA VAL D 669 -7.21 14.05 -27.09
C VAL D 669 -6.76 15.28 -26.33
N ASN D 670 -6.62 15.13 -25.02
CA ASN D 670 -6.19 16.22 -24.17
C ASN D 670 -4.68 16.38 -24.23
N ASN D 671 -4.22 17.62 -24.20
CA ASN D 671 -2.81 17.93 -24.23
C ASN D 671 -2.54 19.06 -23.25
N ASN D 672 -1.27 19.46 -23.17
CA ASN D 672 -0.88 20.52 -22.26
C ASN D 672 -1.60 21.83 -22.54
N VAL D 673 -2.03 22.02 -23.79
CA VAL D 673 -2.63 23.29 -24.17
C VAL D 673 -4.13 23.33 -23.94
N PHE D 674 -4.81 22.19 -23.98
CA PHE D 674 -6.26 22.17 -23.80
C PHE D 674 -6.63 20.78 -23.29
N SER D 675 -7.07 20.71 -22.04
CA SER D 675 -7.42 19.43 -21.43
C SER D 675 -8.73 19.56 -20.68
N TRP D 676 -9.37 18.40 -20.49
CA TRP D 676 -10.61 18.32 -19.74
C TRP D 676 -10.92 16.85 -19.53
N SER D 677 -11.90 16.59 -18.68
CA SER D 677 -12.30 15.23 -18.35
C SER D 677 -13.81 15.17 -18.17
N LYS D 678 -14.36 13.99 -18.41
CA LYS D 678 -15.79 13.78 -18.18
C LYS D 678 -16.15 13.83 -16.71
N ALA D 679 -15.19 13.56 -15.83
CA ALA D 679 -15.46 13.64 -14.39
C ALA D 679 -15.85 15.06 -13.99
N ASP D 680 -14.98 16.02 -14.26
CA ASP D 680 -15.22 17.43 -13.97
C ASP D 680 -15.46 18.14 -15.30
N SER D 681 -16.71 18.14 -15.74
CA SER D 681 -17.10 18.76 -17.00
C SER D 681 -17.30 20.27 -16.88
N SER D 682 -16.91 20.87 -15.75
CA SER D 682 -17.10 22.30 -15.54
C SER D 682 -15.78 23.06 -15.53
N LYS D 683 -14.73 22.46 -16.08
CA LYS D 683 -13.42 23.07 -16.08
C LYS D 683 -12.75 22.87 -17.43
N ILE D 684 -11.90 23.82 -17.79
CA ILE D 684 -11.08 23.75 -18.98
C ILE D 684 -9.66 24.16 -18.60
N TYR D 685 -8.71 23.30 -18.89
CA TYR D 685 -7.32 23.54 -18.51
C TYR D 685 -6.53 23.97 -19.74
N CYS D 686 -6.04 25.20 -19.71
CA CYS D 686 -5.21 25.74 -20.77
C CYS D 686 -3.89 26.20 -20.15
N HIS D 687 -2.79 25.61 -20.62
CA HIS D 687 -1.46 25.95 -20.11
C HIS D 687 -1.38 25.81 -18.59
N GLY D 688 -2.10 24.85 -18.05
CA GLY D 688 -2.15 24.62 -16.62
C GLY D 688 -3.22 25.45 -15.95
N ILE D 689 -3.44 26.66 -16.45
CA ILE D 689 -4.47 27.51 -15.88
C ILE D 689 -5.83 26.83 -16.03
N ALA D 690 -6.72 27.12 -15.10
CA ALA D 690 -8.07 26.58 -15.12
C ALA D 690 -9.09 27.66 -15.44
N ILE D 691 -10.16 27.24 -16.09
CA ILE D 691 -11.23 28.14 -16.50
C ILE D 691 -12.55 27.48 -16.17
N ARG D 692 -13.45 28.22 -15.54
CA ARG D 692 -14.73 27.72 -15.10
C ARG D 692 -15.78 28.02 -16.17
N VAL D 693 -16.30 26.98 -16.80
CA VAL D 693 -17.33 27.16 -17.82
C VAL D 693 -18.67 27.29 -17.10
N PRO D 694 -19.52 28.24 -17.49
CA PRO D 694 -20.84 28.34 -16.86
C PRO D 694 -21.70 27.13 -17.20
N LEU D 695 -22.78 26.99 -16.46
CA LEU D 695 -23.70 25.87 -16.59
C LEU D 695 -25.02 26.41 -17.13
N VAL D 696 -25.09 26.51 -18.45
CA VAL D 696 -26.27 27.01 -19.13
C VAL D 696 -26.93 25.92 -19.97
N VAL D 697 -26.13 25.06 -20.58
CA VAL D 697 -26.64 23.99 -21.44
C VAL D 697 -25.90 22.71 -21.10
N GLY D 698 -26.57 21.58 -21.32
CA GLY D 698 -26.00 20.29 -21.04
C GLY D 698 -25.90 19.37 -22.24
N ASP D 699 -24.70 18.88 -22.51
CA ASP D 699 -24.48 17.99 -23.63
C ASP D 699 -24.78 16.55 -23.21
N GLU D 700 -24.37 15.60 -24.06
CA GLU D 700 -24.65 14.19 -23.78
C GLU D 700 -24.09 13.75 -22.43
N HIS D 701 -22.92 14.27 -22.07
CA HIS D 701 -22.28 13.84 -20.82
C HIS D 701 -23.09 14.29 -19.62
N MET D 702 -23.28 15.60 -19.47
CA MET D 702 -24.07 16.14 -18.37
C MET D 702 -25.48 15.57 -18.43
N ASP D 703 -25.95 15.02 -17.31
CA ASP D 703 -27.14 14.18 -17.28
C ASP D 703 -28.06 14.57 -16.13
N THR D 704 -28.28 15.87 -15.96
CA THR D 704 -29.20 16.34 -14.94
C THR D 704 -29.45 17.83 -15.18
N SER D 705 -30.32 18.41 -14.34
CA SER D 705 -30.56 19.84 -14.39
C SER D 705 -29.41 20.65 -13.82
N LEU D 706 -28.43 20.00 -13.20
CA LEU D 706 -27.35 20.75 -12.57
C LEU D 706 -26.59 21.60 -13.57
N ALA D 707 -26.56 21.19 -14.82
CA ALA D 707 -25.81 21.91 -15.83
C ALA D 707 -26.57 23.08 -16.41
N LEU D 708 -27.82 23.29 -15.99
CA LEU D 708 -28.66 24.33 -16.54
C LEU D 708 -28.94 25.46 -15.56
N LEU D 709 -28.53 25.30 -14.31
CA LEU D 709 -28.99 26.19 -13.25
C LEU D 709 -28.40 27.58 -13.36
N GLU D 710 -27.19 27.70 -13.92
CA GLU D 710 -26.60 29.00 -14.13
C GLU D 710 -27.23 29.73 -15.31
N GLY D 711 -28.21 29.14 -15.96
CA GLY D 711 -28.91 29.79 -17.06
C GLY D 711 -30.26 30.31 -16.62
N PHE D 712 -30.71 29.86 -15.46
CA PHE D 712 -32.00 30.26 -14.91
C PHE D 712 -31.83 31.29 -13.80
N SER D 713 -32.94 31.96 -13.49
CA SER D 713 -32.98 32.94 -12.42
C SER D 713 -34.43 33.15 -12.04
N VAL D 714 -34.62 33.79 -10.91
CA VAL D 714 -35.95 34.03 -10.39
C VAL D 714 -36.48 35.35 -10.94
N CYS D 715 -37.79 35.45 -11.03
CA CYS D 715 -38.44 36.64 -11.55
C CYS D 715 -39.79 36.79 -10.88
N GLU D 716 -40.47 37.90 -11.20
CA GLU D 716 -41.78 38.13 -10.64
C GLU D 716 -42.72 36.99 -11.01
N ASN D 717 -43.52 36.56 -10.04
CA ASN D 717 -44.41 35.44 -10.24
C ASN D 717 -45.47 35.79 -11.28
N ASP D 718 -45.74 34.85 -12.17
CA ASP D 718 -46.75 35.01 -13.21
C ASP D 718 -47.61 33.74 -13.23
N PRO D 719 -48.88 33.83 -12.81
CA PRO D 719 -49.71 32.63 -12.78
C PRO D 719 -50.09 32.12 -14.16
N ARG D 720 -49.82 32.89 -15.21
CA ARG D 720 -50.19 32.45 -16.56
C ARG D 720 -49.22 31.40 -17.07
N ALA D 721 -47.93 31.57 -16.79
CA ALA D 721 -46.95 30.61 -17.25
C ALA D 721 -47.27 29.23 -16.68
N PRO D 722 -46.84 28.18 -17.36
CA PRO D 722 -47.17 26.82 -16.94
C PRO D 722 -46.29 26.34 -15.78
N MET D 723 -46.73 25.24 -15.18
CA MET D 723 -45.99 24.55 -14.14
C MET D 723 -45.49 23.23 -14.70
N VAL D 724 -44.20 22.98 -14.54
CA VAL D 724 -43.54 21.84 -15.14
C VAL D 724 -42.62 21.18 -14.11
N THR D 725 -41.88 20.18 -14.56
CA THR D 725 -41.00 19.39 -13.73
C THR D 725 -39.57 19.90 -13.87
N ARG D 726 -38.64 19.17 -13.27
CA ARG D 726 -37.22 19.49 -13.37
C ARG D 726 -36.54 18.85 -14.58
N GLN D 727 -37.22 17.93 -15.25
CA GLN D 727 -36.66 17.25 -16.42
C GLN D 727 -37.06 17.90 -17.73
N ASP D 728 -38.32 18.33 -17.87
CA ASP D 728 -38.73 19.09 -19.04
C ASP D 728 -38.13 20.48 -19.06
N LEU D 729 -37.43 20.86 -17.99
CA LEU D 729 -36.86 22.21 -17.88
C LEU D 729 -35.88 22.53 -18.99
N ILE D 730 -35.39 21.50 -19.70
CA ILE D 730 -34.43 21.73 -20.77
C ILE D 730 -35.10 22.17 -22.07
N ASP D 731 -36.40 21.94 -22.23
CA ASP D 731 -37.08 22.21 -23.48
C ASP D 731 -37.65 23.63 -23.56
N VAL D 732 -37.21 24.53 -22.69
CA VAL D 732 -37.69 25.90 -22.72
C VAL D 732 -36.78 26.75 -23.59
N GLY D 733 -37.28 27.92 -23.97
CA GLY D 733 -36.54 28.85 -24.80
C GLY D 733 -35.92 29.96 -23.98
N PHE D 734 -34.72 30.36 -24.38
CA PHE D 734 -34.00 31.40 -23.67
C PHE D 734 -34.80 32.68 -23.65
N GLY D 735 -35.10 33.16 -22.44
CA GLY D 735 -35.89 34.35 -22.26
C GLY D 735 -37.34 34.08 -21.90
N GLN D 736 -37.72 32.83 -21.73
CA GLN D 736 -39.09 32.47 -21.41
C GLN D 736 -39.27 32.35 -19.90
N LYS D 737 -40.53 32.31 -19.48
CA LYS D 737 -40.89 32.19 -18.07
C LYS D 737 -41.58 30.85 -17.84
N VAL D 738 -41.50 30.37 -16.60
CA VAL D 738 -42.16 29.13 -16.25
C VAL D 738 -42.25 29.02 -14.75
N ARG D 739 -43.39 28.53 -14.27
CA ARG D 739 -43.56 28.26 -12.85
C ARG D 739 -43.00 26.88 -12.51
N LEU D 740 -42.70 26.69 -11.24
CA LEU D 740 -42.04 25.47 -10.82
C LEU D 740 -42.15 25.30 -9.32
N PHE D 741 -41.98 24.05 -8.89
CA PHE D 741 -41.96 23.68 -7.48
C PHE D 741 -40.52 23.49 -7.04
N VAL D 742 -40.18 24.03 -5.88
CA VAL D 742 -38.83 23.99 -5.36
C VAL D 742 -38.84 23.41 -3.96
N GLY D 743 -37.90 22.51 -3.69
CA GLY D 743 -37.78 21.93 -2.38
C GLY D 743 -39.10 21.39 -1.87
N GLN D 744 -39.61 22.01 -0.82
CA GLN D 744 -40.86 21.59 -0.20
C GLN D 744 -41.71 22.81 0.11
N GLY D 745 -43.02 22.65 -0.06
CA GLY D 745 -43.96 23.72 0.21
C GLY D 745 -43.56 25.08 -0.31
N SER D 746 -43.18 25.16 -1.58
CA SER D 746 -42.74 26.41 -2.17
C SER D 746 -42.85 26.30 -3.67
N VAL D 747 -43.47 27.30 -4.29
CA VAL D 747 -43.57 27.40 -5.74
C VAL D 747 -43.13 28.79 -6.15
N ARG D 748 -42.43 28.87 -7.28
CA ARG D 748 -41.90 30.13 -7.75
C ARG D 748 -41.96 30.19 -9.27
N THR D 749 -41.43 31.27 -9.82
CA THR D 749 -41.41 31.52 -11.24
C THR D 749 -39.99 31.85 -11.67
N PHE D 750 -39.51 31.16 -12.69
CA PHE D 750 -38.15 31.28 -13.17
C PHE D 750 -38.15 31.74 -14.62
N LYS D 751 -36.99 32.26 -15.03
CA LYS D 751 -36.78 32.76 -16.36
C LYS D 751 -35.38 32.36 -16.80
N ARG D 752 -35.27 31.82 -18.01
CA ARG D 752 -34.00 31.29 -18.49
C ARG D 752 -33.12 32.42 -19.03
N THR D 753 -32.79 33.34 -18.13
CA THR D 753 -31.86 34.42 -18.42
C THR D 753 -30.97 34.60 -17.20
N ALA D 754 -29.68 34.69 -17.43
CA ALA D 754 -28.68 34.70 -16.37
C ALA D 754 -28.30 36.11 -15.96
N SER D 755 -27.49 36.18 -14.91
CA SER D 755 -26.96 37.45 -14.40
C SER D 755 -25.58 37.16 -13.85
N GLN D 756 -24.55 37.41 -14.65
CA GLN D 756 -23.18 37.07 -14.28
C GLN D 756 -22.66 37.93 -13.13
N ARG D 757 -23.24 39.11 -12.93
CA ARG D 757 -22.74 40.01 -11.89
C ARG D 757 -22.98 39.42 -10.51
N ALA D 758 -22.10 39.77 -9.59
CA ALA D 758 -22.20 39.39 -8.19
C ALA D 758 -22.40 40.64 -7.34
N ALA D 759 -22.44 40.45 -6.03
CA ALA D 759 -22.68 41.55 -5.11
C ALA D 759 -21.41 42.16 -4.54
N SER D 760 -20.31 41.42 -4.53
CA SER D 760 -19.06 41.91 -3.94
C SER D 760 -18.71 43.30 -4.45
N SER D 761 -18.50 43.41 -5.77
CA SER D 761 -18.08 44.69 -6.35
C SER D 761 -19.18 45.74 -6.24
N ASP D 762 -20.40 45.37 -6.61
CA ASP D 762 -21.50 46.32 -6.59
C ASP D 762 -21.70 46.95 -5.22
N VAL D 763 -21.17 46.33 -4.17
CA VAL D 763 -21.24 46.87 -2.83
C VAL D 763 -19.98 47.62 -2.46
N ASN D 764 -18.81 47.02 -2.72
CA ASN D 764 -17.55 47.65 -2.36
C ASN D 764 -17.41 49.00 -3.04
N LYS D 765 -17.63 49.04 -4.35
CA LYS D 765 -17.51 50.29 -5.08
C LYS D 765 -18.46 51.34 -4.52
N ASN D 766 -19.75 51.02 -4.45
CA ASN D 766 -20.72 51.98 -3.96
C ASN D 766 -20.37 52.46 -2.55
N VAL D 767 -19.69 51.61 -1.77
CA VAL D 767 -19.27 52.05 -0.44
C VAL D 767 -18.16 53.08 -0.56
N LYS D 768 -17.08 52.74 -1.27
CA LYS D 768 -15.96 53.66 -1.41
C LYS D 768 -16.40 55.01 -1.93
N LYS D 769 -17.48 55.05 -2.69
CA LYS D 769 -18.05 56.30 -3.17
C LYS D 769 -18.80 57.05 -2.08
N ILE D 770 -18.75 56.58 -0.84
CA ILE D 770 -19.41 57.24 0.27
C ILE D 770 -18.43 57.84 1.26
N LYS D 771 -17.18 57.39 1.28
CA LYS D 771 -16.17 57.91 2.18
C LYS D 771 -15.55 59.22 1.69
N MET D 772 -16.20 59.90 0.76
CA MET D 772 -15.67 61.14 0.20
C MET D 772 -16.53 62.32 0.60
N ILE E 183 74.59 -27.71 3.95
CA ILE E 183 73.29 -27.11 3.73
C ILE E 183 72.18 -28.14 3.94
N GLU E 184 71.14 -27.71 4.63
CA GLU E 184 69.99 -28.55 4.97
C GLU E 184 68.94 -27.68 5.64
N MET E 185 67.70 -28.15 5.61
CA MET E 185 66.58 -27.44 6.24
C MET E 185 66.69 -27.62 7.75
N LYS E 186 67.30 -26.63 8.40
CA LYS E 186 67.47 -26.67 9.84
C LYS E 186 66.14 -26.89 10.54
N LYS E 187 66.08 -27.92 11.37
CA LYS E 187 64.84 -28.36 11.98
C LYS E 187 64.58 -27.65 13.31
N GLY E 188 63.30 -27.46 13.61
CA GLY E 188 62.85 -27.05 14.92
C GLY E 188 62.56 -28.24 15.80
N LYS E 189 61.66 -28.04 16.76
CA LYS E 189 61.23 -29.12 17.65
C LYS E 189 59.76 -29.47 17.46
N THR E 190 58.86 -28.51 17.59
CA THR E 190 57.44 -28.80 17.48
C THR E 190 57.13 -29.51 16.16
N PHE E 191 57.76 -29.07 15.07
CA PHE E 191 57.56 -29.71 13.78
C PHE E 191 57.90 -31.19 13.84
N LEU E 192 59.04 -31.52 14.44
CA LEU E 192 59.45 -32.92 14.51
C LEU E 192 58.48 -33.73 15.36
N GLU E 193 58.01 -33.15 16.46
CA GLU E 193 57.04 -33.85 17.30
C GLU E 193 55.78 -34.16 16.51
N LEU E 194 55.26 -33.17 15.79
CA LEU E 194 54.09 -33.41 14.94
C LEU E 194 54.37 -34.52 13.94
N ARG E 195 55.48 -34.41 13.21
CA ARG E 195 55.81 -35.41 12.20
C ARG E 195 55.83 -36.81 12.79
N ASP E 196 56.41 -36.95 13.99
CA ASP E 196 56.41 -38.25 14.63
C ASP E 196 55.03 -38.63 15.15
N GLU E 197 54.15 -37.65 15.33
CA GLU E 197 52.80 -37.89 15.81
C GLU E 197 51.85 -38.25 14.68
N SER E 198 51.72 -37.38 13.70
CA SER E 198 50.80 -37.57 12.59
C SER E 198 51.40 -38.60 11.65
N VAL E 199 51.03 -39.86 11.85
CA VAL E 199 51.54 -40.96 11.04
C VAL E 199 50.47 -42.05 10.95
N PRO E 200 50.65 -43.04 10.10
CA PRO E 200 49.67 -44.12 10.01
C PRO E 200 49.50 -44.88 11.31
N LEU E 201 48.56 -45.83 11.34
CA LEU E 201 48.23 -46.50 12.59
C LEU E 201 49.38 -47.35 13.11
N PRO E 202 49.83 -48.39 12.41
CA PRO E 202 50.84 -49.28 13.01
C PRO E 202 52.14 -48.60 13.30
N PHE E 203 52.42 -47.48 12.66
CA PHE E 203 53.68 -46.75 12.85
C PHE E 203 53.42 -45.54 13.73
N GLN E 204 54.34 -45.32 14.68
CA GLN E 204 54.24 -44.20 15.60
C GLN E 204 55.40 -43.23 15.48
N THR E 205 56.32 -43.47 14.54
CA THR E 205 57.47 -42.59 14.34
C THR E 205 57.76 -42.51 12.85
N TYR E 206 58.20 -41.33 12.41
CA TYR E 206 58.49 -41.13 11.01
C TYR E 206 59.52 -42.13 10.50
N GLU E 207 60.40 -42.60 11.38
CA GLU E 207 61.48 -43.48 10.95
C GLU E 207 60.96 -44.86 10.58
N GLN E 208 60.05 -45.41 11.37
CA GLN E 208 59.48 -46.72 11.07
C GLN E 208 58.73 -46.68 9.75
N MET E 209 57.86 -45.68 9.58
CA MET E 209 57.14 -45.54 8.33
C MET E 209 58.09 -45.36 7.16
N LYS E 210 59.14 -44.57 7.35
CA LYS E 210 60.11 -44.35 6.28
C LYS E 210 60.79 -45.65 5.88
N ASP E 211 61.21 -46.43 6.87
CA ASP E 211 61.87 -47.70 6.57
C ASP E 211 60.92 -48.66 5.87
N TYR E 212 59.65 -48.68 6.29
CA TYR E 212 58.69 -49.54 5.63
C TYR E 212 58.47 -49.12 4.19
N CYS E 213 58.47 -47.81 3.93
CA CYS E 213 58.25 -47.32 2.57
C CYS E 213 59.45 -47.61 1.67
N GLU E 214 60.63 -47.12 2.07
CA GLU E 214 61.81 -47.26 1.22
C GLU E 214 62.11 -48.71 0.86
N LYS E 215 61.55 -49.67 1.59
CA LYS E 215 61.80 -51.08 1.33
C LYS E 215 60.53 -51.82 0.92
N PHE E 216 59.46 -51.11 0.64
CA PHE E 216 58.22 -51.77 0.24
C PHE E 216 58.48 -52.60 -1.01
N LYS E 217 58.09 -53.87 -0.95
CA LYS E 217 58.22 -54.78 -2.07
C LYS E 217 56.85 -55.19 -2.58
N GLY E 218 56.83 -55.66 -3.82
CA GLY E 218 55.59 -56.03 -4.47
C GLY E 218 55.21 -57.48 -4.25
N ASN E 219 54.02 -57.71 -3.72
CA ASN E 219 53.45 -59.05 -3.57
C ASN E 219 52.09 -59.03 -4.23
N PRO E 220 52.05 -59.10 -5.56
CA PRO E 220 50.77 -58.94 -6.28
C PRO E 220 49.71 -59.96 -5.88
N ARG E 221 50.08 -61.06 -5.25
CA ARG E 221 49.12 -62.10 -4.93
C ARG E 221 48.19 -61.66 -3.80
N GLU E 222 48.76 -61.19 -2.70
CA GLU E 222 47.95 -60.68 -1.61
C GLU E 222 47.09 -59.51 -2.08
N LEU E 223 47.65 -58.67 -2.95
CA LEU E 223 46.90 -57.54 -3.47
C LEU E 223 45.73 -58.00 -4.31
N ALA E 224 45.95 -59.02 -5.14
CA ALA E 224 44.86 -59.57 -5.95
C ALA E 224 43.78 -60.15 -5.06
N SER E 225 44.17 -60.88 -4.02
CA SER E 225 43.20 -61.42 -3.10
C SER E 225 42.40 -60.30 -2.43
N LYS E 226 43.08 -59.22 -2.06
CA LYS E 226 42.41 -58.11 -1.40
C LYS E 226 41.40 -57.45 -2.32
N VAL E 227 41.80 -57.19 -3.57
CA VAL E 227 40.87 -56.54 -4.49
C VAL E 227 39.71 -57.46 -4.82
N SER E 228 39.95 -58.78 -4.89
CA SER E 228 38.85 -59.70 -5.13
C SER E 228 37.89 -59.72 -3.95
N GLN E 229 38.43 -59.69 -2.73
CA GLN E 229 37.57 -59.63 -1.55
C GLN E 229 36.73 -58.36 -1.56
N MET E 230 37.34 -57.22 -1.91
CA MET E 230 36.58 -55.98 -1.98
C MET E 230 35.51 -56.07 -3.06
N GLN E 231 35.85 -56.65 -4.21
CA GLN E 231 34.88 -56.79 -5.29
C GLN E 231 33.73 -57.70 -4.88
N SER E 232 33.99 -58.67 -4.01
CA SER E 232 32.94 -59.58 -3.58
C SER E 232 32.00 -58.89 -2.60
N ASN E 233 32.54 -58.16 -1.63
CA ASN E 233 31.72 -57.45 -0.65
C ASN E 233 31.14 -56.16 -1.21
N ILE E 234 31.22 -55.95 -2.51
CA ILE E 234 30.57 -54.83 -3.18
C ILE E 234 29.58 -55.39 -4.19
N LYS E 235 28.42 -54.74 -4.28
CA LYS E 235 27.37 -55.11 -5.22
C LYS E 235 27.15 -53.92 -6.13
N LEU E 236 27.95 -53.85 -7.20
CA LEU E 236 27.89 -52.74 -8.14
C LEU E 236 26.88 -53.06 -9.23
N PRO E 237 25.74 -52.39 -9.29
CA PRO E 237 24.79 -52.66 -10.37
C PRO E 237 25.20 -51.98 -11.66
N ILE E 238 24.84 -52.61 -12.77
CA ILE E 238 25.15 -52.10 -14.10
C ILE E 238 23.94 -52.35 -14.99
N LYS E 239 23.21 -51.30 -15.31
CA LYS E 239 22.03 -51.36 -16.16
C LYS E 239 22.38 -50.94 -17.57
N HIS E 240 21.47 -51.24 -18.50
CA HIS E 240 21.70 -50.99 -19.92
C HIS E 240 20.67 -50.06 -20.52
N TYR E 241 19.76 -49.50 -19.73
CA TYR E 241 18.76 -48.54 -20.16
C TYR E 241 17.73 -49.15 -21.10
N GLU E 242 17.86 -50.42 -21.45
CA GLU E 242 16.94 -51.08 -22.36
C GLU E 242 15.98 -51.99 -21.61
N GLN E 243 16.50 -52.86 -20.75
CA GLN E 243 15.66 -53.68 -19.91
C GLN E 243 15.06 -52.89 -18.76
N ASN E 244 15.77 -51.86 -18.30
CA ASN E 244 15.32 -50.96 -17.23
C ASN E 244 15.45 -49.55 -17.78
N LYS E 245 14.36 -49.05 -18.35
CA LYS E 245 14.37 -47.77 -19.04
C LYS E 245 14.19 -46.63 -18.03
N PHE E 246 14.24 -45.41 -18.55
CA PHE E 246 13.98 -44.22 -17.75
C PHE E 246 12.48 -44.09 -17.52
N ARG E 247 12.07 -42.98 -16.91
CA ARG E 247 10.67 -42.69 -16.67
C ARG E 247 10.43 -41.20 -16.86
N GLN E 248 9.17 -40.85 -17.05
CA GLN E 248 8.79 -39.45 -17.08
C GLN E 248 9.00 -38.82 -15.72
N ILE E 249 9.29 -37.54 -15.72
CA ILE E 249 9.60 -36.82 -14.50
C ILE E 249 8.32 -36.43 -13.79
N ARG E 250 8.36 -36.52 -12.46
CA ARG E 250 7.23 -36.11 -11.63
C ARG E 250 7.46 -34.67 -11.18
N LEU E 251 6.67 -33.75 -11.72
CA LEU E 251 6.83 -32.35 -11.39
C LEU E 251 6.16 -32.03 -10.05
N PRO E 252 6.55 -30.93 -9.43
CA PRO E 252 5.84 -30.47 -8.24
C PRO E 252 4.39 -30.17 -8.54
N LYS E 253 3.63 -29.94 -7.47
CA LYS E 253 2.21 -29.68 -7.58
C LYS E 253 1.85 -28.49 -6.70
N GLY E 254 0.91 -27.69 -7.17
CA GLY E 254 0.51 -26.49 -6.48
C GLY E 254 0.16 -25.37 -7.44
N PRO E 255 0.23 -24.13 -6.96
CA PRO E 255 -0.09 -23.00 -7.82
C PRO E 255 0.97 -22.79 -8.89
N MET E 256 0.57 -22.04 -9.92
CA MET E 256 1.46 -21.80 -11.05
C MET E 256 2.60 -20.87 -10.65
N ALA E 257 3.71 -21.01 -11.35
CA ALA E 257 4.86 -20.16 -11.10
C ALA E 257 4.60 -18.78 -11.68
N PRO E 258 4.81 -17.71 -10.90
CA PRO E 258 4.49 -16.38 -11.41
C PRO E 258 5.65 -15.73 -12.15
N TYR E 259 5.41 -14.55 -12.69
CA TYR E 259 6.47 -13.80 -13.34
C TYR E 259 7.53 -13.44 -12.32
N THR E 260 8.77 -13.43 -12.76
CA THR E 260 9.89 -13.24 -11.85
C THR E 260 10.83 -12.13 -12.28
N HIS E 261 11.05 -11.97 -13.58
CA HIS E 261 11.97 -10.95 -14.06
C HIS E 261 11.54 -9.58 -13.54
N LYS E 262 12.48 -8.64 -13.54
CA LYS E 262 12.22 -7.33 -12.97
C LYS E 262 11.29 -6.51 -13.84
N PHE E 263 11.50 -6.53 -15.15
CA PHE E 263 10.75 -5.70 -16.08
C PHE E 263 9.67 -6.53 -16.77
N LEU E 264 8.93 -5.86 -17.65
CA LEU E 264 7.88 -6.46 -18.44
C LEU E 264 8.31 -6.56 -19.89
N MET E 265 8.04 -7.71 -20.50
CA MET E 265 8.46 -7.96 -21.88
C MET E 265 7.30 -7.76 -22.87
N GLU E 266 6.23 -8.53 -22.71
CA GLU E 266 5.16 -8.56 -23.68
C GLU E 266 4.03 -7.59 -23.35
N GLU E 267 3.72 -7.44 -22.06
CA GLU E 267 2.65 -6.55 -21.63
C GLU E 267 3.12 -5.14 -21.41
N ALA E 268 4.30 -4.78 -21.91
CA ALA E 268 4.88 -3.48 -21.65
C ALA E 268 4.21 -2.42 -22.51
N TRP E 269 4.68 -1.18 -22.36
CA TRP E 269 4.20 -0.05 -23.13
C TRP E 269 5.20 1.09 -22.96
N MET E 270 5.25 1.96 -23.96
CA MET E 270 6.26 2.99 -23.97
C MET E 270 5.77 4.22 -24.72
N PHE E 271 6.06 5.38 -24.15
CA PHE E 271 5.91 6.64 -24.87
C PHE E 271 7.20 6.92 -25.63
N THR E 272 7.08 7.71 -26.69
CA THR E 272 8.21 7.93 -27.58
C THR E 272 8.44 9.42 -27.78
N LYS E 273 9.63 9.75 -28.25
CA LYS E 273 10.00 11.11 -28.59
C LYS E 273 11.33 11.05 -29.33
N ILE E 274 11.69 12.16 -29.93
CA ILE E 274 12.89 12.23 -30.76
C ILE E 274 14.12 12.39 -29.86
N SER E 275 15.23 11.82 -30.30
CA SER E 275 16.46 11.80 -29.54
C SER E 275 17.32 13.02 -29.88
N ASP E 276 17.76 13.73 -28.85
CA ASP E 276 18.65 14.86 -28.99
C ASP E 276 20.02 14.49 -28.46
N PRO E 277 21.08 14.55 -29.27
CA PRO E 277 22.41 14.20 -28.75
C PRO E 277 22.90 15.15 -27.69
N GLU E 278 22.29 16.33 -27.56
CA GLU E 278 22.67 17.28 -26.52
C GLU E 278 21.98 17.01 -25.19
N ARG E 279 21.00 16.11 -25.17
CA ARG E 279 20.26 15.77 -23.96
C ARG E 279 20.21 14.27 -23.79
N SER E 280 21.29 13.58 -24.17
CA SER E 280 21.34 12.13 -24.17
C SER E 280 21.77 11.62 -22.80
N ARG E 281 20.92 11.86 -21.81
CA ARG E 281 21.14 11.35 -20.47
C ARG E 281 19.80 11.16 -19.79
N ALA E 282 19.79 10.28 -18.79
CA ALA E 282 18.54 9.92 -18.14
C ALA E 282 17.89 11.14 -17.48
N GLY E 283 18.66 11.87 -16.68
CA GLY E 283 18.12 13.03 -16.02
C GLY E 283 17.48 14.02 -16.97
N GLU E 284 17.99 14.09 -18.20
CA GLU E 284 17.46 15.02 -19.20
C GLU E 284 16.29 14.42 -19.96
N ILE E 285 16.42 13.15 -20.34
CA ILE E 285 15.35 12.49 -21.08
C ILE E 285 14.08 12.45 -20.25
N LEU E 286 14.21 12.13 -18.97
CA LEU E 286 13.03 12.07 -18.10
C LEU E 286 12.36 13.43 -17.99
N ILE E 287 13.16 14.47 -17.78
CA ILE E 287 12.59 15.81 -17.65
C ILE E 287 11.87 16.20 -18.93
N ASP E 288 12.48 15.92 -20.08
CA ASP E 288 11.84 16.26 -21.35
C ASP E 288 10.53 15.52 -21.51
N PHE E 289 10.53 14.21 -21.28
CA PHE E 289 9.29 13.44 -21.33
C PHE E 289 8.25 14.05 -20.41
N PHE E 290 8.67 14.59 -19.27
CA PHE E 290 7.74 15.14 -18.32
C PHE E 290 7.19 16.49 -18.75
N LYS E 291 7.95 17.25 -19.53
CA LYS E 291 7.55 18.61 -19.87
C LYS E 291 6.20 18.62 -20.57
N LYS E 292 6.04 17.79 -21.60
CA LYS E 292 4.80 17.79 -22.37
C LYS E 292 3.58 17.44 -21.52
N GLY E 293 3.78 16.99 -20.28
CA GLY E 293 2.67 16.82 -19.36
C GLY E 293 1.88 15.55 -19.55
N ASN E 294 2.42 14.57 -20.26
CA ASN E 294 1.73 13.30 -20.39
C ASN E 294 1.85 12.45 -19.13
N LEU E 295 2.92 12.64 -18.35
CA LEU E 295 3.07 11.92 -17.10
C LEU E 295 2.14 12.48 -16.02
N SER E 296 2.13 13.80 -15.88
CA SER E 296 1.27 14.44 -14.88
C SER E 296 -0.18 13.99 -15.02
N ALA E 297 -0.59 13.61 -16.22
CA ALA E 297 -1.93 13.09 -16.41
C ALA E 297 -2.11 11.72 -15.77
N ILE E 298 -1.03 11.02 -15.47
CA ILE E 298 -1.11 9.71 -14.84
C ILE E 298 -1.47 9.91 -13.37
N ARG E 299 -2.72 9.62 -13.02
CA ARG E 299 -3.25 9.82 -11.67
C ARG E 299 -4.00 8.56 -11.27
N PRO E 300 -3.30 7.57 -10.73
CA PRO E 300 -3.97 6.32 -10.38
C PRO E 300 -5.00 6.52 -9.30
N LYS E 301 -6.14 5.86 -9.46
CA LYS E 301 -7.19 5.94 -8.48
C LYS E 301 -6.78 5.16 -7.22
N ASP E 302 -7.54 5.37 -6.16
CA ASP E 302 -7.19 4.80 -4.86
C ASP E 302 -7.26 3.29 -4.88
N LYS E 303 -8.38 2.74 -5.34
CA LYS E 303 -8.60 1.31 -5.23
C LYS E 303 -7.90 0.58 -6.37
N PRO E 304 -7.04 -0.39 -6.08
CA PRO E 304 -6.40 -1.15 -7.16
C PRO E 304 -7.21 -2.37 -7.55
N LEU E 305 -6.65 -3.16 -8.46
CA LEU E 305 -7.26 -4.42 -8.84
C LEU E 305 -6.73 -5.57 -8.00
N GLN E 306 -5.41 -5.66 -7.87
CA GLN E 306 -4.77 -6.69 -7.05
C GLN E 306 -3.44 -6.14 -6.56
N GLY E 307 -3.27 -6.07 -5.26
CA GLY E 307 -2.05 -5.52 -4.69
C GLY E 307 -2.07 -5.64 -3.19
N LYS E 308 -0.98 -5.17 -2.59
CA LYS E 308 -0.80 -5.29 -1.14
C LYS E 308 -0.75 -3.93 -0.45
N TYR E 309 0.16 -3.05 -0.83
CA TYR E 309 0.38 -1.77 -0.16
C TYR E 309 0.16 -0.62 -1.14
N PRO E 310 -1.06 -0.49 -1.68
CA PRO E 310 -1.28 0.52 -2.72
C PRO E 310 -0.97 1.94 -2.30
N ILE E 311 -1.27 2.30 -1.06
CA ILE E 311 -1.13 3.70 -0.64
C ILE E 311 0.32 4.13 -0.72
N HIS E 312 1.23 3.27 -0.26
CA HIS E 312 2.65 3.61 -0.33
C HIS E 312 3.08 3.87 -1.77
N TYR E 313 2.71 2.95 -2.67
CA TYR E 313 3.08 3.13 -4.07
C TYR E 313 2.52 4.43 -4.63
N LYS E 314 1.26 4.75 -4.29
CA LYS E 314 0.64 5.94 -4.84
C LYS E 314 1.33 7.21 -4.35
N ASN E 315 1.52 7.30 -3.03
CA ASN E 315 2.20 8.47 -2.48
C ASN E 315 3.60 8.59 -3.05
N LEU E 316 4.26 7.46 -3.26
CA LEU E 316 5.61 7.49 -3.82
C LEU E 316 5.60 7.98 -5.25
N TRP E 317 4.58 7.60 -6.02
CA TRP E 317 4.46 8.10 -7.38
C TRP E 317 4.26 9.62 -7.39
N ASN E 318 3.41 10.11 -6.49
CA ASN E 318 3.23 11.55 -6.37
C ASN E 318 4.55 12.24 -6.03
N GLN E 319 5.30 11.66 -5.09
CA GLN E 319 6.58 12.25 -4.71
C GLN E 319 7.55 12.24 -5.88
N ILE E 320 7.49 11.20 -6.71
CA ILE E 320 8.36 11.12 -7.87
C ILE E 320 8.05 12.26 -8.84
N LYS E 321 6.76 12.46 -9.11
CA LYS E 321 6.39 13.57 -9.99
C LYS E 321 6.84 14.90 -9.41
N ALA E 322 6.66 15.07 -8.10
CA ALA E 322 7.09 16.30 -7.46
C ALA E 322 8.59 16.52 -7.63
N ALA E 323 9.38 15.48 -7.39
CA ALA E 323 10.82 15.60 -7.52
C ALA E 323 11.21 15.97 -8.94
N ILE E 324 10.63 15.29 -9.92
CA ILE E 324 10.94 15.61 -11.31
C ILE E 324 10.59 17.05 -11.63
N ALA E 325 9.47 17.54 -11.10
CA ALA E 325 9.11 18.93 -11.30
C ALA E 325 10.19 19.86 -10.75
N ASP E 326 10.80 19.47 -9.64
CA ASP E 326 11.85 20.26 -9.01
C ASP E 326 13.20 20.13 -9.72
N ARG E 327 13.25 19.41 -10.83
CA ARG E 327 14.45 19.20 -11.63
C ARG E 327 15.53 18.43 -10.90
N THR E 328 15.22 17.87 -9.74
CA THR E 328 16.15 17.02 -8.99
C THR E 328 15.51 15.65 -8.79
N MET E 329 16.26 14.61 -9.14
CA MET E 329 15.76 13.24 -9.02
C MET E 329 15.70 12.76 -7.59
N VAL E 330 16.12 13.58 -6.63
CA VAL E 330 16.22 13.14 -5.25
C VAL E 330 14.85 13.17 -4.58
N ILE E 331 14.73 12.38 -3.52
CA ILE E 331 13.55 12.35 -2.66
C ILE E 331 14.02 12.55 -1.22
N ASN E 332 13.58 13.64 -0.60
CA ASN E 332 14.05 13.97 0.73
C ASN E 332 13.38 13.09 1.79
N GLU E 333 12.06 13.15 1.88
CA GLU E 333 11.35 12.38 2.87
C GLU E 333 11.60 10.89 2.68
N ASN E 334 11.82 10.19 3.79
CA ASN E 334 12.10 8.75 3.77
C ASN E 334 11.14 8.12 4.78
N ASP E 335 9.92 7.86 4.31
CA ASP E 335 8.91 7.15 5.07
C ASP E 335 8.43 5.91 4.35
N HIS E 336 8.10 6.03 3.06
CA HIS E 336 7.65 4.90 2.27
C HIS E 336 8.81 4.00 1.87
N SER E 337 9.83 4.60 1.25
CA SER E 337 11.02 3.83 0.87
C SER E 337 11.57 3.06 2.06
N GLU E 338 11.68 3.71 3.22
CA GLU E 338 12.17 3.03 4.41
C GLU E 338 11.35 1.79 4.70
N PHE E 339 10.02 1.94 4.74
CA PHE E 339 9.14 0.81 4.95
C PHE E 339 9.41 -0.29 3.95
N LEU E 340 9.23 0.02 2.66
CA LEU E 340 9.31 -1.00 1.61
C LEU E 340 10.68 -1.62 1.51
N GLY E 341 11.71 -0.98 2.05
CA GLY E 341 13.03 -1.56 2.08
C GLY E 341 13.25 -2.42 3.30
N GLY E 342 12.56 -2.09 4.38
CA GLY E 342 12.66 -2.84 5.63
C GLY E 342 11.69 -3.98 5.78
N ILE E 343 10.70 -4.09 4.89
CA ILE E 343 9.77 -5.20 4.96
C ILE E 343 10.52 -6.52 4.94
N GLY E 344 11.64 -6.58 4.24
CA GLY E 344 12.42 -7.81 4.20
C GLY E 344 12.96 -8.19 5.57
N ARG E 345 13.62 -7.26 6.23
CA ARG E 345 14.19 -7.53 7.55
C ARG E 345 14.52 -6.20 8.22
N ALA E 346 14.06 -6.06 9.46
CA ALA E 346 14.39 -4.89 10.27
C ALA E 346 14.02 -5.16 11.72
N SER E 347 14.95 -4.95 12.64
CA SER E 347 14.73 -5.29 14.04
C SER E 347 15.89 -4.74 14.86
N LYS E 348 15.79 -4.90 16.17
CA LYS E 348 16.83 -4.48 17.08
C LYS E 348 17.87 -5.56 17.23
N LYS E 349 18.88 -5.30 18.07
CA LYS E 349 19.96 -6.24 18.29
C LYS E 349 20.48 -6.06 19.70
N ILE E 350 20.57 -7.16 20.42
CA ILE E 350 20.99 -7.18 21.82
C ILE E 350 22.38 -7.76 21.89
N PRO E 351 23.32 -7.14 22.60
CA PRO E 351 24.64 -7.76 22.72
C PRO E 351 24.58 -9.04 23.52
N GLU E 352 25.44 -9.99 23.13
CA GLU E 352 25.51 -11.26 23.84
C GLU E 352 25.94 -11.07 25.28
N ILE E 353 26.74 -10.04 25.56
CA ILE E 353 27.25 -9.85 26.92
C ILE E 353 26.13 -9.41 27.84
N SER E 354 25.12 -8.72 27.30
CA SER E 354 23.98 -8.27 28.07
C SER E 354 22.92 -9.33 28.18
N LEU E 355 23.29 -10.60 28.01
CA LEU E 355 22.36 -11.70 27.96
C LEU E 355 22.48 -12.55 29.22
N THR E 356 21.36 -13.10 29.64
CA THR E 356 21.29 -13.98 30.80
C THR E 356 20.33 -15.11 30.45
N GLN E 357 19.95 -15.92 31.43
CA GLN E 357 18.96 -16.97 31.22
C GLN E 357 17.55 -16.45 31.45
N ASP E 358 17.37 -15.57 32.44
CA ASP E 358 16.05 -15.02 32.71
C ASP E 358 15.58 -14.16 31.55
N VAL E 359 16.48 -13.36 30.97
CA VAL E 359 16.13 -12.57 29.80
C VAL E 359 15.63 -13.48 28.69
N ILE E 360 16.38 -14.55 28.42
CA ILE E 360 16.00 -15.51 27.40
C ILE E 360 14.61 -16.05 27.68
N THR E 361 14.41 -16.60 28.88
CA THR E 361 13.11 -17.17 29.20
C THR E 361 11.99 -16.15 29.07
N THR E 362 12.30 -14.87 29.27
CA THR E 362 11.29 -13.83 29.18
C THR E 362 10.94 -13.53 27.72
N GLU E 363 11.95 -13.41 26.87
CA GLU E 363 11.73 -13.06 25.47
C GLU E 363 11.44 -14.26 24.58
N GLY E 364 11.60 -15.48 25.11
CA GLY E 364 11.34 -16.66 24.32
C GLY E 364 12.23 -16.77 23.10
N LEU E 365 13.48 -16.34 23.22
CA LEU E 365 14.39 -16.37 22.09
C LEU E 365 14.67 -17.79 21.63
N LYS E 366 14.91 -17.93 20.33
CA LYS E 366 15.17 -19.22 19.72
C LYS E 366 16.10 -19.01 18.52
N GLN E 367 16.50 -20.11 17.92
CA GLN E 367 17.27 -20.06 16.69
C GLN E 367 16.34 -19.71 15.54
N SER E 368 16.70 -18.69 14.77
CA SER E 368 15.85 -18.22 13.69
C SER E 368 15.62 -19.32 12.67
N GLU E 369 14.40 -19.81 12.60
CA GLU E 369 14.05 -20.82 11.60
C GLU E 369 14.32 -20.30 10.20
N ASN E 370 14.86 -21.18 9.37
CA ASN E 370 15.20 -20.84 7.98
C ASN E 370 14.08 -21.33 7.08
N LYS E 371 13.58 -20.45 6.22
CA LYS E 371 12.50 -20.79 5.32
C LYS E 371 13.04 -21.41 4.04
N LEU E 372 12.19 -22.20 3.40
CA LEU E 372 12.53 -22.83 2.13
C LEU E 372 11.61 -22.30 1.03
N PRO E 373 12.09 -22.26 -0.21
CA PRO E 373 11.22 -21.83 -1.31
C PRO E 373 10.08 -22.81 -1.49
N GLU E 374 8.87 -22.28 -1.63
CA GLU E 374 7.74 -23.16 -1.84
C GLU E 374 7.74 -23.68 -3.27
N PRO E 375 7.41 -24.95 -3.49
CA PRO E 375 7.33 -25.47 -4.85
C PRO E 375 6.12 -24.90 -5.59
N ARG E 376 6.24 -24.89 -6.91
CA ARG E 376 5.20 -24.35 -7.78
C ARG E 376 4.96 -25.29 -8.95
N SER E 377 3.93 -24.98 -9.72
CA SER E 377 3.48 -25.81 -10.82
C SER E 377 4.09 -25.33 -12.14
N PHE E 378 3.59 -25.89 -13.23
CA PHE E 378 4.11 -25.57 -14.56
C PHE E 378 3.50 -24.28 -15.07
N PRO E 379 4.28 -23.35 -15.60
CA PRO E 379 3.73 -22.10 -16.12
C PRO E 379 3.09 -22.30 -17.48
N ARG E 380 1.93 -21.67 -17.67
CA ARG E 380 1.18 -21.77 -18.90
C ARG E 380 1.19 -20.46 -19.68
N TRP E 381 2.28 -19.70 -19.58
CA TRP E 381 2.44 -18.46 -20.31
C TRP E 381 3.82 -18.30 -20.92
N PHE E 382 4.73 -19.24 -20.70
CA PHE E 382 6.07 -19.12 -21.22
C PHE E 382 6.07 -19.15 -22.75
N ASN E 383 5.25 -20.03 -23.32
CA ASN E 383 5.22 -20.16 -24.77
C ASN E 383 4.78 -18.87 -25.44
N ALA E 384 3.81 -18.19 -24.86
CA ALA E 384 3.35 -16.92 -25.42
C ALA E 384 4.47 -15.89 -25.47
N GLU E 385 5.19 -15.74 -24.36
CA GLU E 385 6.29 -14.79 -24.34
C GLU E 385 7.35 -15.17 -25.35
N TRP E 386 7.66 -16.46 -25.46
CA TRP E 386 8.64 -16.89 -26.44
C TRP E 386 8.23 -16.51 -27.84
N MET E 387 6.99 -16.85 -28.22
CA MET E 387 6.49 -16.50 -29.53
C MET E 387 6.56 -15.00 -29.77
N TRP E 388 6.04 -14.21 -28.83
CA TRP E 388 6.09 -12.77 -28.96
C TRP E 388 7.50 -12.29 -29.20
N ALA E 389 8.46 -12.86 -28.48
CA ALA E 389 9.85 -12.46 -28.64
C ALA E 389 10.34 -12.81 -30.04
N ILE E 390 9.90 -13.95 -30.57
CA ILE E 390 10.33 -14.35 -31.91
C ILE E 390 9.85 -13.35 -32.95
N LYS E 391 8.73 -12.69 -32.70
CA LYS E 391 8.19 -11.79 -33.70
C LYS E 391 9.18 -10.66 -33.97
N ASP E 392 8.89 -9.89 -35.00
CA ASP E 392 9.75 -8.81 -35.43
C ASP E 392 9.12 -7.50 -35.00
N SER E 393 9.94 -6.66 -34.38
CA SER E 393 9.46 -5.40 -33.84
C SER E 393 9.35 -4.35 -34.94
N ASP E 394 8.49 -3.37 -34.69
CA ASP E 394 8.33 -2.26 -35.60
C ASP E 394 9.59 -1.41 -35.64
N LEU E 395 10.13 -1.11 -34.48
CA LEU E 395 11.33 -0.30 -34.35
C LEU E 395 12.55 -1.22 -34.37
N THR E 396 13.71 -0.63 -34.66
CA THR E 396 14.91 -1.46 -34.83
C THR E 396 16.14 -0.63 -34.49
N GLY E 397 17.19 -1.32 -34.07
CA GLY E 397 18.38 -0.68 -33.55
C GLY E 397 18.47 -0.59 -32.04
N TRP E 398 17.75 -1.44 -31.32
CA TRP E 398 17.74 -1.34 -29.86
C TRP E 398 19.13 -1.51 -29.28
N VAL E 399 19.88 -2.49 -29.78
CA VAL E 399 21.19 -2.79 -29.22
C VAL E 399 22.27 -2.03 -29.97
N PRO E 400 23.12 -1.28 -29.30
CA PRO E 400 24.26 -0.67 -29.96
C PRO E 400 25.40 -1.66 -30.08
N MET E 401 26.24 -1.43 -31.07
CA MET E 401 27.39 -2.27 -31.34
C MET E 401 28.56 -1.40 -31.76
N ALA E 402 29.74 -2.00 -31.76
CA ALA E 402 30.94 -1.29 -32.15
C ALA E 402 31.01 -1.23 -33.67
N GLU E 403 32.17 -0.82 -34.19
CA GLU E 403 32.38 -0.72 -35.62
C GLU E 403 33.06 -1.98 -36.13
N TYR E 404 33.37 -1.99 -37.42
CA TYR E 404 34.01 -3.12 -38.07
C TYR E 404 35.38 -2.70 -38.59
N PRO E 405 36.46 -3.30 -38.12
CA PRO E 405 37.79 -2.88 -38.57
C PRO E 405 38.01 -3.24 -40.02
N PRO E 406 39.16 -2.88 -40.57
CA PRO E 406 39.43 -3.21 -41.98
C PRO E 406 39.54 -4.70 -42.23
N ALA E 407 39.74 -5.09 -43.49
CA ALA E 407 39.92 -6.48 -43.87
C ALA E 407 41.16 -6.61 -44.75
N ASP E 408 41.77 -7.79 -44.69
CA ASP E 408 43.01 -8.04 -45.42
C ASP E 408 43.01 -9.37 -46.17
N ASN E 409 41.92 -10.12 -46.15
CA ASN E 409 41.86 -11.41 -46.83
C ASN E 409 40.42 -11.88 -46.84
N GLU E 410 40.21 -13.08 -47.39
CA GLU E 410 38.85 -13.60 -47.54
C GLU E 410 38.26 -14.02 -46.21
N LEU E 411 39.09 -14.46 -45.28
CA LEU E 411 38.58 -14.93 -43.99
C LEU E 411 37.86 -13.82 -43.25
N GLU E 412 38.53 -12.68 -43.10
CA GLU E 412 37.91 -11.56 -42.39
C GLU E 412 36.69 -11.04 -43.13
N ASP E 413 36.73 -11.07 -44.46
CA ASP E 413 35.57 -10.64 -45.23
C ASP E 413 34.36 -11.54 -44.98
N TYR E 414 34.57 -12.85 -45.03
CA TYR E 414 33.48 -13.79 -44.76
C TYR E 414 32.96 -13.60 -43.34
N ALA E 415 33.87 -13.46 -42.38
CA ALA E 415 33.45 -13.28 -40.99
C ALA E 415 32.61 -12.02 -40.84
N GLU E 416 33.05 -10.93 -41.45
CA GLU E 416 32.31 -9.68 -41.36
C GLU E 416 30.93 -9.83 -42.00
N HIS E 417 30.88 -10.50 -43.15
CA HIS E 417 29.59 -10.74 -43.81
C HIS E 417 28.64 -11.50 -42.90
N LEU E 418 29.14 -12.58 -42.29
CA LEU E 418 28.30 -13.39 -41.42
C LEU E 418 27.82 -12.59 -40.21
N ASN E 419 28.72 -11.84 -39.58
CA ASN E 419 28.32 -11.05 -38.42
C ASN E 419 27.27 -10.01 -38.79
N LYS E 420 27.48 -9.31 -39.92
CA LYS E 420 26.51 -8.31 -40.35
C LYS E 420 25.16 -8.94 -40.62
N THR E 421 25.15 -10.10 -41.30
CA THR E 421 23.90 -10.77 -41.57
C THR E 421 23.16 -11.10 -40.28
N MET E 422 23.86 -11.74 -39.34
CA MET E 422 23.20 -12.15 -38.11
C MET E 422 22.70 -10.94 -37.33
N GLU E 423 23.49 -9.87 -37.26
CA GLU E 423 23.06 -8.68 -36.54
C GLU E 423 21.83 -8.06 -37.19
N GLY E 424 21.84 -7.96 -38.51
CA GLY E 424 20.68 -7.40 -39.19
C GLY E 424 19.44 -8.26 -39.00
N VAL E 425 19.64 -9.55 -38.81
CA VAL E 425 18.51 -10.44 -38.59
C VAL E 425 17.95 -10.29 -37.17
N LEU E 426 18.82 -10.14 -36.18
CA LEU E 426 18.36 -10.11 -34.79
C LEU E 426 17.90 -8.74 -34.33
N GLN E 427 18.68 -7.70 -34.63
CA GLN E 427 18.43 -6.37 -34.07
C GLN E 427 16.97 -5.96 -34.16
N GLY E 428 16.26 -6.40 -35.19
CA GLY E 428 14.85 -6.13 -35.30
C GLY E 428 13.97 -7.20 -34.69
N THR E 429 14.29 -7.59 -33.46
CA THR E 429 13.48 -8.52 -32.69
C THR E 429 13.12 -7.91 -31.35
N ASN E 430 12.02 -8.39 -30.78
CA ASN E 430 11.54 -7.83 -29.53
C ASN E 430 12.42 -8.21 -28.35
N CYS E 431 13.20 -9.28 -28.50
CA CYS E 431 14.17 -9.65 -27.45
C CYS E 431 15.27 -8.60 -27.36
N ALA E 432 15.70 -8.09 -28.51
CA ALA E 432 16.71 -7.04 -28.53
C ALA E 432 16.23 -5.80 -27.79
N ARG E 433 14.93 -5.51 -27.87
CA ARG E 433 14.39 -4.38 -27.14
C ARG E 433 14.65 -4.53 -25.64
N GLU E 434 14.29 -5.69 -25.09
CA GLU E 434 14.50 -5.92 -23.67
C GLU E 434 15.99 -5.89 -23.33
N MET E 435 16.83 -6.42 -24.23
CA MET E 435 18.26 -6.41 -23.96
C MET E 435 18.79 -4.99 -23.85
N GLY E 436 18.45 -4.15 -24.81
CA GLY E 436 18.90 -2.76 -24.78
C GLY E 436 18.35 -2.02 -23.58
N LYS E 437 17.09 -2.30 -23.23
CA LYS E 437 16.50 -1.66 -22.06
C LYS E 437 17.26 -2.02 -20.79
N CYS E 438 17.49 -3.32 -20.57
CA CYS E 438 18.27 -3.75 -19.42
C CYS E 438 19.63 -3.08 -19.41
N ILE E 439 20.28 -3.02 -20.57
CA ILE E 439 21.61 -2.44 -20.65
C ILE E 439 21.60 -0.99 -20.18
N LEU E 440 20.75 -0.17 -20.81
CA LEU E 440 20.76 1.25 -20.53
C LEU E 440 20.26 1.57 -19.13
N THR E 441 19.40 0.74 -18.56
CA THR E 441 18.94 1.01 -17.20
C THR E 441 20.00 0.61 -16.18
N VAL E 442 20.64 -0.53 -16.39
CA VAL E 442 21.69 -0.95 -15.47
C VAL E 442 22.88 -0.02 -15.56
N GLY E 443 23.17 0.52 -16.74
CA GLY E 443 24.26 1.46 -16.85
C GLY E 443 24.07 2.69 -15.99
N ALA E 444 22.81 3.05 -15.73
CA ALA E 444 22.51 4.19 -14.88
C ALA E 444 22.43 3.80 -13.40
N LEU E 445 21.89 2.62 -13.12
CA LEU E 445 21.79 2.18 -11.74
C LEU E 445 23.16 1.91 -11.14
N MET E 446 24.07 1.33 -11.93
CA MET E 446 25.41 1.06 -11.44
C MET E 446 26.17 2.34 -11.12
N THR E 447 25.79 3.45 -11.74
CA THR E 447 26.40 4.73 -11.47
C THR E 447 25.73 5.44 -10.29
N GLU E 448 24.41 5.28 -10.17
CA GLU E 448 23.70 5.88 -9.05
C GLU E 448 24.07 5.21 -7.73
N CYS E 449 24.25 3.88 -7.75
CA CYS E 449 24.71 3.20 -6.55
C CYS E 449 26.17 3.52 -6.22
N ARG E 450 26.85 4.27 -7.07
CA ARG E 450 28.24 4.63 -6.89
C ARG E 450 28.43 6.06 -6.45
N LEU E 451 27.68 6.99 -7.04
CA LEU E 451 27.86 8.41 -6.74
C LEU E 451 26.87 8.95 -5.74
N PHE E 452 25.73 8.29 -5.53
CA PHE E 452 24.73 8.72 -4.56
C PHE E 452 24.32 7.58 -3.63
N PRO E 453 25.29 6.87 -3.06
CA PRO E 453 24.96 5.83 -2.09
C PRO E 453 24.36 6.42 -0.84
N GLY E 454 23.56 5.60 -0.15
CA GLY E 454 22.83 6.07 1.00
C GLY E 454 21.79 7.11 0.70
N LYS E 455 21.54 7.40 -0.57
CA LYS E 455 20.55 8.37 -0.98
C LYS E 455 19.47 7.70 -1.83
N ILE E 456 18.32 8.35 -1.88
CA ILE E 456 17.19 7.90 -2.67
C ILE E 456 17.13 8.70 -3.96
N LYS E 457 17.24 8.01 -5.09
CA LYS E 457 17.25 8.63 -6.40
C LYS E 457 16.11 8.10 -7.23
N VAL E 458 15.91 8.75 -8.37
CA VAL E 458 14.91 8.37 -9.36
C VAL E 458 15.62 8.06 -10.66
N VAL E 459 15.22 6.96 -11.30
CA VAL E 459 15.88 6.52 -12.52
C VAL E 459 14.83 6.05 -13.52
N PRO E 460 14.98 6.35 -14.80
CA PRO E 460 14.01 5.91 -15.80
C PRO E 460 14.36 4.52 -16.35
N ILE E 461 13.36 3.92 -16.97
CA ILE E 461 13.56 2.66 -17.67
C ILE E 461 13.36 2.92 -19.15
N TYR E 462 14.44 3.20 -19.85
CA TYR E 462 14.37 3.74 -21.20
C TYR E 462 15.22 2.92 -22.16
N ALA E 463 15.04 3.23 -23.44
CA ALA E 463 15.81 2.62 -24.51
C ALA E 463 15.89 3.60 -25.67
N ARG E 464 16.80 3.30 -26.60
CA ARG E 464 17.08 4.17 -27.74
C ARG E 464 17.05 3.35 -29.02
N SER E 465 16.30 3.84 -30.00
CA SER E 465 16.21 3.22 -31.31
C SER E 465 16.90 4.09 -32.36
N LYS E 466 17.10 3.50 -33.52
CA LYS E 466 17.79 4.16 -34.62
C LYS E 466 17.11 4.01 -35.97
N GLU E 467 16.09 3.18 -36.10
CA GLU E 467 15.44 3.00 -37.40
C GLU E 467 14.14 2.26 -37.22
N ARG E 468 13.23 2.47 -38.17
CA ARG E 468 11.91 1.84 -38.16
C ARG E 468 11.61 1.23 -39.52
N LYS E 469 10.37 0.81 -39.73
CA LYS E 469 9.91 0.33 -41.02
C LYS E 469 8.77 1.21 -41.52
N SER E 470 8.86 1.61 -42.78
CA SER E 470 7.84 2.49 -43.36
C SER E 470 6.46 1.90 -43.18
N MET E 471 5.48 2.78 -42.97
CA MET E 471 4.08 2.35 -42.92
C MET E 471 3.53 2.04 -44.29
N GLN E 472 4.17 2.55 -45.35
CA GLN E 472 3.80 2.23 -46.72
C GLN E 472 4.68 1.17 -47.34
N GLU E 473 5.83 0.88 -46.73
CA GLU E 473 6.77 -0.08 -47.27
C GLU E 473 7.39 -0.87 -46.13
N GLY E 474 7.65 -2.16 -46.38
CA GLY E 474 8.19 -3.01 -45.34
C GLY E 474 9.69 -2.90 -45.20
N LEU E 475 10.26 -1.85 -45.75
CA LEU E 475 11.70 -1.64 -45.72
C LEU E 475 12.10 -0.74 -44.56
N PRO E 476 13.36 -0.78 -44.17
CA PRO E 476 13.81 0.05 -43.05
C PRO E 476 13.95 1.51 -43.44
N VAL E 477 13.90 2.37 -42.43
CA VAL E 477 14.00 3.81 -42.61
C VAL E 477 14.71 4.39 -41.39
N PRO E 478 15.61 5.36 -41.56
CA PRO E 478 16.29 5.93 -40.40
C PRO E 478 15.33 6.76 -39.55
N SER E 479 15.31 6.46 -38.26
CA SER E 479 14.49 7.23 -37.31
C SER E 479 15.12 7.03 -35.93
N GLU E 480 15.89 8.02 -35.49
CA GLU E 480 16.46 7.98 -34.15
C GLU E 480 15.44 8.48 -33.14
N MET E 481 15.27 7.72 -32.06
CA MET E 481 14.16 7.96 -31.16
C MET E 481 14.48 7.38 -29.79
N ASP E 482 13.80 7.91 -28.78
CA ASP E 482 13.91 7.44 -27.41
C ASP E 482 12.55 6.92 -26.95
N CYS E 483 12.60 5.99 -25.99
CA CYS E 483 11.40 5.33 -25.50
C CYS E 483 11.50 5.16 -23.99
N LEU E 484 10.36 5.29 -23.31
CA LEU E 484 10.29 5.21 -21.86
C LEU E 484 9.23 4.19 -21.49
N PHE E 485 9.65 3.08 -20.92
CA PHE E 485 8.72 2.04 -20.48
C PHE E 485 8.24 2.25 -19.04
N GLY E 486 9.05 2.87 -18.20
CA GLY E 486 8.66 3.06 -16.83
C GLY E 486 9.78 3.68 -16.03
N ILE E 487 9.61 3.63 -14.70
CA ILE E 487 10.53 4.25 -13.77
C ILE E 487 10.96 3.23 -12.73
N CYS E 488 12.15 3.44 -12.16
CA CYS E 488 12.70 2.59 -11.13
C CYS E 488 13.34 3.47 -10.06
N VAL E 489 12.84 3.37 -8.84
CA VAL E 489 13.36 4.08 -7.68
C VAL E 489 14.45 3.27 -7.00
N LYS E 490 15.35 3.97 -6.31
CA LYS E 490 16.51 3.37 -5.66
C LYS E 490 16.50 3.69 -4.17
N SER E 491 16.84 2.69 -3.37
CA SER E 491 16.99 2.85 -1.95
C SER E 491 18.46 3.10 -1.63
N LYS E 492 18.79 3.10 -0.35
CA LYS E 492 20.16 3.29 0.08
C LYS E 492 20.99 2.07 -0.33
N SER E 493 22.06 2.30 -1.08
CA SER E 493 22.88 1.23 -1.61
C SER E 493 24.34 1.59 -1.42
N HIS E 494 25.04 0.82 -0.59
CA HIS E 494 26.47 1.03 -0.38
C HIS E 494 27.32 0.00 -1.11
N LEU E 495 26.81 -1.21 -1.33
CA LEU E 495 27.49 -2.22 -2.12
C LEU E 495 28.83 -2.61 -1.51
N ASN E 496 28.90 -2.61 -0.19
CA ASN E 496 30.07 -3.12 0.52
C ASN E 496 29.71 -3.92 1.75
N LYS E 497 28.42 -4.15 2.00
CA LYS E 497 27.95 -4.89 3.16
C LYS E 497 26.73 -5.68 2.75
N ASP E 498 26.52 -6.82 3.42
CA ASP E 498 25.40 -7.70 3.11
C ASP E 498 25.49 -8.19 1.66
N ASP E 499 26.70 -8.60 1.28
CA ASP E 499 27.00 -9.03 -0.10
C ASP E 499 26.47 -8.02 -1.11
N GLY E 500 26.48 -6.75 -0.73
CA GLY E 500 26.10 -5.67 -1.64
C GLY E 500 24.67 -5.76 -2.13
N MET E 501 23.75 -6.06 -1.22
CA MET E 501 22.32 -6.09 -1.56
C MET E 501 21.73 -4.70 -1.41
N TYR E 502 20.96 -4.29 -2.41
CA TYR E 502 20.22 -3.05 -2.37
C TYR E 502 18.82 -3.30 -2.89
N THR E 503 17.99 -2.26 -2.88
CA THR E 503 16.58 -2.40 -3.20
C THR E 503 16.15 -1.33 -4.20
N ILE E 504 15.12 -1.64 -4.97
CA ILE E 504 14.53 -0.72 -5.93
C ILE E 504 13.02 -0.89 -5.92
N ILE E 505 12.35 -0.03 -6.68
CA ILE E 505 10.90 -0.07 -6.83
C ILE E 505 10.57 0.34 -8.25
N THR E 506 9.69 -0.41 -8.90
CA THR E 506 9.40 -0.24 -10.31
C THR E 506 7.98 0.29 -10.52
N PHE E 507 7.86 1.25 -11.43
CA PHE E 507 6.58 1.78 -11.89
C PHE E 507 6.59 1.68 -13.41
N GLU E 508 6.00 0.61 -13.94
CA GLU E 508 6.00 0.36 -15.37
C GLU E 508 4.62 0.61 -15.95
N PHE E 509 4.59 0.91 -17.24
CA PHE E 509 3.36 1.19 -17.96
C PHE E 509 2.93 -0.02 -18.78
N SER E 510 1.62 -0.16 -18.93
CA SER E 510 1.07 -1.28 -19.68
C SER E 510 -0.33 -0.93 -20.16
N ILE E 511 -0.74 -1.61 -21.22
CA ILE E 511 -2.07 -1.44 -21.79
C ILE E 511 -2.80 -2.77 -21.85
N ARG E 512 -2.43 -3.69 -20.95
CA ARG E 512 -2.99 -5.04 -20.95
C ARG E 512 -3.33 -5.42 -19.52
N GLU E 513 -4.61 -5.57 -19.23
CA GLU E 513 -5.03 -5.95 -17.90
C GLU E 513 -4.33 -7.24 -17.49
N PRO E 514 -4.13 -7.45 -16.20
CA PRO E 514 -3.33 -8.58 -15.74
C PRO E 514 -4.15 -9.84 -15.48
N ASN E 515 -3.44 -10.93 -15.29
CA ASN E 515 -4.01 -12.18 -14.81
C ASN E 515 -3.44 -12.49 -13.44
N LEU E 516 -4.28 -13.12 -12.61
CA LEU E 516 -3.95 -13.27 -11.20
C LEU E 516 -2.73 -14.16 -10.97
N GLU E 517 -2.55 -15.18 -11.82
CA GLU E 517 -1.47 -16.13 -11.58
C GLU E 517 -0.12 -15.56 -11.96
N LYS E 518 0.07 -15.23 -13.23
CA LYS E 518 1.37 -14.76 -13.67
C LYS E 518 1.77 -13.50 -12.90
N HIS E 519 0.82 -12.64 -12.60
CA HIS E 519 1.07 -11.37 -11.94
C HIS E 519 0.63 -11.49 -10.49
N GLN E 520 1.53 -11.97 -9.64
CA GLN E 520 1.26 -12.12 -8.21
C GLN E 520 2.00 -11.10 -7.36
N LYS E 521 3.26 -10.85 -7.67
CA LYS E 521 4.06 -9.87 -6.97
C LYS E 521 3.77 -8.44 -7.38
N TYR E 522 2.84 -8.22 -8.30
CA TYR E 522 2.57 -6.91 -8.85
C TYR E 522 1.32 -6.30 -8.23
N THR E 523 1.42 -5.04 -7.87
CA THR E 523 0.28 -4.22 -7.50
C THR E 523 -0.10 -3.32 -8.67
N VAL E 524 -1.36 -3.30 -9.02
CA VAL E 524 -1.84 -2.70 -10.26
C VAL E 524 -2.82 -1.59 -9.97
N PHE E 525 -2.89 -0.63 -10.89
CA PHE E 525 -3.81 0.48 -10.83
C PHE E 525 -4.38 0.73 -12.22
N GLU E 526 -5.17 1.78 -12.35
CA GLU E 526 -5.73 2.21 -13.62
C GLU E 526 -5.48 3.71 -13.73
N ALA E 527 -4.59 4.10 -14.63
CA ALA E 527 -4.15 5.49 -14.75
C ALA E 527 -4.72 6.08 -16.03
N GLY E 528 -5.95 6.55 -15.95
CA GLY E 528 -6.55 7.27 -17.05
C GLY E 528 -6.48 6.50 -18.34
N HIS E 529 -6.16 7.22 -19.42
CA HIS E 529 -6.12 6.65 -20.76
C HIS E 529 -4.85 7.12 -21.46
N THR E 530 -4.68 6.65 -22.69
CA THR E 530 -3.55 7.01 -23.52
C THR E 530 -4.02 6.96 -24.98
N THR E 531 -3.07 6.93 -25.91
CA THR E 531 -3.39 6.92 -27.32
C THR E 531 -2.52 5.92 -28.06
N VAL E 532 -3.08 5.34 -29.11
CA VAL E 532 -2.38 4.43 -30.00
C VAL E 532 -2.43 5.01 -31.40
N ARG E 533 -1.34 4.83 -32.14
CA ARG E 533 -1.18 5.42 -33.46
C ARG E 533 -0.92 4.34 -34.51
N MET E 534 -1.67 4.41 -35.60
CA MET E 534 -1.58 3.44 -36.67
C MET E 534 -1.82 4.14 -37.99
N LYS E 535 -1.36 3.50 -39.07
CA LYS E 535 -1.49 4.10 -40.39
C LYS E 535 -2.94 4.08 -40.85
N LYS E 536 -3.26 5.04 -41.71
CA LYS E 536 -4.59 5.13 -42.32
C LYS E 536 -4.37 5.69 -43.72
N GLY E 537 -4.27 4.79 -44.69
CA GLY E 537 -3.98 5.22 -46.04
C GLY E 537 -2.64 5.92 -46.08
N GLU E 538 -2.66 7.20 -46.40
CA GLU E 538 -1.46 8.02 -46.47
C GLU E 538 -1.28 8.90 -45.24
N SER E 539 -2.07 8.67 -44.20
CA SER E 539 -2.03 9.48 -42.99
C SER E 539 -1.94 8.58 -41.77
N VAL E 540 -1.72 9.22 -40.63
CA VAL E 540 -1.71 8.54 -39.33
C VAL E 540 -2.90 9.01 -38.52
N ILE E 541 -3.43 8.09 -37.71
CA ILE E 541 -4.56 8.35 -36.84
C ILE E 541 -4.20 7.94 -35.43
N GLY E 542 -5.11 8.25 -34.51
CA GLY E 542 -4.91 7.90 -33.11
C GLY E 542 -6.17 7.34 -32.48
N ARG E 543 -6.05 6.18 -31.86
CA ARG E 543 -7.17 5.50 -31.23
C ARG E 543 -6.89 5.35 -29.74
N GLU E 544 -7.71 5.99 -28.92
CA GLU E 544 -7.49 5.98 -27.48
C GLU E 544 -7.75 4.60 -26.88
N VAL E 545 -6.95 4.26 -25.89
CA VAL E 545 -7.12 3.01 -25.14
C VAL E 545 -6.92 3.30 -23.67
N PRO E 546 -7.29 2.39 -22.78
CA PRO E 546 -6.99 2.57 -21.36
C PRO E 546 -5.50 2.53 -21.09
N LEU E 547 -5.13 2.65 -19.82
CA LEU E 547 -3.74 2.59 -19.40
C LEU E 547 -3.66 2.04 -17.99
N TYR E 548 -2.69 1.17 -17.76
CA TYR E 548 -2.49 0.53 -16.47
C TYR E 548 -1.09 0.87 -15.96
N LEU E 549 -0.94 0.73 -14.65
CA LEU E 549 0.33 0.99 -13.97
C LEU E 549 0.67 -0.20 -13.10
N TYR E 550 1.81 -0.82 -13.36
CA TYR E 550 2.25 -2.02 -12.67
C TYR E 550 3.29 -1.64 -11.62
N CYS E 551 2.98 -1.90 -10.35
CA CYS E 551 3.85 -1.58 -9.24
C CYS E 551 4.43 -2.86 -8.65
N ARG E 552 5.74 -2.85 -8.39
CA ARG E 552 6.40 -4.01 -7.84
C ARG E 552 7.67 -3.58 -7.11
N THR E 553 8.04 -4.36 -6.11
CA THR E 553 9.26 -4.19 -5.36
C THR E 553 10.17 -5.39 -5.57
N THR E 554 11.47 -5.13 -5.55
CA THR E 554 12.45 -6.20 -5.75
C THR E 554 13.82 -5.68 -5.35
N ALA E 555 14.74 -6.62 -5.16
CA ALA E 555 16.10 -6.34 -4.74
C ALA E 555 17.08 -6.65 -5.87
N LEU E 556 18.32 -6.25 -5.65
CA LEU E 556 19.39 -6.48 -6.61
C LEU E 556 20.71 -6.54 -5.86
N SER E 557 21.80 -6.61 -6.61
CA SER E 557 23.14 -6.65 -6.05
C SER E 557 24.11 -6.15 -7.10
N LYS E 558 25.38 -6.07 -6.72
CA LYS E 558 26.41 -5.66 -7.66
C LYS E 558 26.68 -6.73 -8.70
N ILE E 559 26.66 -8.00 -8.27
CA ILE E 559 26.96 -9.09 -9.19
C ILE E 559 25.89 -9.19 -10.26
N LYS E 560 24.62 -9.04 -9.87
CA LYS E 560 23.55 -9.08 -10.86
C LYS E 560 23.69 -7.94 -11.86
N ASN E 561 24.13 -6.77 -11.41
CA ASN E 561 24.36 -5.67 -12.33
C ASN E 561 25.45 -6.03 -13.33
N ASP E 562 26.58 -6.54 -12.84
CA ASP E 562 27.66 -6.92 -13.74
C ASP E 562 27.23 -8.03 -14.69
N TRP E 563 26.27 -8.86 -14.27
CA TRP E 563 25.84 -9.97 -15.10
C TRP E 563 24.85 -9.52 -16.17
N LEU E 564 23.96 -8.58 -15.84
CA LEU E 564 22.99 -8.11 -16.83
C LEU E 564 23.63 -7.16 -17.83
N SER E 565 24.47 -6.24 -17.36
CA SER E 565 25.14 -5.33 -18.28
C SER E 565 25.83 -6.08 -19.40
N LYS E 566 26.32 -7.28 -19.12
CA LYS E 566 27.02 -8.10 -20.11
C LYS E 566 26.07 -9.07 -20.80
N ALA E 567 24.95 -8.54 -21.27
CA ALA E 567 23.93 -9.34 -21.95
C ALA E 567 24.18 -9.42 -23.45
N ARG E 568 25.08 -8.60 -23.97
CA ARG E 568 25.47 -8.67 -25.36
C ARG E 568 26.17 -9.97 -25.69
N ARG E 569 26.76 -10.63 -24.68
CA ARG E 569 27.45 -11.88 -24.90
C ARG E 569 26.52 -12.96 -25.44
N CYS E 570 25.21 -12.80 -25.23
CA CYS E 570 24.26 -13.76 -25.78
C CYS E 570 24.44 -13.88 -27.29
N PHE E 571 24.73 -12.76 -27.96
CA PHE E 571 24.96 -12.83 -29.40
C PHE E 571 26.10 -13.78 -29.71
N ILE E 572 27.16 -13.72 -28.91
CA ILE E 572 28.32 -14.54 -29.16
C ILE E 572 27.91 -16.00 -29.16
N THR E 573 27.12 -16.39 -28.17
CA THR E 573 26.74 -17.79 -28.08
C THR E 573 25.92 -18.18 -29.29
N THR E 574 24.98 -17.33 -29.68
CA THR E 574 24.17 -17.68 -30.84
C THR E 574 25.06 -17.82 -32.06
N MET E 575 26.05 -16.94 -32.17
CA MET E 575 26.92 -16.97 -33.34
C MET E 575 27.60 -18.32 -33.45
N ASP E 576 28.04 -18.87 -32.32
CA ASP E 576 28.73 -20.14 -32.37
C ASP E 576 27.83 -21.21 -32.97
N THR E 577 26.58 -21.25 -32.54
CA THR E 577 25.71 -22.31 -33.04
C THR E 577 25.58 -22.20 -34.54
N VAL E 578 25.40 -20.97 -35.03
CA VAL E 578 25.26 -20.78 -36.46
C VAL E 578 26.51 -21.27 -37.16
N GLU E 579 27.67 -20.88 -36.64
CA GLU E 579 28.88 -21.21 -37.37
C GLU E 579 29.14 -22.70 -37.29
N THR E 580 28.70 -23.35 -36.21
CA THR E 580 28.88 -24.79 -36.14
C THR E 580 28.17 -25.44 -37.31
N ILE E 581 26.96 -24.98 -37.62
CA ILE E 581 26.21 -25.61 -38.69
C ILE E 581 26.76 -25.18 -40.04
N CYS E 582 27.36 -23.99 -40.13
CA CYS E 582 27.75 -23.44 -41.42
C CYS E 582 29.15 -23.82 -41.85
N LEU E 583 29.90 -24.54 -41.03
CA LEU E 583 31.23 -25.01 -41.41
C LEU E 583 31.28 -26.51 -41.61
N ARG E 584 30.72 -27.26 -40.66
CA ARG E 584 30.66 -28.71 -40.77
C ARG E 584 30.20 -29.12 -42.17
N GLU E 585 28.99 -28.70 -42.53
CA GLU E 585 28.48 -28.98 -43.87
C GLU E 585 29.45 -28.47 -44.93
N SER E 586 29.88 -27.21 -44.81
CA SER E 586 30.80 -26.65 -45.78
C SER E 586 32.05 -27.51 -45.92
N ALA E 587 32.40 -28.25 -44.88
CA ALA E 587 33.57 -29.12 -44.93
C ALA E 587 33.27 -30.50 -45.49
N LYS E 588 32.06 -30.99 -45.29
CA LYS E 588 31.68 -32.28 -45.87
C LYS E 588 31.71 -32.21 -47.39
N ALA E 589 31.21 -31.11 -47.96
CA ALA E 589 31.19 -30.92 -49.40
C ALA E 589 32.38 -30.11 -49.90
N GLU E 590 33.15 -29.49 -49.01
CA GLU E 590 34.36 -28.77 -49.38
C GLU E 590 34.03 -27.57 -50.27
N GLU E 591 33.19 -26.69 -49.76
CA GLU E 591 32.81 -25.49 -50.47
C GLU E 591 31.93 -24.64 -49.59
N ASN E 592 31.83 -23.36 -49.94
CA ASN E 592 31.02 -22.42 -49.19
C ASN E 592 29.55 -22.75 -49.38
N LEU E 593 28.88 -23.14 -48.29
CA LEU E 593 27.45 -23.44 -48.30
C LEU E 593 26.68 -22.57 -47.32
N VAL E 594 27.26 -21.43 -46.95
CA VAL E 594 26.67 -20.61 -45.90
C VAL E 594 25.25 -20.17 -46.27
N GLU E 595 25.13 -19.45 -47.39
CA GLU E 595 23.82 -18.97 -47.81
C GLU E 595 22.87 -20.13 -48.06
N LYS E 596 23.36 -21.20 -48.69
CA LYS E 596 22.50 -22.33 -49.01
C LYS E 596 21.87 -22.92 -47.75
N THR E 597 22.69 -23.22 -46.75
CA THR E 597 22.15 -23.80 -45.53
C THR E 597 21.26 -22.81 -44.79
N LEU E 598 21.69 -21.54 -44.73
CA LEU E 598 20.90 -20.55 -44.01
C LEU E 598 19.51 -20.42 -44.61
N ASN E 599 19.40 -20.55 -45.94
CA ASN E 599 18.12 -20.34 -46.61
C ASN E 599 17.34 -21.61 -46.82
N GLU E 600 17.97 -22.78 -46.68
CA GLU E 600 17.34 -24.06 -46.98
C GLU E 600 17.25 -24.97 -45.79
N LYS E 601 18.34 -25.14 -45.05
CA LYS E 601 18.39 -26.10 -43.96
C LYS E 601 17.25 -25.85 -42.99
N GLN E 602 16.37 -26.83 -42.86
CA GLN E 602 15.19 -26.74 -42.02
C GLN E 602 15.46 -27.30 -40.64
N MET E 603 14.92 -26.64 -39.62
CA MET E 603 15.12 -27.01 -38.23
C MET E 603 13.78 -27.07 -37.53
N TRP E 604 13.54 -28.17 -36.80
CA TRP E 604 12.31 -28.31 -36.03
C TRP E 604 12.28 -27.27 -34.91
N ILE E 605 11.13 -26.62 -34.75
CA ILE E 605 10.99 -25.54 -33.78
C ILE E 605 9.87 -25.84 -32.79
N GLY E 606 8.86 -26.58 -33.23
CA GLY E 606 7.73 -26.85 -32.37
C GLY E 606 6.70 -27.70 -33.07
N LYS E 607 5.59 -27.89 -32.38
CA LYS E 607 4.49 -28.72 -32.87
C LYS E 607 3.22 -27.89 -32.96
N LYS E 608 2.52 -28.02 -34.08
CA LYS E 608 1.25 -27.35 -34.29
C LYS E 608 0.23 -28.37 -34.73
N ASN E 609 -0.90 -28.43 -34.02
CA ASN E 609 -1.98 -29.36 -34.35
C ASN E 609 -1.47 -30.79 -34.36
N GLY E 610 -0.66 -31.14 -33.37
CA GLY E 610 -0.11 -32.47 -33.30
C GLY E 610 0.78 -32.81 -34.48
N GLU E 611 1.52 -31.83 -34.98
CA GLU E 611 2.43 -32.04 -36.09
C GLU E 611 3.61 -31.09 -35.96
N LEU E 612 4.79 -31.57 -36.35
CA LEU E 612 6.00 -30.79 -36.22
C LEU E 612 5.95 -29.53 -37.09
N ILE E 613 6.76 -28.56 -36.70
CA ILE E 613 6.92 -27.32 -37.44
C ILE E 613 8.41 -27.11 -37.68
N ALA E 614 8.75 -26.69 -38.89
CA ALA E 614 10.14 -26.50 -39.27
C ALA E 614 10.30 -25.12 -39.91
N GLN E 615 11.49 -24.56 -39.75
CA GLN E 615 11.82 -23.27 -40.33
C GLN E 615 13.28 -23.29 -40.73
N PRO E 616 13.72 -22.34 -41.55
CA PRO E 616 15.13 -22.25 -41.89
C PRO E 616 15.96 -21.79 -40.70
N LEU E 617 17.27 -21.97 -40.83
CA LEU E 617 18.18 -21.55 -39.77
C LEU E 617 18.08 -20.05 -39.52
N ARG E 618 17.97 -19.28 -40.60
CA ARG E 618 17.82 -17.83 -40.49
C ARG E 618 16.66 -17.45 -39.58
N GLU E 619 15.70 -18.34 -39.39
CA GLU E 619 14.56 -18.07 -38.53
C GLU E 619 14.67 -18.73 -37.17
N ALA E 620 15.51 -19.75 -37.02
CA ALA E 620 15.73 -20.38 -35.73
C ALA E 620 16.80 -19.68 -34.91
N LEU E 621 17.60 -18.83 -35.53
CA LEU E 621 18.49 -17.96 -34.76
C LEU E 621 17.72 -17.25 -33.66
N ARG E 622 16.50 -16.83 -33.96
CA ARG E 622 15.69 -16.12 -32.97
C ARG E 622 15.43 -16.99 -31.75
N VAL E 623 15.07 -18.25 -31.97
CA VAL E 623 14.81 -19.16 -30.86
C VAL E 623 16.07 -19.38 -30.05
N GLN E 624 17.20 -19.58 -30.72
CA GLN E 624 18.45 -19.78 -29.99
C GLN E 624 18.75 -18.57 -29.12
N LEU E 625 18.59 -17.37 -29.67
CA LEU E 625 18.90 -16.16 -28.93
C LEU E 625 17.97 -16.01 -27.74
N VAL E 626 16.69 -16.31 -27.93
CA VAL E 626 15.74 -16.18 -26.82
C VAL E 626 16.08 -17.18 -25.72
N GLN E 627 16.51 -18.39 -26.11
CA GLN E 627 16.92 -19.36 -25.11
C GLN E 627 18.10 -18.84 -24.30
N GLN E 628 19.12 -18.33 -24.98
CA GLN E 628 20.28 -17.80 -24.27
C GLN E 628 19.90 -16.64 -23.37
N PHE E 629 19.01 -15.77 -23.85
CA PHE E 629 18.59 -14.63 -23.04
C PHE E 629 17.90 -15.11 -21.78
N TYR E 630 16.89 -15.96 -21.92
CA TYR E 630 16.18 -16.48 -20.75
C TYR E 630 17.14 -17.17 -19.79
N PHE E 631 18.14 -17.88 -20.31
CA PHE E 631 19.19 -18.40 -19.44
C PHE E 631 19.86 -17.28 -18.67
N CYS E 632 20.17 -16.18 -19.35
CA CYS E 632 20.85 -15.06 -18.71
C CYS E 632 19.98 -14.42 -17.64
N ILE E 633 18.66 -14.51 -17.78
CA ILE E 633 17.77 -13.82 -16.84
C ILE E 633 17.55 -14.67 -15.59
N TYR E 634 17.03 -15.87 -15.77
CA TYR E 634 16.66 -16.73 -14.66
C TYR E 634 17.84 -17.52 -14.11
N ASN E 635 19.05 -17.05 -14.35
CA ASN E 635 20.24 -17.74 -13.88
C ASN E 635 20.20 -17.90 -12.37
N ASP E 636 20.43 -19.13 -11.91
CA ASP E 636 20.45 -19.44 -10.48
C ASP E 636 20.95 -20.87 -10.33
N SER E 637 21.24 -21.22 -9.08
CA SER E 637 21.79 -22.54 -8.78
C SER E 637 20.90 -23.66 -9.33
N GLN E 638 19.59 -23.51 -9.18
CA GLN E 638 18.67 -24.50 -9.72
C GLN E 638 18.93 -24.73 -11.20
N LEU E 639 19.04 -23.64 -11.95
CA LEU E 639 19.30 -23.75 -13.39
C LEU E 639 20.65 -24.40 -13.64
N GLU E 640 21.64 -24.09 -12.80
CA GLU E 640 22.94 -24.73 -12.96
C GLU E 640 22.82 -26.23 -12.86
N GLY E 641 22.15 -26.72 -11.81
CA GLY E 641 21.98 -28.15 -11.67
C GLY E 641 21.22 -28.77 -12.83
N PHE E 642 20.12 -28.12 -13.23
CA PHE E 642 19.33 -28.65 -14.34
C PHE E 642 20.18 -28.79 -15.59
N CYS E 643 20.93 -27.76 -15.95
CA CYS E 643 21.74 -27.80 -17.15
C CYS E 643 22.89 -28.78 -17.03
N ASN E 644 23.43 -28.95 -15.82
CA ASN E 644 24.53 -29.88 -15.64
C ASN E 644 24.06 -31.32 -15.70
N GLU E 645 22.79 -31.56 -15.38
CA GLU E 645 22.27 -32.92 -15.36
C GLU E 645 21.66 -33.35 -16.68
N GLN E 646 20.89 -32.47 -17.34
CA GLN E 646 20.22 -32.86 -18.58
C GLN E 646 21.22 -33.39 -19.61
N LYS E 647 22.48 -32.97 -19.51
CA LYS E 647 23.49 -33.40 -20.48
C LYS E 647 23.57 -34.91 -20.57
N LYS E 648 23.46 -35.60 -19.43
CA LYS E 648 23.57 -37.05 -19.45
C LYS E 648 22.42 -37.67 -20.23
N ILE E 649 21.21 -37.13 -20.03
CA ILE E 649 20.06 -37.61 -20.78
C ILE E 649 20.26 -37.39 -22.26
N LEU E 650 20.80 -36.22 -22.63
CA LEU E 650 21.00 -35.93 -24.04
C LEU E 650 22.00 -36.90 -24.65
N MET E 651 23.09 -37.17 -23.95
CA MET E 651 24.09 -38.08 -24.48
C MET E 651 23.53 -39.50 -24.58
N ALA E 652 22.76 -39.92 -23.59
CA ALA E 652 22.12 -41.24 -23.65
C ALA E 652 21.20 -41.34 -24.86
N LEU E 653 20.42 -40.29 -25.11
CA LEU E 653 19.53 -40.28 -26.27
C LEU E 653 20.33 -40.38 -27.55
N GLU E 654 21.39 -39.58 -27.67
CA GLU E 654 22.21 -39.62 -28.87
C GLU E 654 22.75 -41.03 -29.09
N GLY E 655 23.22 -41.67 -28.02
CA GLY E 655 23.68 -43.05 -28.15
C GLY E 655 22.58 -43.98 -28.60
N ASP E 656 21.35 -43.74 -28.12
CA ASP E 656 20.22 -44.56 -28.54
C ASP E 656 20.00 -44.43 -30.04
N LYS E 657 20.02 -43.20 -30.54
CA LYS E 657 19.80 -42.98 -31.97
C LYS E 657 20.72 -43.85 -32.81
N LYS E 658 21.99 -43.91 -32.44
CA LYS E 658 23.00 -44.57 -33.24
C LYS E 658 23.24 -46.01 -32.83
N ASN E 659 22.26 -46.64 -32.18
CA ASN E 659 22.30 -48.06 -31.85
C ASN E 659 23.54 -48.42 -31.06
N LYS E 660 23.64 -47.83 -29.87
CA LYS E 660 24.73 -48.10 -28.94
C LYS E 660 24.14 -48.41 -27.58
N SER E 661 24.59 -49.51 -26.98
CA SER E 661 24.02 -50.03 -25.74
C SER E 661 24.50 -49.18 -24.57
N SER E 662 23.90 -48.00 -24.44
CA SER E 662 24.19 -47.14 -23.30
C SER E 662 23.89 -47.90 -22.01
N PHE E 663 24.77 -47.73 -21.02
CA PHE E 663 24.63 -48.41 -19.75
C PHE E 663 24.93 -47.45 -18.62
N GLY E 664 24.23 -47.63 -17.50
CA GLY E 664 24.37 -46.76 -16.36
C GLY E 664 24.47 -47.52 -15.05
N PHE E 665 24.31 -46.80 -13.94
CA PHE E 665 24.44 -47.40 -12.62
C PHE E 665 23.25 -47.13 -11.71
N ASN E 666 22.65 -45.95 -11.79
CA ASN E 666 21.51 -45.62 -10.95
C ASN E 666 20.71 -44.48 -11.54
N PRO E 667 19.89 -44.74 -12.56
CA PRO E 667 19.13 -43.65 -13.18
C PRO E 667 18.18 -42.96 -12.23
N GLU E 668 17.45 -43.72 -11.43
CA GLU E 668 16.46 -43.12 -10.54
C GLU E 668 17.12 -42.09 -9.63
N GLY E 669 18.35 -42.36 -9.20
CA GLY E 669 19.05 -41.37 -8.40
C GLY E 669 19.24 -40.06 -9.15
N LEU E 670 19.54 -40.17 -10.45
CA LEU E 670 19.66 -38.96 -11.27
C LEU E 670 18.33 -38.25 -11.40
N LEU E 671 17.25 -39.01 -11.62
CA LEU E 671 15.93 -38.41 -11.67
C LEU E 671 15.65 -37.63 -10.40
N GLU E 672 16.05 -38.17 -9.25
CA GLU E 672 15.84 -37.47 -8.00
C GLU E 672 16.71 -36.22 -7.90
N LYS E 673 17.98 -36.35 -8.28
CA LYS E 673 18.87 -35.19 -8.33
C LYS E 673 18.28 -34.07 -9.16
N ILE E 674 17.54 -34.41 -10.20
CA ILE E 674 16.98 -33.40 -11.07
C ILE E 674 15.65 -32.88 -10.55
N GLU E 675 14.86 -33.73 -9.89
CA GLU E 675 13.59 -33.28 -9.35
C GLU E 675 13.76 -32.43 -8.11
N GLU E 676 14.89 -32.58 -7.42
CA GLU E 676 15.11 -31.80 -6.20
C GLU E 676 15.41 -30.34 -6.48
N CYS E 677 15.84 -30.02 -7.70
CA CYS E 677 16.23 -28.66 -8.07
C CYS E 677 15.17 -27.97 -8.90
N LEU E 678 13.89 -28.24 -8.64
CA LEU E 678 12.77 -27.70 -9.41
C LEU E 678 11.82 -26.96 -8.47
N ILE E 679 12.04 -25.66 -8.32
CA ILE E 679 11.21 -24.84 -7.45
C ILE E 679 11.31 -23.39 -7.87
N ASN E 680 10.16 -22.73 -7.97
CA ASN E 680 10.07 -21.29 -8.19
C ASN E 680 11.11 -20.80 -9.19
N ASN E 681 11.18 -21.48 -10.33
CA ASN E 681 12.00 -21.04 -11.45
C ASN E 681 11.34 -21.56 -12.72
N PRO E 682 10.53 -20.73 -13.38
CA PRO E 682 9.74 -21.23 -14.52
C PRO E 682 10.57 -21.75 -15.68
N MET E 683 11.80 -21.25 -15.87
CA MET E 683 12.60 -21.69 -16.99
C MET E 683 12.91 -23.17 -16.89
N CYS E 684 13.32 -23.60 -15.71
CA CYS E 684 13.65 -25.02 -15.50
C CYS E 684 12.43 -25.89 -15.71
N LEU E 685 11.26 -25.44 -15.25
CA LEU E 685 10.05 -26.23 -15.41
C LEU E 685 9.68 -26.38 -16.87
N PHE E 686 9.74 -25.28 -17.62
CA PHE E 686 9.45 -25.35 -19.04
C PHE E 686 10.40 -26.31 -19.74
N MET E 687 11.69 -26.20 -19.42
CA MET E 687 12.67 -27.07 -20.07
C MET E 687 12.41 -28.53 -19.73
N ALA E 688 12.03 -28.81 -18.48
CA ALA E 688 11.76 -30.19 -18.10
C ALA E 688 10.55 -30.74 -18.84
N GLN E 689 9.48 -29.96 -18.92
CA GLN E 689 8.30 -30.40 -19.64
C GLN E 689 8.63 -30.66 -21.10
N ARG E 690 9.35 -29.75 -21.73
CA ARG E 690 9.70 -29.94 -23.14
C ARG E 690 10.63 -31.13 -23.32
N LEU E 691 11.48 -31.40 -22.35
CA LEU E 691 12.38 -32.55 -22.46
C LEU E 691 11.60 -33.85 -22.37
N ASN E 692 10.61 -33.89 -21.48
CA ASN E 692 9.71 -35.05 -21.43
C ASN E 692 9.01 -35.23 -22.76
N GLU E 693 8.51 -34.13 -23.33
CA GLU E 693 7.86 -34.21 -24.63
C GLU E 693 8.83 -34.73 -25.68
N LEU E 694 10.10 -34.35 -25.58
CA LEU E 694 11.10 -34.79 -26.54
C LEU E 694 11.29 -36.30 -26.47
N VAL E 695 11.47 -36.82 -25.25
CA VAL E 695 11.67 -38.26 -25.11
C VAL E 695 10.42 -39.00 -25.57
N ILE E 696 9.24 -38.43 -25.31
CA ILE E 696 8.01 -39.04 -25.79
C ILE E 696 8.02 -39.14 -27.30
N GLU E 697 8.32 -38.03 -27.98
CA GLU E 697 8.30 -38.03 -29.43
C GLU E 697 9.35 -38.98 -30.00
N ALA E 698 10.49 -39.09 -29.33
CA ALA E 698 11.56 -39.96 -29.79
C ALA E 698 11.28 -41.42 -29.53
N SER E 699 10.43 -41.73 -28.56
CA SER E 699 10.04 -43.12 -28.33
C SER E 699 9.59 -43.78 -29.62
N LYS E 700 9.00 -43.01 -30.54
CA LYS E 700 8.64 -43.54 -31.85
C LYS E 700 9.85 -44.03 -32.62
N ARG E 701 11.05 -43.69 -32.17
CA ARG E 701 12.26 -44.18 -32.81
C ARG E 701 13.32 -44.60 -31.81
N GLY E 702 13.05 -44.54 -30.50
CA GLY E 702 14.00 -44.94 -29.50
C GLY E 702 13.39 -45.97 -28.56
N ALA E 703 14.26 -46.65 -27.82
CA ALA E 703 13.87 -47.76 -26.96
C ALA E 703 14.55 -47.64 -25.60
N LYS E 704 14.51 -46.45 -25.02
CA LYS E 704 15.13 -46.23 -23.71
C LYS E 704 14.29 -45.35 -22.81
N PHE E 705 12.99 -45.21 -23.06
CA PHE E 705 12.17 -44.29 -22.30
C PHE E 705 10.77 -44.86 -22.15
N PHE E 706 10.17 -44.61 -21.00
CA PHE E 706 8.80 -44.99 -20.74
C PHE E 706 7.85 -43.98 -21.37
N LYS E 707 6.57 -44.19 -21.16
CA LYS E 707 5.54 -43.32 -21.71
C LYS E 707 4.78 -42.61 -20.60
N MET F 1 0.03 -23.06 -31.30
CA MET F 1 1.43 -23.47 -31.51
C MET F 1 2.16 -23.66 -30.19
N GLU F 2 3.18 -24.52 -30.21
CA GLU F 2 4.02 -24.78 -29.05
C GLU F 2 5.47 -24.70 -29.48
N ILE F 3 6.36 -24.81 -28.50
CA ILE F 3 7.79 -24.72 -28.75
C ILE F 3 8.52 -25.76 -27.93
N ASN F 4 9.64 -26.22 -28.46
CA ASN F 4 10.49 -27.19 -27.80
C ASN F 4 11.90 -27.05 -28.36
N PRO F 5 12.76 -26.26 -27.74
CA PRO F 5 14.10 -26.08 -28.30
C PRO F 5 15.03 -27.24 -28.01
N TYR F 6 14.52 -28.45 -28.19
CA TYR F 6 15.32 -29.66 -28.20
C TYR F 6 15.05 -30.51 -29.41
N LEU F 7 13.98 -30.25 -30.16
CA LEU F 7 13.69 -31.04 -31.34
C LEU F 7 14.80 -30.96 -32.37
N MET F 8 15.64 -29.93 -32.29
CA MET F 8 16.80 -29.83 -33.17
C MET F 8 17.86 -30.88 -32.86
N PHE F 9 17.67 -31.65 -31.79
CA PHE F 9 18.59 -32.73 -31.44
C PHE F 9 18.25 -34.04 -32.12
N LEU F 10 17.13 -34.10 -32.85
CA LEU F 10 16.72 -35.34 -33.50
C LEU F 10 17.48 -35.56 -34.80
N ASN F 11 17.31 -34.65 -35.75
CA ASN F 11 17.95 -34.77 -37.05
C ASN F 11 19.33 -34.14 -37.09
N ASN F 12 19.90 -33.85 -35.92
CA ASN F 12 21.25 -33.29 -35.84
C ASN F 12 22.03 -34.02 -34.75
N ASP F 13 23.32 -33.67 -34.66
CA ASP F 13 24.19 -34.23 -33.65
C ASP F 13 23.98 -33.51 -32.31
N VAL F 14 24.86 -33.76 -31.36
CA VAL F 14 24.83 -33.09 -30.07
C VAL F 14 26.10 -32.25 -29.92
N THR F 15 27.17 -32.70 -30.57
CA THR F 15 28.44 -31.97 -30.53
C THR F 15 28.33 -30.60 -31.18
N SER F 16 27.24 -30.32 -31.87
CA SER F 16 27.06 -29.05 -32.54
C SER F 16 26.13 -28.10 -31.80
N LEU F 17 25.26 -28.63 -30.94
CA LEU F 17 24.26 -27.83 -30.25
C LEU F 17 24.37 -27.87 -28.74
N ILE F 18 25.24 -28.71 -28.19
CA ILE F 18 25.32 -28.86 -26.75
C ILE F 18 25.61 -27.53 -26.07
N SER F 19 26.36 -26.65 -26.74
CA SER F 19 26.71 -25.37 -26.14
C SER F 19 25.47 -24.58 -25.74
N THR F 20 24.40 -24.71 -26.51
CA THR F 20 23.16 -23.97 -26.21
C THR F 20 22.55 -24.38 -24.89
N THR F 21 23.04 -25.45 -24.27
CA THR F 21 22.43 -25.94 -23.04
C THR F 21 22.90 -25.15 -21.82
N TYR F 22 24.14 -24.67 -21.84
CA TYR F 22 24.67 -23.95 -20.70
C TYR F 22 24.71 -22.46 -20.99
N PRO F 23 24.51 -21.62 -19.97
CA PRO F 23 24.62 -20.17 -20.18
C PRO F 23 26.02 -19.74 -20.56
N TYR F 24 26.19 -18.45 -20.84
CA TYR F 24 27.50 -17.95 -21.23
C TYR F 24 28.39 -17.76 -20.02
N THR F 25 29.70 -17.87 -20.26
CA THR F 25 30.68 -17.77 -19.19
C THR F 25 30.61 -16.40 -18.53
N GLY F 26 31.04 -16.35 -17.28
CA GLY F 26 31.05 -15.11 -16.52
C GLY F 26 30.95 -15.34 -15.04
N PRO F 27 30.89 -14.25 -14.27
CA PRO F 27 30.80 -14.37 -12.82
C PRO F 27 29.43 -14.88 -12.41
N PRO F 28 29.37 -15.91 -11.56
CA PRO F 28 28.07 -16.48 -11.20
C PRO F 28 27.31 -15.54 -10.28
N PRO F 29 26.11 -15.11 -10.69
CA PRO F 29 25.28 -14.29 -9.79
C PRO F 29 24.62 -15.07 -8.68
N MET F 30 24.99 -16.35 -8.54
CA MET F 30 24.39 -17.16 -7.49
C MET F 30 24.82 -16.70 -6.10
N SER F 31 26.06 -16.21 -5.98
CA SER F 31 26.60 -15.80 -4.69
C SER F 31 26.73 -16.99 -3.75
N HIS F 32 27.35 -18.05 -4.25
CA HIS F 32 27.55 -19.25 -3.44
C HIS F 32 28.32 -18.89 -2.18
N GLY F 33 27.65 -18.95 -1.03
CA GLY F 33 28.25 -18.51 0.21
C GLY F 33 28.90 -19.63 0.98
N SER F 34 29.65 -19.25 2.02
CA SER F 34 30.32 -20.19 2.91
C SER F 34 29.80 -19.93 4.32
N SER F 35 28.68 -20.56 4.65
CA SER F 35 28.07 -20.41 5.95
C SER F 35 28.63 -21.44 6.92
N THR F 36 28.22 -21.31 8.19
CA THR F 36 28.68 -22.25 9.20
C THR F 36 28.03 -23.62 9.02
N LYS F 37 26.74 -23.64 8.72
CA LYS F 37 26.02 -24.90 8.59
C LYS F 37 26.63 -25.76 7.49
N TYR F 38 26.93 -25.16 6.34
CA TYR F 38 27.51 -25.91 5.24
C TYR F 38 28.86 -26.49 5.64
N THR F 39 29.68 -25.69 6.33
CA THR F 39 30.97 -26.17 6.78
C THR F 39 30.83 -27.34 7.74
N LEU F 40 29.87 -27.26 8.66
CA LEU F 40 29.68 -28.33 9.62
C LEU F 40 29.20 -29.60 8.93
N GLU F 41 28.28 -29.48 7.98
CA GLU F 41 27.87 -30.65 7.21
C GLU F 41 29.05 -31.27 6.50
N THR F 42 29.93 -30.42 5.94
CA THR F 42 31.12 -30.93 5.27
C THR F 42 31.99 -31.73 6.22
N ILE F 43 32.26 -31.16 7.40
CA ILE F 43 33.11 -31.83 8.38
C ILE F 43 32.48 -33.15 8.80
N LYS F 44 31.15 -33.15 8.98
CA LYS F 44 30.47 -34.38 9.37
C LYS F 44 30.62 -35.45 8.31
N ARG F 45 30.31 -35.11 7.07
CA ARG F 45 30.45 -36.09 5.99
C ARG F 45 31.89 -36.56 5.86
N THR F 46 32.85 -35.71 6.22
CA THR F 46 34.24 -36.11 6.20
C THR F 46 34.51 -37.17 7.26
N TYR F 47 34.21 -36.86 8.52
CA TYR F 47 34.43 -37.82 9.58
C TYR F 47 33.66 -39.10 9.35
N ASP F 48 32.54 -39.03 8.63
CA ASP F 48 31.73 -40.22 8.42
C ASP F 48 32.30 -41.09 7.32
N TYR F 49 32.68 -40.50 6.19
CA TYR F 49 33.31 -41.27 5.14
C TYR F 49 34.52 -42.03 5.66
N SER F 50 35.10 -41.57 6.76
CA SER F 50 36.04 -42.39 7.52
C SER F 50 35.26 -43.48 8.21
N ARG F 51 35.48 -44.72 7.80
CA ARG F 51 34.70 -45.85 8.28
C ARG F 51 35.26 -46.46 9.54
N THR F 52 36.02 -45.69 10.32
CA THR F 52 36.66 -46.16 11.54
C THR F 52 36.14 -45.35 12.73
N SER F 53 36.62 -45.73 13.92
CA SER F 53 36.25 -45.05 15.16
C SER F 53 37.43 -44.89 16.10
N VAL F 54 38.66 -45.10 15.63
CA VAL F 54 39.82 -45.03 16.50
C VAL F 54 40.25 -43.59 16.70
N GLU F 55 40.94 -43.33 17.81
CA GLU F 55 41.45 -42.01 18.13
C GLU F 55 42.68 -42.15 19.00
N LYS F 56 43.42 -41.04 19.13
CA LYS F 56 44.62 -41.01 19.94
C LYS F 56 44.85 -39.56 20.37
N THR F 57 44.69 -39.29 21.66
CA THR F 57 44.92 -37.95 22.15
C THR F 57 46.36 -37.53 21.90
N SER F 58 46.54 -36.28 21.50
CA SER F 58 47.85 -35.76 21.15
C SER F 58 48.56 -35.26 22.39
N LYS F 59 49.72 -34.64 22.20
CA LYS F 59 50.47 -34.04 23.28
C LYS F 59 50.70 -32.55 23.10
N VAL F 60 50.42 -32.01 21.92
CA VAL F 60 50.59 -30.59 21.68
C VAL F 60 49.30 -29.80 21.88
N PHE F 61 48.16 -30.48 21.91
CA PHE F 61 46.87 -29.84 22.11
C PHE F 61 46.00 -30.52 23.16
N ASN F 62 46.31 -31.76 23.54
CA ASN F 62 45.45 -32.52 24.45
C ASN F 62 44.09 -32.75 23.81
N ILE F 63 44.10 -33.19 22.56
CA ILE F 63 42.89 -33.35 21.77
C ILE F 63 42.93 -34.71 21.07
N PRO F 64 41.80 -35.38 20.89
CA PRO F 64 41.79 -36.61 20.09
C PRO F 64 42.24 -36.35 18.67
N ARG F 65 42.49 -37.44 17.95
CA ARG F 65 42.96 -37.37 16.57
C ARG F 65 42.40 -38.58 15.83
N ARG F 66 41.25 -38.39 15.18
CA ARG F 66 40.67 -39.47 14.39
C ARG F 66 41.67 -39.87 13.33
N LYS F 67 42.21 -41.08 13.46
CA LYS F 67 43.23 -41.59 12.54
C LYS F 67 42.52 -42.50 11.54
N PHE F 68 42.07 -41.89 10.43
CA PHE F 68 41.34 -42.62 9.40
C PHE F 68 42.28 -42.95 8.24
N CYS F 69 43.12 -43.96 8.47
CA CYS F 69 44.05 -44.46 7.46
C CYS F 69 44.55 -45.82 7.91
N ASN F 70 44.35 -46.84 7.08
CA ASN F 70 44.83 -48.19 7.37
C ASN F 70 44.11 -48.82 8.56
N CYS F 71 42.89 -48.39 8.83
CA CYS F 71 42.09 -48.90 9.93
C CYS F 71 40.65 -49.10 9.50
N LEU F 72 40.45 -49.65 8.31
CA LEU F 72 39.11 -49.76 7.76
C LEU F 72 38.20 -50.60 8.65
N GLU F 73 36.98 -50.10 8.86
CA GLU F 73 35.93 -50.83 9.54
C GLU F 73 34.62 -50.52 8.80
N ASP F 74 33.51 -50.96 9.39
CA ASP F 74 32.18 -50.66 8.88
C ASP F 74 32.08 -50.94 7.39
N LYS F 75 32.37 -52.19 7.03
CA LYS F 75 32.36 -52.58 5.63
C LYS F 75 30.99 -52.46 4.99
N ASP F 76 29.92 -52.48 5.78
CA ASP F 76 28.58 -52.48 5.20
C ASP F 76 28.36 -51.24 4.34
N GLU F 77 27.59 -51.43 3.27
CA GLU F 77 27.21 -50.35 2.36
C GLU F 77 28.45 -49.57 1.91
N LEU F 78 29.40 -50.31 1.34
CA LEU F 78 30.68 -49.75 0.97
C LEU F 78 30.66 -49.11 -0.42
N VAL F 79 29.54 -49.17 -1.13
CA VAL F 79 29.44 -48.46 -2.40
C VAL F 79 29.49 -46.97 -2.19
N LYS F 80 29.19 -46.51 -0.99
CA LYS F 80 29.21 -45.10 -0.68
C LYS F 80 30.65 -44.67 -0.41
N PRO F 81 30.89 -43.36 -0.32
CA PRO F 81 32.28 -42.88 -0.24
C PRO F 81 33.03 -43.49 0.92
N THR F 82 34.34 -43.54 0.76
CA THR F 82 35.25 -44.02 1.79
C THR F 82 36.51 -43.19 1.79
N GLY F 83 37.19 -43.18 2.93
CA GLY F 83 38.41 -42.41 3.05
C GLY F 83 39.54 -43.18 3.70
N ASN F 84 39.26 -44.39 4.16
CA ASN F 84 40.28 -45.21 4.81
C ASN F 84 41.19 -45.79 3.73
N VAL F 85 42.46 -45.44 3.79
CA VAL F 85 43.42 -45.80 2.76
C VAL F 85 44.24 -46.99 3.22
N ASP F 86 44.71 -47.77 2.25
CA ASP F 86 45.63 -48.88 2.48
C ASP F 86 46.98 -48.52 1.88
N ILE F 87 48.02 -48.60 2.71
CA ILE F 87 49.34 -48.17 2.27
C ILE F 87 49.98 -49.20 1.35
N SER F 88 49.75 -50.48 1.63
CA SER F 88 50.35 -51.54 0.82
C SER F 88 49.96 -51.41 -0.65
N SER F 89 48.65 -51.35 -0.93
CA SER F 89 48.19 -51.23 -2.30
C SER F 89 48.69 -49.94 -2.94
N LEU F 90 48.73 -48.86 -2.17
CA LEU F 90 49.21 -47.59 -2.70
C LEU F 90 50.64 -47.72 -3.20
N LEU F 91 51.52 -48.25 -2.36
CA LEU F 91 52.91 -48.41 -2.77
C LEU F 91 53.04 -49.41 -3.90
N GLY F 92 52.17 -50.42 -3.95
CA GLY F 92 52.22 -51.35 -5.07
C GLY F 92 51.90 -50.68 -6.39
N LEU F 93 50.88 -49.83 -6.40
CA LEU F 93 50.55 -49.09 -7.62
C LEU F 93 51.66 -48.15 -8.01
N ALA F 94 52.27 -47.48 -7.02
CA ALA F 94 53.40 -46.62 -7.30
C ALA F 94 54.54 -47.42 -7.94
N GLU F 95 54.79 -48.61 -7.42
CA GLU F 95 55.85 -49.45 -7.96
C GLU F 95 55.54 -49.88 -9.39
N MET F 96 54.28 -50.25 -9.66
CA MET F 96 53.90 -50.56 -11.04
C MET F 96 54.18 -49.40 -11.97
N MET F 97 53.74 -48.21 -11.57
CA MET F 97 53.95 -47.03 -12.42
C MET F 97 55.43 -46.77 -12.64
N GLU F 98 56.24 -46.89 -11.59
CA GLU F 98 57.67 -46.69 -11.72
C GLU F 98 58.25 -47.69 -12.72
N LYS F 99 57.94 -48.98 -12.53
CA LYS F 99 58.42 -50.00 -13.43
C LYS F 99 58.07 -49.65 -14.88
N ARG F 100 56.82 -49.25 -15.11
CA ARG F 100 56.40 -48.90 -16.47
C ARG F 100 57.24 -47.77 -17.03
N MET F 101 57.21 -46.61 -16.37
CA MET F 101 57.94 -45.46 -16.90
C MET F 101 59.44 -45.69 -16.85
N GLY F 102 59.96 -46.13 -15.72
CA GLY F 102 61.38 -46.36 -15.57
C GLY F 102 61.79 -46.24 -14.13
N GLU F 103 63.05 -46.63 -13.87
CA GLU F 103 63.55 -46.68 -12.51
C GLU F 103 63.93 -45.30 -12.00
N GLY F 104 64.87 -44.64 -12.69
CA GLY F 104 65.32 -43.32 -12.28
C GLY F 104 64.39 -42.22 -12.75
N PHE F 105 63.09 -42.53 -12.78
CA PHE F 105 62.10 -41.56 -13.24
C PHE F 105 61.77 -40.56 -12.14
N PHE F 106 61.26 -41.07 -11.01
CA PHE F 106 60.96 -40.19 -9.89
C PHE F 106 62.20 -39.40 -9.46
N LYS F 107 63.37 -40.03 -9.50
CA LYS F 107 64.60 -39.36 -9.12
C LYS F 107 64.87 -38.18 -10.05
N HIS F 108 64.77 -38.41 -11.35
CA HIS F 108 65.00 -37.34 -12.31
C HIS F 108 64.02 -36.20 -12.08
N CYS F 109 62.74 -36.53 -11.86
CA CYS F 109 61.74 -35.48 -11.68
C CYS F 109 62.01 -34.66 -10.43
N VAL F 110 62.30 -35.34 -9.32
CA VAL F 110 62.56 -34.62 -8.08
C VAL F 110 63.81 -33.77 -8.19
N MET F 111 64.82 -34.27 -8.91
CA MET F 111 66.02 -33.48 -9.12
C MET F 111 65.72 -32.21 -9.91
N GLU F 112 64.91 -32.35 -10.96
CA GLU F 112 64.53 -31.17 -11.74
C GLU F 112 63.78 -30.16 -10.88
N ALA F 113 62.81 -30.65 -10.10
CA ALA F 113 62.06 -29.74 -9.24
C ALA F 113 62.97 -29.04 -8.25
N GLU F 114 63.90 -29.79 -7.66
CA GLU F 114 64.87 -29.20 -6.74
C GLU F 114 65.63 -28.07 -7.42
N THR F 115 66.38 -28.40 -8.47
CA THR F 115 67.19 -27.38 -9.14
C THR F 115 66.35 -26.17 -9.51
N GLU F 116 65.12 -26.40 -9.95
CA GLU F 116 64.24 -25.27 -10.26
C GLU F 116 63.97 -24.42 -9.03
N ILE F 117 63.78 -25.08 -7.88
CA ILE F 117 63.46 -24.34 -6.66
C ILE F 117 64.67 -23.53 -6.18
N LEU F 118 65.86 -24.10 -6.33
CA LEU F 118 67.05 -23.46 -5.76
C LEU F 118 67.20 -22.03 -6.24
N LYS F 119 67.15 -21.82 -7.55
CA LYS F 119 67.29 -20.49 -8.13
C LYS F 119 66.01 -19.68 -8.03
N MET F 120 65.04 -20.13 -7.23
CA MET F 120 63.77 -19.44 -7.10
C MET F 120 63.84 -18.42 -5.97
N HIS F 121 63.19 -17.30 -6.17
CA HIS F 121 63.11 -16.25 -5.17
C HIS F 121 61.79 -16.36 -4.41
N PHE F 122 61.87 -16.21 -3.08
CA PHE F 122 60.67 -16.32 -2.26
C PHE F 122 59.57 -15.40 -2.75
N SER F 123 59.95 -14.28 -3.40
CA SER F 123 58.97 -13.34 -3.92
C SER F 123 57.91 -14.01 -4.76
N ARG F 124 58.21 -15.16 -5.35
CA ARG F 124 57.23 -15.88 -6.15
C ARG F 124 55.91 -16.08 -5.39
N LEU F 125 55.99 -16.29 -4.08
CA LEU F 125 54.79 -16.53 -3.30
C LEU F 125 53.76 -15.41 -3.45
N THR F 126 54.18 -14.23 -3.90
CA THR F 126 53.24 -13.14 -4.15
C THR F 126 52.26 -13.47 -5.27
N GLU F 127 52.52 -14.52 -6.04
CA GLU F 127 51.66 -14.91 -7.15
C GLU F 127 50.69 -15.97 -6.65
N GLY F 128 49.50 -15.53 -6.25
CA GLY F 128 48.49 -16.45 -5.75
C GLY F 128 47.12 -15.83 -5.81
N ARG F 129 46.10 -16.67 -5.93
CA ARG F 129 44.73 -16.19 -5.95
C ARG F 129 44.40 -15.39 -4.71
N GLN F 130 44.46 -16.03 -3.55
CA GLN F 130 44.24 -15.35 -2.28
C GLN F 130 44.77 -16.24 -1.16
N THR F 131 44.87 -15.65 0.03
CA THR F 131 45.32 -16.37 1.20
C THR F 131 44.51 -15.89 2.40
N TYR F 132 44.99 -16.23 3.59
CA TYR F 132 44.36 -15.82 4.83
C TYR F 132 45.43 -15.26 5.76
N ASP F 133 45.27 -14.00 6.13
CA ASP F 133 46.21 -13.37 7.06
C ASP F 133 46.08 -14.00 8.44
N TRP F 134 47.22 -14.22 9.08
CA TRP F 134 47.28 -14.77 10.42
C TRP F 134 47.39 -13.70 11.49
N THR F 135 47.42 -12.43 11.08
CA THR F 135 47.48 -11.30 12.00
C THR F 135 46.17 -10.52 12.01
N SER F 136 45.72 -10.05 10.84
CA SER F 136 44.42 -9.42 10.73
C SER F 136 43.29 -10.42 10.75
N GLU F 137 43.58 -11.70 10.53
CA GLU F 137 42.58 -12.75 10.52
C GLU F 137 41.55 -12.52 9.41
N ARG F 138 42.06 -12.36 8.19
CA ARG F 138 41.22 -12.11 7.03
C ARG F 138 41.88 -12.73 5.81
N ASN F 139 41.23 -12.57 4.67
CA ASN F 139 41.72 -13.08 3.39
C ASN F 139 42.12 -11.92 2.50
N MET F 140 43.26 -12.07 1.84
CA MET F 140 43.84 -11.00 1.04
C MET F 140 44.73 -11.63 -0.01
N PRO F 141 45.20 -10.84 -0.98
CA PRO F 141 46.23 -11.36 -1.90
C PRO F 141 47.49 -11.75 -1.14
N ALA F 142 48.39 -12.42 -1.87
CA ALA F 142 49.60 -12.96 -1.25
C ALA F 142 50.56 -11.85 -0.87
N ALA F 143 50.68 -10.83 -1.70
CA ALA F 143 51.67 -9.78 -1.46
C ALA F 143 51.40 -9.07 -0.13
N THR F 144 50.13 -8.78 0.15
CA THR F 144 49.80 -8.05 1.37
C THR F 144 50.20 -8.85 2.60
N ALA F 145 49.75 -10.09 2.70
CA ALA F 145 50.08 -10.92 3.85
C ALA F 145 51.57 -11.17 3.93
N LEU F 146 52.25 -11.23 2.79
CA LEU F 146 53.70 -11.41 2.80
C LEU F 146 54.38 -10.21 3.43
N GLN F 147 53.99 -9.01 3.01
CA GLN F 147 54.51 -7.80 3.63
C GLN F 147 54.23 -7.78 5.12
N LEU F 148 53.01 -8.15 5.50
CA LEU F 148 52.66 -8.21 6.92
C LEU F 148 53.61 -9.13 7.67
N THR F 149 53.82 -10.33 7.14
CA THR F 149 54.67 -11.31 7.82
C THR F 149 56.09 -10.81 7.95
N VAL F 150 56.64 -10.26 6.87
CA VAL F 150 58.04 -9.83 6.90
C VAL F 150 58.21 -8.65 7.85
N ASP F 151 57.27 -7.71 7.85
CA ASP F 151 57.41 -6.56 8.74
C ASP F 151 57.18 -6.98 10.19
N ALA F 152 56.35 -7.99 10.43
CA ALA F 152 56.21 -8.51 11.79
C ALA F 152 57.50 -9.17 12.26
N ILE F 153 58.12 -9.96 11.38
CA ILE F 153 59.41 -10.55 11.71
C ILE F 153 60.42 -9.45 12.02
N LYS F 154 60.40 -8.38 11.22
CA LYS F 154 61.29 -7.26 11.47
C LYS F 154 61.02 -6.65 12.84
N GLU F 155 59.76 -6.37 13.13
CA GLU F 155 59.39 -5.71 14.38
C GLU F 155 59.74 -6.56 15.59
N THR F 156 59.71 -7.88 15.45
CA THR F 156 59.90 -8.73 16.61
C THR F 156 61.35 -9.18 16.80
N GLU F 157 61.97 -9.73 15.76
CA GLU F 157 63.31 -10.31 15.89
C GLU F 157 64.18 -9.95 14.69
N GLY F 158 64.07 -8.73 14.21
CA GLY F 158 64.91 -8.26 13.14
C GLY F 158 64.44 -8.72 11.77
N PRO F 159 65.04 -8.16 10.72
CA PRO F 159 64.56 -8.41 9.36
C PRO F 159 64.95 -9.80 8.86
N PHE F 160 64.36 -10.16 7.71
CA PHE F 160 64.67 -11.40 7.00
C PHE F 160 65.47 -11.02 5.76
N LYS F 161 66.75 -11.36 5.77
CA LYS F 161 67.67 -11.01 4.69
C LYS F 161 67.97 -12.18 3.76
N GLY F 162 67.19 -13.25 3.83
CA GLY F 162 67.47 -14.41 2.99
C GLY F 162 67.31 -14.11 1.51
N THR F 163 66.15 -13.58 1.13
CA THR F 163 65.84 -13.30 -0.27
C THR F 163 65.87 -14.60 -1.07
N THR F 164 65.27 -15.65 -0.52
CA THR F 164 65.22 -16.94 -1.17
C THR F 164 64.14 -17.78 -0.49
N MET F 165 63.67 -18.79 -1.22
CA MET F 165 62.60 -19.62 -0.70
C MET F 165 63.07 -20.43 0.51
N LEU F 166 64.28 -20.97 0.45
CA LEU F 166 64.74 -21.88 1.49
C LEU F 166 64.91 -21.15 2.81
N GLU F 167 65.52 -19.96 2.78
CA GLU F 167 65.66 -19.19 4.01
C GLU F 167 64.30 -18.80 4.55
N TYR F 168 63.35 -18.49 3.67
CA TYR F 168 62.00 -18.20 4.13
C TYR F 168 61.41 -19.39 4.87
N CYS F 169 61.54 -20.59 4.29
CA CYS F 169 60.99 -21.78 4.93
C CYS F 169 61.64 -22.04 6.28
N ASN F 170 62.97 -21.94 6.33
CA ASN F 170 63.64 -22.18 7.61
C ASN F 170 63.26 -21.12 8.63
N LYS F 171 63.01 -19.89 8.16
CA LYS F 171 62.55 -18.84 9.06
C LYS F 171 61.19 -19.17 9.63
N MET F 172 60.28 -19.65 8.78
CA MET F 172 58.99 -20.11 9.26
C MET F 172 59.16 -21.20 10.32
N ILE F 173 60.02 -22.18 10.01
CA ILE F 173 60.28 -23.27 10.97
C ILE F 173 60.70 -22.70 12.31
N GLU F 174 61.75 -21.88 12.30
CA GLU F 174 62.23 -21.26 13.53
C GLU F 174 61.10 -20.53 14.25
N MET F 175 60.26 -19.82 13.49
CA MET F 175 59.16 -19.09 14.08
C MET F 175 58.17 -20.02 14.76
N LEU F 176 58.07 -21.26 14.30
CA LEU F 176 57.21 -22.23 14.97
C LEU F 176 57.61 -22.43 16.43
N ASP F 177 58.85 -22.15 16.78
CA ASP F 177 59.34 -22.35 18.13
C ASP F 177 59.44 -21.06 18.93
N TRP F 178 59.28 -19.90 18.30
CA TRP F 178 59.30 -18.65 19.03
C TRP F 178 58.14 -18.60 20.02
N LYS F 179 58.41 -18.10 21.22
CA LYS F 179 57.40 -18.00 22.26
C LYS F 179 56.60 -16.72 22.13
N GLU F 180 57.25 -15.62 21.79
CA GLU F 180 56.58 -14.33 21.63
C GLU F 180 56.84 -13.79 20.23
N ILE F 181 55.79 -13.24 19.63
CA ILE F 181 55.85 -12.69 18.29
C ILE F 181 55.04 -11.39 18.27
N LYS F 182 55.55 -10.38 17.59
CA LYS F 182 54.95 -9.06 17.59
C LYS F 182 54.47 -8.71 16.18
N PHE F 183 53.63 -7.67 16.13
CA PHE F 183 53.10 -7.17 14.87
C PHE F 183 52.30 -5.91 15.16
N LYS F 184 52.29 -5.01 14.19
CA LYS F 184 51.57 -3.76 14.33
C LYS F 184 50.07 -3.96 14.29
N ILE F 211 49.70 -1.94 17.70
CA ILE F 211 50.71 -2.98 17.87
C ILE F 211 50.26 -3.99 18.91
N ASP F 212 50.71 -5.24 18.76
CA ASP F 212 50.35 -6.30 19.68
C ASP F 212 51.28 -7.47 19.43
N SER F 213 51.31 -8.39 20.38
CA SER F 213 52.10 -9.61 20.28
C SER F 213 51.23 -10.80 20.67
N ILE F 214 51.80 -11.99 20.57
CA ILE F 214 51.09 -13.23 20.87
C ILE F 214 52.09 -14.26 21.38
N LYS F 215 51.57 -15.37 21.88
CA LYS F 215 52.36 -16.44 22.46
C LYS F 215 52.60 -17.53 21.42
N HIS F 216 53.14 -18.66 21.88
CA HIS F 216 53.50 -19.74 20.97
C HIS F 216 52.27 -20.47 20.45
N ASP F 217 51.40 -20.91 21.35
CA ASP F 217 50.26 -21.72 20.96
C ASP F 217 49.34 -20.96 20.02
N GLU F 218 49.05 -19.71 20.33
CA GLU F 218 48.15 -18.93 19.48
C GLU F 218 48.75 -18.74 18.09
N PHE F 219 50.04 -18.44 18.01
CA PHE F 219 50.68 -18.27 16.71
C PHE F 219 50.65 -19.57 15.92
N LEU F 220 50.94 -20.68 16.59
CA LEU F 220 50.83 -21.99 15.93
C LEU F 220 49.46 -22.17 15.33
N ILE F 221 48.42 -22.00 16.14
CA ILE F 221 47.04 -22.15 15.66
C ILE F 221 46.82 -21.27 14.45
N ARG F 222 47.06 -19.96 14.59
CA ARG F 222 46.85 -19.04 13.48
C ARG F 222 47.52 -19.54 12.21
N ALA F 223 48.76 -20.02 12.33
CA ALA F 223 49.46 -20.54 11.16
C ALA F 223 48.75 -21.75 10.59
N LEU F 224 48.16 -22.58 11.44
CA LEU F 224 47.41 -23.75 11.00
C LEU F 224 45.93 -23.47 10.85
N THR F 225 45.55 -22.21 10.69
CA THR F 225 44.16 -21.83 10.50
C THR F 225 43.82 -21.84 9.01
N ILE F 226 42.54 -22.00 8.72
CA ILE F 226 42.03 -21.97 7.36
C ILE F 226 40.66 -21.31 7.36
N ASN F 227 40.35 -20.62 6.26
CA ASN F 227 39.09 -19.92 6.10
C ASN F 227 38.41 -20.38 4.83
N THR F 228 37.08 -20.42 4.88
CA THR F 228 36.27 -20.84 3.75
C THR F 228 35.91 -19.64 2.89
N MET F 229 36.32 -19.67 1.62
CA MET F 229 36.04 -18.60 0.68
C MET F 229 34.80 -18.94 -0.15
N ALA F 230 34.00 -17.92 -0.46
CA ALA F 230 32.78 -18.10 -1.23
C ALA F 230 33.00 -18.09 -2.73
N LYS F 231 34.11 -17.51 -3.20
CA LYS F 231 34.36 -17.42 -4.63
C LYS F 231 34.40 -18.80 -5.26
N ASP F 232 33.65 -18.97 -6.34
CA ASP F 232 33.74 -20.18 -7.16
C ASP F 232 33.39 -19.77 -8.59
N GLY F 233 34.41 -19.56 -9.41
CA GLY F 233 34.21 -19.09 -10.76
C GLY F 233 34.88 -19.99 -11.79
N GLU F 234 34.07 -20.62 -12.63
CA GLU F 234 34.56 -21.52 -13.67
C GLU F 234 33.36 -22.01 -14.46
N ARG F 235 33.63 -22.74 -15.54
CA ARG F 235 32.58 -23.41 -16.28
C ARG F 235 32.39 -24.83 -15.76
N GLY F 236 31.31 -25.47 -16.20
CA GLY F 236 31.00 -26.80 -15.72
C GLY F 236 30.15 -26.74 -14.47
N LYS F 237 30.77 -26.85 -13.30
CA LYS F 237 30.06 -26.82 -12.04
C LYS F 237 30.85 -26.03 -11.02
N LEU F 238 30.16 -25.17 -10.28
CA LEU F 238 30.77 -24.36 -9.22
C LEU F 238 30.61 -25.05 -7.86
N GLN F 239 31.11 -26.28 -7.79
CA GLN F 239 31.04 -27.04 -6.54
C GLN F 239 31.98 -26.50 -5.47
N ARG F 240 32.68 -25.41 -5.74
CA ARG F 240 33.66 -24.85 -4.79
C ARG F 240 33.01 -23.82 -3.87
N ARG F 241 31.93 -24.23 -3.20
CA ARG F 241 31.28 -23.33 -2.24
C ARG F 241 32.26 -22.87 -1.17
N ALA F 242 32.96 -23.81 -0.56
CA ALA F 242 33.84 -23.55 0.58
C ALA F 242 35.30 -23.81 0.21
N ILE F 243 35.72 -23.34 -0.97
CA ILE F 243 37.11 -23.46 -1.36
C ILE F 243 37.99 -22.92 -0.25
N ALA F 244 39.07 -23.65 0.04
CA ALA F 244 39.94 -23.30 1.15
C ALA F 244 40.70 -22.02 0.86
N THR F 245 41.28 -21.45 1.91
CA THR F 245 42.10 -20.24 1.81
C THR F 245 43.16 -20.28 2.89
N PRO F 246 44.23 -21.03 2.67
CA PRO F 246 45.25 -21.18 3.71
C PRO F 246 46.04 -19.90 3.94
N GLY F 247 47.00 -19.96 4.87
CA GLY F 247 47.83 -18.81 5.16
C GLY F 247 49.04 -18.73 4.26
N MET F 248 50.16 -18.29 4.82
CA MET F 248 51.40 -18.15 4.07
C MET F 248 52.49 -19.11 4.50
N ILE F 249 52.41 -19.65 5.72
CA ILE F 249 53.46 -20.53 6.21
C ILE F 249 53.57 -21.78 5.34
N VAL F 250 52.43 -22.41 5.07
CA VAL F 250 52.43 -23.65 4.31
C VAL F 250 52.53 -23.43 2.81
N ARG F 251 52.27 -22.21 2.34
CA ARG F 251 52.26 -21.92 0.91
C ARG F 251 53.49 -22.44 0.17
N PRO F 252 54.72 -22.15 0.59
CA PRO F 252 55.88 -22.57 -0.22
C PRO F 252 56.04 -24.08 -0.32
N PHE F 253 55.78 -24.81 0.76
CA PHE F 253 55.90 -26.26 0.68
C PHE F 253 54.87 -26.85 -0.27
N SER F 254 53.64 -26.32 -0.23
CA SER F 254 52.64 -26.73 -1.20
C SER F 254 53.11 -26.45 -2.62
N LYS F 255 53.71 -25.28 -2.83
CA LYS F 255 54.23 -24.95 -4.15
C LYS F 255 55.30 -25.96 -4.58
N ILE F 256 56.17 -26.36 -3.66
CA ILE F 256 57.21 -27.32 -3.98
C ILE F 256 56.61 -28.65 -4.38
N VAL F 257 55.66 -29.14 -3.58
CA VAL F 257 55.05 -30.42 -3.86
C VAL F 257 54.32 -30.38 -5.19
N GLU F 258 53.66 -29.26 -5.48
CA GLU F 258 52.95 -29.13 -6.75
C GLU F 258 53.93 -29.09 -7.91
N THR F 259 55.06 -28.43 -7.73
CA THR F 259 56.09 -28.41 -8.77
C THR F 259 56.56 -29.82 -9.08
N VAL F 260 56.81 -30.61 -8.04
CA VAL F 260 57.26 -31.99 -8.25
C VAL F 260 56.19 -32.79 -8.97
N ALA F 261 54.96 -32.74 -8.45
CA ALA F 261 53.87 -33.48 -9.07
C ALA F 261 53.67 -33.07 -10.52
N GLN F 262 53.92 -31.80 -10.83
CA GLN F 262 53.79 -31.35 -12.21
C GLN F 262 54.89 -31.93 -13.07
N LYS F 263 56.14 -31.78 -12.64
CA LYS F 263 57.25 -32.42 -13.34
C LYS F 263 56.96 -33.89 -13.60
N ILE F 264 56.16 -34.52 -12.74
CA ILE F 264 55.83 -35.92 -12.94
C ILE F 264 54.72 -36.08 -13.98
N CYS F 265 53.66 -35.27 -13.87
CA CYS F 265 52.51 -35.42 -14.76
C CYS F 265 52.86 -35.14 -16.21
N GLU F 266 53.98 -34.48 -16.48
CA GLU F 266 54.31 -34.15 -17.85
C GLU F 266 54.64 -35.40 -18.65
N LYS F 267 55.43 -36.30 -18.08
CA LYS F 267 55.82 -37.51 -18.78
C LYS F 267 54.66 -38.49 -18.93
N LEU F 268 53.58 -38.30 -18.18
CA LEU F 268 52.46 -39.22 -18.24
C LEU F 268 51.54 -38.89 -19.40
N LYS F 269 51.26 -39.89 -20.22
CA LYS F 269 50.36 -39.69 -21.35
C LYS F 269 48.95 -39.38 -20.87
N GLU F 270 48.50 -40.03 -19.81
CA GLU F 270 47.14 -39.87 -19.30
C GLU F 270 47.10 -38.84 -18.18
N SER F 271 47.45 -37.60 -18.54
CA SER F 271 47.45 -36.50 -17.58
C SER F 271 47.10 -35.23 -18.34
N GLY F 272 45.83 -34.88 -18.33
CA GLY F 272 45.34 -33.69 -18.99
C GLY F 272 45.23 -32.46 -18.12
N LEU F 273 45.82 -32.48 -16.94
CA LEU F 273 45.72 -31.38 -15.99
C LEU F 273 46.63 -30.21 -16.36
N PRO F 274 47.93 -30.42 -16.57
CA PRO F 274 48.83 -29.26 -16.72
C PRO F 274 48.46 -28.35 -17.88
N VAL F 275 47.83 -28.88 -18.92
CA VAL F 275 47.46 -28.10 -20.10
C VAL F 275 46.19 -28.71 -20.69
N GLY F 276 45.60 -27.99 -21.65
CA GLY F 276 44.40 -28.46 -22.29
C GLY F 276 44.28 -27.93 -23.71
N GLY F 277 43.42 -28.57 -24.48
CA GLY F 277 43.14 -28.15 -25.84
C GLY F 277 43.92 -28.99 -26.85
N ASN F 278 44.62 -28.31 -27.76
CA ASN F 278 45.39 -28.99 -28.80
C ASN F 278 46.14 -30.20 -28.25
N GLU F 279 46.93 -29.99 -27.21
CA GLU F 279 47.64 -31.10 -26.59
C GLU F 279 46.65 -32.12 -26.05
N LYS F 280 45.53 -31.65 -25.49
CA LYS F 280 44.53 -32.57 -24.95
C LYS F 280 43.93 -33.43 -26.05
N LYS F 281 43.58 -32.83 -27.18
CA LYS F 281 43.05 -33.60 -28.29
C LYS F 281 44.09 -34.58 -28.82
N ALA F 282 45.34 -34.13 -28.88
CA ALA F 282 46.42 -35.01 -29.29
C ALA F 282 46.48 -36.25 -28.41
N LYS F 283 46.42 -36.03 -27.09
CA LYS F 283 46.43 -37.15 -26.16
C LYS F 283 45.23 -38.07 -26.40
N LEU F 284 44.04 -37.48 -26.55
CA LEU F 284 42.85 -38.27 -26.81
C LEU F 284 43.05 -39.20 -28.00
N LYS F 285 43.44 -38.62 -29.12
CA LYS F 285 43.52 -39.39 -30.37
C LYS F 285 44.66 -40.39 -30.32
N THR F 286 45.78 -40.02 -29.71
CA THR F 286 46.87 -40.97 -29.50
C THR F 286 46.38 -42.18 -28.72
N THR F 287 45.67 -41.93 -27.62
CA THR F 287 45.15 -43.02 -26.82
C THR F 287 44.23 -43.90 -27.65
N VAL F 288 43.29 -43.30 -28.36
CA VAL F 288 42.31 -44.07 -29.11
C VAL F 288 42.98 -44.91 -30.17
N THR F 289 43.95 -44.33 -30.88
CA THR F 289 44.61 -45.05 -31.96
C THR F 289 45.47 -46.18 -31.42
N SER F 290 46.20 -45.93 -30.33
CA SER F 290 46.96 -47.00 -29.71
C SER F 290 46.05 -48.13 -29.29
N LEU F 291 44.90 -47.79 -28.72
CA LEU F 291 43.91 -48.81 -28.38
C LEU F 291 43.52 -49.61 -29.61
N ASN F 292 43.07 -48.93 -30.65
CA ASN F 292 42.59 -49.62 -31.84
C ASN F 292 43.68 -50.53 -32.41
N ALA F 293 44.93 -50.10 -32.33
CA ALA F 293 46.03 -50.90 -32.86
C ALA F 293 46.49 -51.99 -31.91
N ARG F 294 46.03 -51.97 -30.66
CA ARG F 294 46.49 -52.96 -29.68
C ARG F 294 45.48 -54.07 -29.47
N MET F 295 44.22 -53.74 -29.24
CA MET F 295 43.24 -54.74 -28.88
C MET F 295 43.05 -55.72 -30.03
N ASN F 296 42.90 -57.00 -29.69
CA ASN F 296 42.77 -58.04 -30.68
C ASN F 296 41.39 -57.96 -31.34
N SER F 297 41.29 -58.63 -32.50
CA SER F 297 40.07 -58.56 -33.29
C SER F 297 38.87 -59.05 -32.49
N ASP F 298 39.03 -60.13 -31.73
CA ASP F 298 37.91 -60.69 -30.99
C ASP F 298 37.38 -59.71 -29.96
N GLN F 299 38.27 -58.98 -29.30
CA GLN F 299 37.87 -58.09 -28.22
C GLN F 299 37.06 -56.91 -28.76
N PHE F 300 36.25 -56.33 -27.89
CA PHE F 300 35.49 -55.12 -28.21
C PHE F 300 35.55 -54.18 -27.01
N ALA F 301 35.74 -52.89 -27.30
CA ALA F 301 35.95 -51.91 -26.25
C ALA F 301 34.64 -51.27 -25.81
N VAL F 302 34.74 -50.42 -24.77
CA VAL F 302 33.62 -49.66 -24.22
C VAL F 302 34.20 -48.41 -23.57
N ASN F 303 33.32 -47.46 -23.24
CA ASN F 303 33.73 -46.21 -22.62
C ASN F 303 32.88 -45.97 -21.36
N ILE F 304 33.44 -45.19 -20.43
CA ILE F 304 32.70 -44.75 -19.24
C ILE F 304 32.97 -43.28 -19.00
N THR F 305 31.91 -42.52 -18.77
CA THR F 305 32.02 -41.09 -18.43
C THR F 305 32.05 -40.91 -16.91
N GLY F 306 33.19 -41.25 -16.33
CA GLY F 306 33.31 -41.20 -14.88
C GLY F 306 33.31 -39.79 -14.33
N ASP F 307 32.87 -39.67 -13.07
CA ASP F 307 32.90 -38.39 -12.37
C ASP F 307 33.12 -38.66 -10.88
N ASN F 308 34.36 -38.53 -10.43
CA ASN F 308 34.67 -38.76 -9.03
C ASN F 308 33.91 -37.78 -8.14
N SER F 309 33.25 -38.32 -7.12
CA SER F 309 32.48 -37.55 -6.16
C SER F 309 33.26 -37.35 -4.87
N LYS F 310 33.19 -36.16 -4.31
CA LYS F 310 33.86 -35.85 -3.05
C LYS F 310 35.37 -36.00 -3.15
N TRP F 311 35.93 -35.52 -4.26
CA TRP F 311 37.37 -35.60 -4.44
C TRP F 311 38.15 -34.80 -3.39
N ASN F 312 37.48 -33.96 -2.60
CA ASN F 312 38.14 -33.19 -1.56
C ASN F 312 37.92 -33.75 -0.17
N GLU F 313 36.89 -34.56 0.04
CA GLU F 313 36.57 -35.10 1.36
C GLU F 313 37.04 -36.54 1.52
N CYS F 314 37.90 -37.01 0.64
CA CYS F 314 38.43 -38.36 0.75
C CYS F 314 39.92 -38.45 0.46
N GLN F 315 40.58 -37.33 0.20
CA GLN F 315 42.02 -37.31 -0.01
C GLN F 315 42.72 -36.98 1.31
N GLN F 316 43.60 -37.89 1.74
CA GLN F 316 44.24 -37.76 3.03
C GLN F 316 45.70 -37.40 2.87
N PRO F 317 46.21 -36.44 3.63
CA PRO F 317 47.62 -36.07 3.52
C PRO F 317 48.59 -37.11 4.06
N GLU F 318 48.11 -38.05 4.86
CA GLU F 318 49.00 -39.09 5.40
C GLU F 318 49.48 -40.02 4.30
N ALA F 319 48.55 -40.46 3.43
CA ALA F 319 48.95 -41.27 2.30
C ALA F 319 49.87 -40.49 1.37
N TYR F 320 49.59 -39.20 1.18
CA TYR F 320 50.48 -38.37 0.39
C TYR F 320 51.88 -38.34 0.99
N LEU F 321 51.96 -38.29 2.32
CA LEU F 321 53.26 -38.27 2.98
C LEU F 321 54.01 -39.56 2.74
N ALA F 322 53.33 -40.69 2.93
CA ALA F 322 53.98 -41.98 2.68
C ALA F 322 54.42 -42.10 1.23
N LEU F 323 53.61 -41.59 0.30
CA LEU F 323 53.94 -41.66 -1.11
C LEU F 323 55.18 -40.82 -1.42
N LEU F 324 55.21 -39.60 -0.91
CA LEU F 324 56.38 -38.74 -1.12
C LEU F 324 57.63 -39.37 -0.53
N ALA F 325 57.49 -40.03 0.62
CA ALA F 325 58.62 -40.72 1.21
C ALA F 325 59.12 -41.83 0.29
N TYR F 326 58.22 -42.70 -0.14
CA TYR F 326 58.60 -43.76 -1.07
C TYR F 326 59.24 -43.18 -2.32
N ILE F 327 58.81 -42.00 -2.75
CA ILE F 327 59.35 -41.37 -3.94
C ILE F 327 60.80 -40.97 -3.69
N THR F 328 61.01 -40.10 -2.71
CA THR F 328 62.33 -39.55 -2.45
C THR F 328 63.28 -40.55 -1.78
N LYS F 329 62.84 -41.79 -1.59
CA LYS F 329 63.63 -42.79 -0.87
C LYS F 329 65.09 -42.77 -1.30
N ASP F 330 65.34 -42.53 -2.58
CA ASP F 330 66.69 -42.50 -3.14
C ASP F 330 66.91 -41.12 -3.73
N SER F 331 67.31 -40.19 -2.89
CA SER F 331 67.57 -38.81 -3.30
C SER F 331 68.14 -38.07 -2.08
N SER F 332 68.43 -36.79 -2.26
CA SER F 332 68.95 -35.99 -1.17
C SER F 332 67.95 -35.93 -0.03
N ASP F 333 68.44 -36.16 1.19
CA ASP F 333 67.59 -36.08 2.37
C ASP F 333 66.93 -34.71 2.49
N LEU F 334 67.52 -33.68 1.90
CA LEU F 334 66.91 -32.37 1.89
C LEU F 334 65.48 -32.46 1.38
N MET F 335 65.31 -33.00 0.17
CA MET F 335 63.96 -33.13 -0.38
C MET F 335 63.11 -34.09 0.44
N LYS F 336 63.72 -35.15 0.99
CA LYS F 336 62.98 -36.07 1.84
C LYS F 336 62.27 -35.34 2.95
N ASP F 337 62.99 -34.44 3.64
CA ASP F 337 62.40 -33.71 4.74
C ASP F 337 61.46 -32.61 4.24
N LEU F 338 61.85 -31.94 3.15
CA LEU F 338 61.05 -30.83 2.65
C LEU F 338 59.67 -31.29 2.22
N CYS F 339 59.61 -32.29 1.34
CA CYS F 339 58.32 -32.77 0.85
C CYS F 339 57.44 -33.28 1.97
N SER F 340 58.01 -33.58 3.14
CA SER F 340 57.26 -34.09 4.27
C SER F 340 56.76 -32.99 5.19
N VAL F 341 56.65 -31.76 4.69
CA VAL F 341 56.25 -30.63 5.51
C VAL F 341 54.77 -30.35 5.33
N ALA F 342 54.36 -30.00 4.12
CA ALA F 342 52.96 -29.70 3.85
C ALA F 342 52.03 -30.83 4.26
N PRO F 343 52.36 -32.09 4.06
CA PRO F 343 51.47 -33.17 4.51
C PRO F 343 51.13 -33.06 5.99
N VAL F 344 52.16 -33.04 6.85
CA VAL F 344 51.91 -32.94 8.28
C VAL F 344 51.16 -31.64 8.61
N LEU F 345 51.47 -30.56 7.89
CA LEU F 345 50.74 -29.31 8.11
C LEU F 345 49.27 -29.48 7.81
N PHE F 346 48.92 -30.41 6.93
CA PHE F 346 47.53 -30.65 6.62
C PHE F 346 46.91 -31.73 7.49
N CYS F 347 47.73 -32.61 8.08
CA CYS F 347 47.23 -33.55 9.07
C CYS F 347 46.72 -32.83 10.31
N ASN F 348 47.23 -31.63 10.57
CA ASN F 348 46.78 -30.79 11.68
C ASN F 348 46.40 -29.43 11.11
N LYS F 349 45.11 -29.23 10.85
CA LYS F 349 44.64 -28.00 10.22
C LYS F 349 43.34 -27.59 10.92
N PHE F 350 43.43 -26.52 11.70
CA PHE F 350 42.23 -25.93 12.31
C PHE F 350 41.43 -25.18 11.26
N VAL F 351 40.12 -25.40 11.25
CA VAL F 351 39.23 -24.80 10.26
C VAL F 351 38.41 -23.72 10.94
N LYS F 352 38.47 -22.51 10.37
CA LYS F 352 37.73 -21.37 10.90
C LYS F 352 36.26 -21.52 10.57
N LEU F 353 35.44 -21.70 11.59
CA LEU F 353 34.00 -21.74 11.38
C LEU F 353 33.51 -20.38 10.93
N GLY F 354 32.54 -20.38 10.02
CA GLY F 354 32.06 -19.14 9.47
C GLY F 354 31.33 -18.30 10.49
N GLN F 355 30.54 -17.35 10.01
CA GLN F 355 29.80 -16.50 10.92
C GLN F 355 28.85 -17.31 11.77
N GLY F 356 28.80 -16.98 13.05
CA GLY F 356 27.95 -17.71 13.98
C GLY F 356 26.49 -17.52 13.68
N ILE F 357 25.68 -18.34 14.35
CA ILE F 357 24.24 -18.31 14.19
C ILE F 357 23.66 -17.05 14.79
N ARG F 358 22.38 -16.81 14.53
CA ARG F 358 21.66 -15.66 15.05
C ARG F 358 20.39 -16.17 15.70
N LEU F 359 19.88 -15.37 16.63
CA LEU F 359 18.65 -15.67 17.33
C LEU F 359 17.55 -14.71 16.91
N SER F 360 16.34 -14.97 17.42
CA SER F 360 15.20 -14.14 17.08
C SER F 360 14.03 -14.55 17.95
N ASN F 361 13.20 -13.56 18.28
CA ASN F 361 11.96 -13.81 18.98
C ASN F 361 10.89 -14.27 17.99
N LYS F 362 9.69 -14.51 18.51
CA LYS F 362 8.59 -14.98 17.67
C LYS F 362 8.29 -13.98 16.55
N ARG F 363 7.87 -12.78 16.93
CA ARG F 363 7.54 -11.75 15.96
C ARG F 363 8.74 -11.20 15.22
N LYS F 364 9.96 -11.59 15.61
CA LYS F 364 11.19 -11.20 14.95
C LYS F 364 11.52 -9.73 15.15
N THR F 365 10.90 -9.09 16.13
CA THR F 365 11.21 -7.70 16.43
C THR F 365 12.59 -7.53 17.04
N LYS F 366 13.13 -8.58 17.64
CA LYS F 366 14.47 -8.55 18.22
C LYS F 366 15.28 -9.72 17.68
N GLU F 367 16.55 -9.46 17.42
CA GLU F 367 17.42 -10.44 16.79
C GLU F 367 18.82 -10.32 17.38
N VAL F 368 19.28 -11.38 18.02
CA VAL F 368 20.60 -11.42 18.63
C VAL F 368 21.56 -12.10 17.68
N ILE F 369 22.83 -11.75 17.81
CA ILE F 369 23.89 -12.26 16.95
C ILE F 369 25.00 -12.78 17.84
N ILE F 370 25.43 -14.01 17.59
CA ILE F 370 26.45 -14.67 18.38
C ILE F 370 27.48 -15.27 17.44
N LYS F 371 28.70 -15.42 17.94
CA LYS F 371 29.76 -16.03 17.16
C LYS F 371 29.72 -17.54 17.30
N ALA F 372 30.65 -18.20 16.62
CA ALA F 372 30.68 -19.65 16.64
C ALA F 372 31.21 -20.18 17.97
N GLU F 373 32.23 -19.52 18.53
CA GLU F 373 32.86 -20.00 19.74
C GLU F 373 31.87 -20.17 20.89
N LYS F 374 30.74 -19.47 20.85
CA LYS F 374 29.77 -19.51 21.94
C LYS F 374 28.55 -20.34 21.60
N MET F 375 28.50 -20.95 20.43
CA MET F 375 27.35 -21.80 20.12
C MET F 375 27.30 -23.00 21.03
N GLY F 376 28.46 -23.46 21.51
CA GLY F 376 28.48 -24.47 22.55
C GLY F 376 27.94 -24.00 23.88
N LYS F 377 27.66 -22.70 24.00
CA LYS F 377 27.10 -22.12 25.21
C LYS F 377 25.59 -22.04 25.18
N TYR F 378 24.98 -22.09 23.99
CA TYR F 378 23.54 -21.99 23.84
C TYR F 378 22.99 -23.17 23.04
N LYS F 379 23.71 -24.29 23.06
CA LYS F 379 23.29 -25.46 22.29
C LYS F 379 21.86 -25.87 22.60
N ASN F 380 21.39 -25.60 23.82
CA ASN F 380 20.05 -26.01 24.21
C ASN F 380 18.96 -25.31 23.41
N LEU F 381 19.28 -24.26 22.67
CA LEU F 381 18.30 -23.49 21.93
C LEU F 381 18.24 -23.84 20.46
N MET F 382 19.40 -24.09 19.84
CA MET F 382 19.43 -24.36 18.41
C MET F 382 18.57 -25.56 18.07
N ARG F 383 18.07 -25.57 16.84
CA ARG F 383 17.23 -26.66 16.37
C ARG F 383 18.00 -27.97 16.39
N GLU F 384 17.26 -29.07 16.24
CA GLU F 384 17.85 -30.40 16.31
C GLU F 384 18.87 -30.60 15.18
N GLU F 385 18.42 -30.47 13.94
CA GLU F 385 19.31 -30.66 12.80
C GLU F 385 20.61 -29.88 12.98
N TYR F 386 20.52 -28.68 13.53
CA TYR F 386 21.71 -27.90 13.83
C TYR F 386 22.38 -28.35 15.12
N LYS F 387 21.65 -29.02 15.99
CA LYS F 387 22.22 -29.50 17.24
C LYS F 387 22.93 -30.83 17.06
N ASN F 388 22.22 -31.82 16.51
CA ASN F 388 22.85 -33.12 16.26
C ASN F 388 24.09 -32.99 15.39
N LEU F 389 24.23 -31.89 14.67
CA LEU F 389 25.39 -31.63 13.84
C LEU F 389 26.48 -30.88 14.59
N PHE F 390 26.28 -30.58 15.86
CA PHE F 390 27.20 -29.76 16.63
C PHE F 390 27.77 -30.46 17.84
N GLU F 391 26.96 -31.24 18.56
CA GLU F 391 27.45 -31.88 19.78
C GLU F 391 28.58 -32.86 19.48
N PRO F 392 28.45 -33.79 18.54
CA PRO F 392 29.52 -34.77 18.32
C PRO F 392 30.85 -34.15 17.98
N LEU F 393 30.87 -32.89 17.56
CA LEU F 393 32.10 -32.21 17.17
C LEU F 393 32.62 -31.27 18.24
N GLU F 394 31.82 -30.98 19.28
CA GLU F 394 32.29 -30.08 20.32
C GLU F 394 33.62 -30.54 20.90
N LYS F 395 33.87 -31.85 20.88
CA LYS F 395 35.14 -32.36 21.39
C LYS F 395 36.31 -31.74 20.65
N TYR F 396 36.22 -31.67 19.34
CA TYR F 396 37.34 -31.23 18.52
C TYR F 396 37.45 -29.71 18.46
N ILE F 397 36.52 -28.99 19.03
CA ILE F 397 36.56 -27.53 19.02
C ILE F 397 37.50 -27.04 20.11
N GLN F 398 38.20 -25.94 19.84
CA GLN F 398 39.10 -25.35 20.80
C GLN F 398 38.62 -23.99 21.27
N LYS F 399 38.49 -23.03 20.36
CA LYS F 399 37.80 -21.77 20.66
C LYS F 399 36.67 -21.51 19.68
N ASP F 400 36.96 -21.47 18.39
CA ASP F 400 35.96 -21.20 17.36
C ASP F 400 36.20 -22.06 16.13
N VAL F 401 37.16 -22.98 16.17
CA VAL F 401 37.57 -23.74 15.00
C VAL F 401 37.42 -25.22 15.30
N CYS F 402 37.68 -26.06 14.30
CA CYS F 402 37.57 -27.50 14.45
C CYS F 402 38.87 -28.14 14.02
N PHE F 403 39.45 -28.97 14.89
CA PHE F 403 40.73 -29.60 14.61
C PHE F 403 40.49 -30.76 13.64
N LEU F 404 40.44 -30.41 12.37
CA LEU F 404 40.30 -31.41 11.33
C LEU F 404 41.64 -32.10 11.11
N PRO F 405 41.73 -33.40 11.40
CA PRO F 405 43.02 -34.09 11.27
C PRO F 405 43.33 -34.61 9.88
N GLY F 406 42.45 -34.38 8.92
CA GLY F 406 42.68 -34.87 7.58
C GLY F 406 41.73 -34.30 6.54
N GLY F 407 41.53 -35.06 5.47
CA GLY F 407 40.80 -34.55 4.32
C GLY F 407 41.66 -33.58 3.52
N MET F 408 41.08 -33.04 2.46
CA MET F 408 41.78 -32.09 1.60
C MET F 408 40.74 -31.23 0.91
N LEU F 409 40.51 -30.04 1.46
CA LEU F 409 39.46 -29.16 0.97
C LEU F 409 39.95 -28.22 -0.12
N MET F 410 41.14 -27.65 0.06
CA MET F 410 41.71 -26.75 -0.92
C MET F 410 41.71 -27.40 -2.30
N GLY F 411 41.78 -26.58 -3.34
CA GLY F 411 42.01 -27.10 -4.68
C GLY F 411 43.49 -27.35 -4.91
N MET F 412 44.16 -27.87 -3.90
CA MET F 412 45.59 -28.10 -3.93
C MET F 412 45.87 -29.58 -4.18
N PHE F 413 47.14 -29.87 -4.44
CA PHE F 413 47.61 -31.22 -4.67
C PHE F 413 46.87 -31.88 -5.84
N ASN F 414 46.27 -31.06 -6.71
CA ASN F 414 45.56 -31.59 -7.86
C ASN F 414 46.48 -32.44 -8.71
N MET F 415 47.69 -31.95 -8.96
CA MET F 415 48.69 -32.76 -9.67
C MET F 415 48.92 -34.08 -8.97
N LEU F 416 49.05 -34.06 -7.64
CA LEU F 416 49.33 -35.28 -6.90
C LEU F 416 48.15 -36.24 -6.95
N SER F 417 46.94 -35.74 -6.78
CA SER F 417 45.76 -36.57 -6.93
C SER F 417 45.70 -37.19 -8.32
N THR F 418 46.07 -36.41 -9.33
CA THR F 418 46.08 -36.92 -10.69
C THR F 418 47.10 -38.04 -10.83
N VAL F 419 48.26 -37.87 -10.18
CA VAL F 419 49.27 -38.92 -10.21
C VAL F 419 48.72 -40.19 -9.58
N LEU F 420 48.02 -40.05 -8.47
CA LEU F 420 47.43 -41.22 -7.82
C LEU F 420 46.43 -41.91 -8.74
N GLY F 421 45.62 -41.11 -9.44
CA GLY F 421 44.68 -41.69 -10.39
C GLY F 421 45.37 -42.44 -11.51
N VAL F 422 46.43 -41.85 -12.06
CA VAL F 422 47.17 -42.51 -13.12
C VAL F 422 47.76 -43.81 -12.61
N SER F 423 48.22 -43.80 -11.36
CA SER F 423 48.67 -45.03 -10.74
C SER F 423 47.56 -46.07 -10.73
N THR F 424 46.35 -45.62 -10.40
CA THR F 424 45.19 -46.52 -10.45
C THR F 424 45.00 -47.12 -11.83
N LEU F 425 45.23 -46.33 -12.88
CA LEU F 425 44.94 -46.84 -14.23
C LEU F 425 46.03 -47.75 -14.77
N CYS F 426 47.26 -47.59 -14.31
CA CYS F 426 48.37 -48.41 -14.77
C CYS F 426 48.41 -49.78 -14.12
N TYR F 427 47.34 -50.21 -13.48
CA TYR F 427 47.31 -51.51 -12.83
C TYR F 427 47.08 -52.62 -13.84
N MET F 428 47.66 -53.78 -13.56
CA MET F 428 47.47 -54.97 -14.37
C MET F 428 48.04 -56.17 -13.64
N ASP F 429 47.35 -57.30 -13.78
CA ASP F 429 47.74 -58.54 -13.10
C ASP F 429 47.52 -59.69 -14.07
N GLU F 430 47.59 -60.91 -13.54
CA GLU F 430 47.41 -62.10 -14.35
C GLU F 430 45.97 -62.60 -14.35
N GLU F 431 45.20 -62.28 -13.31
CA GLU F 431 43.79 -62.66 -13.31
C GLU F 431 43.06 -62.06 -14.52
N LEU F 432 43.41 -60.83 -14.89
CA LEU F 432 42.82 -60.23 -16.07
C LEU F 432 43.36 -60.88 -17.34
N LYS F 433 44.68 -60.95 -17.47
CA LYS F 433 45.30 -61.54 -18.65
C LYS F 433 44.70 -62.89 -18.98
N ALA F 434 44.46 -63.71 -17.96
CA ALA F 434 43.89 -65.04 -18.19
C ALA F 434 42.54 -64.93 -18.89
N LYS F 435 41.75 -63.92 -18.55
CA LYS F 435 40.46 -63.71 -19.15
C LYS F 435 40.52 -62.91 -20.45
N GLY F 436 41.71 -62.40 -20.80
CA GLY F 436 41.86 -61.61 -22.00
C GLY F 436 41.11 -60.30 -21.92
N CYS F 437 41.40 -59.52 -20.88
CA CYS F 437 40.74 -58.23 -20.66
C CYS F 437 41.73 -57.28 -20.02
N PHE F 438 41.44 -56.00 -20.14
CA PHE F 438 42.25 -54.95 -19.53
C PHE F 438 41.48 -53.65 -19.60
N TRP F 439 42.14 -52.56 -19.23
CA TRP F 439 41.52 -51.24 -19.27
C TRP F 439 42.60 -50.20 -19.53
N THR F 440 42.14 -48.97 -19.71
CA THR F 440 43.00 -47.79 -19.76
C THR F 440 42.06 -46.59 -19.86
N GLY F 441 42.65 -45.40 -19.80
CA GLY F 441 41.84 -44.21 -19.94
C GLY F 441 42.61 -42.95 -19.65
N LEU F 442 41.90 -41.97 -19.10
CA LEU F 442 42.48 -40.67 -18.78
C LEU F 442 41.76 -40.11 -17.56
N GLN F 443 42.50 -39.36 -16.75
CA GLN F 443 41.96 -38.81 -15.52
C GLN F 443 42.42 -37.39 -15.31
N SER F 444 41.46 -36.50 -15.11
CA SER F 444 41.72 -35.15 -14.61
C SER F 444 41.74 -35.18 -13.09
N SER F 445 41.68 -34.01 -12.47
CA SER F 445 41.71 -33.94 -11.01
C SER F 445 40.64 -34.84 -10.40
N ASP F 446 39.37 -34.59 -10.77
CA ASP F 446 38.25 -35.33 -10.18
C ASP F 446 37.30 -35.85 -11.26
N ASP F 447 37.73 -35.86 -12.51
CA ASP F 447 36.94 -36.36 -13.61
C ASP F 447 37.85 -37.23 -14.47
N PHE F 448 37.29 -38.33 -14.98
CA PHE F 448 38.10 -39.26 -15.73
C PHE F 448 37.25 -39.92 -16.82
N VAL F 449 37.94 -40.65 -17.69
CA VAL F 449 37.31 -41.40 -18.76
C VAL F 449 38.01 -42.75 -18.86
N LEU F 450 37.23 -43.82 -18.81
CA LEU F 450 37.77 -45.17 -18.81
C LEU F 450 37.48 -45.84 -20.14
N PHE F 451 38.37 -46.76 -20.51
CA PHE F 451 38.24 -47.55 -21.73
C PHE F 451 38.52 -49.00 -21.36
N ALA F 452 37.47 -49.80 -21.27
CA ALA F 452 37.59 -51.21 -20.96
C ALA F 452 37.67 -52.04 -22.23
N VAL F 453 38.22 -53.24 -22.09
CA VAL F 453 38.43 -54.14 -23.21
C VAL F 453 38.12 -55.56 -22.75
N ALA F 454 37.44 -56.30 -23.60
CA ALA F 454 37.07 -57.68 -23.31
C ALA F 454 36.55 -58.30 -24.60
N SER F 455 36.07 -59.54 -24.49
CA SER F 455 35.52 -60.25 -25.63
C SER F 455 34.13 -60.81 -25.34
N ASN F 456 33.47 -60.30 -24.31
CA ASN F 456 32.15 -60.77 -23.92
C ASN F 456 31.39 -59.62 -23.28
N TRP F 457 30.07 -59.69 -23.40
CA TRP F 457 29.20 -58.66 -22.85
C TRP F 457 29.00 -58.81 -21.34
N SER F 458 29.75 -59.71 -20.70
CA SER F 458 29.69 -59.89 -19.26
C SER F 458 31.02 -59.60 -18.58
N ASN F 459 32.12 -60.14 -19.10
CA ASN F 459 33.42 -59.86 -18.52
C ASN F 459 33.68 -58.37 -18.39
N ILE F 460 33.03 -57.57 -19.24
CA ILE F 460 33.12 -56.12 -19.10
C ILE F 460 32.65 -55.68 -17.73
N HIS F 461 31.54 -56.25 -17.26
CA HIS F 461 31.03 -55.92 -15.94
C HIS F 461 32.04 -56.30 -14.86
N TRP F 462 32.64 -57.49 -15.00
CA TRP F 462 33.64 -57.93 -14.02
C TRP F 462 34.82 -56.98 -13.99
N THR F 463 35.26 -56.53 -15.15
CA THR F 463 36.38 -55.59 -15.22
C THR F 463 36.02 -54.26 -14.56
N ILE F 464 34.81 -53.77 -14.82
CA ILE F 464 34.38 -52.51 -14.22
C ILE F 464 34.36 -52.63 -12.70
N ARG F 465 33.85 -53.76 -12.19
CA ARG F 465 33.79 -53.93 -10.75
C ARG F 465 35.19 -54.04 -10.15
N ARG F 466 36.08 -54.75 -10.81
CA ARG F 466 37.47 -54.81 -10.37
C ARG F 466 38.08 -53.43 -10.28
N PHE F 467 37.87 -52.62 -11.31
CA PHE F 467 38.43 -51.28 -11.34
C PHE F 467 37.86 -50.43 -10.21
N ASN F 468 36.54 -50.51 -10.00
CA ASN F 468 35.93 -49.75 -8.93
C ASN F 468 36.47 -50.18 -7.57
N ALA F 469 36.72 -51.48 -7.40
CA ALA F 469 37.27 -51.95 -6.14
C ALA F 469 38.67 -51.40 -5.89
N VAL F 470 39.54 -51.51 -6.89
CA VAL F 470 40.89 -50.99 -6.71
C VAL F 470 40.85 -49.49 -6.47
N CYS F 471 39.89 -48.79 -7.07
CA CYS F 471 39.79 -47.35 -6.82
C CYS F 471 39.34 -47.06 -5.39
N LYS F 472 38.33 -47.80 -4.92
CA LYS F 472 37.82 -47.57 -3.58
C LYS F 472 38.83 -47.95 -2.50
N LEU F 473 39.76 -48.85 -2.81
CA LEU F 473 40.75 -49.24 -1.80
C LEU F 473 41.50 -48.04 -1.25
N ILE F 474 41.57 -46.93 -1.99
CA ILE F 474 42.39 -45.79 -1.59
C ILE F 474 41.56 -44.52 -1.56
N GLY F 475 40.27 -44.65 -1.28
CA GLY F 475 39.40 -43.51 -1.12
C GLY F 475 38.82 -42.94 -2.40
N ILE F 476 39.46 -43.19 -3.54
CA ILE F 476 38.96 -42.67 -4.81
C ILE F 476 37.66 -43.39 -5.13
N ASN F 477 36.55 -42.67 -5.03
CA ASN F 477 35.23 -43.20 -5.26
C ASN F 477 34.72 -42.80 -6.64
N MET F 478 33.46 -43.12 -6.93
CA MET F 478 32.85 -42.74 -8.18
C MET F 478 31.36 -42.52 -7.94
N SER F 479 30.78 -41.63 -8.74
CA SER F 479 29.36 -41.34 -8.64
C SER F 479 28.58 -42.30 -9.54
N LEU F 480 27.31 -42.49 -9.19
CA LEU F 480 26.41 -43.35 -9.93
C LEU F 480 25.31 -42.60 -10.66
N GLU F 481 24.91 -41.45 -10.13
CA GLU F 481 23.90 -40.61 -10.75
C GLU F 481 24.52 -39.60 -11.71
N LYS F 482 25.84 -39.60 -11.85
CA LYS F 482 26.52 -38.67 -12.74
C LYS F 482 27.58 -39.36 -13.57
N SER F 483 27.69 -40.68 -13.49
CA SER F 483 28.66 -41.44 -14.26
C SER F 483 27.89 -42.42 -15.14
N TYR F 484 28.09 -42.32 -16.45
CA TYR F 484 27.39 -43.14 -17.41
C TYR F 484 28.42 -43.79 -18.33
N GLY F 485 27.93 -44.54 -19.31
CA GLY F 485 28.79 -45.16 -20.29
C GLY F 485 28.05 -45.38 -21.58
N SER F 486 28.79 -45.87 -22.57
CA SER F 486 28.25 -46.10 -23.91
C SER F 486 29.31 -46.85 -24.70
N LEU F 487 28.95 -47.19 -25.93
CA LEU F 487 29.87 -47.82 -26.84
C LEU F 487 31.03 -46.89 -27.19
N PRO F 488 32.09 -47.43 -27.80
CA PRO F 488 33.36 -46.71 -27.89
C PRO F 488 33.34 -45.29 -28.46
N GLU F 489 32.45 -44.98 -29.39
CA GLU F 489 32.59 -43.72 -30.11
C GLU F 489 32.28 -42.48 -29.26
N LEU F 490 31.37 -42.54 -28.28
CA LEU F 490 30.88 -41.29 -27.63
C LEU F 490 31.21 -41.17 -26.14
N PHE F 491 32.16 -40.31 -25.74
CA PHE F 491 32.58 -40.05 -24.33
C PHE F 491 32.76 -38.54 -24.13
N GLU F 492 32.81 -38.03 -22.89
CA GLU F 492 32.97 -36.57 -22.57
C GLU F 492 34.11 -36.40 -21.55
N PHE F 493 34.92 -35.34 -21.65
CA PHE F 493 36.06 -35.09 -20.77
C PHE F 493 36.33 -33.61 -20.69
N THR F 494 36.20 -33.03 -19.50
CA THR F 494 36.52 -31.62 -19.26
C THR F 494 35.78 -30.72 -20.24
N SER F 495 34.49 -30.98 -20.42
CA SER F 495 33.61 -30.23 -21.29
C SER F 495 33.94 -30.41 -22.76
N MET F 496 34.91 -31.25 -23.11
CA MET F 496 35.27 -31.51 -24.50
C MET F 496 34.53 -32.78 -24.94
N PHE F 497 33.34 -32.59 -25.48
CA PHE F 497 32.47 -33.71 -25.86
C PHE F 497 33.04 -34.36 -27.10
N PHE F 498 33.83 -35.42 -26.90
CA PHE F 498 34.43 -36.12 -28.02
C PHE F 498 33.41 -37.02 -28.70
N ASP F 499 33.61 -37.21 -30.00
CA ASP F 499 32.79 -38.11 -30.79
C ASP F 499 33.68 -38.67 -31.89
N GLY F 500 33.11 -39.56 -32.70
CA GLY F 500 33.83 -40.10 -33.84
C GLY F 500 34.57 -39.01 -34.59
N GLU F 501 34.00 -37.82 -34.59
CA GLU F 501 34.64 -36.63 -35.13
C GLU F 501 33.97 -35.42 -34.51
N PHE F 502 34.31 -34.23 -35.01
CA PHE F 502 33.69 -33.00 -34.57
C PHE F 502 33.87 -32.78 -33.07
N VAL F 503 35.11 -32.89 -32.61
CA VAL F 503 35.41 -32.65 -31.21
C VAL F 503 35.03 -31.22 -30.86
N SER F 504 34.08 -31.07 -29.95
CA SER F 504 33.54 -29.77 -29.56
C SER F 504 34.01 -29.41 -28.16
N ASN F 505 34.51 -28.20 -28.01
CA ASN F 505 34.91 -27.68 -26.71
C ASN F 505 33.86 -26.70 -26.21
N LEU F 506 33.91 -26.44 -24.90
CA LEU F 506 32.98 -25.51 -24.27
C LEU F 506 33.65 -24.62 -23.24
N ALA F 507 34.98 -24.58 -23.21
CA ALA F 507 35.71 -23.80 -22.21
C ALA F 507 36.06 -22.41 -22.73
N MET F 508 35.02 -21.68 -23.17
CA MET F 508 35.20 -20.33 -23.68
C MET F 508 35.35 -19.37 -22.51
N GLU F 509 36.55 -18.83 -22.33
CA GLU F 509 36.82 -17.85 -21.30
C GLU F 509 36.69 -16.43 -21.85
N LEU F 510 36.68 -15.47 -20.94
CA LEU F 510 36.56 -14.06 -21.31
C LEU F 510 37.22 -13.23 -20.23
N PRO F 511 37.55 -11.98 -20.53
CA PRO F 511 38.15 -11.11 -19.52
C PRO F 511 37.09 -10.42 -18.66
N ALA F 512 37.54 -9.57 -17.74
CA ALA F 512 36.64 -8.79 -16.91
C ALA F 512 37.40 -7.55 -16.45
N PHE F 513 36.98 -6.39 -16.93
CA PHE F 513 37.71 -5.16 -16.68
C PHE F 513 37.40 -4.59 -15.31
N THR F 514 36.10 -4.48 -14.99
CA THR F 514 35.70 -3.84 -13.73
C THR F 514 36.36 -4.51 -12.53
N THR F 515 36.49 -5.84 -12.55
CA THR F 515 37.09 -6.53 -11.42
C THR F 515 38.61 -6.39 -11.41
N ALA F 516 39.23 -6.39 -12.58
CA ALA F 516 40.69 -6.31 -12.72
C ALA F 516 41.02 -5.15 -13.66
N GLY F 517 41.13 -3.95 -13.10
CA GLY F 517 41.56 -2.80 -13.87
C GLY F 517 43.05 -2.57 -13.75
N VAL F 518 43.85 -3.44 -14.36
CA VAL F 518 45.30 -3.37 -14.17
C VAL F 518 45.83 -2.04 -14.70
N ASN F 519 45.48 -1.69 -15.92
CA ASN F 519 45.84 -0.45 -16.57
C ASN F 519 45.01 -0.31 -17.84
N GLU F 520 44.90 0.93 -18.31
CA GLU F 520 44.24 1.17 -19.58
C GLU F 520 44.97 0.48 -20.72
N GLY F 521 46.30 0.62 -20.75
CA GLY F 521 47.08 0.11 -21.86
C GLY F 521 47.06 -1.40 -22.00
N VAL F 522 47.17 -2.12 -20.88
CA VAL F 522 47.38 -3.56 -20.92
C VAL F 522 46.13 -4.42 -20.98
N ASP F 523 44.94 -3.84 -20.84
CA ASP F 523 43.76 -4.69 -20.72
C ASP F 523 43.27 -5.16 -22.07
N PHE F 524 43.37 -4.31 -23.09
CA PHE F 524 42.92 -4.69 -24.42
C PHE F 524 43.88 -5.68 -25.05
N THR F 525 45.18 -5.45 -24.93
CA THR F 525 46.14 -6.40 -25.48
C THR F 525 45.99 -7.75 -24.82
N ALA F 526 45.78 -7.77 -23.50
CA ALA F 526 45.56 -9.02 -22.80
C ALA F 526 44.31 -9.72 -23.30
N ALA F 527 43.24 -8.96 -23.55
CA ALA F 527 42.02 -9.58 -24.05
C ALA F 527 42.22 -10.15 -25.44
N MET F 528 42.98 -9.44 -26.29
CA MET F 528 43.28 -9.97 -27.61
C MET F 528 44.06 -11.27 -27.52
N SER F 529 45.06 -11.32 -26.64
CA SER F 529 45.82 -12.54 -26.47
C SER F 529 44.93 -13.67 -25.99
N ILE F 530 44.00 -13.36 -25.09
CA ILE F 530 43.09 -14.37 -24.56
C ILE F 530 42.23 -14.94 -25.69
N ILE F 531 41.68 -14.06 -26.52
CA ILE F 531 40.85 -14.51 -27.63
C ILE F 531 41.65 -15.36 -28.59
N LYS F 532 42.89 -14.95 -28.86
CA LYS F 532 43.75 -15.75 -29.73
C LYS F 532 43.93 -17.15 -29.15
N THR F 533 44.24 -17.22 -27.86
CA THR F 533 44.39 -18.52 -27.21
C THR F 533 43.13 -19.36 -27.39
N ASN F 534 41.98 -18.79 -27.03
CA ASN F 534 40.73 -19.54 -27.14
C ASN F 534 40.52 -20.05 -28.57
N MET F 535 40.91 -19.25 -29.56
CA MET F 535 40.83 -19.72 -30.94
C MET F 535 41.75 -20.91 -31.16
N ILE F 536 42.94 -20.87 -30.57
CA ILE F 536 43.87 -21.99 -30.73
C ILE F 536 43.23 -23.28 -30.23
N ASN F 537 42.60 -23.22 -29.06
CA ASN F 537 41.97 -24.38 -28.48
C ASN F 537 40.69 -24.75 -29.18
N ASN F 538 40.34 -24.08 -30.27
CA ASN F 538 39.18 -24.38 -31.09
C ASN F 538 37.86 -24.10 -30.39
N SER F 539 37.90 -23.51 -29.19
CA SER F 539 36.68 -23.08 -28.53
C SER F 539 36.07 -21.85 -29.16
N LEU F 540 36.71 -21.27 -30.17
CA LEU F 540 36.20 -20.08 -30.83
C LEU F 540 36.47 -20.15 -32.31
N SER F 541 35.58 -19.51 -33.08
CA SER F 541 35.68 -19.48 -34.53
C SER F 541 35.80 -18.05 -35.00
N PRO F 542 36.19 -17.83 -36.25
CA PRO F 542 36.47 -16.47 -36.73
C PRO F 542 35.36 -15.47 -36.45
N SER F 543 34.14 -15.77 -36.89
CA SER F 543 33.03 -14.85 -36.67
C SER F 543 32.77 -14.66 -35.18
N THR F 544 32.81 -15.75 -34.43
CA THR F 544 32.62 -15.65 -32.99
C THR F 544 33.70 -14.77 -32.37
N ALA F 545 34.95 -14.94 -32.82
CA ALA F 545 36.04 -14.14 -32.30
C ALA F 545 35.84 -12.67 -32.61
N LEU F 546 35.38 -12.37 -33.83
CA LEU F 546 35.17 -10.98 -34.21
C LEU F 546 34.08 -10.34 -33.37
N MET F 547 32.98 -11.08 -33.15
CA MET F 547 31.92 -10.56 -32.30
C MET F 547 32.43 -10.32 -30.89
N ALA F 548 33.18 -11.28 -30.33
CA ALA F 548 33.72 -11.11 -28.99
C ALA F 548 34.65 -9.90 -28.92
N LEU F 549 35.42 -9.66 -29.98
CA LEU F 549 36.30 -8.51 -29.99
C LEU F 549 35.51 -7.21 -29.97
N ARG F 550 34.50 -7.11 -30.85
CA ARG F 550 33.69 -5.90 -30.89
C ARG F 550 32.91 -5.71 -29.59
N ILE F 551 32.70 -6.78 -28.83
CA ILE F 551 32.04 -6.65 -27.53
C ILE F 551 33.03 -6.17 -26.46
N CYS F 552 34.21 -6.78 -26.43
CA CYS F 552 35.21 -6.39 -25.43
C CYS F 552 35.66 -4.96 -25.64
N LEU F 553 35.71 -4.50 -26.89
CA LEU F 553 36.05 -3.10 -27.14
C LEU F 553 35.06 -2.18 -26.46
N GLN F 554 33.77 -2.46 -26.60
CA GLN F 554 32.75 -1.63 -25.99
C GLN F 554 32.81 -1.73 -24.47
N GLU F 555 33.06 -2.92 -23.95
CA GLU F 555 33.22 -3.08 -22.51
C GLU F 555 34.36 -2.22 -21.99
N PHE F 556 35.50 -2.27 -22.67
CA PHE F 556 36.66 -1.45 -22.31
C PHE F 556 36.30 0.03 -22.29
N ARG F 557 35.75 0.52 -23.40
CA ARG F 557 35.37 1.92 -23.50
C ARG F 557 34.47 2.32 -22.34
N ALA F 558 33.40 1.55 -22.11
CA ALA F 558 32.48 1.89 -21.04
C ALA F 558 33.16 1.83 -19.68
N THR F 559 34.12 0.93 -19.52
CA THR F 559 34.86 0.85 -18.26
C THR F 559 35.61 2.14 -17.99
N TYR F 560 36.52 2.50 -18.89
CA TYR F 560 37.31 3.70 -18.71
C TYR F 560 36.58 4.97 -19.14
N ARG F 561 35.30 4.87 -19.48
CA ARG F 561 34.47 6.03 -19.79
C ARG F 561 35.08 6.84 -20.93
N VAL F 562 35.29 6.16 -22.05
CA VAL F 562 35.88 6.77 -23.23
C VAL F 562 35.05 6.40 -24.44
N HIS F 563 35.02 7.30 -25.42
CA HIS F 563 34.28 7.07 -26.64
C HIS F 563 35.05 7.63 -27.82
N PRO F 564 34.66 7.32 -29.04
CA PRO F 564 35.33 7.92 -30.21
C PRO F 564 35.03 9.40 -30.34
N TRP F 565 35.54 10.01 -31.40
CA TRP F 565 35.29 11.43 -31.64
C TRP F 565 34.04 11.67 -32.47
N ASP F 566 33.75 10.79 -33.43
CA ASP F 566 32.52 10.92 -34.21
C ASP F 566 31.31 10.98 -33.31
N SER F 567 31.35 10.31 -32.17
CA SER F 567 30.20 10.26 -31.28
C SER F 567 29.98 11.61 -30.62
N ARG F 568 28.72 11.92 -30.35
CA ARG F 568 28.34 13.17 -29.72
C ARG F 568 28.13 12.99 -28.22
N VAL F 569 29.21 12.65 -27.55
CA VAL F 569 29.21 12.44 -26.12
C VAL F 569 29.67 13.71 -25.43
N LYS F 570 29.35 13.82 -24.13
CA LYS F 570 29.64 15.01 -23.36
C LYS F 570 30.38 14.69 -22.06
N GLY F 571 31.11 13.57 -22.00
CA GLY F 571 31.76 13.11 -20.74
C GLY F 571 32.93 13.97 -20.33
N GLY F 572 33.45 13.79 -19.11
CA GLY F 572 34.56 14.60 -18.58
C GLY F 572 35.83 14.46 -19.42
N ARG F 573 36.31 13.25 -19.72
CA ARG F 573 37.48 13.10 -20.62
C ARG F 573 37.05 13.61 -21.99
N MET F 574 35.82 13.28 -22.37
CA MET F 574 35.31 13.62 -23.72
C MET F 574 35.29 15.12 -23.95
N LYS F 575 34.98 15.99 -22.98
CA LYS F 575 34.93 17.43 -23.32
C LYS F 575 36.30 17.84 -23.87
N ILE F 576 37.38 17.53 -23.15
CA ILE F 576 38.74 17.96 -23.58
C ILE F 576 39.11 17.22 -24.86
N ILE F 577 38.77 15.93 -24.99
CA ILE F 577 39.15 15.14 -26.19
C ILE F 577 38.46 15.77 -27.42
N ASN F 578 37.19 16.15 -27.35
CA ASN F 578 36.42 16.77 -28.47
C ASN F 578 37.02 18.13 -28.79
N GLU F 579 37.43 18.89 -27.77
CA GLU F 579 38.09 20.21 -27.97
C GLU F 579 39.43 20.03 -28.71
N PHE F 580 40.24 18.98 -28.42
CA PHE F 580 41.59 18.80 -29.00
C PHE F 580 41.64 17.89 -30.25
N ILE F 581 40.50 17.51 -30.83
CA ILE F 581 40.39 16.62 -32.02
C ILE F 581 40.74 17.36 -33.32
N LYS F 582 40.42 18.65 -33.46
CA LYS F 582 40.61 19.43 -34.73
C LYS F 582 42.08 19.67 -35.11
N THR F 583 43.04 19.45 -34.21
CA THR F 583 44.46 19.70 -34.43
C THR F 583 45.18 18.51 -35.05
N ILE F 584 44.48 17.44 -35.40
CA ILE F 584 45.10 16.23 -35.94
C ILE F 584 44.30 15.74 -37.13
N GLU F 585 44.97 15.02 -38.02
CA GLU F 585 44.36 14.42 -39.19
C GLU F 585 44.40 12.90 -39.16
N ASN F 586 45.43 12.29 -38.55
CA ASN F 586 45.58 10.84 -38.51
C ASN F 586 44.63 10.25 -37.46
N LYS F 587 43.34 10.45 -37.68
CA LYS F 587 42.35 9.89 -36.77
C LYS F 587 42.51 8.38 -36.62
N ASP F 588 42.91 7.71 -37.70
CA ASP F 588 43.16 6.27 -37.62
C ASP F 588 44.23 5.96 -36.60
N GLY F 589 45.28 6.78 -36.53
CA GLY F 589 46.35 6.54 -35.59
C GLY F 589 46.00 6.82 -34.16
N LEU F 590 44.88 7.50 -33.92
CA LEU F 590 44.49 7.82 -32.56
C LEU F 590 44.34 6.56 -31.74
N LEU F 591 44.49 6.70 -30.43
CA LEU F 591 44.36 5.58 -29.52
C LEU F 591 42.91 5.40 -29.11
N ILE F 592 42.54 4.15 -28.82
CA ILE F 592 41.20 3.88 -28.34
C ILE F 592 40.93 4.69 -27.08
N ALA F 593 41.93 4.76 -26.19
CA ALA F 593 41.78 5.54 -24.98
C ALA F 593 41.59 7.02 -25.28
N ASP F 594 41.93 7.46 -26.49
CA ASP F 594 41.78 8.86 -26.90
C ASP F 594 41.01 8.90 -28.21
N GLY F 595 39.68 8.85 -28.10
CA GLY F 595 38.80 8.96 -29.25
C GLY F 595 39.27 8.22 -30.48
N GLY F 596 39.90 7.06 -30.30
CA GLY F 596 40.42 6.31 -31.42
C GLY F 596 39.42 5.33 -32.00
N LYS F 597 39.87 4.64 -33.04
CA LYS F 597 39.10 3.61 -33.71
C LYS F 597 39.96 2.37 -33.88
N LEU F 598 39.29 1.24 -34.06
CA LEU F 598 39.99 -0.03 -34.17
C LEU F 598 40.64 -0.19 -35.54
N MET F 599 41.80 -0.84 -35.54
CA MET F 599 42.47 -1.25 -36.76
C MET F 599 42.95 -2.69 -36.72
N ASN F 600 43.02 -3.31 -35.55
CA ASN F 600 43.43 -4.69 -35.45
C ASN F 600 42.31 -5.62 -35.93
N ASN F 601 42.71 -6.84 -36.27
CA ASN F 601 41.77 -7.86 -36.70
C ASN F 601 42.33 -9.22 -36.32
N ILE F 602 41.77 -10.28 -36.90
CA ILE F 602 42.16 -11.64 -36.55
C ILE F 602 43.65 -11.82 -36.74
N SER F 603 44.17 -11.42 -37.90
CA SER F 603 45.58 -11.60 -38.22
C SER F 603 46.48 -10.57 -37.56
N THR F 604 45.95 -9.75 -36.65
CA THR F 604 46.71 -8.69 -36.03
C THR F 604 46.41 -8.61 -34.54
N LEU F 605 46.35 -9.77 -33.88
CA LEU F 605 46.07 -9.81 -32.45
C LEU F 605 47.36 -9.75 -31.63
N HIS F 606 48.29 -10.65 -31.91
CA HIS F 606 49.62 -10.57 -31.32
C HIS F 606 50.23 -9.18 -31.46
N ILE F 607 49.77 -8.40 -32.43
CA ILE F 607 50.29 -7.05 -32.66
C ILE F 607 49.43 -6.07 -31.86
N PRO F 608 49.98 -5.38 -30.88
CA PRO F 608 49.21 -4.32 -30.21
C PRO F 608 48.85 -3.20 -31.15
N GLU F 609 47.73 -2.55 -30.86
CA GLU F 609 47.29 -1.41 -31.67
C GLU F 609 48.38 -0.34 -31.76
N GLU F 610 49.15 -0.16 -30.69
CA GLU F 610 50.21 0.84 -30.70
C GLU F 610 51.21 0.56 -31.80
N VAL F 611 51.80 -0.64 -31.79
CA VAL F 611 52.72 -1.04 -32.84
C VAL F 611 52.08 -0.91 -34.21
N LEU F 612 50.76 -1.01 -34.27
CA LEU F 612 50.06 -0.95 -35.55
C LEU F 612 49.78 0.47 -36.00
N LYS F 613 49.88 1.45 -35.09
CA LYS F 613 49.60 2.84 -35.42
C LYS F 613 50.82 3.75 -35.28
N PHE F 614 51.99 3.20 -34.92
CA PHE F 614 53.15 4.03 -34.68
C PHE F 614 53.45 4.91 -35.88
N GLU F 615 53.75 4.28 -37.02
CA GLU F 615 54.07 5.02 -38.23
C GLU F 615 52.91 5.88 -38.72
N LYS F 616 51.71 5.71 -38.15
CA LYS F 616 50.53 6.44 -38.61
C LYS F 616 50.16 7.60 -37.71
N MET F 617 50.44 7.51 -36.42
CA MET F 617 50.14 8.61 -35.51
C MET F 617 50.88 9.87 -35.96
N ASP F 618 50.15 10.98 -36.00
CA ASP F 618 50.78 12.25 -36.27
C ASP F 618 51.98 12.42 -35.34
N GLU F 619 53.14 12.72 -35.92
CA GLU F 619 54.37 12.73 -35.14
C GLU F 619 54.20 13.52 -33.86
N GLN F 620 53.45 14.61 -33.90
CA GLN F 620 53.22 15.41 -32.70
C GLN F 620 52.64 14.57 -31.59
N TYR F 621 51.45 14.00 -31.84
CA TYR F 621 50.82 13.15 -30.83
C TYR F 621 51.71 11.99 -30.44
N ARG F 622 52.41 11.41 -31.42
CA ARG F 622 53.30 10.29 -31.13
C ARG F 622 54.31 10.67 -30.07
N ASN F 623 55.15 11.66 -30.35
CA ASN F 623 56.16 12.06 -29.37
C ASN F 623 55.52 12.56 -28.09
N ARG F 624 54.31 13.11 -28.16
CA ARG F 624 53.65 13.57 -26.94
C ARG F 624 53.20 12.42 -26.07
N VAL F 625 53.02 11.24 -26.65
CA VAL F 625 52.68 10.05 -25.88
C VAL F 625 53.92 9.34 -25.38
N PHE F 626 54.85 9.05 -26.28
CA PHE F 626 56.06 8.33 -25.91
C PHE F 626 57.11 9.28 -25.37
N ASN F 627 56.74 10.09 -24.38
CA ASN F 627 57.67 11.03 -23.75
C ASN F 627 58.05 10.49 -22.38
N PRO F 628 59.16 9.74 -22.26
CA PRO F 628 59.58 9.24 -20.95
C PRO F 628 59.77 10.32 -19.91
N LYS F 629 59.83 11.59 -20.32
CA LYS F 629 59.88 12.70 -19.36
C LYS F 629 58.48 13.16 -18.98
N ASN F 630 57.66 12.19 -18.58
CA ASN F 630 56.30 12.42 -18.14
C ASN F 630 56.16 12.06 -16.66
N PRO F 631 55.14 12.57 -15.98
CA PRO F 631 54.97 12.26 -14.54
C PRO F 631 54.66 10.81 -14.25
N PHE F 632 54.56 9.95 -15.27
CA PHE F 632 54.27 8.54 -15.07
C PHE F 632 55.44 7.66 -15.53
N ALA F 655 54.30 -5.63 -23.43
CA ALA F 655 53.36 -4.55 -23.72
C ALA F 655 54.10 -3.23 -23.86
N VAL F 656 53.68 -2.43 -24.83
CA VAL F 656 54.38 -1.19 -25.13
C VAL F 656 54.10 -0.19 -24.00
N VAL F 657 55.17 0.27 -23.36
CA VAL F 657 55.02 1.16 -22.22
C VAL F 657 54.54 2.51 -22.72
N SER F 658 53.30 2.83 -22.43
CA SER F 658 52.65 4.06 -22.90
C SER F 658 52.69 5.12 -21.82
N THR F 659 52.24 6.32 -22.19
CA THR F 659 51.84 7.33 -21.21
C THR F 659 50.39 7.14 -20.82
N HIS F 660 49.94 5.89 -20.77
CA HIS F 660 48.60 5.51 -20.32
C HIS F 660 48.82 4.42 -19.28
N SER F 661 49.03 4.84 -18.04
CA SER F 661 49.11 3.94 -16.91
C SER F 661 48.38 4.56 -15.72
N PHE F 662 47.89 3.70 -14.84
CA PHE F 662 47.08 4.10 -13.68
C PHE F 662 47.73 3.49 -12.43
N ARG F 663 48.83 4.11 -12.02
CA ARG F 663 49.60 3.67 -10.86
C ARG F 663 48.75 3.68 -9.60
N LYS G 58 38.16 10.03 -7.47
CA LYS G 58 38.21 11.33 -8.14
C LYS G 58 39.59 11.56 -8.76
N PHE G 59 40.63 11.41 -7.95
CA PHE G 59 42.02 11.55 -8.42
C PHE G 59 42.83 10.32 -8.02
N PRO G 60 42.32 9.12 -8.30
CA PRO G 60 43.04 7.92 -7.86
C PRO G 60 44.42 7.82 -8.46
N ILE G 61 44.58 8.26 -9.71
CA ILE G 61 45.84 8.10 -10.41
C ILE G 61 46.89 8.97 -9.77
N ILE G 62 48.06 8.39 -9.49
CA ILE G 62 49.14 9.10 -8.85
C ILE G 62 49.97 9.75 -9.95
N ALA G 63 50.85 10.67 -9.59
CA ALA G 63 51.72 11.30 -10.57
C ALA G 63 52.95 11.82 -9.86
N ASN G 64 53.79 12.52 -10.62
CA ASN G 64 54.92 13.24 -10.07
C ASN G 64 54.60 14.73 -10.04
N LYS G 65 55.40 15.47 -9.29
CA LYS G 65 55.13 16.89 -9.05
C LYS G 65 55.97 17.78 -9.95
N ARG G 66 57.29 17.67 -9.86
CA ARG G 66 58.15 18.44 -10.75
C ARG G 66 57.85 18.13 -12.21
N MET G 67 57.60 16.85 -12.51
CA MET G 67 57.22 16.48 -13.87
C MET G 67 55.96 17.20 -14.32
N LEU G 68 55.09 17.55 -13.37
CA LEU G 68 53.86 18.25 -13.71
C LEU G 68 54.10 19.73 -13.95
N GLU G 69 54.79 20.39 -13.02
CA GLU G 69 55.01 21.83 -13.15
C GLU G 69 55.91 22.14 -14.34
N GLU G 70 56.97 21.35 -14.55
CA GLU G 70 57.85 21.58 -15.67
C GLU G 70 57.08 21.54 -16.99
N ALA G 71 55.95 20.84 -17.02
CA ALA G 71 55.10 20.80 -18.20
C ALA G 71 54.01 21.86 -18.17
N GLN G 72 53.84 22.55 -17.05
CA GLN G 72 52.87 23.64 -16.94
C GLN G 72 51.46 23.14 -17.25
N ILE G 73 51.00 22.21 -16.41
CA ILE G 73 49.67 21.62 -16.59
C ILE G 73 48.70 22.29 -15.65
N PRO G 74 47.85 23.21 -16.13
CA PRO G 74 46.92 23.89 -15.23
C PRO G 74 45.72 23.03 -14.91
N LYS G 75 45.32 23.06 -13.64
CA LYS G 75 44.13 22.36 -13.21
C LYS G 75 42.89 23.15 -13.61
N GLU G 76 41.78 22.43 -13.78
CA GLU G 76 40.52 23.03 -14.21
C GLU G 76 40.72 23.86 -15.46
N HIS G 77 41.51 23.33 -16.39
CA HIS G 77 41.69 23.99 -17.69
C HIS G 77 40.35 24.46 -18.24
N ASN G 78 39.39 23.55 -18.32
CA ASN G 78 38.02 23.86 -18.72
C ASN G 78 37.04 23.18 -17.78
N ASN G 79 37.26 23.38 -16.48
CA ASN G 79 36.49 22.77 -15.39
C ASN G 79 36.88 21.32 -15.16
N VAL G 80 38.05 20.91 -15.65
CA VAL G 80 38.57 19.56 -15.44
C VAL G 80 39.77 19.66 -14.52
N ALA G 81 39.63 19.12 -13.32
CA ALA G 81 40.65 19.30 -12.29
C ALA G 81 42.01 18.81 -12.76
N LEU G 82 42.11 17.53 -13.07
CA LEU G 82 43.31 16.83 -13.54
C LEU G 82 44.28 16.54 -12.40
N TRP G 83 44.07 17.09 -11.21
CA TRP G 83 44.87 16.79 -10.01
C TRP G 83 44.63 17.87 -8.95
N VAL G 95 51.86 12.64 -5.28
CA VAL G 95 50.73 13.46 -5.67
C VAL G 95 49.75 12.63 -6.47
N LEU G 96 48.54 13.15 -6.65
CA LEU G 96 47.47 12.47 -7.35
C LEU G 96 47.12 13.20 -8.64
N ALA G 97 46.20 12.60 -9.38
CA ALA G 97 45.73 13.18 -10.63
C ALA G 97 44.59 12.32 -11.17
N SER G 98 43.85 12.89 -12.11
CA SER G 98 42.76 12.20 -12.78
C SER G 98 43.33 11.45 -14.00
N ALA G 99 42.43 10.94 -14.85
CA ALA G 99 42.82 10.31 -16.09
C ALA G 99 42.83 11.30 -17.25
N SER G 100 41.87 12.23 -17.27
CA SER G 100 41.84 13.25 -18.32
C SER G 100 43.17 13.98 -18.42
N CYS G 101 43.92 14.03 -17.31
CA CYS G 101 45.24 14.64 -17.35
C CYS G 101 46.09 14.02 -18.43
N ILE G 102 45.92 12.71 -18.68
CA ILE G 102 46.70 12.05 -19.72
C ILE G 102 46.32 12.58 -21.08
N ASN G 103 45.02 12.82 -21.31
CA ASN G 103 44.60 13.41 -22.57
C ASN G 103 45.15 14.81 -22.74
N TYR G 104 45.08 15.62 -21.68
CA TYR G 104 45.63 16.97 -21.76
C TYR G 104 47.13 16.95 -21.98
N TRP G 105 47.80 15.90 -21.51
CA TRP G 105 49.25 15.80 -21.66
C TRP G 105 49.63 15.36 -23.07
N ASN G 106 48.87 14.43 -23.64
CA ASN G 106 49.17 13.91 -24.96
C ASN G 106 48.60 14.78 -26.09
N PHE G 107 47.71 15.70 -25.79
CA PHE G 107 47.18 16.62 -26.79
C PHE G 107 47.88 17.98 -26.77
N CYS G 108 48.36 18.41 -25.61
CA CYS G 108 49.07 19.69 -25.51
C CYS G 108 50.13 19.52 -24.42
N GLY G 109 51.35 19.19 -24.85
CA GLY G 109 52.43 18.95 -23.93
C GLY G 109 53.79 18.91 -24.62
N PRO G 110 54.81 18.47 -23.89
CA PRO G 110 56.16 18.46 -24.46
C PRO G 110 56.30 17.50 -25.62
N CYS G 111 57.28 17.77 -26.47
CA CYS G 111 57.56 16.98 -27.66
C CYS G 111 58.99 16.44 -27.60
N VAL G 112 59.12 15.14 -27.79
CA VAL G 112 60.41 14.45 -27.79
C VAL G 112 60.61 13.82 -29.17
N ASN G 113 61.81 13.29 -29.40
CA ASN G 113 62.08 12.43 -30.55
C ASN G 113 62.79 11.18 -30.04
N ASN G 114 62.01 10.17 -29.67
CA ASN G 114 62.53 8.91 -29.18
C ASN G 114 62.04 7.72 -29.98
N SER G 115 61.54 7.96 -31.20
CA SER G 115 60.94 6.89 -31.99
C SER G 115 61.94 5.77 -32.22
N GLU G 116 63.18 6.12 -32.58
CA GLU G 116 64.18 5.11 -32.88
C GLU G 116 64.44 4.23 -31.66
N VAL G 117 64.55 4.85 -30.49
CA VAL G 117 64.80 4.09 -29.27
C VAL G 117 63.66 3.12 -29.02
N ILE G 118 62.43 3.59 -29.18
CA ILE G 118 61.26 2.74 -28.94
C ILE G 118 61.31 1.55 -29.88
N LYS G 119 61.59 1.81 -31.17
CA LYS G 119 61.62 0.74 -32.15
C LYS G 119 62.70 -0.28 -31.79
N GLU G 120 63.88 0.22 -31.44
CA GLU G 120 64.98 -0.69 -31.12
C GLU G 120 64.60 -1.57 -29.94
N VAL G 121 64.07 -0.95 -28.88
CA VAL G 121 63.72 -1.71 -27.69
C VAL G 121 62.63 -2.74 -28.01
N TYR G 122 61.60 -2.33 -28.75
CA TYR G 122 60.49 -3.23 -29.09
C TYR G 122 60.69 -3.87 -30.46
N LYS G 123 61.95 -4.18 -30.77
CA LYS G 123 62.31 -4.74 -32.06
C LYS G 123 61.56 -6.04 -32.32
N SER G 124 61.39 -6.89 -31.31
CA SER G 124 60.73 -8.16 -31.55
C SER G 124 59.30 -7.94 -32.04
N ARG G 125 58.57 -7.04 -31.37
CA ARG G 125 57.20 -6.77 -31.77
C ARG G 125 57.14 -6.11 -33.13
N PHE G 126 58.08 -5.20 -33.41
CA PHE G 126 57.98 -4.51 -34.68
C PHE G 126 58.46 -5.38 -35.83
N GLY G 127 59.28 -6.38 -35.54
CA GLY G 127 59.70 -7.35 -36.53
C GLY G 127 58.57 -8.31 -36.81
N ARG G 128 57.81 -8.65 -35.77
CA ARG G 128 56.61 -9.45 -35.99
C ARG G 128 55.62 -8.70 -36.87
N LEU G 129 55.42 -7.42 -36.60
CA LEU G 129 54.56 -6.60 -37.44
C LEU G 129 55.08 -6.58 -38.88
N GLU G 130 56.39 -6.40 -39.06
CA GLU G 130 56.95 -6.40 -40.40
C GLU G 130 56.66 -7.71 -41.10
N ARG G 131 57.02 -8.84 -40.48
CA ARG G 131 56.71 -10.14 -41.05
C ARG G 131 55.25 -10.21 -41.46
N ARG G 132 54.34 -9.84 -40.57
CA ARG G 132 52.92 -9.85 -40.91
C ARG G 132 52.66 -9.06 -42.19
N LYS G 133 53.24 -7.86 -42.28
CA LYS G 133 53.08 -7.05 -43.47
C LYS G 133 53.74 -7.69 -44.69
N GLU G 134 54.61 -8.68 -44.47
CA GLU G 134 55.33 -9.36 -45.54
C GLU G 134 54.61 -10.60 -46.05
N ILE G 135 53.28 -10.62 -45.97
CA ILE G 135 52.48 -11.77 -46.34
C ILE G 135 51.76 -11.50 -47.64
N MET G 136 51.52 -12.56 -48.40
CA MET G 136 50.69 -12.52 -49.59
C MET G 136 49.48 -13.41 -49.33
N TRP G 137 48.38 -12.80 -48.90
CA TRP G 137 47.21 -13.56 -48.52
C TRP G 137 46.64 -14.32 -49.70
N LYS G 138 46.26 -15.57 -49.47
CA LYS G 138 45.67 -16.41 -50.49
C LYS G 138 44.24 -16.75 -50.10
N GLU G 139 43.61 -17.62 -50.88
CA GLU G 139 42.25 -18.02 -50.64
C GLU G 139 42.17 -18.98 -49.45
N LEU G 140 40.93 -19.32 -49.07
CA LEU G 140 40.67 -20.28 -48.02
C LEU G 140 39.70 -21.34 -48.52
N ARG G 141 39.61 -22.44 -47.78
CA ARG G 141 38.80 -23.56 -48.19
C ARG G 141 38.34 -24.34 -46.97
N PHE G 142 37.07 -24.74 -46.98
CA PHE G 142 36.53 -25.58 -45.93
C PHE G 142 36.86 -27.03 -46.22
N THR G 143 37.41 -27.73 -45.24
CA THR G 143 37.81 -29.13 -45.40
C THR G 143 38.10 -29.70 -44.03
N LEU G 144 38.66 -30.91 -44.00
CA LEU G 144 38.94 -31.61 -42.76
C LEU G 144 40.30 -32.29 -42.87
N VAL G 145 40.58 -33.19 -41.93
CA VAL G 145 41.84 -33.93 -41.91
C VAL G 145 41.57 -35.26 -42.61
N ASP G 146 41.82 -35.28 -43.91
CA ASP G 146 41.67 -36.50 -44.69
C ASP G 146 40.25 -37.04 -44.60
N PRO G 233 57.72 -22.14 -36.73
CA PRO G 233 57.81 -21.07 -35.73
C PRO G 233 57.19 -19.76 -36.20
N GLU G 234 57.75 -19.20 -37.27
CA GLU G 234 57.18 -17.98 -37.84
C GLU G 234 55.71 -18.15 -38.15
N ARG G 235 55.29 -19.37 -38.51
CA ARG G 235 53.88 -19.65 -38.73
C ARG G 235 53.15 -19.98 -37.43
N MET G 236 53.86 -20.53 -36.45
CA MET G 236 53.25 -20.80 -35.15
C MET G 236 52.76 -19.52 -34.50
N GLU G 237 53.41 -18.39 -34.79
CA GLU G 237 52.92 -17.11 -34.30
C GLU G 237 51.54 -16.75 -34.87
N LEU G 238 51.13 -17.43 -35.94
CA LEU G 238 49.88 -17.12 -36.62
C LEU G 238 49.03 -18.35 -36.90
N ILE G 239 49.49 -19.55 -36.53
CA ILE G 239 48.75 -20.77 -36.79
C ILE G 239 47.29 -20.62 -36.37
N HIS G 240 47.03 -19.81 -35.35
CA HIS G 240 45.66 -19.59 -34.92
C HIS G 240 44.81 -19.06 -36.07
N ALA G 241 45.38 -18.18 -36.89
CA ALA G 241 44.67 -17.55 -37.99
C ALA G 241 44.97 -18.18 -39.34
N LEU G 242 45.83 -19.20 -39.38
CA LEU G 242 46.19 -19.83 -40.65
C LEU G 242 45.29 -21.00 -40.98
N GLY G 243 45.14 -21.94 -40.05
CA GLY G 243 44.33 -23.11 -40.29
C GLY G 243 43.72 -23.68 -39.03
N GLY G 244 42.41 -23.86 -39.03
CA GLY G 244 41.73 -24.48 -37.90
C GLY G 244 41.58 -25.97 -38.09
N GLU G 245 40.34 -26.44 -38.09
CA GLU G 245 40.04 -27.85 -38.33
C GLU G 245 39.00 -28.04 -39.41
N THR G 246 38.00 -27.16 -39.49
CA THR G 246 37.03 -27.19 -40.58
C THR G 246 37.44 -26.33 -41.75
N TRP G 247 38.29 -25.32 -41.52
CA TRP G 247 38.71 -24.40 -42.57
C TRP G 247 40.23 -24.31 -42.57
N ILE G 248 40.75 -23.67 -43.61
CA ILE G 248 42.19 -23.43 -43.72
C ILE G 248 42.45 -22.41 -44.81
N GLN G 249 43.49 -21.61 -44.63
CA GLN G 249 43.89 -20.59 -45.60
C GLN G 249 45.30 -20.91 -46.10
N GLU G 250 45.49 -20.87 -47.41
CA GLU G 250 46.75 -21.25 -48.03
C GLU G 250 47.72 -20.07 -48.14
N ALA G 251 47.58 -19.07 -47.28
CA ALA G 251 48.49 -17.93 -47.34
C ALA G 251 49.93 -18.43 -47.36
N ASN G 252 50.74 -17.81 -48.21
CA ASN G 252 52.12 -18.20 -48.40
C ASN G 252 53.05 -17.02 -48.15
N THR G 253 54.33 -17.33 -48.08
CA THR G 253 55.37 -16.37 -47.75
C THR G 253 56.30 -16.11 -48.92
N ALA G 254 56.91 -17.16 -49.48
CA ALA G 254 57.89 -16.99 -50.54
C ALA G 254 57.67 -17.93 -51.72
N GLY G 255 57.05 -19.08 -51.46
CA GLY G 255 56.90 -20.08 -52.52
C GLY G 255 55.73 -19.76 -53.44
N ILE G 256 55.94 -20.02 -54.74
CA ILE G 256 54.93 -19.76 -55.76
C ILE G 256 55.00 -20.87 -56.79
N SER G 257 53.84 -21.46 -57.11
CA SER G 257 53.73 -22.43 -58.19
C SER G 257 52.26 -22.52 -58.56
N ASN G 258 51.92 -22.05 -59.75
CA ASN G 258 50.52 -21.90 -60.16
C ASN G 258 50.20 -22.98 -61.18
N VAL G 259 49.84 -24.17 -60.67
CA VAL G 259 49.44 -25.29 -61.51
C VAL G 259 48.10 -25.85 -61.03
N ASP G 260 48.01 -26.16 -59.73
CA ASP G 260 46.78 -26.76 -59.21
C ASP G 260 45.65 -25.75 -59.19
N GLN G 261 45.95 -24.48 -58.90
CA GLN G 261 44.95 -23.43 -59.05
C GLN G 261 44.50 -23.34 -60.50
N ARG G 262 45.44 -23.50 -61.42
CA ARG G 262 45.09 -23.52 -62.84
C ARG G 262 44.20 -24.71 -63.16
N LYS G 263 44.46 -25.85 -62.53
CA LYS G 263 43.59 -27.02 -62.71
C LYS G 263 42.18 -26.72 -62.22
N ASN G 264 42.07 -26.12 -61.03
CA ASN G 264 40.76 -25.76 -60.50
C ASN G 264 40.04 -24.80 -61.44
N ASP G 265 40.76 -23.78 -61.94
CA ASP G 265 40.14 -22.82 -62.85
C ASP G 265 39.63 -23.51 -64.11
N ILE G 266 40.46 -24.37 -64.71
CA ILE G 266 40.07 -24.99 -65.96
C ILE G 266 38.88 -25.92 -65.75
N ARG G 267 38.88 -26.67 -64.65
CA ARG G 267 37.76 -27.56 -64.40
C ARG G 267 36.48 -26.78 -64.11
N ALA G 268 36.61 -25.67 -63.38
CA ALA G 268 35.43 -24.85 -63.10
C ALA G 268 34.85 -24.28 -64.39
N VAL G 269 35.71 -23.75 -65.26
CA VAL G 269 35.22 -23.15 -66.49
C VAL G 269 34.67 -24.22 -67.42
N CYS G 270 35.25 -25.42 -67.41
CA CYS G 270 34.72 -26.51 -68.21
C CYS G 270 33.33 -26.88 -67.73
N ARG G 271 33.15 -27.01 -66.42
CA ARG G 271 31.82 -27.22 -65.86
C ARG G 271 30.87 -26.13 -66.32
N LYS G 272 31.31 -24.88 -66.20
CA LYS G 272 30.48 -23.75 -66.59
C LYS G 272 30.01 -23.89 -68.04
N VAL G 273 30.95 -24.08 -68.96
CA VAL G 273 30.61 -24.10 -70.37
C VAL G 273 29.72 -25.29 -70.69
N CYS G 274 30.09 -26.48 -70.19
CA CYS G 274 29.26 -27.66 -70.44
C CYS G 274 27.85 -27.46 -69.91
N LEU G 275 27.69 -26.71 -68.83
CA LEU G 275 26.34 -26.40 -68.35
C LEU G 275 25.65 -25.43 -69.29
N ALA G 276 26.37 -24.40 -69.73
CA ALA G 276 25.78 -23.40 -70.62
C ALA G 276 25.23 -24.07 -71.88
N ALA G 277 25.88 -25.12 -72.35
CA ALA G 277 25.41 -25.83 -73.54
C ALA G 277 24.11 -26.57 -73.28
N ASN G 278 23.63 -26.62 -72.04
CA ASN G 278 22.38 -27.30 -71.72
C ASN G 278 21.26 -26.26 -71.67
N ALA G 279 20.97 -25.73 -72.85
CA ALA G 279 19.90 -24.76 -73.03
C ALA G 279 19.05 -25.06 -74.25
N SER G 280 19.37 -26.10 -75.02
CA SER G 280 18.59 -26.48 -76.19
C SER G 280 18.43 -28.00 -76.17
N ILE G 281 17.95 -28.54 -77.28
CA ILE G 281 17.62 -29.96 -77.35
C ILE G 281 18.31 -30.59 -78.57
N MET G 282 18.79 -29.75 -79.47
CA MET G 282 19.35 -30.20 -80.74
C MET G 282 20.75 -29.70 -80.99
N ASN G 283 21.05 -28.45 -80.60
CA ASN G 283 22.33 -27.82 -80.88
C ASN G 283 23.32 -27.98 -79.74
N ALA G 284 23.22 -29.09 -78.98
CA ALA G 284 24.09 -29.28 -77.83
C ALA G 284 25.56 -29.22 -78.24
N LYS G 285 25.98 -30.17 -79.07
CA LYS G 285 27.39 -30.25 -79.45
C LYS G 285 27.84 -28.97 -80.14
N SER G 286 26.99 -28.40 -80.99
CA SER G 286 27.35 -27.21 -81.76
C SER G 286 27.60 -26.04 -80.83
N LYS G 287 26.62 -25.71 -80.00
CA LYS G 287 26.79 -24.61 -79.06
C LYS G 287 27.98 -24.84 -78.15
N LEU G 288 28.17 -26.09 -77.73
CA LEU G 288 29.32 -26.42 -76.89
C LEU G 288 30.62 -26.06 -77.59
N VAL G 289 30.86 -26.62 -78.76
CA VAL G 289 32.13 -26.42 -79.45
C VAL G 289 32.33 -24.95 -79.76
N GLU G 290 31.24 -24.25 -80.11
CA GLU G 290 31.38 -22.83 -80.43
C GLU G 290 31.74 -22.02 -79.20
N TYR G 291 31.15 -22.35 -78.05
CA TYR G 291 31.59 -21.76 -76.79
C TYR G 291 33.07 -21.99 -76.58
N ILE G 292 33.52 -23.23 -76.78
CA ILE G 292 34.94 -23.54 -76.60
C ILE G 292 35.79 -22.63 -77.48
N LYS G 293 35.48 -22.62 -78.78
CA LYS G 293 36.26 -21.81 -79.70
C LYS G 293 36.17 -20.33 -79.40
N SER G 294 35.11 -19.88 -78.75
CA SER G 294 34.96 -18.48 -78.37
C SER G 294 35.44 -18.17 -76.96
N THR G 295 36.13 -19.11 -76.30
CA THR G 295 36.60 -18.90 -74.93
C THR G 295 38.13 -19.01 -74.91
N SER G 296 38.79 -17.91 -74.61
CA SER G 296 40.23 -17.88 -74.42
C SER G 296 40.53 -17.46 -72.99
N MET G 297 41.76 -17.73 -72.56
CA MET G 297 42.14 -17.49 -71.19
C MET G 297 43.61 -17.07 -71.10
N ARG G 298 43.90 -16.23 -70.11
CA ARG G 298 45.27 -15.96 -69.70
C ARG G 298 45.71 -16.99 -68.68
N ILE G 299 45.67 -18.25 -69.12
CA ILE G 299 45.97 -19.37 -68.25
C ILE G 299 47.38 -19.23 -67.72
N GLY G 300 47.52 -19.23 -66.40
CA GLY G 300 48.81 -19.00 -65.78
C GLY G 300 49.40 -17.68 -66.20
N GLU G 301 50.43 -17.73 -67.05
CA GLU G 301 51.03 -16.53 -67.61
C GLU G 301 50.84 -16.43 -69.12
N THR G 302 50.43 -17.52 -69.78
CA THR G 302 50.29 -17.56 -71.23
C THR G 302 48.82 -17.38 -71.60
N GLU G 303 48.56 -16.48 -72.55
CA GLU G 303 47.21 -16.25 -73.07
C GLU G 303 46.90 -17.36 -74.08
N ARG G 304 46.44 -18.49 -73.55
CA ARG G 304 46.08 -19.64 -74.35
C ARG G 304 44.57 -19.73 -74.53
N LYS G 305 44.17 -20.60 -75.46
CA LYS G 305 42.77 -20.87 -75.74
C LYS G 305 42.34 -22.17 -75.07
N LEU G 306 41.03 -22.36 -74.98
CA LEU G 306 40.45 -23.51 -74.30
C LEU G 306 40.12 -24.64 -75.27
N GLU G 307 40.87 -24.75 -76.36
CA GLU G 307 40.71 -25.82 -77.33
C GLU G 307 41.87 -26.81 -77.33
N GLU G 308 42.91 -26.55 -76.53
CA GLU G 308 44.08 -27.42 -76.51
C GLU G 308 44.43 -27.82 -75.08
N LEU G 309 44.05 -26.96 -74.12
CA LEU G 309 44.33 -27.26 -72.72
C LEU G 309 43.58 -28.52 -72.29
N ILE G 310 42.33 -28.67 -72.74
CA ILE G 310 41.54 -29.82 -72.36
C ILE G 310 42.22 -31.12 -72.78
N LEU G 311 43.03 -31.06 -73.85
CA LEU G 311 43.70 -32.24 -74.35
C LEU G 311 45.09 -32.38 -73.75
N GLU G 312 45.86 -31.29 -73.75
CA GLU G 312 47.20 -31.31 -73.17
C GLU G 312 47.16 -31.73 -71.71
N THR G 313 46.08 -31.38 -71.00
CA THR G 313 45.98 -31.71 -69.58
C THR G 313 45.72 -33.20 -69.38
N ASP G 314 46.12 -33.70 -68.22
CA ASP G 314 45.88 -35.09 -67.81
C ASP G 314 45.31 -35.03 -66.39
N ASP G 315 43.99 -34.88 -66.30
CA ASP G 315 43.33 -34.83 -65.00
C ASP G 315 41.90 -35.33 -65.20
N VAL G 316 41.65 -36.59 -64.81
CA VAL G 316 40.34 -37.18 -64.98
C VAL G 316 39.29 -36.33 -64.28
N SER G 317 38.13 -36.22 -64.90
CA SER G 317 37.01 -35.50 -64.33
C SER G 317 35.79 -35.66 -65.22
N PRO G 318 34.58 -35.58 -64.68
CA PRO G 318 33.39 -35.69 -65.55
C PRO G 318 33.34 -34.61 -66.61
N GLU G 319 33.74 -33.39 -66.26
CA GLU G 319 33.61 -32.27 -67.18
C GLU G 319 34.70 -32.31 -68.24
N VAL G 320 35.94 -32.58 -67.82
CA VAL G 320 37.03 -32.72 -68.77
C VAL G 320 36.66 -33.73 -69.84
N THR G 321 36.20 -34.91 -69.41
CA THR G 321 35.84 -35.96 -70.36
C THR G 321 34.65 -35.55 -71.20
N LEU G 322 33.63 -34.99 -70.57
CA LEU G 322 32.41 -34.62 -71.30
C LEU G 322 32.69 -33.58 -72.37
N CYS G 323 33.69 -32.73 -72.15
CA CYS G 323 34.04 -31.70 -73.12
C CYS G 323 35.08 -32.16 -74.12
N LYS G 324 35.90 -33.15 -73.77
CA LYS G 324 36.94 -33.61 -74.67
C LYS G 324 36.46 -34.67 -75.64
N SER G 325 35.44 -35.45 -75.26
CA SER G 325 34.91 -36.44 -76.19
C SER G 325 34.48 -35.78 -77.49
N ALA G 326 33.88 -34.59 -77.40
CA ALA G 326 33.51 -33.86 -78.61
C ALA G 326 34.71 -33.51 -79.47
N LEU G 327 35.90 -33.46 -78.88
CA LEU G 327 37.12 -33.19 -79.63
C LEU G 327 37.79 -34.46 -80.12
N GLY G 328 37.10 -35.60 -80.04
CA GLY G 328 37.74 -36.86 -80.39
C GLY G 328 39.03 -37.09 -79.63
N GLY G 329 39.05 -36.72 -78.35
CA GLY G 329 40.25 -36.88 -77.55
C GLY G 329 40.35 -38.22 -76.87
N GLN G 330 41.56 -38.54 -76.43
CA GLN G 330 41.83 -39.81 -75.78
C GLN G 330 41.27 -39.85 -74.37
N LEU G 331 40.80 -41.02 -73.96
CA LEU G 331 40.29 -41.24 -72.62
C LEU G 331 41.21 -42.22 -71.88
N GLY G 332 40.87 -42.49 -70.63
CA GLY G 332 41.68 -43.37 -69.80
C GLY G 332 40.89 -44.50 -69.16
N LYS G 333 39.74 -44.83 -69.73
CA LYS G 333 38.86 -45.90 -69.27
C LYS G 333 38.24 -45.60 -67.92
N THR G 334 38.35 -44.37 -67.42
CA THR G 334 37.77 -44.01 -66.14
C THR G 334 36.29 -43.67 -66.29
N LEU G 335 35.58 -43.75 -65.18
CA LEU G 335 34.14 -43.51 -65.14
C LEU G 335 33.83 -42.43 -64.13
N SER G 336 32.56 -42.01 -64.11
CA SER G 336 32.12 -40.98 -63.17
C SER G 336 30.62 -41.16 -62.98
N PHE G 337 30.24 -41.80 -61.88
CA PHE G 337 28.85 -41.91 -61.46
C PHE G 337 28.64 -40.91 -60.34
N GLY G 338 28.20 -39.71 -60.70
CA GLY G 338 28.11 -38.63 -59.75
C GLY G 338 29.49 -38.14 -59.38
N PRO G 339 29.64 -37.61 -58.18
CA PRO G 339 30.99 -37.21 -57.73
C PRO G 339 31.90 -38.39 -57.49
N MET G 340 31.36 -39.60 -57.37
CA MET G 340 32.18 -40.76 -57.12
C MET G 340 32.94 -41.16 -58.38
N LEU G 341 34.05 -41.85 -58.18
CA LEU G 341 34.90 -42.33 -59.25
C LEU G 341 34.93 -43.85 -59.21
N LEU G 342 34.62 -44.48 -60.34
CA LEU G 342 34.53 -45.91 -60.44
C LEU G 342 35.51 -46.44 -61.47
N LYS G 343 35.62 -47.76 -61.53
CA LYS G 343 36.49 -48.43 -62.49
C LYS G 343 36.13 -49.89 -62.50
N LYS G 344 36.33 -50.52 -63.65
CA LYS G 344 36.03 -51.93 -63.81
C LYS G 344 37.28 -52.76 -63.57
N ILE G 345 37.07 -53.96 -63.02
CA ILE G 345 38.16 -54.87 -62.69
C ILE G 345 38.02 -56.19 -63.44
N SER G 346 36.81 -56.75 -63.47
CA SER G 346 36.57 -58.01 -64.16
C SER G 346 35.08 -58.17 -64.35
N GLY G 347 34.72 -59.12 -65.21
CA GLY G 347 33.32 -59.38 -65.50
C GLY G 347 32.79 -58.51 -66.60
N SER G 348 31.53 -58.76 -66.94
CA SER G 348 30.84 -58.02 -67.98
C SER G 348 29.39 -58.48 -68.01
N GLY G 349 28.55 -57.68 -68.64
CA GLY G 349 27.14 -58.01 -68.72
C GLY G 349 26.47 -57.24 -69.82
N VAL G 350 25.14 -57.23 -69.78
CA VAL G 350 24.31 -56.55 -70.77
C VAL G 350 23.19 -55.81 -70.07
N LYS G 351 22.64 -54.84 -70.76
CA LYS G 351 21.57 -54.03 -70.18
C LYS G 351 20.28 -54.84 -70.08
N VAL G 352 19.50 -54.52 -69.06
CA VAL G 352 18.21 -55.16 -68.83
C VAL G 352 17.31 -54.13 -68.16
N LYS G 353 16.01 -54.21 -68.47
CA LYS G 353 15.05 -53.23 -68.00
C LYS G 353 14.18 -53.82 -66.90
N ASP G 354 13.69 -52.93 -66.04
CA ASP G 354 12.78 -53.30 -64.96
C ASP G 354 11.96 -52.06 -64.60
N THR G 355 10.93 -52.28 -63.80
CA THR G 355 10.00 -51.22 -63.42
C THR G 355 10.12 -50.93 -61.92
N VAL G 356 9.58 -49.78 -61.53
CA VAL G 356 9.55 -49.36 -60.14
C VAL G 356 8.35 -48.46 -59.94
N TYR G 357 7.63 -48.68 -58.84
CA TYR G 357 6.40 -47.96 -58.57
C TYR G 357 6.68 -46.68 -57.81
N ILE G 358 5.71 -45.76 -57.90
CA ILE G 358 5.74 -44.49 -57.18
C ILE G 358 4.33 -44.26 -56.63
N GLN G 359 4.22 -44.18 -55.31
CA GLN G 359 2.96 -44.02 -54.60
C GLN G 359 2.19 -45.33 -54.55
N GLY G 360 2.68 -46.39 -55.18
CA GLY G 360 2.02 -47.67 -55.15
C GLY G 360 1.10 -47.94 -56.32
N VAL G 361 1.00 -47.00 -57.27
CA VAL G 361 0.09 -47.11 -58.41
C VAL G 361 0.85 -46.98 -59.73
N ARG G 362 1.66 -45.93 -59.86
CA ARG G 362 2.35 -45.66 -61.12
C ARG G 362 3.52 -46.63 -61.28
N ALA G 363 4.28 -46.44 -62.34
CA ALA G 363 5.43 -47.27 -62.62
C ALA G 363 6.36 -46.53 -63.56
N VAL G 364 7.65 -46.82 -63.44
CA VAL G 364 8.68 -46.21 -64.28
C VAL G 364 9.77 -47.24 -64.57
N GLN G 365 10.34 -47.13 -65.76
CA GLN G 365 11.32 -48.10 -66.23
C GLN G 365 12.73 -47.61 -65.95
N PHE G 366 13.58 -48.52 -65.48
CA PHE G 366 15.01 -48.30 -65.34
C PHE G 366 15.75 -49.48 -65.93
N GLU G 367 17.08 -49.33 -66.03
CA GLU G 367 17.92 -50.35 -66.64
C GLU G 367 19.02 -50.74 -65.66
N TYR G 368 19.64 -51.87 -65.92
CA TYR G 368 20.72 -52.38 -65.08
C TYR G 368 21.43 -53.49 -65.84
N TRP G 369 22.32 -54.21 -65.15
CA TRP G 369 23.02 -55.34 -65.71
C TRP G 369 22.69 -56.60 -64.92
N SER G 370 22.66 -57.74 -65.62
CA SER G 370 22.26 -58.99 -65.02
C SER G 370 23.43 -59.91 -64.67
N GLU G 371 24.61 -59.65 -65.24
CA GLU G 371 25.75 -60.52 -65.03
C GLU G 371 26.56 -60.07 -63.83
N GLN G 372 27.63 -60.80 -63.53
CA GLN G 372 28.54 -60.43 -62.46
C GLN G 372 29.64 -59.53 -63.00
N GLU G 373 30.03 -58.54 -62.19
CA GLU G 373 31.07 -57.61 -62.61
C GLU G 373 31.62 -56.90 -61.37
N GLU G 374 32.93 -56.84 -61.27
CA GLU G 374 33.61 -56.21 -60.15
C GLU G 374 34.11 -54.83 -60.53
N PHE G 375 34.11 -53.92 -59.56
CA PHE G 375 34.48 -52.54 -59.80
C PHE G 375 35.38 -52.05 -58.68
N TYR G 376 35.90 -50.84 -58.85
CA TYR G 376 36.72 -50.17 -57.84
C TYR G 376 36.15 -48.79 -57.56
N GLY G 377 35.42 -48.67 -56.46
CA GLY G 377 34.88 -47.37 -56.08
C GLY G 377 35.94 -46.52 -55.41
N GLU G 378 35.80 -45.20 -55.54
CA GLU G 378 36.71 -44.30 -54.84
C GLU G 378 36.03 -42.96 -54.60
N TYR G 379 35.66 -42.71 -53.35
CA TYR G 379 35.03 -41.47 -52.93
C TYR G 379 36.00 -40.74 -52.01
N LYS G 380 35.81 -39.43 -51.87
CA LYS G 380 36.76 -38.62 -51.11
C LYS G 380 37.15 -39.31 -49.82
N SER G 381 38.46 -39.45 -49.61
CA SER G 381 39.01 -40.08 -48.42
C SER G 381 38.36 -41.43 -48.18
N ALA G 382 38.33 -42.27 -49.21
CA ALA G 382 37.79 -43.61 -49.04
C ALA G 382 37.94 -44.49 -50.28
N THR G 383 38.65 -45.60 -50.15
CA THR G 383 38.72 -46.61 -51.20
C THR G 383 37.64 -47.65 -50.98
N ALA G 384 37.53 -48.60 -51.91
CA ALA G 384 36.55 -49.66 -51.78
C ALA G 384 36.70 -50.64 -52.93
N LEU G 385 36.08 -51.81 -52.78
CA LEU G 385 36.00 -52.83 -53.82
C LEU G 385 34.70 -53.59 -53.61
N PHE G 386 34.06 -53.99 -54.71
CA PHE G 386 32.77 -54.64 -54.60
C PHE G 386 32.46 -55.33 -55.92
N SER G 387 31.38 -56.11 -55.90
CA SER G 387 30.93 -56.87 -57.06
C SER G 387 29.41 -56.76 -57.13
N ARG G 388 28.91 -56.38 -58.30
CA ARG G 388 27.48 -56.25 -58.53
C ARG G 388 26.97 -57.44 -59.32
N LYS G 389 25.79 -57.93 -58.93
CA LYS G 389 25.21 -59.11 -59.55
C LYS G 389 23.70 -58.98 -59.50
N GLU G 390 23.08 -58.83 -60.67
CA GLU G 390 21.62 -58.88 -60.85
C GLU G 390 20.92 -57.86 -59.95
N ARG G 391 21.18 -56.59 -60.22
CA ARG G 391 20.52 -55.47 -59.56
C ARG G 391 20.78 -55.43 -58.06
N SER G 392 21.75 -56.19 -57.57
CA SER G 392 22.01 -56.26 -56.14
C SER G 392 23.51 -56.32 -55.89
N LEU G 393 23.91 -55.88 -54.70
CA LEU G 393 25.31 -55.87 -54.31
C LEU G 393 25.62 -57.16 -53.56
N GLU G 394 26.57 -57.94 -54.07
CA GLU G 394 26.93 -59.21 -53.44
C GLU G 394 27.82 -59.01 -52.23
N TRP G 395 29.01 -58.47 -52.45
CA TRP G 395 29.94 -58.22 -51.37
C TRP G 395 30.70 -56.94 -51.65
N ILE G 396 31.38 -56.44 -50.62
CA ILE G 396 32.08 -55.17 -50.70
C ILE G 396 33.08 -55.08 -49.56
N THR G 397 34.18 -54.36 -49.80
CA THR G 397 35.21 -54.12 -48.82
C THR G 397 35.72 -52.70 -48.94
N ILE G 398 36.02 -52.08 -47.80
CA ILE G 398 36.45 -50.69 -47.74
C ILE G 398 37.84 -50.62 -47.13
N GLY G 399 38.69 -49.78 -47.70
CA GLY G 399 40.10 -49.75 -47.32
C GLY G 399 40.48 -48.64 -46.37
N GLY G 400 40.13 -47.40 -46.70
CA GLY G 400 40.51 -46.24 -45.92
C GLY G 400 39.26 -45.70 -45.23
N GLY G 401 39.38 -45.47 -43.92
CA GLY G 401 38.23 -45.16 -43.10
C GLY G 401 38.09 -43.69 -42.72
N ILE G 402 36.91 -43.16 -42.99
CA ILE G 402 36.45 -41.85 -42.53
C ILE G 402 34.95 -42.03 -42.30
N ASN G 403 34.44 -41.52 -41.20
CA ASN G 403 33.07 -41.88 -40.85
C ASN G 403 32.09 -41.40 -41.93
N GLU G 404 32.18 -40.12 -42.28
CA GLU G 404 31.21 -39.58 -43.24
C GLU G 404 31.41 -40.17 -44.63
N ASP G 405 32.68 -40.30 -45.04
CA ASP G 405 32.98 -40.73 -46.41
C ASP G 405 32.54 -42.17 -46.66
N ARG G 406 32.65 -43.03 -45.65
CA ARG G 406 32.34 -44.44 -45.87
C ARG G 406 30.85 -44.63 -46.12
N LYS G 407 30.03 -43.75 -45.56
CA LYS G 407 28.59 -43.85 -45.68
C LYS G 407 28.18 -43.45 -47.09
N ARG G 408 28.65 -42.28 -47.53
CA ARG G 408 28.26 -41.78 -48.83
C ARG G 408 28.79 -42.70 -49.92
N LEU G 409 30.05 -43.16 -49.77
CA LEU G 409 30.60 -44.07 -50.76
C LEU G 409 29.79 -45.36 -50.84
N LEU G 410 29.42 -45.93 -49.69
CA LEU G 410 28.64 -47.15 -49.71
C LEU G 410 27.29 -46.92 -50.38
N ALA G 411 26.61 -45.82 -50.04
CA ALA G 411 25.33 -45.53 -50.66
C ALA G 411 25.45 -45.37 -52.16
N MET G 412 26.50 -44.68 -52.62
CA MET G 412 26.69 -44.49 -54.04
C MET G 412 26.95 -45.80 -54.75
N CYS G 413 27.75 -46.68 -54.15
CA CYS G 413 28.00 -47.97 -54.76
C CYS G 413 26.74 -48.82 -54.76
N MET G 414 25.88 -48.66 -53.76
CA MET G 414 24.62 -49.40 -53.75
C MET G 414 23.72 -48.92 -54.88
N ILE G 415 23.59 -47.61 -55.06
CA ILE G 415 22.83 -47.09 -56.19
C ILE G 415 23.41 -47.60 -57.50
N PHE G 416 24.74 -47.62 -57.61
CA PHE G 416 25.39 -48.18 -58.78
C PHE G 416 25.01 -49.64 -58.97
N CYS G 417 24.72 -50.34 -57.88
CA CYS G 417 24.26 -51.72 -57.94
C CYS G 417 22.75 -51.81 -57.83
N ARG G 418 22.06 -50.69 -57.60
CA ARG G 418 20.61 -50.63 -57.51
C ARG G 418 20.06 -51.62 -56.49
N ASP G 419 20.89 -52.02 -55.53
CA ASP G 419 20.44 -52.91 -54.47
C ASP G 419 19.51 -52.18 -53.53
N GLY G 420 18.47 -52.87 -53.07
CA GLY G 420 17.53 -52.30 -52.14
C GLY G 420 16.10 -52.29 -52.63
N ASP G 421 15.16 -52.17 -51.70
CA ASP G 421 13.74 -52.21 -52.03
C ASP G 421 13.25 -50.90 -52.64
N TYR G 422 13.91 -49.79 -52.37
CA TYR G 422 13.49 -48.52 -52.95
C TYR G 422 13.64 -48.50 -54.46
N PHE G 423 14.18 -49.56 -55.05
CA PHE G 423 14.12 -49.76 -56.49
C PHE G 423 12.94 -50.63 -56.89
N LYS G 424 12.17 -51.14 -55.93
CA LYS G 424 10.90 -51.80 -56.19
C LYS G 424 9.76 -50.79 -56.07
N ASP G 425 9.63 -50.18 -54.90
CA ASP G 425 8.76 -49.05 -54.67
C ASP G 425 9.63 -47.81 -54.44
N ALA G 426 8.99 -46.70 -54.11
CA ALA G 426 9.68 -45.44 -53.88
C ALA G 426 9.26 -44.84 -52.55
N PRO G 427 10.04 -43.93 -52.00
CA PRO G 427 9.64 -43.26 -50.76
C PRO G 427 8.43 -42.38 -50.98
N ALA G 428 7.73 -42.11 -49.88
CA ALA G 428 6.61 -41.18 -49.92
C ALA G 428 7.05 -39.75 -50.21
N THR G 429 8.36 -39.49 -50.16
CA THR G 429 8.86 -38.16 -50.50
C THR G 429 8.88 -37.96 -52.01
N ILE G 430 9.18 -39.02 -52.76
CA ILE G 430 9.23 -38.91 -54.21
C ILE G 430 7.83 -38.65 -54.75
N THR G 431 6.82 -39.31 -54.19
CA THR G 431 5.45 -39.07 -54.62
C THR G 431 5.07 -37.60 -54.50
N MET G 432 5.70 -36.89 -53.57
CA MET G 432 5.48 -35.44 -53.50
C MET G 432 5.79 -34.79 -54.84
N ALA G 433 6.75 -35.33 -55.59
CA ALA G 433 7.10 -34.83 -56.90
C ALA G 433 6.80 -35.84 -58.00
N ASP G 434 7.36 -37.04 -57.91
CA ASP G 434 7.30 -38.02 -58.99
C ASP G 434 7.90 -37.46 -60.27
N LEU G 435 8.72 -36.41 -60.13
CA LEU G 435 9.25 -35.67 -61.28
C LEU G 435 10.69 -36.12 -61.52
N SER G 436 10.81 -37.21 -62.27
CA SER G 436 12.12 -37.63 -62.77
C SER G 436 12.42 -36.89 -64.07
N THR G 437 12.29 -35.56 -64.03
CA THR G 437 12.38 -34.74 -65.22
C THR G 437 12.95 -33.39 -64.86
N LYS G 438 13.65 -32.79 -65.81
CA LYS G 438 14.14 -31.43 -65.68
C LYS G 438 13.03 -30.47 -66.10
N LEU G 439 13.39 -29.20 -66.31
CA LEU G 439 12.44 -28.24 -66.85
C LEU G 439 11.77 -28.80 -68.10
N GLY G 440 12.56 -29.32 -69.03
CA GLY G 440 12.02 -29.94 -70.22
C GLY G 440 12.74 -31.19 -70.66
N ARG G 441 13.31 -31.94 -69.72
CA ARG G 441 14.08 -33.13 -70.04
C ARG G 441 13.72 -34.24 -69.07
N GLU G 442 14.27 -35.42 -69.31
CA GLU G 442 13.99 -36.60 -68.52
C GLU G 442 15.15 -36.91 -67.58
N ILE G 443 14.84 -37.61 -66.49
CA ILE G 443 15.85 -37.99 -65.51
C ILE G 443 15.68 -39.48 -65.19
N PRO G 444 16.77 -40.24 -65.03
CA PRO G 444 16.64 -41.63 -64.58
C PRO G 444 16.20 -41.70 -63.13
N TYR G 445 16.12 -42.92 -62.60
CA TYR G 445 15.77 -43.13 -61.21
C TYR G 445 16.98 -43.02 -60.29
N GLN G 446 18.16 -43.38 -60.79
CA GLN G 446 19.36 -43.35 -59.95
C GLN G 446 19.68 -41.94 -59.50
N TYR G 447 19.70 -41.00 -60.44
CA TYR G 447 20.04 -39.63 -60.10
C TYR G 447 18.97 -38.99 -59.23
N VAL G 448 17.71 -39.37 -59.43
CA VAL G 448 16.65 -38.89 -58.55
C VAL G 448 16.89 -39.36 -57.13
N MET G 449 17.19 -40.65 -56.98
CA MET G 449 17.51 -41.19 -55.66
C MET G 449 18.69 -40.46 -55.04
N MET G 450 19.76 -40.26 -55.81
CA MET G 450 20.93 -39.55 -55.31
C MET G 450 20.54 -38.16 -54.81
N ASN G 451 19.88 -37.37 -55.66
CA ASN G 451 19.43 -36.05 -55.23
C ASN G 451 18.62 -36.14 -53.94
N TRP G 452 17.77 -37.17 -53.83
CA TRP G 452 17.01 -37.34 -52.60
C TRP G 452 17.93 -37.61 -51.41
N ILE G 453 19.08 -38.22 -51.66
CA ILE G 453 20.05 -38.41 -50.60
C ILE G 453 20.68 -37.09 -50.20
N GLN G 454 21.09 -36.30 -51.18
CA GLN G 454 21.76 -35.03 -50.90
C GLN G 454 20.91 -34.12 -50.04
N LYS G 455 19.59 -34.33 -50.01
CA LYS G 455 18.72 -33.42 -49.27
C LYS G 455 18.92 -33.55 -47.77
N SER G 456 19.13 -34.76 -47.27
CA SER G 456 19.26 -34.98 -45.83
C SER G 456 19.89 -36.34 -45.60
N GLU G 457 20.62 -36.43 -44.48
CA GLU G 457 21.26 -37.68 -44.11
C GLU G 457 20.26 -38.72 -43.63
N ASP G 458 19.06 -38.29 -43.22
CA ASP G 458 18.02 -39.26 -42.88
C ASP G 458 17.70 -40.16 -44.06
N ASN G 459 17.71 -39.61 -45.27
CA ASN G 459 17.54 -40.44 -46.45
C ASN G 459 18.67 -41.47 -46.57
N LEU G 460 19.89 -41.05 -46.27
CA LEU G 460 21.02 -41.98 -46.29
C LEU G 460 20.82 -43.09 -45.28
N GLU G 461 20.39 -42.74 -44.07
CA GLU G 461 20.16 -43.75 -43.04
C GLU G 461 19.06 -44.72 -43.46
N ALA G 462 18.01 -44.19 -44.11
CA ALA G 462 16.93 -45.06 -44.58
C ALA G 462 17.43 -46.02 -45.64
N LEU G 463 18.20 -45.50 -46.60
CA LEU G 463 18.79 -46.35 -47.62
C LEU G 463 19.62 -47.45 -46.99
N LEU G 464 20.43 -47.10 -46.00
CA LEU G 464 21.32 -48.09 -45.38
C LEU G 464 20.53 -49.10 -44.57
N TYR G 465 19.42 -48.68 -43.95
CA TYR G 465 18.56 -49.63 -43.28
C TYR G 465 17.93 -50.59 -44.27
N SER G 466 17.59 -50.10 -45.47
CA SER G 466 17.10 -50.98 -46.51
C SER G 466 18.07 -52.13 -46.73
N ARG G 467 19.36 -51.86 -46.65
CA ARG G 467 20.35 -52.93 -46.64
C ARG G 467 20.27 -53.67 -45.31
N GLY G 468 20.26 -55.00 -45.38
CA GLY G 468 20.02 -55.78 -44.18
C GLY G 468 21.04 -55.48 -43.10
N ILE G 469 20.56 -55.40 -41.86
CA ILE G 469 21.38 -55.21 -40.68
C ILE G 469 21.29 -56.46 -39.82
N VAL G 470 22.42 -56.91 -39.28
CA VAL G 470 22.50 -58.12 -38.50
C VAL G 470 23.46 -57.89 -37.33
N GLU G 471 23.59 -58.91 -36.49
CA GLU G 471 24.48 -58.87 -35.34
C GLU G 471 25.81 -59.52 -35.72
N THR G 472 26.90 -58.78 -35.48
CA THR G 472 28.21 -59.29 -35.84
C THR G 472 28.57 -60.50 -34.97
N ASN G 473 29.31 -61.42 -35.56
CA ASN G 473 29.79 -62.60 -34.86
C ASN G 473 31.23 -62.40 -34.43
N PRO G 474 31.70 -63.19 -33.45
CA PRO G 474 33.08 -63.02 -32.97
C PRO G 474 34.10 -63.11 -34.09
N GLY G 475 35.30 -62.57 -33.83
CA GLY G 475 36.35 -62.57 -34.83
C GLY G 475 36.11 -61.65 -36.00
N LYS G 476 34.97 -60.96 -36.06
CA LYS G 476 34.64 -60.09 -37.16
C LYS G 476 34.51 -58.63 -36.77
N MET G 477 34.48 -58.31 -35.47
CA MET G 477 34.37 -56.92 -35.04
C MET G 477 35.47 -56.08 -35.68
N GLY G 478 36.70 -56.57 -35.67
CA GLY G 478 37.79 -55.84 -36.27
C GLY G 478 37.54 -55.46 -37.72
N SER G 479 36.69 -56.23 -38.41
CA SER G 479 36.37 -55.99 -39.81
C SER G 479 34.89 -55.79 -40.03
N SER G 480 34.15 -55.42 -38.98
CA SER G 480 32.73 -55.16 -39.10
C SER G 480 32.51 -53.70 -39.44
N MET G 481 31.27 -53.25 -39.33
CA MET G 481 30.93 -51.85 -39.58
C MET G 481 29.72 -51.48 -38.75
N GLY G 482 29.40 -50.18 -38.75
CA GLY G 482 28.22 -49.69 -38.08
C GLY G 482 27.43 -48.78 -39.00
N ILE G 483 26.23 -48.42 -38.53
CA ILE G 483 25.36 -47.58 -39.34
C ILE G 483 26.00 -46.23 -39.59
N ASP G 484 26.78 -45.74 -38.62
CA ASP G 484 27.43 -44.44 -38.72
C ASP G 484 28.90 -44.56 -39.12
N GLY G 485 29.28 -45.67 -39.74
CA GLY G 485 30.65 -45.90 -40.12
C GLY G 485 31.56 -46.38 -39.01
N SER G 486 31.02 -46.62 -37.82
CA SER G 486 31.85 -47.05 -36.69
C SER G 486 32.72 -48.23 -37.10
N LYS G 487 34.00 -48.18 -36.70
CA LYS G 487 34.94 -49.19 -37.16
C LYS G 487 34.52 -50.59 -36.72
N ARG G 488 34.10 -50.74 -35.47
CA ARG G 488 33.67 -52.03 -34.96
C ARG G 488 32.41 -51.83 -34.13
N ALA G 489 31.55 -52.84 -34.14
CA ALA G 489 30.30 -52.77 -33.41
C ALA G 489 29.72 -54.18 -33.28
N ILE G 490 28.97 -54.38 -32.19
CA ILE G 490 28.31 -55.66 -31.97
C ILE G 490 27.44 -56.03 -33.16
N LYS G 491 26.82 -55.03 -33.80
CA LYS G 491 25.96 -55.22 -34.94
C LYS G 491 26.48 -54.43 -36.13
N SER G 492 26.32 -55.00 -37.31
CA SER G 492 26.82 -54.39 -38.55
C SER G 492 25.78 -54.64 -39.64
N LEU G 493 26.18 -54.42 -40.88
CA LEU G 493 25.32 -54.61 -42.02
C LEU G 493 25.75 -55.85 -42.79
N ARG G 494 24.83 -56.40 -43.56
CA ARG G 494 25.09 -57.63 -44.28
C ARG G 494 26.09 -57.40 -45.41
N ALA G 495 27.00 -58.35 -45.58
CA ALA G 495 27.95 -58.35 -46.69
C ALA G 495 28.79 -57.07 -46.68
N VAL G 496 29.56 -56.91 -45.60
CA VAL G 496 30.42 -55.75 -45.43
C VAL G 496 31.76 -56.20 -44.85
N THR G 497 32.77 -55.37 -45.07
CA THR G 497 34.12 -55.66 -44.57
C THR G 497 34.89 -54.35 -44.50
N ILE G 498 35.27 -53.96 -43.29
CA ILE G 498 36.10 -52.78 -43.08
C ILE G 498 37.54 -53.22 -42.89
N GLN G 499 38.46 -52.34 -43.27
CA GLN G 499 39.88 -52.59 -43.04
C GLN G 499 40.61 -51.25 -43.09
N SER G 500 41.90 -51.31 -42.80
CA SER G 500 42.76 -50.14 -42.81
C SER G 500 43.64 -50.15 -44.05
N GLY G 501 44.14 -48.97 -44.41
CA GLY G 501 44.96 -48.83 -45.59
C GLY G 501 44.12 -48.68 -46.83
N LYS G 502 44.43 -47.67 -47.64
CA LYS G 502 43.64 -47.42 -48.84
C LYS G 502 43.92 -48.50 -49.88
N ILE G 503 42.86 -48.95 -50.54
CA ILE G 503 42.99 -49.97 -51.57
C ILE G 503 43.76 -49.38 -52.74
N ASP G 504 44.92 -49.96 -53.05
CA ASP G 504 45.69 -49.51 -54.20
C ASP G 504 44.84 -49.55 -55.45
N MET G 505 44.79 -48.43 -56.17
CA MET G 505 43.94 -48.35 -57.33
C MET G 505 44.70 -48.83 -58.58
N PRO G 506 44.08 -49.63 -59.44
CA PRO G 506 44.75 -50.05 -60.67
C PRO G 506 44.77 -48.94 -61.71
N GLU G 507 45.51 -49.20 -62.79
CA GLU G 507 45.69 -48.23 -63.86
C GLU G 507 45.42 -48.90 -65.20
N SER G 508 44.74 -48.18 -66.09
CA SER G 508 44.44 -48.66 -67.43
C SER G 508 45.19 -47.81 -68.45
N LYS G 509 46.08 -48.45 -69.22
CA LYS G 509 46.89 -47.77 -70.21
C LYS G 509 46.33 -47.95 -71.62
N GLU G 510 45.01 -47.98 -71.76
CA GLU G 510 44.36 -48.17 -73.05
C GLU G 510 43.44 -46.98 -73.29
N LYS G 511 43.76 -46.18 -74.29
CA LYS G 511 43.00 -44.96 -74.59
C LYS G 511 41.95 -45.23 -75.65
N ILE G 512 40.84 -44.49 -75.58
CA ILE G 512 39.73 -44.67 -76.51
C ILE G 512 39.04 -43.34 -76.78
N HIS G 513 38.00 -43.38 -77.60
CA HIS G 513 37.17 -42.23 -77.89
C HIS G 513 35.71 -42.67 -77.86
N LEU G 514 34.84 -41.80 -77.35
CA LEU G 514 33.43 -42.10 -77.17
C LEU G 514 32.59 -41.29 -78.14
N GLU G 515 31.27 -41.43 -78.02
CA GLU G 515 30.31 -40.77 -78.88
C GLU G 515 29.30 -40.04 -78.01
N LEU G 516 29.11 -38.75 -78.29
CA LEU G 516 28.16 -37.94 -77.54
C LEU G 516 26.76 -38.14 -78.08
N SER G 517 25.77 -37.89 -77.22
CA SER G 517 24.36 -38.06 -77.55
C SER G 517 23.66 -36.71 -77.43
N ASP G 518 22.34 -36.75 -77.67
CA ASP G 518 21.54 -35.54 -77.53
C ASP G 518 21.73 -34.91 -76.16
N ASN G 519 21.68 -35.74 -75.12
CA ASN G 519 21.93 -35.30 -73.75
C ASN G 519 23.41 -35.32 -73.41
N LEU G 520 24.29 -35.30 -74.41
CA LEU G 520 25.74 -35.25 -74.27
C LEU G 520 26.31 -36.49 -73.60
N GLU G 521 25.51 -37.51 -73.31
CA GLU G 521 26.02 -38.72 -72.69
C GLU G 521 26.97 -39.44 -73.63
N ALA G 522 28.17 -39.73 -73.14
CA ALA G 522 29.19 -40.38 -73.93
C ALA G 522 29.08 -41.90 -73.80
N PHE G 523 29.40 -42.59 -74.90
CA PHE G 523 29.36 -44.05 -74.94
C PHE G 523 30.63 -44.56 -75.60
N ASP G 524 31.35 -45.43 -74.89
CA ASP G 524 32.53 -46.09 -75.46
C ASP G 524 32.15 -47.37 -76.19
N SER G 525 31.40 -48.24 -75.52
CA SER G 525 30.96 -49.50 -76.11
C SER G 525 30.03 -50.22 -75.15
N SER G 526 29.14 -51.06 -75.67
CA SER G 526 28.18 -51.79 -74.85
C SER G 526 27.51 -50.86 -73.84
N GLY G 527 27.14 -49.66 -74.30
CA GLY G 527 26.65 -48.64 -73.41
C GLY G 527 27.73 -48.16 -72.46
N ARG G 528 27.59 -48.50 -71.19
CA ARG G 528 28.61 -48.19 -70.18
C ARG G 528 28.92 -46.70 -70.18
N ILE G 529 27.91 -45.91 -69.83
CA ILE G 529 28.08 -44.47 -69.78
C ILE G 529 29.27 -44.13 -68.91
N VAL G 530 30.08 -43.18 -69.38
CA VAL G 530 31.28 -42.77 -68.67
C VAL G 530 31.10 -41.42 -67.97
N ALA G 531 30.25 -40.55 -68.50
CA ALA G 531 30.06 -39.23 -67.94
C ALA G 531 28.75 -38.68 -68.47
N THR G 532 28.35 -37.54 -67.91
CA THR G 532 27.14 -36.85 -68.33
C THR G 532 27.01 -35.58 -67.50
N ILE G 533 26.01 -34.77 -67.87
CA ILE G 533 25.73 -33.57 -67.10
C ILE G 533 24.98 -33.92 -65.82
N LEU G 534 24.23 -35.02 -65.83
CA LEU G 534 23.46 -35.40 -64.66
C LEU G 534 24.35 -35.56 -63.43
N ASP G 535 25.61 -35.93 -63.62
CA ASP G 535 26.54 -36.14 -62.52
C ASP G 535 27.29 -34.88 -62.13
N LEU G 536 26.71 -33.71 -62.39
CA LEU G 536 27.35 -32.43 -62.09
C LEU G 536 26.64 -31.72 -60.96
N PRO G 537 27.32 -30.79 -60.30
CA PRO G 537 26.65 -29.94 -59.31
C PRO G 537 25.75 -28.92 -59.99
N SER G 538 24.90 -28.30 -59.18
CA SER G 538 24.08 -27.21 -59.65
C SER G 538 24.94 -26.03 -60.07
N ASP G 539 24.36 -25.13 -60.85
CA ASP G 539 25.10 -23.97 -61.32
C ASP G 539 25.56 -23.13 -60.15
N LYS G 540 26.86 -22.85 -60.11
CA LYS G 540 27.47 -22.06 -59.04
C LYS G 540 28.20 -20.88 -59.66
N LYS G 541 27.70 -19.67 -59.41
CA LYS G 541 28.33 -18.47 -59.93
C LYS G 541 29.68 -18.25 -59.25
N VAL G 542 30.72 -18.05 -60.05
CA VAL G 542 32.05 -17.78 -59.54
C VAL G 542 32.72 -16.77 -60.45
N THR G 543 33.40 -15.79 -59.86
CA THR G 543 34.11 -14.80 -60.63
C THR G 543 35.22 -15.46 -61.44
N PHE G 544 35.24 -15.20 -62.75
CA PHE G 544 36.26 -15.71 -63.64
C PHE G 544 37.16 -14.58 -64.08
N GLN G 545 38.47 -14.80 -63.98
CA GLN G 545 39.48 -13.84 -64.40
C GLN G 545 40.42 -14.52 -65.38
N ASP G 546 41.29 -13.72 -66.00
CA ASP G 546 42.22 -14.23 -67.00
C ASP G 546 41.48 -14.96 -68.11
N VAL G 547 40.25 -14.52 -68.41
CA VAL G 547 39.37 -15.23 -69.33
C VAL G 547 38.85 -14.26 -70.39
N SER G 548 38.57 -14.82 -71.57
CA SER G 548 37.88 -14.10 -72.63
C SER G 548 36.80 -15.02 -73.17
N PHE G 549 35.55 -14.53 -73.17
CA PHE G 549 34.41 -15.31 -73.64
C PHE G 549 33.56 -14.41 -74.52
N GLN G 550 33.58 -14.65 -75.82
CA GLN G 550 33.02 -13.73 -76.79
C GLN G 550 31.65 -14.14 -77.31
N HIS G 551 31.42 -15.44 -77.51
CA HIS G 551 30.17 -15.87 -78.13
C HIS G 551 28.99 -15.64 -77.20
N PRO G 552 27.82 -15.27 -77.73
CA PRO G 552 26.64 -15.13 -76.87
C PRO G 552 26.42 -16.35 -75.99
N ASP G 553 25.69 -16.16 -74.90
CA ASP G 553 25.55 -17.12 -73.80
C ASP G 553 26.82 -17.18 -72.96
N LEU G 554 27.83 -16.38 -73.30
CA LEU G 554 29.04 -16.33 -72.49
C LEU G 554 28.72 -16.02 -71.04
N ALA G 555 27.87 -15.03 -70.81
CA ALA G 555 27.45 -14.63 -69.48
C ALA G 555 26.34 -13.60 -69.62
N VAL G 556 25.35 -13.67 -68.73
CA VAL G 556 24.25 -12.70 -68.77
C VAL G 556 24.80 -11.30 -68.60
N LEU G 557 25.65 -11.09 -67.61
CA LEU G 557 26.28 -9.79 -67.37
C LEU G 557 25.24 -8.69 -67.29
N ARG G 558 24.09 -9.00 -66.68
CA ARG G 558 22.99 -8.05 -66.55
C ARG G 558 22.42 -8.19 -65.14
N ASP G 559 22.60 -7.14 -64.34
CA ASP G 559 22.03 -7.10 -63.00
C ASP G 559 21.59 -5.68 -62.69
N GLU G 560 20.67 -5.57 -61.74
CA GLU G 560 20.15 -4.26 -61.36
C GLU G 560 21.28 -3.33 -60.94
N LYS G 561 22.26 -3.86 -60.20
CA LYS G 561 23.40 -3.05 -59.80
C LYS G 561 24.13 -2.50 -61.00
N THR G 562 24.49 -3.38 -61.94
CA THR G 562 25.19 -2.94 -63.13
C THR G 562 24.31 -2.00 -63.96
N ALA G 563 23.01 -2.27 -64.00
CA ALA G 563 22.09 -1.38 -64.71
C ALA G 563 22.17 0.03 -64.15
N ILE G 564 22.10 0.14 -62.82
CA ILE G 564 22.17 1.45 -62.18
C ILE G 564 23.52 2.10 -62.44
N THR G 565 24.59 1.31 -62.38
CA THR G 565 25.92 1.85 -62.64
C THR G 565 25.96 2.45 -64.03
N LYS G 566 25.46 1.73 -65.03
CA LYS G 566 25.50 2.24 -66.40
C LYS G 566 24.62 3.47 -66.56
N GLY G 567 23.45 3.47 -65.91
CA GLY G 567 22.60 4.65 -65.96
C GLY G 567 23.33 5.87 -65.43
N TYR G 568 24.02 5.72 -64.30
CA TYR G 568 24.73 6.85 -63.73
C TYR G 568 25.93 7.25 -64.59
N GLU G 569 26.60 6.27 -65.20
CA GLU G 569 27.68 6.61 -66.12
C GLU G 569 27.16 7.45 -67.27
N ALA G 570 26.01 7.08 -67.81
CA ALA G 570 25.42 7.84 -68.91
C ALA G 570 25.04 9.23 -68.45
N LEU G 571 24.45 9.34 -67.26
CA LEU G 571 24.11 10.65 -66.72
C LEU G 571 25.36 11.52 -66.58
N ILE G 572 26.47 10.93 -66.19
CA ILE G 572 27.70 11.71 -65.99
C ILE G 572 28.26 12.14 -67.33
N LYS G 573 28.32 11.23 -68.30
CA LYS G 573 28.88 11.57 -69.60
C LYS G 573 28.05 12.62 -70.32
N ARG G 574 26.72 12.56 -70.18
CA ARG G 574 25.86 13.54 -70.84
C ARG G 574 26.33 14.97 -70.61
N LEU G 575 26.95 15.25 -69.46
CA LEU G 575 27.48 16.58 -69.21
C LEU G 575 28.25 17.11 -70.41
N GLY G 576 29.28 16.38 -70.83
CA GLY G 576 29.96 16.63 -72.09
C GLY G 576 30.45 18.04 -72.36
N THR G 577 30.39 18.91 -71.36
CA THR G 577 30.98 20.26 -71.46
C THR G 577 30.56 20.96 -72.74
N GLY G 578 29.26 20.94 -73.03
CA GLY G 578 28.78 21.47 -74.30
C GLY G 578 27.32 21.86 -74.21
N ASP G 579 26.85 22.45 -75.31
CA ASP G 579 25.45 22.84 -75.40
C ASP G 579 24.56 21.60 -75.47
N ASN G 580 23.31 21.79 -75.05
CA ASN G 580 22.36 20.68 -74.97
C ASN G 580 22.82 19.64 -73.96
N ASP G 581 23.39 20.10 -72.86
CA ASP G 581 23.87 19.23 -71.80
C ASP G 581 23.63 19.89 -70.46
N ILE G 582 24.02 19.17 -69.40
CA ILE G 582 23.63 19.56 -68.05
C ILE G 582 24.02 21.01 -67.72
N PRO G 583 25.24 21.46 -67.98
CA PRO G 583 25.61 22.81 -67.53
C PRO G 583 24.91 23.90 -68.31
N SER G 584 24.59 23.64 -69.57
CA SER G 584 23.89 24.65 -70.37
C SER G 584 22.48 24.83 -69.86
N LEU G 585 21.78 23.73 -69.58
CA LEU G 585 20.44 23.83 -69.04
C LEU G 585 20.46 24.48 -67.65
N ILE G 586 21.50 24.19 -66.86
CA ILE G 586 21.62 24.83 -65.56
C ILE G 586 21.73 26.35 -65.73
N ALA G 587 22.76 26.79 -66.46
CA ALA G 587 22.94 28.23 -66.66
C ALA G 587 21.73 28.87 -67.32
N LYS G 588 20.99 28.10 -68.09
CA LYS G 588 19.78 28.58 -68.75
C LYS G 588 18.55 28.50 -67.85
N LYS G 589 18.60 27.69 -66.80
CA LYS G 589 17.48 27.52 -65.89
C LYS G 589 16.31 26.85 -66.59
N ASP G 590 16.61 25.87 -67.44
CA ASP G 590 15.61 25.05 -68.11
C ASP G 590 15.70 23.66 -67.51
N TYR G 591 14.98 23.45 -66.40
CA TYR G 591 15.01 22.18 -65.71
C TYR G 591 13.96 21.21 -66.25
N LEU G 592 12.88 21.72 -66.84
CA LEU G 592 11.83 20.85 -67.34
C LEU G 592 12.38 19.85 -68.35
N SER G 593 13.29 20.30 -69.21
CA SER G 593 13.91 19.40 -70.18
C SER G 593 14.62 18.26 -69.47
N LEU G 594 15.20 18.53 -68.29
CA LEU G 594 15.87 17.48 -67.55
C LEU G 594 14.93 16.32 -67.25
N TYR G 595 13.64 16.61 -67.09
CA TYR G 595 12.66 15.58 -66.79
C TYR G 595 12.23 14.80 -68.03
N ASN G 596 12.99 14.92 -69.13
CA ASN G 596 12.62 14.25 -70.37
C ASN G 596 13.81 13.61 -71.07
N LEU G 597 14.99 13.61 -70.46
CA LEU G 597 16.16 13.06 -71.13
C LEU G 597 15.95 11.57 -71.42
N PRO G 598 16.79 11.01 -72.29
CA PRO G 598 16.66 9.58 -72.59
C PRO G 598 17.18 8.70 -71.48
N GLU G 599 18.29 9.11 -70.86
CA GLU G 599 18.94 8.26 -69.88
C GLU G 599 18.04 8.01 -68.67
N VAL G 600 17.34 9.05 -68.21
CA VAL G 600 16.39 8.86 -67.13
C VAL G 600 15.30 7.89 -67.55
N LYS G 601 14.92 7.92 -68.82
CA LYS G 601 13.92 6.99 -69.32
C LYS G 601 14.45 5.56 -69.33
N LEU G 602 15.75 5.39 -69.55
CA LEU G 602 16.33 4.06 -69.51
C LEU G 602 16.46 3.55 -68.09
N MET G 603 16.70 4.44 -67.14
CA MET G 603 16.85 4.04 -65.75
C MET G 603 15.50 3.89 -65.04
N ALA G 604 14.44 4.46 -65.60
CA ALA G 604 13.12 4.39 -64.96
C ALA G 604 12.70 2.98 -64.57
N PRO G 605 12.87 1.95 -65.39
CA PRO G 605 12.40 0.61 -65.00
C PRO G 605 13.01 0.12 -63.70
N LEU G 606 14.17 0.64 -63.31
CA LEU G 606 14.82 0.23 -62.07
C LEU G 606 14.19 0.85 -60.84
N ILE G 607 13.12 1.62 -60.99
CA ILE G 607 12.51 2.34 -59.89
C ILE G 607 11.38 1.51 -59.30
N ARG G 608 11.23 1.62 -57.98
CA ARG G 608 10.09 1.03 -57.31
C ARG G 608 8.81 1.60 -57.90
N PRO G 609 7.92 0.77 -58.44
CA PRO G 609 6.76 1.31 -59.16
C PRO G 609 5.65 1.80 -58.25
N ASN G 610 5.46 1.14 -57.11
CA ASN G 610 4.30 1.40 -56.28
C ASN G 610 4.25 2.86 -55.84
N ARG G 611 5.39 3.45 -55.51
CA ARG G 611 5.46 4.81 -54.97
C ARG G 611 6.52 5.61 -55.72
N LYS G 612 6.50 5.55 -57.04
CA LYS G 612 7.45 6.32 -57.84
C LYS G 612 7.00 7.76 -58.02
N GLY G 613 5.68 8.00 -57.96
CA GLY G 613 5.20 9.36 -58.14
C GLY G 613 5.72 10.31 -57.09
N VAL G 614 5.73 9.89 -55.84
CA VAL G 614 6.20 10.75 -54.77
C VAL G 614 7.70 11.00 -54.89
N TYR G 615 8.44 9.96 -55.26
CA TYR G 615 9.87 10.12 -55.48
C TYR G 615 10.14 11.14 -56.57
N SER G 616 9.40 11.04 -57.68
CA SER G 616 9.56 11.99 -58.76
C SER G 616 9.20 13.40 -58.31
N ARG G 617 8.12 13.52 -57.54
CA ARG G 617 7.73 14.83 -57.01
C ARG G 617 8.87 15.46 -56.23
N VAL G 618 9.42 14.71 -55.28
CA VAL G 618 10.46 15.25 -54.41
C VAL G 618 11.70 15.61 -55.23
N ALA G 619 12.06 14.73 -56.17
CA ALA G 619 13.26 14.98 -56.95
C ALA G 619 13.10 16.21 -57.82
N ARG G 620 11.92 16.38 -58.44
CA ARG G 620 11.67 17.57 -59.23
C ARG G 620 11.68 18.82 -58.36
N LYS G 621 11.13 18.72 -57.15
CA LYS G 621 11.19 19.83 -56.21
C LYS G 621 12.63 20.26 -55.98
N LEU G 622 13.47 19.31 -55.59
CA LEU G 622 14.87 19.62 -55.32
C LEU G 622 15.55 20.20 -56.55
N VAL G 623 15.33 19.58 -57.70
CA VAL G 623 15.97 20.02 -58.94
C VAL G 623 15.61 21.47 -59.22
N SER G 624 14.32 21.78 -59.23
CA SER G 624 13.89 23.13 -59.55
C SER G 624 14.40 24.13 -58.53
N THR G 625 14.35 23.78 -57.24
CA THR G 625 14.76 24.72 -56.21
C THR G 625 16.26 24.99 -56.28
N GLN G 626 17.04 24.01 -56.77
CA GLN G 626 18.48 24.22 -56.90
C GLN G 626 18.83 24.92 -58.20
N VAL G 627 18.02 24.75 -59.24
CA VAL G 627 18.28 25.38 -60.53
C VAL G 627 17.88 26.85 -60.50
N THR G 628 16.60 27.11 -60.24
CA THR G 628 16.08 28.48 -60.25
C THR G 628 16.99 29.42 -59.48
N THR G 629 17.27 29.10 -58.22
CA THR G 629 18.10 29.97 -57.40
C THR G 629 19.53 30.04 -57.93
N GLY G 630 19.98 29.01 -58.63
CA GLY G 630 21.35 28.94 -59.06
C GLY G 630 22.29 28.28 -58.07
N HIS G 631 21.84 28.02 -56.85
CA HIS G 631 22.60 27.26 -55.88
C HIS G 631 22.27 25.78 -56.04
N TYR G 632 23.28 24.95 -56.22
CA TYR G 632 23.06 23.56 -56.55
C TYR G 632 24.32 22.76 -56.25
N SER G 633 24.24 21.46 -56.51
CA SER G 633 25.39 20.57 -56.39
C SER G 633 25.18 19.42 -57.35
N LEU G 634 26.04 19.31 -58.36
CA LEU G 634 25.87 18.31 -59.40
C LEU G 634 25.72 16.91 -58.83
N HIS G 635 26.42 16.63 -57.73
CA HIS G 635 26.42 15.28 -57.18
C HIS G 635 25.00 14.85 -56.79
N GLU G 636 24.37 15.61 -55.89
CA GLU G 636 23.04 15.24 -55.42
C GLU G 636 22.02 15.30 -56.56
N LEU G 637 22.18 16.26 -57.46
CA LEU G 637 21.31 16.33 -58.63
C LEU G 637 21.33 15.00 -59.37
N ILE G 638 22.49 14.66 -59.93
CA ILE G 638 22.65 13.41 -60.66
C ILE G 638 22.16 12.23 -59.83
N LYS G 639 22.35 12.29 -58.51
CA LYS G 639 21.89 11.21 -57.65
C LYS G 639 20.38 11.02 -57.76
N VAL G 640 19.63 12.13 -57.72
CA VAL G 640 18.17 12.04 -57.69
C VAL G 640 17.51 12.09 -59.06
N LEU G 641 18.26 12.45 -60.10
CA LEU G 641 17.66 12.64 -61.42
C LEU G 641 16.87 11.43 -61.91
N PRO G 642 17.37 10.20 -61.80
CA PRO G 642 16.66 9.06 -62.39
C PRO G 642 15.21 8.95 -61.98
N PHE G 643 14.80 9.67 -60.94
CA PHE G 643 13.44 9.62 -60.45
C PHE G 643 12.55 10.71 -61.03
N THR G 644 13.12 11.69 -61.71
CA THR G 644 12.36 12.80 -62.29
C THR G 644 11.87 12.48 -63.69
N TYR G 645 11.13 11.36 -63.82
CA TYR G 645 10.59 10.89 -65.12
C TYR G 645 9.12 10.43 -65.10
N PHE G 646 8.39 10.43 -63.96
CA PHE G 646 6.95 10.07 -63.85
C PHE G 646 6.11 11.16 -63.18
N ALA G 647 4.81 11.24 -63.48
CA ALA G 647 3.93 12.33 -62.98
C ALA G 647 3.98 12.43 -61.45
N PRO G 648 4.12 13.64 -60.86
CA PRO G 648 4.24 13.79 -59.40
C PRO G 648 2.89 13.57 -58.70
N LYS G 649 2.84 12.96 -57.50
CA LYS G 649 1.60 12.66 -56.82
C LYS G 649 1.76 12.94 -55.32
N GLN G 650 0.64 12.88 -54.61
CA GLN G 650 0.63 13.11 -53.18
C GLN G 650 0.86 11.81 -52.42
N GLY G 651 1.44 11.94 -51.23
CA GLY G 651 1.70 10.79 -50.40
C GLY G 651 2.60 11.15 -49.24
N MET G 652 3.14 10.11 -48.62
CA MET G 652 4.04 10.25 -47.47
C MET G 652 5.43 9.82 -47.89
N PHE G 653 6.39 10.72 -47.74
CA PHE G 653 7.78 10.41 -47.99
C PHE G 653 8.49 10.24 -46.65
N GLU G 654 9.52 9.38 -46.64
CA GLU G 654 10.22 9.01 -45.43
C GLU G 654 11.64 9.55 -45.36
N GLY G 655 12.33 9.60 -46.50
CA GLY G 655 13.70 10.08 -46.51
C GLY G 655 14.62 9.23 -47.36
N ARG G 656 14.06 8.23 -48.04
CA ARG G 656 14.84 7.34 -48.87
C ARG G 656 14.10 7.05 -50.17
N LEU G 657 14.87 6.88 -51.24
CA LEU G 657 14.36 6.55 -52.55
C LEU G 657 14.76 5.12 -52.88
N PHE G 658 13.77 4.25 -53.03
CA PHE G 658 14.00 2.82 -53.19
C PHE G 658 13.90 2.42 -54.65
N PHE G 659 14.87 1.65 -55.11
CA PHE G 659 14.81 1.05 -56.43
C PHE G 659 13.92 -0.19 -56.36
N SER G 660 13.93 -1.00 -57.42
CA SER G 660 13.15 -2.22 -57.45
C SER G 660 13.88 -3.41 -56.82
N ASN G 661 15.20 -3.34 -56.68
CA ASN G 661 15.98 -4.41 -56.07
C ASN G 661 16.06 -4.28 -54.55
N ASP G 662 15.18 -3.50 -53.94
CA ASP G 662 15.10 -3.26 -52.50
C ASP G 662 16.22 -2.36 -52.00
N SER G 663 17.16 -1.98 -52.85
CA SER G 663 18.17 -1.01 -52.46
C SER G 663 17.53 0.38 -52.35
N PHE G 664 18.35 1.38 -52.06
CA PHE G 664 17.83 2.72 -51.88
C PHE G 664 18.93 3.74 -52.07
N VAL G 665 18.52 5.01 -52.10
CA VAL G 665 19.43 6.15 -52.14
C VAL G 665 18.81 7.25 -51.30
N GLU G 666 19.69 8.10 -50.76
CA GLU G 666 19.27 9.15 -49.85
C GLU G 666 20.08 10.41 -50.12
N PRO G 667 19.44 11.58 -50.15
CA PRO G 667 20.18 12.82 -50.38
C PRO G 667 20.90 13.29 -49.13
N GLY G 668 21.88 14.16 -49.35
CA GLY G 668 22.64 14.71 -48.25
C GLY G 668 23.48 13.71 -47.50
N VAL G 669 23.57 12.48 -47.98
CA VAL G 669 24.33 11.43 -47.32
C VAL G 669 25.03 10.60 -48.38
N ASN G 670 25.92 9.72 -47.92
CA ASN G 670 26.64 8.82 -48.79
C ASN G 670 26.18 7.38 -48.56
N ASN G 671 26.43 6.55 -49.57
CA ASN G 671 25.98 5.17 -49.55
C ASN G 671 26.86 4.37 -50.49
N ASN G 672 26.86 3.05 -50.29
CA ASN G 672 27.69 2.18 -51.11
C ASN G 672 27.39 2.37 -52.59
N VAL G 673 26.11 2.40 -52.95
CA VAL G 673 25.74 2.54 -54.36
C VAL G 673 26.21 3.87 -54.91
N PHE G 674 26.15 4.93 -54.09
CA PHE G 674 26.52 6.26 -54.54
C PHE G 674 27.14 7.00 -53.36
N SER G 675 28.36 7.48 -53.55
CA SER G 675 29.06 8.23 -52.52
C SER G 675 29.99 9.23 -53.18
N TRP G 676 30.31 10.28 -52.43
CA TRP G 676 31.22 11.32 -52.90
C TRP G 676 31.59 12.16 -51.70
N SER G 677 32.67 12.93 -51.85
CA SER G 677 33.15 13.78 -50.78
C SER G 677 33.94 14.92 -51.36
N LYS G 678 34.04 15.99 -50.58
CA LYS G 678 34.87 17.12 -50.97
C LYS G 678 36.33 16.78 -50.78
N ALA G 679 37.19 17.58 -51.42
CA ALA G 679 38.61 17.35 -51.59
C ALA G 679 38.87 16.27 -52.65
N ASP G 680 37.84 15.59 -53.14
CA ASP G 680 37.95 14.66 -54.26
C ASP G 680 36.74 14.79 -55.17
N SER G 681 36.15 15.99 -55.23
CA SER G 681 34.87 16.17 -55.90
C SER G 681 34.89 15.74 -57.36
N SER G 682 36.06 15.58 -57.95
CA SER G 682 36.14 15.07 -59.30
C SER G 682 35.89 13.59 -59.40
N LYS G 683 35.50 12.95 -58.29
CA LYS G 683 35.28 11.52 -58.26
C LYS G 683 33.90 11.20 -57.71
N ILE G 684 33.35 10.09 -58.16
CA ILE G 684 32.03 9.61 -57.73
C ILE G 684 32.12 8.10 -57.56
N TYR G 685 32.01 7.62 -56.34
CA TYR G 685 32.14 6.19 -56.08
C TYR G 685 30.81 5.49 -56.28
N CYS G 686 30.88 4.28 -56.84
CA CYS G 686 29.73 3.44 -57.08
C CYS G 686 30.14 2.00 -56.72
N HIS G 687 29.78 1.59 -55.51
CA HIS G 687 30.22 0.30 -54.97
C HIS G 687 31.74 0.26 -54.87
N GLY G 688 32.35 1.40 -54.58
CA GLY G 688 33.79 1.53 -54.56
C GLY G 688 34.41 1.85 -55.89
N ILE G 689 33.67 1.70 -56.99
CA ILE G 689 34.19 1.99 -58.31
C ILE G 689 34.23 3.51 -58.48
N ALA G 690 35.42 4.08 -58.44
CA ALA G 690 35.57 5.52 -58.65
C ALA G 690 35.34 5.86 -60.11
N ILE G 691 34.47 6.84 -60.36
CA ILE G 691 34.22 7.36 -61.70
C ILE G 691 34.68 8.81 -61.73
N ARG G 692 34.98 9.27 -62.94
CA ARG G 692 35.49 10.60 -63.17
C ARG G 692 34.40 11.51 -63.73
N VAL G 693 34.59 12.80 -63.54
CA VAL G 693 33.68 13.83 -64.04
C VAL G 693 34.31 14.44 -65.30
N PRO G 694 33.58 14.51 -66.41
CA PRO G 694 34.17 15.11 -67.62
C PRO G 694 34.49 16.59 -67.48
N LEU G 695 34.14 17.17 -66.33
CA LEU G 695 34.31 18.60 -66.09
C LEU G 695 35.14 18.80 -64.83
N VAL G 696 35.23 20.06 -64.40
CA VAL G 696 35.90 20.43 -63.16
C VAL G 696 35.05 21.48 -62.46
N VAL G 697 34.98 21.39 -61.13
CA VAL G 697 34.18 22.30 -60.34
C VAL G 697 34.85 22.49 -58.99
N GLY G 698 34.75 23.70 -58.47
CA GLY G 698 35.27 24.01 -57.15
C GLY G 698 34.21 24.65 -56.27
N ASP G 699 33.14 25.16 -56.89
CA ASP G 699 32.04 25.79 -56.18
C ASP G 699 30.66 25.30 -56.62
N GLU G 700 30.53 24.72 -57.81
CA GLU G 700 29.23 24.25 -58.27
C GLU G 700 28.65 23.23 -57.30
N HIS G 701 29.50 22.54 -56.56
CA HIS G 701 29.06 21.57 -55.56
C HIS G 701 29.06 22.14 -54.15
N MET G 702 29.87 23.16 -53.88
CA MET G 702 30.01 23.68 -52.53
C MET G 702 28.69 24.19 -51.97
N ASP G 703 27.68 24.40 -52.79
CA ASP G 703 26.40 24.95 -52.36
C ASP G 703 25.37 23.83 -52.36
N THR G 704 25.24 23.16 -51.21
CA THR G 704 24.29 22.07 -51.03
C THR G 704 23.18 22.44 -50.07
N SER G 705 23.01 23.72 -49.76
CA SER G 705 22.00 24.15 -48.80
C SER G 705 20.58 23.75 -49.19
N LEU G 706 20.36 23.39 -50.45
CA LEU G 706 19.03 23.02 -50.93
C LEU G 706 18.91 21.57 -51.36
N ALA G 707 19.98 20.79 -51.29
CA ALA G 707 19.95 19.40 -51.72
C ALA G 707 19.57 18.45 -50.60
N LEU G 708 19.40 18.95 -49.38
CA LEU G 708 19.02 18.11 -48.24
C LEU G 708 17.52 17.94 -48.18
N LEU G 709 16.79 19.04 -48.06
CA LEU G 709 15.34 19.04 -48.00
C LEU G 709 14.78 19.76 -49.22
N GLU G 710 13.46 19.78 -49.31
CA GLU G 710 12.77 20.27 -50.50
C GLU G 710 12.53 21.78 -50.45
N GLY G 711 11.80 22.24 -49.44
CA GLY G 711 11.45 23.64 -49.35
C GLY G 711 12.12 24.32 -48.18
N PHE G 712 13.34 23.89 -47.89
CA PHE G 712 14.09 24.40 -46.75
C PHE G 712 15.52 24.68 -47.17
N SER G 713 16.26 25.31 -46.27
CA SER G 713 17.66 25.64 -46.51
C SER G 713 18.40 25.55 -45.19
N VAL G 714 19.63 25.04 -45.26
CA VAL G 714 20.42 24.95 -44.05
C VAL G 714 20.69 26.35 -43.50
N CYS G 715 20.97 26.40 -42.20
CA CYS G 715 21.29 27.65 -41.53
C CYS G 715 22.26 27.37 -40.40
N GLU G 716 22.65 28.41 -39.69
CA GLU G 716 23.62 28.26 -38.62
C GLU G 716 23.07 27.40 -37.50
N ASN G 717 23.96 26.66 -36.85
CA ASN G 717 23.56 25.74 -35.80
C ASN G 717 22.92 26.49 -34.63
N ASP G 718 21.91 25.88 -34.03
CA ASP G 718 21.23 26.44 -32.89
C ASP G 718 20.63 25.34 -32.03
N PRO G 719 21.17 25.07 -30.84
CA PRO G 719 20.62 24.00 -30.02
C PRO G 719 19.22 24.29 -29.52
N ARG G 720 18.88 25.56 -29.33
CA ARG G 720 17.55 25.90 -28.84
C ARG G 720 16.47 25.36 -29.75
N ALA G 721 16.73 25.29 -31.04
CA ALA G 721 15.72 24.82 -31.96
C ALA G 721 15.35 23.38 -31.64
N PRO G 722 14.07 23.03 -31.70
CA PRO G 722 13.66 21.68 -31.31
C PRO G 722 13.85 20.66 -32.43
N MET G 723 14.20 19.45 -32.02
CA MET G 723 14.29 18.33 -32.94
C MET G 723 12.91 17.95 -33.46
N VAL G 724 12.87 17.52 -34.71
CA VAL G 724 11.64 17.18 -35.39
C VAL G 724 11.88 16.00 -36.32
N THR G 725 10.83 15.60 -37.01
CA THR G 725 10.84 14.51 -37.97
C THR G 725 10.55 15.06 -39.36
N ARG G 726 10.40 14.15 -40.32
CA ARG G 726 10.10 14.53 -41.69
C ARG G 726 8.61 14.80 -41.92
N GLN G 727 7.74 14.37 -41.01
CA GLN G 727 6.29 14.51 -41.23
C GLN G 727 5.77 15.86 -40.76
N ASP G 728 6.05 16.23 -39.52
CA ASP G 728 5.58 17.50 -38.98
C ASP G 728 6.10 18.69 -39.74
N LEU G 729 7.11 18.51 -40.60
CA LEU G 729 7.65 19.63 -41.37
C LEU G 729 6.57 20.42 -42.06
N ILE G 730 5.48 19.77 -42.44
CA ILE G 730 4.45 20.45 -43.22
C ILE G 730 3.81 21.58 -42.42
N ASP G 731 3.73 21.44 -41.10
CA ASP G 731 3.03 22.40 -40.25
C ASP G 731 3.97 23.43 -39.63
N VAL G 732 5.12 23.65 -40.25
CA VAL G 732 6.05 24.67 -39.79
C VAL G 732 5.74 25.98 -40.49
N GLY G 733 6.29 27.07 -39.94
CA GLY G 733 6.12 28.38 -40.52
C GLY G 733 7.44 28.92 -41.06
N PHE G 734 7.56 30.24 -41.10
CA PHE G 734 8.76 30.90 -41.58
C PHE G 734 9.49 31.55 -40.42
N GLY G 735 10.77 31.83 -40.63
CA GLY G 735 11.61 32.34 -39.56
C GLY G 735 11.63 31.45 -38.35
N GLN G 736 11.34 30.16 -38.53
CA GLN G 736 11.26 29.20 -37.43
C GLN G 736 12.30 28.11 -37.69
N LYS G 737 13.44 28.21 -37.02
CA LYS G 737 14.50 27.24 -37.19
C LYS G 737 14.11 25.90 -36.59
N VAL G 738 14.67 24.83 -37.13
CA VAL G 738 14.41 23.50 -36.61
C VAL G 738 15.62 22.60 -36.82
N ARG G 739 15.96 21.85 -35.80
CA ARG G 739 17.01 20.85 -35.95
C ARG G 739 16.41 19.56 -36.51
N LEU G 740 17.28 18.75 -37.11
CA LEU G 740 16.81 17.50 -37.67
C LEU G 740 18.00 16.63 -38.06
N PHE G 741 17.82 15.32 -37.91
CA PHE G 741 18.85 14.37 -38.32
C PHE G 741 18.94 14.32 -39.83
N VAL G 742 20.17 14.41 -40.34
CA VAL G 742 20.45 14.28 -41.75
C VAL G 742 21.18 12.98 -42.06
N GLY G 743 21.26 12.08 -41.09
CA GLY G 743 22.00 10.85 -41.28
C GLY G 743 22.18 10.14 -39.96
N GLN G 744 23.22 9.32 -39.90
CA GLN G 744 23.54 8.61 -38.66
C GLN G 744 24.23 9.58 -37.71
N GLY G 745 23.56 9.90 -36.61
CA GLY G 745 24.12 10.81 -35.62
C GLY G 745 24.57 12.12 -36.21
N SER G 746 23.99 12.51 -37.33
CA SER G 746 24.31 13.77 -38.00
C SER G 746 23.08 14.66 -37.93
N VAL G 747 23.19 15.74 -37.17
CA VAL G 747 22.09 16.68 -36.97
C VAL G 747 22.47 18.01 -37.59
N ARG G 748 21.48 18.68 -38.18
CA ARG G 748 21.71 19.99 -38.78
C ARG G 748 20.46 20.84 -38.60
N THR G 749 20.66 22.15 -38.64
CA THR G 749 19.58 23.10 -38.49
C THR G 749 19.10 23.57 -39.85
N PHE G 750 17.80 23.79 -39.97
CA PHE G 750 17.16 24.16 -41.22
C PHE G 750 16.17 25.29 -40.97
N LYS G 751 15.86 26.01 -42.04
CA LYS G 751 14.90 27.10 -42.03
C LYS G 751 14.15 27.11 -43.35
N ARG G 752 12.85 27.32 -43.27
CA ARG G 752 11.98 27.26 -44.44
C ARG G 752 12.51 28.11 -45.59
N THR G 753 12.11 27.77 -46.81
CA THR G 753 12.53 28.48 -48.01
C THR G 753 14.01 28.25 -48.28
N MET H 15 -26.83 9.45 -17.95
CA MET H 15 -28.28 9.62 -17.70
C MET H 15 -28.95 8.25 -17.55
N ASP H 16 -29.74 7.85 -18.54
CA ASP H 16 -30.42 6.57 -18.53
C ASP H 16 -31.00 6.31 -19.90
N MET H 17 -30.84 5.09 -20.39
CA MET H 17 -31.28 4.77 -21.74
C MET H 17 -32.75 5.09 -21.95
N LYS H 18 -33.56 4.97 -20.90
CA LYS H 18 -34.98 5.25 -21.04
C LYS H 18 -35.23 6.70 -21.43
N LYS H 19 -34.69 7.63 -20.63
CA LYS H 19 -34.89 9.03 -20.93
C LYS H 19 -34.22 9.41 -22.24
N ARG H 20 -33.02 8.89 -22.48
CA ARG H 20 -32.33 9.15 -23.73
C ARG H 20 -33.21 8.78 -24.92
N ILE H 21 -33.80 7.60 -24.88
CA ILE H 21 -34.64 7.13 -25.97
C ILE H 21 -35.87 8.02 -26.10
N HIS H 22 -36.60 8.20 -25.00
CA HIS H 22 -37.81 9.00 -25.05
C HIS H 22 -37.52 10.40 -25.57
N LEU H 23 -36.30 10.89 -25.37
CA LEU H 23 -35.91 12.19 -25.88
C LEU H 23 -35.65 12.14 -27.38
N GLU H 24 -34.86 11.16 -27.81
CA GLU H 24 -34.60 11.00 -29.24
C GLU H 24 -35.90 10.87 -30.02
N LEU H 25 -36.93 10.28 -29.42
CA LEU H 25 -38.22 10.12 -30.06
C LEU H 25 -39.02 11.41 -29.90
N ARG H 26 -38.70 12.37 -30.75
CA ARG H 26 -39.40 13.65 -30.71
C ARG H 26 -40.79 13.46 -31.30
N ASN H 27 -41.66 12.77 -30.57
CA ASN H 27 -43.03 12.46 -30.96
C ASN H 27 -43.08 11.43 -32.09
N ARG H 28 -41.94 10.97 -32.58
CA ARG H 28 -41.91 10.01 -33.67
C ARG H 28 -42.24 8.61 -33.18
N THR H 29 -43.07 7.91 -33.95
CA THR H 29 -43.39 6.53 -33.62
C THR H 29 -42.13 5.66 -33.69
N PRO H 30 -42.07 4.59 -32.91
CA PRO H 30 -40.94 3.66 -33.03
C PRO H 30 -41.15 2.66 -34.16
N SER H 31 -41.62 3.13 -35.30
CA SER H 31 -41.83 2.27 -36.45
C SER H 31 -41.44 2.92 -37.77
N ASP H 32 -40.91 4.13 -37.75
CA ASP H 32 -40.55 4.85 -38.97
C ASP H 32 -39.13 5.38 -38.92
N VAL H 33 -38.35 5.00 -37.92
CA VAL H 33 -36.98 5.47 -37.77
C VAL H 33 -36.05 4.49 -38.47
N LYS H 34 -34.91 4.99 -38.92
CA LYS H 34 -33.92 4.19 -39.61
C LYS H 34 -32.57 4.18 -38.90
N GLU H 35 -32.44 4.88 -37.79
CA GLU H 35 -31.16 4.99 -37.10
C GLU H 35 -31.42 5.42 -35.67
N LEU H 36 -30.50 5.04 -34.78
CA LEU H 36 -30.62 5.40 -33.38
C LEU H 36 -29.25 5.37 -32.73
N VAL H 37 -29.08 6.20 -31.71
CA VAL H 37 -27.82 6.32 -30.99
C VAL H 37 -28.12 6.50 -29.51
N LEU H 38 -27.32 5.83 -28.68
CA LEU H 38 -27.49 5.86 -27.23
C LEU H 38 -26.15 5.94 -26.52
N ASP H 39 -25.16 6.55 -27.16
CA ASP H 39 -23.82 6.59 -26.59
C ASP H 39 -23.78 7.54 -25.39
N ASN H 40 -22.88 7.22 -24.46
CA ASN H 40 -22.70 8.02 -23.25
C ASN H 40 -23.97 8.04 -22.41
N CYS H 41 -24.51 6.85 -22.17
CA CYS H 41 -25.68 6.67 -21.33
C CYS H 41 -25.38 5.63 -20.26
N ARG H 42 -26.40 5.16 -19.56
CA ARG H 42 -26.23 4.13 -18.55
C ARG H 42 -27.39 3.16 -18.59
N SER H 43 -27.07 1.89 -18.34
CA SER H 43 -28.07 0.82 -18.31
C SER H 43 -27.82 -0.02 -17.07
N TYR H 44 -28.82 -0.07 -16.19
CA TYR H 44 -28.67 -0.82 -14.94
C TYR H 44 -28.31 -2.27 -15.24
N GLU H 45 -27.44 -2.82 -14.40
CA GLU H 45 -26.99 -4.21 -14.53
C GLU H 45 -26.42 -4.49 -15.91
N GLY H 46 -26.01 -3.46 -16.63
CA GLY H 46 -25.56 -3.67 -18.00
C GLY H 46 -26.59 -4.37 -18.84
N LYS H 47 -27.86 -4.03 -18.67
CA LYS H 47 -28.96 -4.68 -19.37
C LYS H 47 -29.76 -3.65 -20.14
N ILE H 48 -30.10 -4.00 -21.37
CA ILE H 48 -30.92 -3.14 -22.23
C ILE H 48 -32.21 -2.80 -21.50
N GLU H 49 -32.78 -1.64 -21.80
CA GLU H 49 -33.99 -1.20 -21.11
C GLU H 49 -34.70 -0.19 -22.01
N GLY H 50 -35.89 -0.55 -22.49
CA GLY H 50 -36.66 0.31 -23.36
C GLY H 50 -36.79 -0.15 -24.80
N LEU H 51 -36.11 -1.24 -25.17
CA LEU H 51 -36.17 -1.74 -26.53
C LEU H 51 -37.27 -2.78 -26.69
N THR H 52 -37.84 -2.82 -27.88
CA THR H 52 -38.92 -3.75 -28.20
C THR H 52 -38.81 -4.13 -29.66
N ASP H 53 -39.76 -4.97 -30.10
CA ASP H 53 -39.88 -5.31 -31.51
C ASP H 53 -40.62 -4.23 -32.30
N GLU H 54 -41.15 -3.21 -31.63
CA GLU H 54 -41.83 -2.14 -32.34
C GLU H 54 -40.93 -1.51 -33.39
N PHE H 55 -39.64 -1.41 -33.09
CA PHE H 55 -38.66 -0.85 -34.02
C PHE H 55 -38.43 -1.85 -35.14
N GLU H 56 -39.00 -1.57 -36.31
CA GLU H 56 -38.91 -2.46 -37.45
C GLU H 56 -38.06 -1.89 -38.57
N GLU H 57 -38.25 -0.63 -38.91
CA GLU H 57 -37.52 0.01 -39.98
C GLU H 57 -36.10 0.41 -39.57
N LEU H 58 -35.74 0.21 -38.30
CA LEU H 58 -34.41 0.59 -37.86
C LEU H 58 -33.34 -0.20 -38.60
N GLU H 59 -32.32 0.50 -39.08
CA GLU H 59 -31.27 -0.10 -39.87
C GLU H 59 -29.88 0.15 -39.29
N PHE H 60 -29.78 0.91 -38.21
CA PHE H 60 -28.49 1.23 -37.63
C PHE H 60 -28.65 1.42 -36.13
N LEU H 61 -27.57 1.16 -35.40
CA LEU H 61 -27.60 1.29 -33.95
C LEU H 61 -26.20 1.63 -33.45
N SER H 62 -26.16 2.36 -32.34
CA SER H 62 -24.90 2.75 -31.72
C SER H 62 -25.12 2.80 -30.22
N THR H 63 -24.45 1.92 -29.49
CA THR H 63 -24.49 1.87 -28.04
C THR H 63 -23.08 1.75 -27.53
N ILE H 64 -22.56 2.83 -26.96
CA ILE H 64 -21.15 2.94 -26.61
C ILE H 64 -21.03 3.50 -25.20
N ASN H 65 -20.18 2.87 -24.40
CA ASN H 65 -19.84 3.36 -23.08
C ASN H 65 -21.09 3.54 -22.22
N VAL H 66 -21.80 2.43 -22.02
CA VAL H 66 -23.03 2.46 -21.24
C VAL H 66 -22.98 1.41 -20.14
N GLY H 67 -21.79 0.93 -19.83
CA GLY H 67 -21.65 -0.06 -18.78
C GLY H 67 -22.43 -1.33 -19.05
N LEU H 68 -22.51 -1.72 -20.32
CA LEU H 68 -23.26 -2.91 -20.68
C LEU H 68 -22.42 -4.17 -20.51
N ALA H 69 -23.09 -5.28 -20.22
CA ALA H 69 -22.43 -6.54 -19.97
C ALA H 69 -23.05 -7.74 -20.68
N SER H 70 -24.29 -7.64 -21.16
CA SER H 70 -24.85 -8.74 -21.94
C SER H 70 -25.96 -8.23 -22.84
N VAL H 71 -26.13 -8.91 -23.97
CA VAL H 71 -27.06 -8.52 -25.01
C VAL H 71 -28.31 -9.41 -25.01
N ALA H 72 -28.58 -10.09 -23.90
CA ALA H 72 -29.68 -11.06 -23.85
C ALA H 72 -31.02 -10.41 -24.12
N ASN H 73 -31.25 -9.22 -23.55
CA ASN H 73 -32.56 -8.58 -23.65
C ASN H 73 -32.84 -8.01 -25.03
N LEU H 74 -31.84 -7.88 -25.88
CA LEU H 74 -32.02 -7.23 -27.17
C LEU H 74 -33.16 -7.90 -27.96
N PRO H 75 -34.11 -7.12 -28.49
CA PRO H 75 -35.26 -7.69 -29.21
C PRO H 75 -34.95 -7.91 -30.69
N LYS H 76 -35.85 -8.67 -31.33
CA LYS H 76 -35.67 -9.00 -32.75
C LYS H 76 -35.63 -7.73 -33.59
N LEU H 77 -34.68 -7.68 -34.52
CA LEU H 77 -34.53 -6.52 -35.40
C LEU H 77 -33.97 -7.03 -36.73
N ASN H 78 -34.85 -7.18 -37.72
CA ASN H 78 -34.44 -7.78 -38.98
C ASN H 78 -33.76 -6.77 -39.91
N LYS H 79 -34.38 -5.61 -40.11
CA LYS H 79 -33.82 -4.61 -41.01
C LYS H 79 -32.53 -4.00 -40.50
N LEU H 80 -32.07 -4.34 -39.31
CA LEU H 80 -30.83 -3.80 -38.79
C LEU H 80 -29.65 -4.37 -39.55
N LYS H 81 -28.71 -3.50 -39.94
CA LYS H 81 -27.57 -3.91 -40.74
C LYS H 81 -26.25 -3.30 -40.26
N LYS H 82 -26.21 -2.79 -39.04
CA LYS H 82 -24.97 -2.22 -38.52
C LYS H 82 -25.12 -2.00 -37.03
N LEU H 83 -24.07 -2.36 -36.29
CA LEU H 83 -24.11 -2.30 -34.83
C LEU H 83 -22.77 -1.84 -34.28
N GLU H 84 -22.82 -1.22 -33.11
CA GLU H 84 -21.63 -0.71 -32.43
C GLU H 84 -21.81 -0.92 -30.93
N LEU H 85 -20.89 -1.66 -30.32
CA LEU H 85 -20.96 -1.99 -28.90
C LEU H 85 -19.65 -1.69 -28.18
N SER H 86 -18.83 -0.82 -28.74
CA SER H 86 -17.52 -0.56 -28.17
C SER H 86 -17.64 0.05 -26.77
N ASP H 87 -16.52 0.08 -26.07
CA ASP H 87 -16.33 0.70 -24.77
C ASP H 87 -17.04 -0.03 -23.65
N ASN H 88 -17.74 -1.13 -23.92
CA ASN H 88 -18.42 -1.89 -22.89
C ASN H 88 -17.58 -3.10 -22.50
N ARG H 89 -18.15 -3.96 -21.67
CA ARG H 89 -17.47 -5.14 -21.14
C ARG H 89 -18.29 -6.40 -21.42
N VAL H 90 -18.80 -6.52 -22.63
CA VAL H 90 -19.58 -7.69 -23.01
C VAL H 90 -18.66 -8.90 -23.15
N SER H 91 -19.15 -10.05 -22.69
CA SER H 91 -18.39 -11.29 -22.75
C SER H 91 -19.33 -12.48 -22.88
N GLY H 92 -19.20 -13.28 -23.94
CA GLY H 92 -19.96 -14.53 -24.11
C GLY H 92 -21.47 -14.39 -24.25
N GLY H 93 -21.98 -13.47 -25.08
CA GLY H 93 -23.43 -13.32 -25.37
C GLY H 93 -23.69 -13.30 -26.87
N LEU H 94 -22.73 -13.75 -27.70
CA LEU H 94 -22.80 -13.65 -29.19
C LEU H 94 -23.82 -14.56 -29.86
N GLU H 95 -24.27 -15.65 -29.22
CA GLU H 95 -25.25 -16.62 -29.82
C GLU H 95 -26.61 -15.96 -30.07
N VAL H 96 -27.05 -14.99 -29.27
CA VAL H 96 -28.33 -14.30 -29.36
C VAL H 96 -28.42 -13.48 -30.65
N LEU H 97 -27.31 -12.88 -31.06
CA LEU H 97 -27.34 -11.97 -32.19
C LEU H 97 -27.91 -12.65 -33.42
N ALA H 98 -27.59 -13.93 -33.61
CA ALA H 98 -28.02 -14.61 -34.82
C ALA H 98 -29.54 -14.62 -34.88
N GLU H 99 -30.19 -15.00 -33.78
CA GLU H 99 -31.64 -15.13 -33.80
C GLU H 99 -32.32 -13.78 -33.96
N LYS H 100 -31.88 -12.78 -33.22
CA LYS H 100 -32.52 -11.47 -33.24
C LYS H 100 -32.25 -10.73 -34.54
N CYS H 101 -30.99 -10.64 -34.94
CA CYS H 101 -30.56 -9.83 -36.08
C CYS H 101 -29.75 -10.67 -37.06
N PRO H 102 -30.41 -11.52 -37.84
CA PRO H 102 -29.68 -12.37 -38.80
C PRO H 102 -29.24 -11.66 -40.06
N ASN H 103 -29.85 -10.53 -40.40
CA ASN H 103 -29.51 -9.76 -41.59
C ASN H 103 -28.42 -8.73 -41.33
N LEU H 104 -27.57 -8.97 -40.33
CA LEU H 104 -26.56 -8.00 -39.93
C LEU H 104 -25.31 -8.16 -40.78
N THR H 105 -24.65 -7.04 -41.05
CA THR H 105 -23.49 -7.00 -41.91
C THR H 105 -22.26 -6.38 -41.27
N HIS H 106 -22.44 -5.32 -40.48
CA HIS H 106 -21.34 -4.60 -39.87
C HIS H 106 -21.46 -4.71 -38.36
N LEU H 107 -20.36 -5.07 -37.71
CA LEU H 107 -20.33 -5.22 -36.26
C LEU H 107 -19.05 -4.62 -35.71
N ASN H 108 -19.12 -4.17 -34.46
CA ASN H 108 -17.98 -3.57 -33.78
C ASN H 108 -18.02 -3.94 -32.31
N LEU H 109 -16.88 -4.39 -31.79
CA LEU H 109 -16.79 -4.81 -30.40
C LEU H 109 -15.51 -4.34 -29.71
N SER H 110 -14.69 -3.52 -30.36
CA SER H 110 -13.45 -3.09 -29.75
C SER H 110 -13.71 -2.46 -28.38
N GLY H 111 -12.96 -2.94 -27.39
CA GLY H 111 -13.08 -2.45 -26.04
C GLY H 111 -13.83 -3.35 -25.09
N ASN H 112 -14.19 -4.56 -25.50
CA ASN H 112 -14.96 -5.47 -24.66
C ASN H 112 -14.12 -6.65 -24.24
N LYS H 113 -14.68 -7.45 -23.34
CA LYS H 113 -13.99 -8.58 -22.72
C LYS H 113 -14.19 -9.82 -23.59
N ILE H 114 -13.29 -10.01 -24.55
CA ILE H 114 -13.30 -11.18 -25.42
C ILE H 114 -12.01 -11.93 -25.14
N LYS H 115 -12.13 -13.13 -24.58
CA LYS H 115 -10.97 -13.87 -24.10
C LYS H 115 -10.44 -14.91 -25.08
N ASP H 116 -11.29 -15.46 -25.96
CA ASP H 116 -10.85 -16.56 -26.81
C ASP H 116 -11.72 -16.63 -28.05
N LEU H 117 -11.19 -17.35 -29.04
CA LEU H 117 -11.88 -17.53 -30.32
C LEU H 117 -13.16 -18.34 -30.18
N GLY H 118 -13.28 -19.15 -29.13
CA GLY H 118 -14.51 -19.90 -28.93
C GLY H 118 -15.74 -19.02 -28.87
N THR H 119 -15.61 -17.86 -28.24
CA THR H 119 -16.73 -16.93 -28.14
C THR H 119 -17.18 -16.44 -29.51
N ILE H 120 -16.25 -16.28 -30.45
CA ILE H 120 -16.55 -15.70 -31.76
C ILE H 120 -17.06 -16.71 -32.77
N GLU H 121 -17.15 -17.98 -32.42
CA GLU H 121 -17.60 -18.98 -33.38
C GLU H 121 -19.05 -18.78 -33.83
N PRO H 122 -19.99 -18.48 -32.93
CA PRO H 122 -21.39 -18.35 -33.35
C PRO H 122 -21.58 -17.39 -34.52
N LEU H 123 -20.73 -16.37 -34.61
CA LEU H 123 -20.90 -15.35 -35.63
C LEU H 123 -20.81 -15.91 -37.03
N LYS H 124 -20.35 -17.16 -37.19
CA LYS H 124 -20.30 -17.74 -38.52
C LYS H 124 -21.70 -17.82 -39.13
N LYS H 125 -22.73 -17.95 -38.30
CA LYS H 125 -24.08 -18.10 -38.83
C LYS H 125 -24.61 -16.82 -39.46
N LEU H 126 -23.99 -15.67 -39.18
CA LEU H 126 -24.38 -14.41 -39.80
C LEU H 126 -23.83 -14.37 -41.22
N GLU H 127 -24.50 -15.09 -42.12
CA GLU H 127 -24.04 -15.18 -43.50
C GLU H 127 -23.99 -13.82 -44.17
N ASN H 128 -24.74 -12.85 -43.67
CA ASN H 128 -24.74 -11.50 -44.22
C ASN H 128 -23.59 -10.65 -43.70
N LEU H 129 -22.68 -11.22 -42.93
CA LEU H 129 -21.63 -10.44 -42.30
C LEU H 129 -20.52 -10.12 -43.30
N LYS H 130 -20.05 -8.88 -43.25
CA LYS H 130 -18.97 -8.42 -44.13
C LYS H 130 -17.77 -7.90 -43.37
N SER H 131 -17.97 -7.04 -42.38
CA SER H 131 -16.87 -6.41 -41.66
C SER H 131 -17.02 -6.64 -40.17
N LEU H 132 -15.87 -6.76 -39.50
CA LEU H 132 -15.83 -6.89 -38.06
C LEU H 132 -14.68 -6.05 -37.51
N ASP H 133 -14.88 -5.56 -36.29
CA ASP H 133 -13.93 -4.65 -35.66
C ASP H 133 -13.61 -5.14 -34.25
N LEU H 134 -12.38 -5.64 -34.08
CA LEU H 134 -11.89 -6.06 -32.76
C LEU H 134 -10.57 -5.35 -32.51
N PHE H 135 -10.57 -4.41 -31.57
CA PHE H 135 -9.39 -3.66 -31.23
C PHE H 135 -9.32 -3.52 -29.72
N ASN H 136 -8.11 -3.71 -29.17
CA ASN H 136 -7.85 -3.60 -27.75
C ASN H 136 -8.37 -4.79 -26.95
N CYS H 137 -8.70 -5.88 -27.62
CA CYS H 137 -9.19 -7.07 -26.95
C CYS H 137 -8.05 -8.06 -26.72
N GLU H 138 -8.27 -9.00 -25.81
CA GLU H 138 -7.23 -9.96 -25.48
C GLU H 138 -6.97 -10.90 -26.65
N VAL H 139 -8.01 -11.23 -27.41
CA VAL H 139 -7.88 -12.17 -28.52
C VAL H 139 -6.81 -11.69 -29.49
N THR H 140 -6.72 -10.38 -29.71
CA THR H 140 -5.76 -9.84 -30.66
C THR H 140 -4.32 -10.13 -30.26
N ASN H 141 -4.07 -10.44 -29.00
CA ASN H 141 -2.73 -10.67 -28.50
C ASN H 141 -2.27 -12.11 -28.67
N LEU H 142 -2.94 -12.88 -29.52
CA LEU H 142 -2.58 -14.27 -29.76
C LEU H 142 -1.69 -14.36 -30.99
N ASN H 143 -1.34 -15.60 -31.34
CA ASN H 143 -0.51 -15.89 -32.50
C ASN H 143 -1.38 -16.46 -33.60
N ASP H 144 -1.26 -15.89 -34.80
CA ASP H 144 -2.05 -16.32 -35.94
C ASP H 144 -3.55 -16.20 -35.64
N TYR H 145 -3.98 -14.97 -35.38
CA TYR H 145 -5.36 -14.70 -35.00
C TYR H 145 -6.18 -14.20 -36.19
N ARG H 146 -5.63 -13.25 -36.95
CA ARG H 146 -6.32 -12.80 -38.15
C ARG H 146 -6.53 -13.95 -39.12
N GLU H 147 -5.49 -14.75 -39.36
CA GLU H 147 -5.61 -15.84 -40.31
C GLU H 147 -6.56 -16.90 -39.78
N ASN H 148 -6.41 -17.26 -38.51
CA ASN H 148 -7.28 -18.27 -37.92
C ASN H 148 -8.72 -17.80 -37.92
N VAL H 149 -8.96 -16.52 -37.66
CA VAL H 149 -10.31 -15.98 -37.70
C VAL H 149 -10.87 -16.07 -39.11
N PHE H 150 -10.08 -15.64 -40.10
CA PHE H 150 -10.54 -15.71 -41.48
C PHE H 150 -10.88 -17.15 -41.85
N LYS H 151 -10.07 -18.10 -41.41
CA LYS H 151 -10.37 -19.51 -41.69
C LYS H 151 -11.61 -19.95 -40.94
N LEU H 152 -11.94 -19.29 -39.83
CA LEU H 152 -13.16 -19.60 -39.10
C LEU H 152 -14.37 -18.96 -39.78
N LEU H 153 -14.29 -17.66 -40.07
CA LEU H 153 -15.38 -16.95 -40.72
C LEU H 153 -14.98 -16.60 -42.16
N PRO H 154 -15.06 -17.54 -43.14
CA PRO H 154 -14.77 -17.19 -44.53
C PRO H 154 -15.72 -16.13 -45.09
N GLN H 155 -16.97 -16.04 -44.59
CA GLN H 155 -17.98 -15.06 -45.07
C GLN H 155 -17.45 -13.65 -44.80
N LEU H 156 -16.82 -13.42 -43.64
CA LEU H 156 -16.26 -12.10 -43.25
C LEU H 156 -15.15 -11.73 -44.23
N THR H 157 -15.13 -10.49 -44.75
CA THR H 157 -14.09 -9.97 -45.68
C THR H 157 -13.17 -9.00 -44.95
N TYR H 158 -13.68 -7.92 -44.36
CA TYR H 158 -12.87 -6.88 -43.66
C TYR H 158 -12.66 -7.31 -42.21
N LEU H 159 -11.57 -6.88 -41.56
CA LEU H 159 -11.30 -7.12 -40.15
C LEU H 159 -10.58 -5.90 -39.57
N ASP H 160 -11.24 -5.22 -38.65
CA ASP H 160 -10.70 -4.03 -38.02
C ASP H 160 -10.34 -2.96 -39.05
N GLY H 161 -10.97 -3.02 -40.22
CA GLY H 161 -10.70 -2.06 -41.27
C GLY H 161 -9.69 -2.50 -42.29
N TYR H 162 -9.26 -3.76 -42.26
CA TYR H 162 -8.24 -4.25 -43.18
C TYR H 162 -8.62 -5.65 -43.65
N ASP H 163 -8.67 -5.82 -44.97
CA ASP H 163 -8.92 -7.12 -45.57
C ASP H 163 -7.62 -7.89 -45.70
N ARG H 164 -7.75 -9.18 -46.01
CA ARG H 164 -6.58 -9.98 -46.35
C ARG H 164 -5.67 -9.19 -47.29
N ASP H 165 -4.38 -9.30 -47.07
CA ASP H 165 -3.35 -8.53 -47.75
C ASP H 165 -3.31 -7.10 -47.24
N ASP H 166 -4.03 -6.80 -46.16
CA ASP H 166 -4.02 -5.47 -45.54
C ASP H 166 -4.55 -4.42 -46.51
N LYS H 167 -5.69 -4.72 -47.13
CA LYS H 167 -6.34 -3.79 -48.04
C LYS H 167 -7.20 -2.83 -47.22
N GLU H 168 -6.74 -1.59 -47.09
CA GLU H 168 -7.52 -0.59 -46.37
C GLU H 168 -8.89 -0.45 -46.99
N ALA H 169 -9.91 -0.47 -46.14
CA ALA H 169 -11.27 -0.36 -46.64
C ALA H 169 -11.60 1.10 -46.95
N PRO H 170 -12.52 1.33 -47.88
CA PRO H 170 -12.88 2.71 -48.22
C PRO H 170 -13.64 3.41 -47.11
N ASP H 171 -14.00 4.67 -47.34
CA ASP H 171 -14.76 5.42 -46.34
C ASP H 171 -16.11 4.77 -46.08
N SER H 172 -16.96 4.70 -47.10
CA SER H 172 -18.29 4.13 -46.96
C SER H 172 -18.99 4.06 -48.31
#